data_7LCN
#
_entry.id   7LCN
#
_cell.length_a   1.00
_cell.length_b   1.00
_cell.length_c   1.00
_cell.angle_alpha   90.00
_cell.angle_beta   90.00
_cell.angle_gamma   90.00
#
_symmetry.space_group_name_H-M   'P 1'
#
loop_
_entity.id
_entity.type
_entity.pdbx_description
1 polymer 'Spike glycoprotein'
2 polymer 'DH1050.1 heavy chain'
3 polymer 'DH1050.1 light chain'
4 branched 2-acetamido-2-deoxy-beta-D-glucopyranose-(1-4)-2-acetamido-2-deoxy-beta-D-glucopyranose
5 non-polymer 2-acetamido-2-deoxy-beta-D-glucopyranose
#
loop_
_entity_poly.entity_id
_entity_poly.type
_entity_poly.pdbx_seq_one_letter_code
_entity_poly.pdbx_strand_id
1 'polypeptide(L)'
;AYTNSFTRGVYYPDKVFRSSVLHSTQDLFLPFFSNVTWFHAIHVSGTNGTKRFDNPVLPFNDGVYFASTEKSNIIRGWIF
GTTLDSKTQSLLIVNNATNVVIKVCEFQFCNDPFLGVYYHKNNKSWMESEFRVYSSANNCTFEYVSQPFLMDLEGKQGNF
KNLREFVFKNIDGYFKIYSKHTPINLVRDLPQGFSALEPLVDLPIGINITRFQTLLALHRSYLTPGDSSSGWTAGAAAYY
VGYLQPRTFLLKYNENGTITDAVDCALDPLSETKCTLKSFTVEKGIYQTSNFRVQPTESIVRFPNITNLCPFGEVFNATR
FASVYAWNRKRISNCVADYSVLYNSASFSTFKCYGVSPTKLNDLCFTNVYADSFVIRGDEVRQIAPGQTGKIADYNYKLP
DDFTGCVIAWNSNNLDSKVGGNYNYLYRLFRKSNLKPFERDISTEIYQAGSTPCNGVEGFNCYFPLQSYGFQPTNGVGYQ
PYRVVVLSFELLHAPATVCGPKKSTNLVKNKCVNFNFNGLTGTGVLTESNKKFLPFQQFGRDIADTTDAVRDPQTLEILD
ITPCSFGGVSVITPGTNTSNQVAVLYQDVNCTEVPVAIHADQLTPTWRVYSTGSNVFQTRAGCLIGAEHVNNSYECDIPI
GAGICASYQTQTNSPRRARSVASQSIIAYTMSLGAENSVAYSNNSIAIPTNFTISVTTEILPVSMTKTSVDCTMYICGDS
TECSNLLLQYGSFCTQLNRALTGIAVEQDKNTQEVFAQVKQIYKTPPIKDFGGFNFSQILPDPSKPSKRSFIEDLLFNKV
TLADAGFIKQYGDCLGDIAARDLICAQKFNGLTVLPPLLTDEMIAQYTSALLAGTITSGWTFGAGAALQIPFAMQMAYRF
NGIGVTQNVLYENQKLIANQFNSAIGKIQDSLSSTASALGKLQDVVNQNAQALNTLVKQLSSNFGAISSVLNDILSRLDP
PEAEVQIDRLITGRLQSLQTYVTQQLIRAAEIRASANLAATKMSECVLGQSKRVDFCGKGYHLMSFPQSAPHGVVFLHVT
YVPAQEKNFTTAPAICHDGKAHFPREGVFVSNGTHWFVTQRNFYEPQIITTDNTFVSGNCDVVIGIVNNTVYDPLQPELD
S
;
C,A,K
2 'polypeptide(L)'
;QVQLVQSGAEVKKPGASVKVSCKVSGYTLPELSMHWVRQAPGKGLEWMGGFHPEDGETIYAQKFQGRVTMTEDTSTDTAY
MELSSLRSEDTAVYYCATGSPFGVVTDWFDPWGRGTLVTVSSASTKGPSVFPLAPSSKSTSGGTAALGCLVKDYFPEPVT
VSWNSGALTSGVHTFPAVLQSSGLYSLSSVVTVPSSSLGTQTYICNVNHKPSNTKVDKKVEPK
;
H,B,M
3 'polypeptide(L)'
;QSALTQPPSASGSPGQSVTISCTGTSSDVGGYNYVSWYQQHPGKAPKLMIYEVSKRPSGVPDRFSGSKSGNTASLTVSGL
QAEDEADYYCSSYAGSNNPYVFGTGTKVTVLGQPKANPTVTLFPPSSEELQANKATLVCLISDFYPGAVTVAWKADSSPV
KAGVETTTPSKQSNNKYAASSYLSLTPEQWKSHRSYSCQVTHEGSTVEKTVAPTEC
;
L,D,S
#
# COMPACT_ATOMS: atom_id res chain seq x y z
N ALA A 1 8.03 56.61 -0.86
CA ALA A 1 8.59 56.57 -2.23
C ALA A 1 8.72 55.12 -2.72
N TYR A 2 8.58 54.86 -4.02
CA TYR A 2 8.67 53.51 -4.61
C TYR A 2 9.50 53.46 -5.88
N THR A 3 9.96 52.27 -6.25
CA THR A 3 10.52 51.98 -7.58
C THR A 3 10.41 50.49 -7.93
N ASN A 4 10.59 50.15 -9.19
CA ASN A 4 10.46 48.79 -9.70
C ASN A 4 11.66 47.90 -9.27
N SER A 5 11.41 46.71 -8.73
CA SER A 5 12.45 45.73 -8.34
C SER A 5 13.05 44.92 -9.49
N PHE A 6 12.43 44.90 -10.66
CA PHE A 6 12.84 44.09 -11.79
C PHE A 6 13.06 42.61 -11.41
N THR A 7 14.27 42.10 -11.58
CA THR A 7 14.69 40.72 -11.31
C THR A 7 15.23 40.47 -9.91
N ARG A 8 15.46 41.50 -9.10
CA ARG A 8 16.37 41.41 -7.94
C ARG A 8 15.93 40.40 -6.88
N GLY A 9 16.90 39.95 -6.08
CA GLY A 9 16.64 39.08 -4.93
C GLY A 9 16.52 37.59 -5.25
N VAL A 10 17.11 37.10 -6.34
CA VAL A 10 17.29 35.66 -6.61
C VAL A 10 18.51 35.13 -5.84
N TYR A 11 18.37 34.03 -5.11
CA TYR A 11 19.44 33.48 -4.28
C TYR A 11 19.51 31.96 -4.37
N TYR A 12 20.68 31.37 -4.10
CA TYR A 12 20.86 29.91 -4.17
C TYR A 12 20.01 29.22 -3.10
N PRO A 13 18.97 28.46 -3.50
CA PRO A 13 17.95 27.96 -2.56
C PRO A 13 18.48 26.89 -1.60
N ASP A 14 19.47 26.12 -2.04
CA ASP A 14 20.13 25.02 -1.34
C ASP A 14 21.62 24.93 -1.73
N LYS A 15 22.46 24.40 -0.83
CA LYS A 15 23.92 24.42 -1.00
C LYS A 15 24.47 23.34 -1.96
N VAL A 16 23.68 22.96 -2.95
CA VAL A 16 24.05 21.95 -3.96
C VAL A 16 24.54 22.64 -5.23
N PHE A 17 25.67 22.21 -5.77
CA PHE A 17 26.09 22.57 -7.11
C PHE A 17 25.17 21.90 -8.14
N ARG A 18 24.73 22.63 -9.15
CA ARG A 18 24.10 22.06 -10.35
C ARG A 18 24.61 22.84 -11.54
N SER A 19 24.59 22.28 -12.74
CA SER A 19 25.06 23.04 -13.91
C SER A 19 24.29 22.71 -15.18
N SER A 20 24.21 23.70 -16.06
CA SER A 20 23.52 23.62 -17.35
C SER A 20 22.09 23.07 -17.27
N VAL A 21 21.35 23.42 -16.20
CA VAL A 21 20.08 22.81 -15.85
C VAL A 21 19.07 23.85 -15.37
N LEU A 22 17.79 23.60 -15.63
CA LEU A 22 16.68 24.49 -15.34
C LEU A 22 15.91 23.94 -14.14
N HIS A 23 16.50 24.05 -12.97
CA HIS A 23 15.93 23.50 -11.74
C HIS A 23 14.72 24.32 -11.27
N SER A 24 13.62 23.66 -10.90
CA SER A 24 12.37 24.30 -10.47
C SER A 24 12.15 24.17 -8.98
N THR A 25 11.80 25.25 -8.28
CA THR A 25 11.74 25.26 -6.81
C THR A 25 10.65 26.16 -6.24
N GLN A 26 10.04 25.76 -5.13
CA GLN A 26 9.05 26.54 -4.40
C GLN A 26 9.69 27.15 -3.16
N ASP A 27 9.82 28.47 -3.07
CA ASP A 27 10.44 29.12 -1.90
C ASP A 27 10.03 30.60 -1.79
N LEU A 28 10.44 31.26 -0.72
CA LEU A 28 10.21 32.68 -0.50
C LEU A 28 11.13 33.52 -1.40
N PHE A 29 10.59 34.20 -2.39
CA PHE A 29 11.36 35.06 -3.30
C PHE A 29 10.71 36.44 -3.40
N LEU A 30 11.50 37.47 -3.71
CA LEU A 30 10.95 38.77 -4.05
C LEU A 30 10.27 38.68 -5.42
N PRO A 31 8.95 38.90 -5.54
CA PRO A 31 8.27 38.74 -6.81
C PRO A 31 8.84 39.64 -7.89
N PHE A 32 8.88 39.18 -9.13
CA PHE A 32 9.41 39.97 -10.23
C PHE A 32 8.60 41.26 -10.48
N PHE A 33 9.31 42.33 -10.80
CA PHE A 33 8.79 43.67 -11.06
C PHE A 33 7.96 44.31 -9.92
N SER A 34 7.93 43.70 -8.73
CA SER A 34 7.22 44.25 -7.58
C SER A 34 7.82 45.59 -7.13
N ASN A 35 7.02 46.48 -6.56
CA ASN A 35 7.51 47.74 -6.03
C ASN A 35 8.32 47.51 -4.74
N VAL A 36 9.53 48.05 -4.69
CA VAL A 36 10.23 48.28 -3.43
C VAL A 36 9.84 49.62 -2.86
N THR A 37 9.80 49.73 -1.53
CA THR A 37 9.76 51.02 -0.83
C THR A 37 11.19 51.56 -0.70
N TRP A 38 11.38 52.86 -0.82
CA TRP A 38 12.69 53.54 -0.85
C TRP A 38 12.72 54.66 0.20
N PHE A 39 13.87 54.88 0.83
CA PHE A 39 14.05 55.69 2.04
C PHE A 39 15.37 56.47 2.00
N HIS A 40 15.55 57.51 2.83
CA HIS A 40 16.69 58.46 2.76
C HIS A 40 17.19 58.94 4.14
N ALA A 41 18.44 59.39 4.26
CA ALA A 41 19.03 59.88 5.51
C ALA A 41 18.52 61.26 5.96
N ILE A 42 17.76 61.99 5.13
CA ILE A 42 17.22 63.32 5.42
C ILE A 42 16.06 63.29 6.43
N HIS A 43 16.37 63.06 7.69
CA HIS A 43 15.47 63.19 8.85
C HIS A 43 14.23 62.29 8.76
N ASP A 54 14.55 58.27 9.14
CA ASP A 54 13.73 57.59 8.13
C ASP A 54 13.84 56.05 8.20
N ASN A 55 14.13 55.55 9.39
CA ASN A 55 14.26 54.12 9.73
C ASN A 55 13.24 53.68 10.80
N PRO A 56 11.94 53.91 10.60
CA PRO A 56 10.89 53.42 11.49
C PRO A 56 10.83 51.91 11.46
N VAL A 57 10.11 51.32 12.41
CA VAL A 57 9.89 49.87 12.46
C VAL A 57 9.03 49.44 11.27
N LEU A 58 9.61 48.82 10.26
CA LEU A 58 8.87 48.20 9.15
C LEU A 58 8.30 46.84 9.62
N PRO A 59 7.21 46.34 9.04
CA PRO A 59 6.93 44.90 9.06
C PRO A 59 8.03 44.14 8.31
N PHE A 60 8.19 42.86 8.60
CA PHE A 60 9.11 41.94 7.93
C PHE A 60 8.39 40.94 7.02
N ASN A 61 7.10 40.68 7.29
CA ASN A 61 6.26 39.74 6.56
C ASN A 61 6.91 38.34 6.47
N ASP A 62 6.83 37.66 5.33
CA ASP A 62 7.49 36.36 5.14
C ASP A 62 9.02 36.48 5.11
N GLY A 63 9.55 37.68 4.88
CA GLY A 63 10.96 37.93 4.68
C GLY A 63 11.20 39.18 3.86
N VAL A 64 12.41 39.68 3.92
CA VAL A 64 12.81 40.97 3.37
C VAL A 64 13.92 40.79 2.36
N TYR A 65 13.74 41.32 1.18
CA TYR A 65 14.88 41.75 0.39
C TYR A 65 15.29 43.13 0.86
N PHE A 66 16.58 43.42 0.94
CA PHE A 66 17.07 44.75 1.28
C PHE A 66 18.13 45.15 0.27
N ALA A 67 18.36 46.43 0.10
CA ALA A 67 19.54 46.91 -0.58
C ALA A 67 19.91 48.31 -0.13
N SER A 68 21.14 48.71 -0.42
CA SER A 68 21.48 50.13 -0.51
C SER A 68 22.47 50.37 -1.61
N THR A 69 22.33 51.50 -2.27
CA THR A 69 23.39 52.06 -3.08
C THR A 69 24.23 52.92 -2.18
N GLU A 70 25.53 52.73 -2.20
CA GLU A 70 26.45 53.30 -1.22
C GLU A 70 27.78 53.69 -1.85
N LYS A 71 28.51 54.51 -1.09
CA LYS A 71 29.98 54.73 -1.17
C LYS A 71 30.53 55.34 0.13
N SER A 72 29.68 56.10 0.82
CA SER A 72 29.93 56.66 2.15
C SER A 72 30.09 55.61 3.25
N ASN A 73 29.42 54.45 3.08
CA ASN A 73 29.28 53.41 4.09
C ASN A 73 28.79 53.99 5.44
N ILE A 74 27.69 54.73 5.42
CA ILE A 74 26.98 55.21 6.62
C ILE A 74 25.97 54.18 7.12
N ILE A 75 25.40 53.35 6.22
CA ILE A 75 24.55 52.22 6.59
C ILE A 75 25.43 51.08 7.12
N ARG A 76 25.20 50.64 8.36
CA ARG A 76 26.11 49.70 9.05
C ARG A 76 25.40 48.62 9.87
N GLY A 77 24.12 48.35 9.63
CA GLY A 77 23.44 47.25 10.33
C GLY A 77 21.93 47.14 10.15
N TRP A 78 21.35 46.13 10.81
CA TRP A 78 19.93 45.80 10.80
C TRP A 78 19.47 45.27 12.16
N ILE A 79 18.20 45.46 12.51
CA ILE A 79 17.57 45.09 13.78
C ILE A 79 16.26 44.35 13.50
N PHE A 80 15.92 43.28 14.23
CA PHE A 80 14.72 42.47 13.95
C PHE A 80 14.05 41.95 15.22
N GLY A 81 12.78 41.56 15.13
CA GLY A 81 12.07 40.82 16.19
C GLY A 81 10.55 40.89 16.05
N THR A 82 9.82 40.71 17.14
CA THR A 82 8.39 41.06 17.22
C THR A 82 8.19 42.50 17.71
N THR A 83 8.74 42.86 18.89
CA THR A 83 8.55 44.17 19.55
C THR A 83 9.83 44.99 19.79
N LEU A 84 11.03 44.42 19.60
CA LEU A 84 12.31 45.15 19.55
C LEU A 84 12.65 45.97 20.82
N ASP A 85 12.23 45.54 22.00
CA ASP A 85 12.21 46.33 23.25
C ASP A 85 12.62 45.53 24.50
N SER A 86 13.59 44.62 24.36
CA SER A 86 14.15 43.74 25.41
C SER A 86 13.19 42.66 25.93
N LYS A 87 11.87 42.88 25.87
CA LYS A 87 10.85 41.87 26.20
C LYS A 87 10.82 40.68 25.22
N THR A 88 11.64 40.68 24.18
CA THR A 88 12.07 39.49 23.44
C THR A 88 13.53 39.61 23.01
N GLN A 89 14.17 38.51 22.64
CA GLN A 89 15.51 38.55 22.05
C GLN A 89 15.46 39.21 20.68
N SER A 90 16.41 40.11 20.38
CA SER A 90 16.41 40.87 19.14
C SER A 90 17.75 40.75 18.41
N LEU A 91 17.68 40.25 17.18
CA LEU A 91 18.83 40.16 16.29
C LEU A 91 19.34 41.56 15.97
N LEU A 92 20.63 41.77 16.14
CA LEU A 92 21.40 42.90 15.63
C LEU A 92 22.49 42.37 14.69
N ILE A 93 22.52 42.87 13.48
CA ILE A 93 23.59 42.60 12.53
C ILE A 93 24.35 43.91 12.36
N VAL A 94 25.68 43.86 12.34
CA VAL A 94 26.57 44.99 12.09
C VAL A 94 27.53 44.61 10.95
N ASN A 95 28.05 45.59 10.20
CA ASN A 95 28.99 45.37 9.09
C ASN A 95 30.19 46.34 9.19
N ASN A 96 30.68 46.56 10.41
CA ASN A 96 31.62 47.65 10.73
C ASN A 96 33.06 47.38 10.30
N ALA A 97 33.72 48.41 9.80
CA ALA A 97 35.08 48.42 9.24
C ALA A 97 35.32 47.45 8.06
N THR A 98 35.28 46.13 8.32
CA THR A 98 35.56 45.08 7.31
C THR A 98 34.67 43.84 7.44
N ASN A 99 34.02 43.63 8.59
CA ASN A 99 33.42 42.34 8.95
C ASN A 99 31.91 42.45 9.14
N VAL A 100 31.15 41.45 8.68
CA VAL A 100 29.86 41.16 9.29
C VAL A 100 30.09 40.68 10.73
N VAL A 101 29.34 41.21 11.67
CA VAL A 101 29.39 40.96 13.11
C VAL A 101 27.95 40.78 13.57
N ILE A 102 27.63 39.77 14.38
CA ILE A 102 26.23 39.45 14.69
C ILE A 102 26.07 39.23 16.18
N LYS A 103 24.95 39.70 16.74
CA LYS A 103 24.61 39.61 18.18
C LYS A 103 23.09 39.41 18.30
N VAL A 104 22.57 38.75 19.35
CA VAL A 104 21.11 38.47 19.48
C VAL A 104 20.52 38.74 20.85
N CYS A 105 21.15 39.63 21.62
CA CYS A 105 20.75 40.01 22.96
C CYS A 105 19.33 40.58 23.08
N GLU A 106 18.84 40.71 24.31
CA GLU A 106 17.61 41.43 24.67
C GLU A 106 17.85 42.96 24.72
N PHE A 107 18.25 43.52 23.57
CA PHE A 107 18.50 44.96 23.42
C PHE A 107 17.27 45.83 23.71
N GLN A 108 17.51 47.11 23.98
CA GLN A 108 16.53 48.13 24.35
C GLN A 108 16.88 49.42 23.60
N PHE A 109 16.67 49.39 22.29
CA PHE A 109 17.19 50.41 21.39
C PHE A 109 16.67 51.83 21.69
N CYS A 110 17.47 52.81 21.30
CA CYS A 110 17.13 54.23 21.37
C CYS A 110 16.00 54.64 20.40
N ASN A 111 15.59 55.92 20.41
CA ASN A 111 14.54 56.50 19.53
C ASN A 111 14.75 56.21 18.04
N ASP A 112 16.02 56.16 17.63
CA ASP A 112 16.47 55.84 16.28
C ASP A 112 17.62 54.83 16.39
N PRO A 113 17.72 53.82 15.52
CA PRO A 113 18.93 53.07 15.18
C PRO A 113 20.14 53.91 14.68
N PHE A 114 20.47 55.01 15.35
CA PHE A 114 21.49 55.98 14.91
C PHE A 114 22.95 55.57 15.25
N LEU A 115 23.16 54.39 15.84
CA LEU A 115 24.44 53.71 16.09
C LEU A 115 25.45 54.39 17.06
N GLY A 116 25.63 55.71 17.02
CA GLY A 116 26.82 56.40 17.57
C GLY A 116 28.00 56.39 16.56
N VAL A 117 28.97 57.31 16.66
CA VAL A 117 29.91 57.60 15.56
C VAL A 117 31.30 58.05 16.01
N TYR A 118 32.27 58.05 15.09
CA TYR A 118 33.72 58.13 15.34
C TYR A 118 34.27 59.57 15.31
N TYR A 119 34.45 60.13 16.50
CA TYR A 119 35.04 61.47 16.75
C TYR A 119 36.52 61.58 16.29
N HIS A 120 37.18 62.70 16.57
CA HIS A 120 38.65 62.87 16.42
C HIS A 120 39.43 61.82 17.22
N LYS A 121 40.48 61.20 16.65
CA LYS A 121 41.19 60.04 17.24
C LYS A 121 42.04 60.37 18.49
N ASN A 122 42.38 61.64 18.69
CA ASN A 122 43.21 62.16 19.81
C ASN A 122 42.68 61.82 21.21
N ASN A 123 41.41 61.45 21.35
CA ASN A 123 40.78 61.00 22.60
C ASN A 123 40.25 59.56 22.50
N LYS A 124 40.71 58.81 21.49
CA LYS A 124 40.15 57.56 20.95
C LYS A 124 38.75 57.74 20.37
N SER A 125 38.48 57.05 19.27
CA SER A 125 37.24 57.22 18.48
C SER A 125 36.52 55.90 18.31
N TRP A 126 35.28 55.81 18.81
CA TRP A 126 34.43 54.61 18.75
C TRP A 126 32.93 54.95 18.85
N MET A 127 32.07 54.05 18.37
CA MET A 127 30.64 54.10 18.66
C MET A 127 30.37 53.91 20.17
N GLU A 128 29.36 54.60 20.71
CA GLU A 128 28.98 54.57 22.13
C GLU A 128 27.82 53.61 22.46
N SER A 129 27.49 52.69 21.54
CA SER A 129 26.25 51.91 21.52
C SER A 129 25.01 52.82 21.53
N GLU A 130 24.69 53.36 20.35
CA GLU A 130 23.76 54.49 20.16
C GLU A 130 24.18 55.68 21.05
N PHE A 131 23.37 56.08 22.05
CA PHE A 131 23.79 57.03 23.10
C PHE A 131 22.84 57.07 24.31
N ARG A 132 21.53 56.87 24.12
CA ARG A 132 20.50 57.04 25.16
C ARG A 132 20.51 55.90 26.19
N VAL A 133 20.29 54.65 25.77
CA VAL A 133 20.32 53.43 26.60
C VAL A 133 20.76 52.19 25.81
N TYR A 134 20.17 51.94 24.64
CA TYR A 134 20.51 50.85 23.71
C TYR A 134 20.27 49.39 24.18
N SER A 135 20.44 49.06 25.47
CA SER A 135 20.18 47.73 26.03
C SER A 135 19.70 47.79 27.49
N SER A 136 18.93 46.80 27.92
CA SER A 136 18.45 46.64 29.30
C SER A 136 18.39 45.19 29.80
N ALA A 137 18.86 44.20 29.03
CA ALA A 137 19.08 42.82 29.47
C ALA A 137 20.13 42.15 28.57
N ASN A 138 20.71 41.04 29.02
CA ASN A 138 21.67 40.24 28.25
C ASN A 138 20.94 39.17 27.41
N ASN A 139 20.85 37.94 27.91
CA ASN A 139 20.44 36.72 27.19
C ASN A 139 20.93 36.68 25.71
N CYS A 140 22.22 36.93 25.49
CA CYS A 140 22.88 36.97 24.19
C CYS A 140 23.15 35.55 23.65
N THR A 141 22.11 34.79 23.31
CA THR A 141 22.18 33.35 23.00
C THR A 141 23.12 32.97 21.84
N PHE A 142 23.53 33.91 21.00
CA PHE A 142 24.46 33.73 19.90
C PHE A 142 25.33 34.99 19.71
N GLU A 143 26.54 34.82 19.17
CA GLU A 143 27.41 35.88 18.67
C GLU A 143 28.34 35.33 17.58
N TYR A 144 28.85 36.16 16.67
CA TYR A 144 29.69 35.75 15.54
C TYR A 144 30.54 36.90 14.99
N VAL A 145 31.64 36.62 14.30
CA VAL A 145 32.42 37.59 13.50
C VAL A 145 32.96 36.95 12.22
N SER A 146 32.78 37.58 11.06
CA SER A 146 33.44 37.18 9.81
C SER A 146 34.94 37.51 9.84
N PHE A 160 27.26 57.49 -5.22
CA PHE A 160 27.25 56.06 -5.01
C PHE A 160 27.95 55.30 -6.13
N LYS A 161 28.67 54.24 -5.74
CA LYS A 161 29.47 53.39 -6.64
C LYS A 161 29.07 51.93 -6.57
N ASN A 162 28.54 51.46 -5.44
CA ASN A 162 28.27 50.06 -5.17
C ASN A 162 26.81 49.86 -4.78
N LEU A 163 26.21 48.75 -5.21
CA LEU A 163 24.94 48.23 -4.75
C LEU A 163 25.21 47.00 -3.90
N ARG A 164 24.61 46.94 -2.72
CA ARG A 164 24.79 45.84 -1.77
C ARG A 164 23.45 45.19 -1.53
N GLU A 165 23.13 44.16 -2.30
CA GLU A 165 21.91 43.39 -2.13
C GLU A 165 22.01 42.44 -0.93
N PHE A 166 20.90 42.20 -0.27
CA PHE A 166 20.76 41.22 0.79
C PHE A 166 19.39 40.59 0.73
N VAL A 167 19.24 39.42 1.35
CA VAL A 167 17.94 38.80 1.62
C VAL A 167 17.96 38.34 3.06
N PHE A 168 16.89 38.53 3.80
CA PHE A 168 16.72 38.08 5.17
C PHE A 168 15.45 37.24 5.26
N LYS A 169 15.56 35.96 5.63
CA LYS A 169 14.38 35.12 5.89
C LYS A 169 14.62 34.21 7.09
N ASN A 170 13.55 33.86 7.79
CA ASN A 170 13.55 32.87 8.85
C ASN A 170 12.54 31.76 8.53
N ILE A 171 12.98 30.50 8.48
CA ILE A 171 12.10 29.33 8.37
C ILE A 171 12.55 28.28 9.39
N ASP A 172 11.62 27.75 10.19
CA ASP A 172 11.90 26.77 11.24
C ASP A 172 13.07 27.16 12.15
N GLY A 173 13.15 28.44 12.50
CA GLY A 173 14.19 29.02 13.36
C GLY A 173 15.55 29.19 12.70
N TYR A 174 15.72 28.76 11.45
CA TYR A 174 16.89 29.05 10.64
C TYR A 174 16.71 30.41 9.96
N PHE A 175 17.26 31.45 10.57
CA PHE A 175 17.43 32.74 9.92
C PHE A 175 18.61 32.69 8.95
N LYS A 176 18.47 33.26 7.75
CA LYS A 176 19.50 33.29 6.72
C LYS A 176 19.80 34.69 6.25
N ILE A 177 21.05 34.94 5.89
CA ILE A 177 21.50 36.13 5.18
C ILE A 177 22.08 35.66 3.86
N TYR A 178 21.74 36.33 2.79
CA TYR A 178 22.39 36.18 1.49
C TYR A 178 22.92 37.53 1.08
N SER A 179 23.81 37.61 0.09
CA SER A 179 24.21 38.92 -0.42
C SER A 179 24.74 38.90 -1.84
N LYS A 180 24.85 40.07 -2.44
CA LYS A 180 25.68 40.31 -3.62
C LYS A 180 26.12 41.77 -3.66
N HIS A 181 27.43 41.98 -3.69
CA HIS A 181 28.05 43.29 -3.87
C HIS A 181 28.36 43.49 -5.36
N THR A 182 28.05 44.63 -5.93
CA THR A 182 28.42 44.97 -7.31
C THR A 182 28.62 46.47 -7.49
N PRO A 183 29.53 46.93 -8.37
CA PRO A 183 29.49 48.31 -8.82
C PRO A 183 28.19 48.59 -9.58
N ILE A 184 27.76 49.85 -9.58
CA ILE A 184 26.58 50.37 -10.27
C ILE A 184 26.82 51.76 -10.86
N ASN A 185 26.01 52.13 -11.85
CA ASN A 185 25.98 53.48 -12.45
C ASN A 185 24.66 54.24 -12.17
N LEU A 186 23.53 53.54 -12.10
CA LEU A 186 22.22 54.14 -11.84
C LEU A 186 22.08 54.55 -10.36
N VAL A 187 22.31 55.83 -10.07
CA VAL A 187 22.15 56.44 -8.74
C VAL A 187 20.71 56.40 -8.22
N ARG A 188 19.72 56.41 -9.14
CA ARG A 188 18.30 56.62 -8.86
C ARG A 188 17.53 55.38 -8.40
N ASP A 189 17.73 54.22 -9.02
CA ASP A 189 16.93 53.00 -8.79
C ASP A 189 17.79 51.73 -8.66
N LEU A 190 17.14 50.64 -8.26
CA LEU A 190 17.65 49.28 -8.39
C LEU A 190 17.83 48.92 -9.87
N PRO A 191 19.03 48.51 -10.32
CA PRO A 191 19.35 48.40 -11.73
C PRO A 191 18.66 47.20 -12.38
N GLN A 192 18.14 47.41 -13.58
CA GLN A 192 17.66 46.33 -14.45
C GLN A 192 18.85 45.52 -14.98
N GLY A 193 18.64 44.24 -15.25
CA GLY A 193 19.68 43.25 -15.52
C GLY A 193 19.50 42.04 -14.65
N PHE A 194 20.57 41.31 -14.34
CA PHE A 194 20.50 40.17 -13.43
C PHE A 194 21.74 40.02 -12.55
N SER A 195 21.55 39.57 -11.31
CA SER A 195 22.59 38.93 -10.50
C SER A 195 21.99 38.11 -9.36
N ALA A 196 22.74 37.14 -8.82
CA ALA A 196 22.26 36.18 -7.83
C ALA A 196 23.04 36.27 -6.51
N LEU A 197 22.41 35.86 -5.39
CA LEU A 197 22.97 35.95 -4.06
C LEU A 197 23.27 34.58 -3.43
N GLU A 198 24.53 34.30 -3.11
CA GLU A 198 24.94 33.21 -2.22
C GLU A 198 24.67 33.51 -0.73
N PRO A 199 24.37 32.51 0.11
CA PRO A 199 24.27 32.72 1.55
C PRO A 199 25.61 33.18 2.12
N LEU A 200 25.58 34.28 2.87
CA LEU A 200 26.68 34.67 3.76
C LEU A 200 26.60 33.88 5.07
N VAL A 201 25.41 33.69 5.63
CA VAL A 201 25.24 33.09 6.95
C VAL A 201 23.92 32.33 7.02
N ASP A 202 23.89 31.24 7.78
CA ASP A 202 22.66 30.59 8.23
C ASP A 202 22.75 30.37 9.75
N LEU A 203 21.70 30.74 10.47
CA LEU A 203 21.64 30.88 11.92
C LEU A 203 20.40 30.15 12.47
N PRO A 204 20.53 28.99 13.12
CA PRO A 204 19.42 28.21 13.72
C PRO A 204 18.88 28.82 15.02
N ILE A 205 18.88 30.14 15.13
CA ILE A 205 18.72 30.88 16.39
C ILE A 205 17.28 30.97 16.92
N GLY A 206 16.27 30.60 16.15
CA GLY A 206 14.90 30.35 16.66
C GLY A 206 14.08 31.57 17.11
N ILE A 207 14.56 32.80 16.91
CA ILE A 207 13.85 34.03 17.30
C ILE A 207 12.67 34.29 16.36
N ASN A 208 11.56 34.80 16.89
CA ASN A 208 10.38 35.16 16.13
C ASN A 208 10.53 36.58 15.54
N ILE A 209 10.57 36.70 14.21
CA ILE A 209 10.73 37.97 13.50
C ILE A 209 9.46 38.28 12.70
N THR A 210 8.85 39.43 12.98
CA THR A 210 7.71 39.98 12.25
C THR A 210 7.86 41.45 11.90
N ARG A 211 8.87 42.15 12.44
CA ARG A 211 9.20 43.56 12.19
C ARG A 211 10.72 43.78 12.16
N PHE A 212 11.20 44.85 11.52
CA PHE A 212 12.63 45.18 11.43
C PHE A 212 12.94 46.69 11.33
N GLN A 213 14.21 47.06 11.46
CA GLN A 213 14.77 48.41 11.26
C GLN A 213 16.19 48.33 10.66
N THR A 214 16.73 49.41 10.10
CA THR A 214 18.15 49.49 9.71
C THR A 214 18.95 50.51 10.51
N LEU A 215 20.18 50.16 10.87
CA LEU A 215 21.15 51.05 11.50
C LEU A 215 21.88 51.89 10.45
N LEU A 216 22.02 53.16 10.77
CA LEU A 216 22.95 54.07 10.12
C LEU A 216 23.79 54.71 11.23
N ALA A 217 24.99 55.20 10.92
CA ALA A 217 25.67 56.18 11.78
C ALA A 217 24.97 57.56 11.75
N LEU A 218 25.15 58.38 12.80
CA LEU A 218 24.55 59.72 12.86
C LEU A 218 25.56 60.80 12.39
N HIS A 219 25.29 61.39 11.24
CA HIS A 219 25.80 62.71 10.86
C HIS A 219 24.71 63.55 10.18
N ALA A 237 22.73 59.03 2.67
CA ALA A 237 22.46 57.61 2.50
C ALA A 237 21.00 57.32 2.11
N ALA A 238 20.76 56.22 1.40
CA ALA A 238 19.43 55.73 1.02
C ALA A 238 19.38 54.20 1.00
N TYR A 239 18.24 53.61 1.32
CA TYR A 239 18.05 52.16 1.32
C TYR A 239 16.70 51.75 0.73
N TYR A 240 16.57 50.48 0.37
CA TYR A 240 15.40 49.91 -0.29
C TYR A 240 14.88 48.70 0.47
N VAL A 241 13.61 48.37 0.34
CA VAL A 241 12.99 47.20 0.98
C VAL A 241 11.89 46.64 0.10
N GLY A 242 11.77 45.33 -0.02
CA GLY A 242 10.58 44.68 -0.54
C GLY A 242 10.35 43.35 0.14
N TYR A 243 9.13 42.81 0.11
CA TYR A 243 8.80 41.58 0.84
C TYR A 243 8.79 40.35 -0.05
N LEU A 244 9.41 39.27 0.44
CA LEU A 244 9.40 37.96 -0.20
C LEU A 244 8.00 37.34 -0.13
N GLN A 245 7.67 36.47 -1.08
CA GLN A 245 6.44 35.69 -1.11
C GLN A 245 6.74 34.23 -1.47
N PRO A 246 5.98 33.24 -1.02
CA PRO A 246 6.11 31.89 -1.54
C PRO A 246 5.78 31.86 -3.03
N ARG A 247 6.77 31.56 -3.86
CA ARG A 247 6.72 31.54 -5.31
C ARG A 247 7.43 30.31 -5.86
N THR A 248 6.90 29.76 -6.94
CA THR A 248 7.68 28.84 -7.76
C THR A 248 8.64 29.66 -8.61
N PHE A 249 9.91 29.30 -8.62
CA PHE A 249 10.90 29.84 -9.53
C PHE A 249 11.51 28.72 -10.36
N LEU A 250 11.74 29.01 -11.64
CA LEU A 250 12.58 28.16 -12.49
C LEU A 250 13.95 28.83 -12.62
N LEU A 251 15.03 28.16 -12.24
CA LEU A 251 16.36 28.75 -12.10
C LEU A 251 17.32 28.13 -13.10
N LYS A 252 17.87 28.93 -14.01
CA LYS A 252 18.92 28.50 -14.94
C LYS A 252 20.27 28.56 -14.25
N TYR A 253 20.75 27.42 -13.77
CA TYR A 253 22.14 27.23 -13.38
C TYR A 253 23.00 27.10 -14.63
N ASN A 254 24.00 27.95 -14.81
CA ASN A 254 24.92 27.90 -15.95
C ASN A 254 26.04 26.85 -15.82
N GLU A 255 26.96 26.85 -16.77
CA GLU A 255 28.07 25.90 -16.86
C GLU A 255 29.09 26.01 -15.71
N ASN A 256 29.10 27.15 -15.00
CA ASN A 256 30.00 27.44 -13.87
C ASN A 256 29.24 27.34 -12.54
N GLY A 257 28.23 26.47 -12.48
CA GLY A 257 27.45 26.23 -11.27
C GLY A 257 26.63 27.42 -10.76
N THR A 258 26.46 28.47 -11.57
CA THR A 258 26.00 29.79 -11.12
C THR A 258 24.60 30.05 -11.62
N ILE A 259 23.65 30.48 -10.78
CA ILE A 259 22.32 30.88 -11.26
C ILE A 259 22.46 32.17 -12.05
N THR A 260 22.10 32.19 -13.34
CA THR A 260 22.25 33.42 -14.17
C THR A 260 20.99 33.85 -14.88
N ASP A 261 19.90 33.12 -14.73
CA ASP A 261 18.58 33.55 -15.17
C ASP A 261 17.50 32.90 -14.33
N ALA A 262 16.34 33.53 -14.24
CA ALA A 262 15.23 33.03 -13.45
C ALA A 262 13.88 33.38 -14.06
N VAL A 263 12.89 32.50 -13.90
CA VAL A 263 11.47 32.79 -14.13
C VAL A 263 10.74 32.79 -12.81
N ASP A 264 9.99 33.85 -12.51
CA ASP A 264 9.00 33.87 -11.45
C ASP A 264 7.70 33.33 -12.03
N CYS A 265 7.36 32.07 -11.78
CA CYS A 265 6.32 31.39 -12.55
C CYS A 265 4.96 32.07 -12.43
N ALA A 266 4.66 32.65 -11.26
CA ALA A 266 3.39 33.29 -10.96
C ALA A 266 3.28 34.73 -11.51
N LEU A 267 4.35 35.31 -12.04
CA LEU A 267 4.37 36.70 -12.54
C LEU A 267 3.24 36.96 -13.54
N ASP A 268 3.14 36.14 -14.57
CA ASP A 268 2.17 36.34 -15.63
C ASP A 268 1.91 35.02 -16.39
N PRO A 269 0.85 34.93 -17.21
CA PRO A 269 0.56 33.72 -17.96
C PRO A 269 1.71 33.21 -18.84
N LEU A 270 2.58 34.09 -19.35
CA LEU A 270 3.79 33.61 -20.03
C LEU A 270 4.74 32.89 -19.06
N SER A 271 5.01 33.46 -17.90
CA SER A 271 5.88 32.84 -16.92
C SER A 271 5.29 31.56 -16.37
N GLU A 272 3.97 31.43 -16.28
CA GLU A 272 3.34 30.15 -15.96
C GLU A 272 3.62 29.12 -17.06
N THR A 273 3.70 29.54 -18.32
CA THR A 273 4.00 28.64 -19.45
C THR A 273 5.46 28.23 -19.48
N LYS A 274 6.40 29.13 -19.24
CA LYS A 274 7.83 28.82 -19.11
C LYS A 274 8.07 27.75 -18.04
N CYS A 275 7.45 27.89 -16.87
CA CYS A 275 7.54 26.89 -15.82
C CYS A 275 6.79 25.60 -16.12
N THR A 276 5.63 25.67 -16.78
CA THR A 276 4.92 24.48 -17.27
C THR A 276 5.80 23.65 -18.21
N LEU A 277 6.51 24.28 -19.15
CA LEU A 277 7.45 23.62 -20.07
C LEU A 277 8.87 23.45 -19.55
N LYS A 278 9.15 23.82 -18.28
CA LYS A 278 10.51 23.84 -17.68
C LYS A 278 11.56 24.51 -18.57
N SER A 279 11.17 25.53 -19.34
CA SER A 279 11.98 26.09 -20.42
C SER A 279 11.91 27.61 -20.48
N PHE A 280 13.05 28.28 -20.65
CA PHE A 280 13.11 29.72 -20.93
C PHE A 280 12.71 30.06 -22.36
N THR A 281 12.69 29.09 -23.27
CA THR A 281 12.14 29.27 -24.63
C THR A 281 10.80 28.57 -24.71
N VAL A 282 9.77 29.28 -25.17
CA VAL A 282 8.48 28.67 -25.49
C VAL A 282 8.20 28.91 -26.97
N GLU A 283 7.97 27.86 -27.74
CA GLU A 283 7.64 27.96 -29.16
C GLU A 283 6.18 28.38 -29.40
N LYS A 284 5.88 28.83 -30.63
CA LYS A 284 4.54 29.25 -31.06
C LYS A 284 3.53 28.13 -30.85
N GLY A 285 2.58 28.29 -29.94
CA GLY A 285 1.69 27.22 -29.54
C GLY A 285 0.63 27.63 -28.52
N ILE A 286 0.01 26.63 -27.90
CA ILE A 286 -1.03 26.78 -26.89
C ILE A 286 -0.84 25.74 -25.79
N TYR A 287 -0.66 26.17 -24.55
CA TYR A 287 -0.19 25.30 -23.47
C TYR A 287 -1.07 25.38 -22.25
N GLN A 288 -1.59 24.28 -21.74
CA GLN A 288 -2.39 24.33 -20.51
C GLN A 288 -1.47 24.53 -19.30
N THR A 289 -1.53 25.68 -18.63
CA THR A 289 -0.70 25.93 -17.43
C THR A 289 -1.34 25.40 -16.16
N SER A 290 -2.66 25.55 -16.05
CA SER A 290 -3.40 25.46 -14.80
C SER A 290 -4.89 25.27 -15.06
N ASN A 291 -5.72 25.43 -14.05
CA ASN A 291 -7.18 25.39 -14.10
C ASN A 291 -7.69 26.60 -13.30
N PHE A 292 -8.30 27.57 -13.96
CA PHE A 292 -8.86 28.75 -13.30
C PHE A 292 -10.04 28.28 -12.46
N ARG A 293 -9.99 28.50 -11.14
CA ARG A 293 -11.03 28.01 -10.24
C ARG A 293 -11.49 29.09 -9.30
N VAL A 294 -12.73 29.52 -9.49
CA VAL A 294 -13.37 30.59 -8.73
C VAL A 294 -13.19 30.32 -7.23
N GLN A 295 -12.53 31.24 -6.55
CA GLN A 295 -12.23 31.06 -5.13
C GLN A 295 -13.51 31.11 -4.27
N PRO A 296 -13.61 30.32 -3.18
CA PRO A 296 -14.72 30.39 -2.25
C PRO A 296 -14.79 31.78 -1.59
N THR A 297 -15.94 32.44 -1.67
CA THR A 297 -16.09 33.83 -1.20
C THR A 297 -16.15 33.93 0.33
N GLU A 298 -16.88 33.01 0.97
CA GLU A 298 -17.13 32.96 2.41
C GLU A 298 -17.52 31.54 2.84
N SER A 299 -17.44 31.26 4.13
CA SER A 299 -17.76 29.95 4.74
C SER A 299 -19.19 29.90 5.30
N ILE A 300 -20.10 29.25 4.58
CA ILE A 300 -21.52 29.12 4.92
C ILE A 300 -21.77 27.84 5.72
N VAL A 301 -22.06 27.99 6.99
CA VAL A 301 -22.09 26.88 7.94
C VAL A 301 -23.50 26.73 8.48
N ARG A 302 -24.13 25.57 8.31
CA ARG A 302 -25.46 25.30 8.89
C ARG A 302 -25.53 23.91 9.54
N PHE A 303 -26.30 23.86 10.61
CA PHE A 303 -26.56 22.69 11.45
C PHE A 303 -28.05 22.68 11.78
N PRO A 304 -28.63 21.60 12.31
CA PRO A 304 -29.99 21.66 12.84
C PRO A 304 -30.07 22.77 13.89
N ASN A 305 -31.12 23.60 13.88
CA ASN A 305 -31.24 24.69 14.85
C ASN A 305 -31.82 24.21 16.19
N ILE A 306 -30.94 23.65 17.03
CA ILE A 306 -31.25 22.97 18.30
C ILE A 306 -30.20 23.31 19.37
N THR A 307 -30.56 23.29 20.64
CA THR A 307 -29.80 23.94 21.73
C THR A 307 -29.63 23.10 23.02
N ASN A 308 -30.17 21.89 23.10
CA ASN A 308 -29.96 21.02 24.27
C ASN A 308 -28.48 20.67 24.41
N LEU A 309 -27.86 20.81 25.57
CA LEU A 309 -26.54 20.21 25.81
C LEU A 309 -26.67 18.70 26.02
N CYS A 310 -25.76 17.92 25.44
CA CYS A 310 -25.83 16.46 25.49
C CYS A 310 -25.55 15.85 26.89
N PRO A 311 -26.10 14.66 27.18
CA PRO A 311 -26.10 14.08 28.53
C PRO A 311 -24.81 13.33 28.89
N PHE A 312 -23.65 13.85 28.52
CA PHE A 312 -22.36 13.24 28.86
C PHE A 312 -22.16 13.11 30.37
N GLY A 313 -22.74 13.96 31.20
CA GLY A 313 -22.71 13.77 32.65
C GLY A 313 -23.38 12.46 33.06
N GLU A 314 -24.51 12.10 32.45
CA GLU A 314 -25.19 10.82 32.67
C GLU A 314 -24.40 9.61 32.15
N VAL A 315 -23.37 9.85 31.33
CA VAL A 315 -22.42 8.84 30.87
C VAL A 315 -21.21 8.80 31.82
N PHE A 316 -20.30 9.77 31.68
CA PHE A 316 -18.97 9.76 32.31
C PHE A 316 -19.02 9.92 33.83
N ASN A 317 -20.08 10.57 34.34
CA ASN A 317 -20.36 10.73 35.77
C ASN A 317 -21.59 9.92 36.23
N ALA A 318 -21.93 8.83 35.55
CA ALA A 318 -22.85 7.83 36.11
C ALA A 318 -22.30 7.25 37.43
N THR A 319 -23.18 7.02 38.41
CA THR A 319 -22.79 6.54 39.74
C THR A 319 -22.09 5.19 39.68
N ARG A 320 -22.63 4.25 38.90
CA ARG A 320 -21.97 3.00 38.53
C ARG A 320 -22.11 2.73 37.04
N PHE A 321 -21.00 2.30 36.46
CA PHE A 321 -20.91 1.76 35.11
C PHE A 321 -21.25 0.26 35.13
N ALA A 322 -21.65 -0.30 34.00
CA ALA A 322 -22.15 -1.68 33.93
C ALA A 322 -21.06 -2.77 34.02
N SER A 323 -21.47 -3.97 34.45
CA SER A 323 -20.71 -5.22 34.36
C SER A 323 -20.41 -5.54 32.90
N VAL A 324 -19.13 -5.69 32.52
CA VAL A 324 -18.75 -5.76 31.10
C VAL A 324 -19.29 -6.99 30.35
N TYR A 325 -19.73 -8.06 31.01
CA TYR A 325 -20.46 -9.13 30.30
C TYR A 325 -21.79 -8.65 29.69
N ALA A 326 -22.36 -7.63 30.32
CA ALA A 326 -23.66 -7.04 30.04
C ALA A 326 -23.56 -5.50 30.05
N TRP A 327 -22.59 -4.97 29.29
CA TRP A 327 -22.30 -3.54 29.17
C TRP A 327 -23.52 -2.69 28.79
N ASN A 328 -23.63 -1.48 29.35
CA ASN A 328 -24.75 -0.59 29.07
C ASN A 328 -24.50 0.17 27.77
N ARG A 329 -25.55 0.33 26.97
CA ARG A 329 -25.59 1.17 25.78
C ARG A 329 -26.59 2.30 25.98
N LYS A 330 -26.15 3.55 25.89
CA LYS A 330 -26.99 4.76 25.90
C LYS A 330 -26.96 5.41 24.52
N ARG A 331 -28.10 5.56 23.87
CA ARG A 331 -28.21 6.40 22.68
C ARG A 331 -28.21 7.86 23.10
N ILE A 332 -27.48 8.68 22.34
CA ILE A 332 -27.47 10.13 22.38
C ILE A 332 -28.01 10.66 21.05
N SER A 333 -28.90 11.63 21.13
CA SER A 333 -29.58 12.25 19.99
C SER A 333 -30.05 13.68 20.32
N ASN A 334 -30.32 14.48 19.30
CA ASN A 334 -30.99 15.78 19.36
C ASN A 334 -30.35 16.82 20.31
N CYS A 335 -29.02 16.91 20.30
CA CYS A 335 -28.29 17.77 21.24
C CYS A 335 -26.93 18.23 20.70
N VAL A 336 -26.39 19.23 21.38
CA VAL A 336 -25.14 19.92 21.13
C VAL A 336 -24.06 19.35 22.03
N ALA A 337 -22.97 18.90 21.42
CA ALA A 337 -21.89 18.15 22.03
C ALA A 337 -20.54 18.86 21.83
N ASP A 338 -20.03 19.59 22.82
CA ASP A 338 -18.65 20.06 22.77
C ASP A 338 -17.71 18.96 23.26
N TYR A 339 -17.24 18.14 22.34
CA TYR A 339 -16.28 17.09 22.62
C TYR A 339 -14.96 17.63 23.17
N SER A 340 -14.65 18.92 23.01
CA SER A 340 -13.50 19.54 23.65
C SER A 340 -13.64 19.56 25.17
N VAL A 341 -14.85 19.69 25.73
CA VAL A 341 -15.04 19.64 27.19
C VAL A 341 -14.57 18.30 27.72
N LEU A 342 -14.84 17.21 27.00
CA LEU A 342 -14.29 15.89 27.32
C LEU A 342 -12.78 15.84 27.04
N TYR A 343 -12.35 16.12 25.83
CA TYR A 343 -10.97 15.92 25.38
C TYR A 343 -9.94 16.76 26.18
N ASN A 344 -10.32 17.96 26.61
CA ASN A 344 -9.50 18.82 27.45
C ASN A 344 -9.51 18.41 28.94
N SER A 345 -10.42 17.53 29.35
CA SER A 345 -10.49 17.04 30.72
C SER A 345 -9.30 16.11 31.02
N ALA A 346 -8.53 16.41 32.06
CA ALA A 346 -7.41 15.56 32.50
C ALA A 346 -7.88 14.25 33.16
N SER A 347 -9.19 14.09 33.36
CA SER A 347 -9.82 12.91 33.94
C SER A 347 -9.55 11.60 33.17
N PHE A 348 -9.16 11.68 31.89
CA PHE A 348 -9.09 10.53 31.00
C PHE A 348 -7.64 10.08 30.72
N SER A 349 -7.32 8.83 31.05
CA SER A 349 -5.98 8.23 30.87
C SER A 349 -5.70 7.91 29.40
N THR A 350 -6.74 7.57 28.64
CA THR A 350 -6.69 7.49 27.18
C THR A 350 -7.97 8.03 26.57
N PHE A 351 -7.86 8.50 25.32
CA PHE A 351 -8.92 9.10 24.52
C PHE A 351 -8.83 8.64 23.05
N LYS A 352 -8.18 7.49 22.78
CA LYS A 352 -7.78 7.09 21.43
C LYS A 352 -8.99 6.95 20.49
N CYS A 353 -8.86 7.43 19.27
CA CYS A 353 -9.92 7.39 18.27
C CYS A 353 -9.48 6.69 16.98
N TYR A 354 -10.42 6.04 16.29
CA TYR A 354 -10.13 4.99 15.32
C TYR A 354 -10.63 5.26 13.89
N GLY A 355 -11.44 6.28 13.69
CA GLY A 355 -11.84 6.75 12.36
C GLY A 355 -12.09 8.26 12.28
N VAL A 356 -11.71 8.98 13.33
CA VAL A 356 -11.91 10.41 13.54
C VAL A 356 -10.81 10.89 14.51
N SER A 357 -10.42 12.16 14.46
CA SER A 357 -9.46 12.76 15.39
C SER A 357 -10.20 13.63 16.41
N PRO A 358 -9.93 13.55 17.72
CA PRO A 358 -10.76 14.17 18.77
C PRO A 358 -10.80 15.71 18.70
N THR A 359 -9.83 16.29 18.02
CA THR A 359 -9.75 17.67 17.52
C THR A 359 -10.87 18.02 16.54
N LYS A 360 -11.09 17.16 15.54
CA LYS A 360 -12.00 17.38 14.40
C LYS A 360 -13.47 17.28 14.75
N LEU A 361 -13.83 16.55 15.82
CA LEU A 361 -15.22 16.21 16.14
C LEU A 361 -16.18 17.41 16.10
N ASN A 362 -15.80 18.58 16.62
CA ASN A 362 -16.72 19.73 16.63
C ASN A 362 -17.18 20.19 15.25
N ASP A 363 -16.43 19.93 14.18
CA ASP A 363 -16.74 20.35 12.80
C ASP A 363 -17.66 19.39 12.02
N LEU A 364 -17.87 18.18 12.55
CA LEU A 364 -18.50 17.03 11.90
C LEU A 364 -19.72 16.61 12.74
N CYS A 365 -20.83 16.16 12.15
CA CYS A 365 -21.92 15.66 12.98
C CYS A 365 -22.73 14.45 12.50
N PHE A 366 -23.46 13.86 13.44
CA PHE A 366 -23.82 12.45 13.43
C PHE A 366 -25.31 12.18 13.51
N THR A 367 -25.75 11.14 12.82
CA THR A 367 -27.15 10.74 12.78
C THR A 367 -27.58 10.16 14.11
N ASN A 368 -26.68 9.49 14.83
CA ASN A 368 -26.79 9.16 16.25
C ASN A 368 -25.39 8.97 16.84
N VAL A 369 -25.29 8.97 18.16
CA VAL A 369 -24.11 8.47 18.86
C VAL A 369 -24.57 7.46 19.89
N TYR A 370 -23.86 6.35 20.02
CA TYR A 370 -24.12 5.35 21.06
C TYR A 370 -22.93 5.36 22.01
N ALA A 371 -23.17 5.67 23.27
CA ALA A 371 -22.19 5.55 24.33
C ALA A 371 -22.35 4.17 24.99
N ASP A 372 -21.34 3.33 24.84
CA ASP A 372 -21.26 2.04 25.50
C ASP A 372 -20.36 2.18 26.73
N SER A 373 -20.87 1.90 27.93
CA SER A 373 -20.22 2.22 29.20
C SER A 373 -20.18 1.02 30.13
N PHE A 374 -18.98 0.73 30.65
CA PHE A 374 -18.70 -0.44 31.47
C PHE A 374 -17.38 -0.31 32.24
N VAL A 375 -17.17 -1.17 33.25
CA VAL A 375 -15.90 -1.25 34.01
C VAL A 375 -15.10 -2.45 33.55
N ILE A 376 -13.78 -2.33 33.53
CA ILE A 376 -12.82 -3.39 33.24
C ILE A 376 -11.65 -3.38 34.24
N ARG A 377 -10.89 -4.47 34.31
CA ARG A 377 -9.60 -4.45 35.01
C ARG A 377 -8.62 -3.62 34.18
N GLY A 378 -7.80 -2.78 34.81
CA GLY A 378 -6.89 -1.83 34.13
C GLY A 378 -5.93 -2.46 33.11
N ASP A 379 -5.53 -3.71 33.30
CA ASP A 379 -4.76 -4.50 32.32
C ASP A 379 -5.47 -4.70 30.97
N GLU A 380 -6.79 -4.69 30.96
CA GLU A 380 -7.60 -5.08 29.80
C GLU A 380 -7.69 -4.02 28.71
N VAL A 381 -7.33 -2.76 28.98
CA VAL A 381 -7.61 -1.59 28.13
C VAL A 381 -7.20 -1.82 26.66
N ARG A 382 -6.14 -2.60 26.41
CA ARG A 382 -5.71 -3.07 25.09
C ARG A 382 -6.84 -3.68 24.26
N GLN A 383 -7.68 -4.53 24.85
CA GLN A 383 -8.73 -5.26 24.13
C GLN A 383 -9.75 -4.34 23.43
N ILE A 384 -10.00 -3.15 23.98
CA ILE A 384 -11.08 -2.27 23.53
C ILE A 384 -10.56 -1.39 22.39
N ALA A 385 -10.35 -2.03 21.24
CA ALA A 385 -9.98 -1.43 19.96
C ALA A 385 -10.41 -2.36 18.81
N PRO A 386 -10.54 -1.89 17.57
CA PRO A 386 -10.76 -2.76 16.43
C PRO A 386 -9.61 -3.77 16.29
N GLY A 387 -9.90 -4.97 15.79
CA GLY A 387 -8.90 -5.99 15.48
C GLY A 387 -8.23 -6.69 16.68
N GLN A 388 -8.68 -6.46 17.90
CA GLN A 388 -8.06 -7.04 19.10
C GLN A 388 -8.51 -8.47 19.41
N THR A 389 -7.75 -9.14 20.27
CA THR A 389 -8.03 -10.49 20.79
C THR A 389 -7.84 -10.53 22.31
N GLY A 390 -8.48 -11.51 22.94
CA GLY A 390 -8.61 -11.68 24.39
C GLY A 390 -10.01 -12.17 24.71
N LYS A 391 -10.22 -12.78 25.87
CA LYS A 391 -11.50 -13.45 26.18
C LYS A 391 -12.73 -12.53 26.14
N ILE A 392 -12.63 -11.29 26.63
CA ILE A 392 -13.72 -10.32 26.50
C ILE A 392 -13.95 -9.97 25.03
N ALA A 393 -12.88 -9.69 24.27
CA ALA A 393 -12.95 -9.42 22.85
C ALA A 393 -13.50 -10.60 22.03
N ASP A 394 -13.45 -11.83 22.55
CA ASP A 394 -14.09 -13.02 21.99
C ASP A 394 -15.58 -13.11 22.37
N TYR A 395 -15.89 -13.13 23.67
CA TYR A 395 -17.23 -13.42 24.15
C TYR A 395 -18.20 -12.25 24.10
N ASN A 396 -17.81 -11.04 24.56
CA ASN A 396 -18.75 -10.01 25.01
C ASN A 396 -18.38 -8.56 24.67
N TYR A 397 -17.22 -8.25 24.09
CA TYR A 397 -16.94 -6.91 23.58
C TYR A 397 -16.06 -6.87 22.32
N LYS A 398 -16.48 -7.61 21.29
CA LYS A 398 -15.93 -7.48 19.94
C LYS A 398 -16.36 -6.13 19.36
N LEU A 399 -15.42 -5.27 19.01
CA LEU A 399 -15.68 -4.09 18.17
C LEU A 399 -15.67 -4.47 16.68
N PRO A 400 -16.39 -3.76 15.81
CA PRO A 400 -16.22 -3.88 14.38
C PRO A 400 -14.77 -3.63 13.99
N ASP A 401 -14.22 -4.41 13.06
CA ASP A 401 -12.84 -4.22 12.61
C ASP A 401 -12.65 -2.98 11.70
N ASP A 402 -13.72 -2.21 11.46
CA ASP A 402 -13.72 -0.88 10.84
C ASP A 402 -14.44 0.19 11.72
N PHE A 403 -14.50 -0.02 13.03
CA PHE A 403 -15.16 0.86 14.01
C PHE A 403 -14.75 2.34 13.87
N THR A 404 -15.72 3.22 13.60
CA THR A 404 -15.55 4.68 13.65
C THR A 404 -15.97 5.20 15.02
N GLY A 405 -15.02 5.61 15.84
CA GLY A 405 -15.31 6.31 17.08
C GLY A 405 -14.14 6.44 18.02
N CYS A 406 -14.41 6.72 19.29
CA CYS A 406 -13.40 7.01 20.29
C CYS A 406 -13.56 6.16 21.54
N VAL A 407 -12.46 5.71 22.09
CA VAL A 407 -12.41 4.93 23.33
C VAL A 407 -11.79 5.77 24.41
N ILE A 408 -12.49 5.92 25.52
CA ILE A 408 -12.12 6.81 26.62
C ILE A 408 -12.06 6.00 27.89
N ALA A 409 -10.91 5.91 28.55
CA ALA A 409 -10.75 5.08 29.73
C ALA A 409 -9.83 5.70 30.79
N TRP A 410 -10.07 5.37 32.05
CA TRP A 410 -9.32 5.89 33.20
C TRP A 410 -9.45 5.01 34.46
N ASN A 411 -8.50 5.13 35.38
CA ASN A 411 -8.54 4.42 36.67
C ASN A 411 -9.79 4.80 37.48
N SER A 412 -10.44 3.82 38.09
CA SER A 412 -11.66 4.00 38.87
C SER A 412 -11.66 3.20 40.19
N ASN A 413 -10.49 2.89 40.72
CA ASN A 413 -10.32 2.18 41.99
C ASN A 413 -11.13 2.77 43.15
N ASN A 414 -11.02 4.07 43.39
CA ASN A 414 -11.78 4.84 44.39
C ASN A 414 -13.29 4.92 44.12
N LEU A 415 -13.73 4.55 42.92
CA LEU A 415 -15.13 4.58 42.51
C LEU A 415 -15.76 3.19 42.62
N ASP A 416 -15.11 2.17 42.05
CA ASP A 416 -15.73 0.88 41.75
C ASP A 416 -15.23 -0.27 42.62
N SER A 417 -14.09 -0.13 43.29
CA SER A 417 -13.64 -1.10 44.30
C SER A 417 -14.36 -0.96 45.65
N LYS A 418 -14.43 -2.05 46.42
CA LYS A 418 -15.08 -2.09 47.75
C LYS A 418 -14.25 -2.78 48.84
N GLY A 421 -14.42 -7.90 47.50
CA GLY A 421 -14.40 -6.89 46.46
C GLY A 421 -15.70 -6.80 45.67
N ASN A 422 -15.73 -5.92 44.66
CA ASN A 422 -16.95 -5.66 43.91
C ASN A 422 -17.19 -6.68 42.77
N TYR A 423 -17.42 -7.95 43.14
CA TYR A 423 -17.67 -9.08 42.22
C TYR A 423 -18.91 -8.92 41.34
N ASN A 424 -19.74 -7.89 41.55
CA ASN A 424 -20.76 -7.44 40.59
C ASN A 424 -20.15 -7.06 39.24
N TYR A 425 -18.84 -6.81 39.16
CA TYR A 425 -18.12 -6.77 37.89
C TYR A 425 -17.83 -8.18 37.37
N LEU A 426 -18.89 -8.74 36.79
CA LEU A 426 -18.94 -9.98 36.03
C LEU A 426 -18.56 -9.70 34.56
N TYR A 427 -17.73 -10.57 34.01
CA TYR A 427 -17.20 -10.60 32.65
C TYR A 427 -17.25 -12.03 32.10
N ARG A 428 -16.88 -12.22 30.83
CA ARG A 428 -17.05 -13.51 30.13
C ARG A 428 -15.83 -13.91 29.31
N LYS A 436 -19.19 -11.97 17.96
CA LYS A 436 -19.61 -11.08 16.87
C LYS A 436 -19.64 -9.61 17.32
N PRO A 437 -19.47 -8.63 16.41
CA PRO A 437 -19.46 -7.20 16.76
C PRO A 437 -20.69 -6.77 17.58
N PHE A 438 -20.48 -6.18 18.75
CA PHE A 438 -21.53 -5.78 19.70
C PHE A 438 -22.52 -6.90 20.12
N GLU A 439 -22.14 -8.17 20.02
CA GLU A 439 -22.91 -9.27 20.62
C GLU A 439 -22.97 -9.14 22.16
N ARG A 440 -24.15 -9.35 22.77
CA ARG A 440 -24.32 -9.40 24.24
C ARG A 440 -24.87 -10.76 24.68
N ASP A 441 -24.37 -11.29 25.79
CA ASP A 441 -24.59 -12.68 26.21
C ASP A 441 -24.84 -12.79 27.72
N ILE A 442 -25.81 -13.62 28.13
CA ILE A 442 -26.36 -13.67 29.49
C ILE A 442 -26.57 -15.11 29.95
N TYR A 463 -19.94 -26.48 30.63
CA TYR A 463 -19.08 -25.30 30.63
C TYR A 463 -19.83 -24.01 30.98
N PHE A 464 -19.19 -23.13 31.75
CA PHE A 464 -19.73 -21.83 32.17
C PHE A 464 -18.64 -20.74 32.07
N PRO A 465 -18.69 -19.84 31.07
CA PRO A 465 -17.71 -18.77 30.90
C PRO A 465 -17.89 -17.60 31.89
N LEU A 466 -18.73 -17.75 32.93
CA LEU A 466 -19.06 -16.72 33.91
C LEU A 466 -17.83 -16.41 34.80
N GLN A 467 -17.32 -15.19 34.76
CA GLN A 467 -16.06 -14.78 35.42
C GLN A 467 -16.27 -13.42 36.13
N SER A 468 -15.56 -13.09 37.22
CA SER A 468 -15.77 -11.80 37.92
C SER A 468 -14.56 -11.30 38.72
N TYR A 469 -14.52 -10.01 39.05
CA TYR A 469 -13.34 -9.34 39.62
C TYR A 469 -13.48 -8.99 41.11
N GLY A 470 -12.48 -9.38 41.90
CA GLY A 470 -12.30 -8.93 43.28
C GLY A 470 -11.74 -7.50 43.35
N PHE A 471 -12.49 -6.53 42.86
CA PHE A 471 -12.11 -5.12 42.93
C PHE A 471 -12.17 -4.60 44.38
N GLN A 472 -11.01 -4.49 45.01
CA GLN A 472 -10.80 -3.88 46.32
C GLN A 472 -9.87 -2.67 46.19
N PRO A 473 -10.04 -1.62 47.03
CA PRO A 473 -9.23 -0.42 46.91
C PRO A 473 -7.72 -0.70 47.16
N THR A 474 -7.43 -1.79 47.87
CA THR A 474 -6.08 -2.31 48.18
C THR A 474 -5.39 -3.01 47.00
N ASN A 475 -6.07 -3.27 45.87
CA ASN A 475 -5.49 -3.97 44.72
C ASN A 475 -4.24 -3.23 44.22
N VAL A 477 -0.75 -1.68 39.53
CA VAL A 477 -2.01 -0.90 39.43
C VAL A 477 -3.03 -1.56 38.51
N GLY A 478 -2.59 -2.37 37.54
CA GLY A 478 -3.46 -2.99 36.52
C GLY A 478 -4.60 -3.85 37.05
N TYR A 479 -4.47 -4.42 38.25
CA TYR A 479 -5.52 -5.13 39.00
C TYR A 479 -6.63 -4.23 39.62
N GLN A 480 -6.51 -2.91 39.51
CA GLN A 480 -7.58 -1.98 39.90
C GLN A 480 -8.65 -1.87 38.80
N PRO A 481 -9.92 -1.59 39.16
CA PRO A 481 -10.91 -1.25 38.15
C PRO A 481 -10.55 0.06 37.45
N TYR A 482 -10.87 0.07 36.17
CA TYR A 482 -10.84 1.22 35.28
C TYR A 482 -12.21 1.33 34.62
N ARG A 483 -12.72 2.55 34.54
CA ARG A 483 -13.91 2.86 33.76
C ARG A 483 -13.52 3.05 32.31
N VAL A 484 -14.41 2.62 31.43
CA VAL A 484 -14.32 2.89 30.00
C VAL A 484 -15.68 3.30 29.47
N VAL A 485 -15.65 4.24 28.54
CA VAL A 485 -16.72 4.56 27.62
C VAL A 485 -16.20 4.35 26.20
N VAL A 486 -17.01 3.73 25.36
CA VAL A 486 -16.80 3.75 23.93
C VAL A 486 -17.89 4.60 23.31
N LEU A 487 -17.48 5.66 22.63
CA LEU A 487 -18.38 6.47 21.82
C LEU A 487 -18.31 5.94 20.39
N SER A 488 -19.42 5.35 19.93
CA SER A 488 -19.60 4.89 18.56
C SER A 488 -20.46 5.88 17.78
N PHE A 489 -20.01 6.25 16.59
CA PHE A 489 -20.57 7.36 15.84
C PHE A 489 -21.20 6.89 14.54
N GLU A 490 -22.37 7.43 14.23
CA GLU A 490 -23.21 6.97 13.12
C GLU A 490 -23.36 8.05 12.05
N LEU A 491 -23.21 7.65 10.78
CA LEU A 491 -23.22 8.55 9.62
C LEU A 491 -24.14 8.02 8.50
N LEU A 492 -25.42 7.81 8.83
CA LEU A 492 -26.46 7.44 7.85
C LEU A 492 -26.79 8.62 6.90
N HIS A 493 -27.65 8.33 5.92
CA HIS A 493 -28.27 9.30 5.02
C HIS A 493 -29.32 10.20 5.69
N ALA A 494 -29.78 9.82 6.88
CA ALA A 494 -30.75 10.55 7.70
C ALA A 494 -30.20 11.91 8.20
N PRO A 495 -31.04 12.79 8.77
CA PRO A 495 -30.57 14.02 9.39
C PRO A 495 -29.60 13.76 10.55
N ALA A 496 -28.56 14.58 10.68
CA ALA A 496 -27.78 14.55 11.92
C ALA A 496 -28.66 14.96 13.11
N THR A 497 -28.43 14.35 14.27
CA THR A 497 -29.17 14.59 15.51
C THR A 497 -28.25 15.04 16.64
N VAL A 498 -27.01 14.54 16.69
CA VAL A 498 -25.99 14.97 17.64
C VAL A 498 -24.99 15.80 16.86
N CYS A 499 -24.73 17.04 17.27
CA CYS A 499 -23.87 17.96 16.52
C CYS A 499 -22.99 18.82 17.44
N GLY A 500 -21.92 19.37 16.89
CA GLY A 500 -20.91 20.12 17.65
C GLY A 500 -21.38 21.51 18.11
N PRO A 501 -20.55 22.21 18.91
CA PRO A 501 -20.82 23.56 19.42
C PRO A 501 -20.80 24.66 18.35
N LYS A 502 -20.32 24.36 17.13
CA LYS A 502 -20.05 25.32 16.05
C LYS A 502 -21.31 26.09 15.66
N LYS A 503 -21.16 27.39 15.40
CA LYS A 503 -22.26 28.35 15.19
C LYS A 503 -22.62 28.47 13.71
N SER A 504 -23.91 28.50 13.39
CA SER A 504 -24.38 28.63 12.00
C SER A 504 -24.42 30.07 11.49
N THR A 505 -24.03 30.27 10.24
CA THR A 505 -24.16 31.55 9.51
C THR A 505 -25.53 31.68 8.89
N ASN A 506 -25.80 32.81 8.24
CA ASN A 506 -26.84 32.88 7.22
C ASN A 506 -26.49 31.98 6.01
N LEU A 507 -27.47 31.71 5.16
CA LEU A 507 -27.33 31.11 3.83
C LEU A 507 -26.95 32.16 2.78
N VAL A 508 -26.32 31.73 1.67
CA VAL A 508 -25.97 32.57 0.51
C VAL A 508 -26.33 31.83 -0.77
N LYS A 509 -26.74 32.53 -1.82
CA LYS A 509 -27.25 31.93 -3.06
C LYS A 509 -26.62 32.57 -4.30
N ASN A 510 -26.51 31.81 -5.40
CA ASN A 510 -25.96 32.21 -6.70
C ASN A 510 -24.49 32.68 -6.73
N LYS A 511 -23.75 32.56 -5.62
CA LYS A 511 -22.36 33.02 -5.47
C LYS A 511 -21.52 31.91 -4.87
N CYS A 512 -20.29 31.70 -5.34
CA CYS A 512 -19.43 30.61 -4.88
C CYS A 512 -19.07 30.74 -3.39
N VAL A 513 -19.31 29.70 -2.61
CA VAL A 513 -19.04 29.67 -1.17
C VAL A 513 -18.38 28.37 -0.74
N ASN A 514 -17.49 28.44 0.23
CA ASN A 514 -17.17 27.30 1.06
C ASN A 514 -18.42 27.00 1.90
N PHE A 515 -18.71 25.74 2.19
CA PHE A 515 -19.86 25.41 3.03
C PHE A 515 -19.62 24.20 3.94
N ASN A 516 -20.45 24.11 4.97
CA ASN A 516 -20.69 22.92 5.77
C ASN A 516 -22.20 22.78 6.05
N PHE A 517 -22.78 21.63 5.75
CA PHE A 517 -24.10 21.25 6.25
C PHE A 517 -23.99 20.01 7.14
N ASN A 518 -24.20 20.13 8.44
CA ASN A 518 -24.24 19.00 9.39
C ASN A 518 -22.94 18.14 9.43
N GLY A 519 -21.81 18.68 9.03
CA GLY A 519 -20.56 17.94 8.81
C GLY A 519 -20.28 17.54 7.36
N LEU A 520 -21.23 17.70 6.44
CA LEU A 520 -20.96 17.66 5.01
C LEU A 520 -20.20 18.93 4.60
N THR A 521 -18.89 18.89 4.72
CA THR A 521 -17.96 19.96 4.30
C THR A 521 -17.79 19.94 2.78
N GLY A 522 -17.87 21.10 2.12
CA GLY A 522 -17.65 21.21 0.68
C GLY A 522 -17.53 22.63 0.18
N THR A 523 -17.66 22.82 -1.13
CA THR A 523 -17.64 24.14 -1.78
C THR A 523 -18.55 24.13 -3.00
N GLY A 524 -19.26 25.22 -3.25
CA GLY A 524 -20.17 25.31 -4.39
C GLY A 524 -20.98 26.60 -4.45
N VAL A 525 -21.64 26.79 -5.58
CA VAL A 525 -22.69 27.79 -5.79
C VAL A 525 -24.02 27.18 -5.36
N LEU A 526 -24.53 27.58 -4.20
CA LEU A 526 -25.86 27.18 -3.76
C LEU A 526 -26.90 27.92 -4.61
N THR A 527 -27.87 27.24 -5.21
CA THR A 527 -28.97 27.89 -5.96
C THR A 527 -30.30 27.35 -5.48
N GLU A 528 -31.37 28.12 -5.61
CA GLU A 528 -32.72 27.54 -5.54
C GLU A 528 -32.93 26.51 -6.65
N SER A 529 -33.85 25.57 -6.48
CA SER A 529 -34.05 24.52 -7.47
C SER A 529 -35.48 23.99 -7.54
N ASN A 530 -35.82 23.42 -8.68
CA ASN A 530 -37.08 22.71 -8.93
C ASN A 530 -37.03 21.21 -8.56
N LYS A 531 -35.92 20.72 -7.99
CA LYS A 531 -35.72 19.30 -7.66
C LYS A 531 -36.69 18.87 -6.58
N LYS A 532 -37.70 18.10 -7.00
CA LYS A 532 -38.83 17.65 -6.18
C LYS A 532 -38.41 16.57 -5.18
N PHE A 533 -37.65 16.96 -4.15
CA PHE A 533 -37.35 16.09 -3.04
C PHE A 533 -38.66 15.64 -2.39
N LEU A 534 -38.77 14.37 -2.05
CA LEU A 534 -39.84 13.86 -1.20
C LEU A 534 -39.58 14.29 0.25
N PRO A 535 -40.61 14.46 1.11
CA PRO A 535 -40.45 15.08 2.42
C PRO A 535 -39.43 14.44 3.38
N PHE A 536 -39.12 13.15 3.19
CA PHE A 536 -38.13 12.41 3.97
C PHE A 536 -36.68 12.56 3.47
N GLN A 537 -36.46 12.99 2.22
CA GLN A 537 -35.13 13.03 1.59
C GLN A 537 -34.27 14.22 2.08
N GLN A 538 -33.05 13.96 2.56
CA GLN A 538 -32.16 14.98 3.13
C GLN A 538 -31.06 15.44 2.16
N PHE A 539 -30.43 14.51 1.44
CA PHE A 539 -29.42 14.78 0.42
C PHE A 539 -29.95 14.43 -0.96
N GLY A 540 -29.34 14.93 -2.03
CA GLY A 540 -29.46 14.39 -3.38
C GLY A 540 -28.07 14.19 -3.98
N ARG A 541 -27.87 13.23 -4.90
CA ARG A 541 -26.53 12.82 -5.35
C ARG A 541 -26.37 12.70 -6.86
N ASP A 542 -25.11 12.85 -7.28
CA ASP A 542 -24.59 12.61 -8.62
C ASP A 542 -23.84 11.27 -8.68
N ILE A 543 -23.60 10.78 -9.89
CA ILE A 543 -23.06 9.45 -10.25
C ILE A 543 -21.73 9.15 -9.56
N ALA A 544 -20.90 10.16 -9.36
CA ALA A 544 -19.62 10.07 -8.64
C ALA A 544 -19.74 9.70 -7.15
N ASP A 545 -20.95 9.55 -6.60
CA ASP A 545 -21.21 9.54 -5.16
C ASP A 545 -20.80 10.87 -4.48
N THR A 546 -21.19 11.98 -5.10
CA THR A 546 -21.00 13.34 -4.61
C THR A 546 -22.35 14.02 -4.41
N THR A 547 -22.52 14.78 -3.33
CA THR A 547 -23.75 15.52 -3.05
C THR A 547 -24.00 16.59 -4.12
N ASP A 548 -25.21 16.61 -4.66
CA ASP A 548 -25.63 17.48 -5.76
C ASP A 548 -26.70 18.48 -5.34
N ALA A 549 -27.44 18.20 -4.26
CA ALA A 549 -28.43 19.07 -3.66
C ALA A 549 -28.59 18.75 -2.17
N VAL A 550 -29.13 19.67 -1.38
CA VAL A 550 -29.50 19.40 0.02
C VAL A 550 -30.81 20.10 0.36
N ARG A 551 -31.50 19.52 1.33
CA ARG A 551 -32.54 20.19 2.09
C ARG A 551 -31.85 20.90 3.25
N ASP A 552 -31.95 22.22 3.34
CA ASP A 552 -31.23 23.01 4.35
C ASP A 552 -31.75 22.71 5.78
N PRO A 553 -30.87 22.51 6.79
CA PRO A 553 -31.27 22.07 8.14
C PRO A 553 -31.96 23.14 9.01
N GLN A 554 -32.07 24.38 8.57
CA GLN A 554 -32.69 25.49 9.31
C GLN A 554 -33.86 26.13 8.54
N THR A 555 -33.94 25.94 7.23
CA THR A 555 -35.12 26.21 6.41
C THR A 555 -35.25 25.11 5.36
N LEU A 556 -36.39 24.43 5.33
CA LEU A 556 -36.57 23.18 4.61
C LEU A 556 -36.81 23.44 3.11
N GLU A 557 -35.78 23.89 2.42
CA GLU A 557 -35.80 24.21 0.99
C GLU A 557 -34.64 23.54 0.25
N ILE A 558 -34.85 23.30 -1.05
CA ILE A 558 -34.00 22.41 -1.83
C ILE A 558 -32.94 23.20 -2.58
N LEU A 559 -31.81 23.37 -1.92
CA LEU A 559 -30.62 23.97 -2.48
C LEU A 559 -29.97 23.01 -3.49
N ASP A 560 -29.84 23.41 -4.74
CA ASP A 560 -28.89 22.77 -5.64
C ASP A 560 -27.47 23.20 -5.25
N ILE A 561 -26.53 22.25 -5.24
CA ILE A 561 -25.10 22.49 -5.01
C ILE A 561 -24.37 22.30 -6.33
N THR A 562 -24.32 23.35 -7.14
CA THR A 562 -23.48 23.45 -8.33
C THR A 562 -22.01 23.64 -7.92
N PRO A 563 -21.02 22.98 -8.55
CA PRO A 563 -19.61 23.17 -8.20
C PRO A 563 -19.13 24.56 -8.59
N CYS A 564 -18.22 25.16 -7.81
CA CYS A 564 -17.67 26.47 -8.18
C CYS A 564 -16.85 26.38 -9.46
N SER A 565 -17.05 27.33 -10.38
CA SER A 565 -16.67 27.15 -11.78
C SER A 565 -15.16 26.96 -11.96
N PHE A 566 -14.81 25.96 -12.77
CA PHE A 566 -13.46 25.53 -13.12
C PHE A 566 -13.29 25.56 -14.65
N GLY A 567 -12.07 25.72 -15.14
CA GLY A 567 -11.77 25.62 -16.57
C GLY A 567 -10.28 25.74 -16.82
N GLY A 568 -9.71 24.87 -17.64
CA GLY A 568 -8.28 24.91 -17.96
C GLY A 568 -7.83 26.28 -18.47
N VAL A 569 -6.66 26.72 -18.03
CA VAL A 569 -6.02 27.96 -18.47
C VAL A 569 -5.06 27.62 -19.60
N SER A 570 -5.41 27.91 -20.84
CA SER A 570 -4.53 27.62 -21.97
C SER A 570 -3.90 28.90 -22.49
N VAL A 571 -2.59 29.01 -22.40
CA VAL A 571 -1.85 30.18 -22.82
C VAL A 571 -1.52 30.09 -24.29
N ILE A 572 -2.23 30.84 -25.11
CA ILE A 572 -1.87 31.03 -26.51
C ILE A 572 -0.65 31.93 -26.51
N THR A 573 0.40 31.56 -27.23
CA THR A 573 1.60 32.38 -27.32
C THR A 573 2.27 32.26 -28.68
N PRO A 574 2.64 33.37 -29.33
CA PRO A 574 3.73 33.34 -30.30
C PRO A 574 5.02 32.93 -29.58
N GLY A 575 6.06 32.59 -30.32
CA GLY A 575 7.31 32.18 -29.70
C GLY A 575 7.92 33.29 -28.85
N THR A 576 8.58 32.96 -27.74
CA THR A 576 9.39 33.95 -27.00
C THR A 576 10.51 34.52 -27.87
N ASN A 577 10.95 33.75 -28.86
CA ASN A 577 11.78 34.13 -30.00
C ASN A 577 11.02 35.03 -31.02
N THR A 578 10.03 35.81 -30.60
CA THR A 578 9.17 36.67 -31.44
C THR A 578 8.41 37.70 -30.62
N SER A 579 7.80 37.32 -29.49
CA SER A 579 7.13 38.27 -28.60
C SER A 579 6.95 37.72 -27.19
N ASN A 580 6.83 38.58 -26.18
CA ASN A 580 6.35 38.19 -24.85
C ASN A 580 4.84 38.44 -24.67
N GLN A 581 4.15 38.99 -25.66
CA GLN A 581 2.72 39.20 -25.60
C GLN A 581 2.00 37.84 -25.65
N VAL A 582 1.03 37.61 -24.75
CA VAL A 582 0.29 36.33 -24.67
C VAL A 582 -1.20 36.55 -24.51
N ALA A 583 -2.01 35.58 -24.94
CA ALA A 583 -3.45 35.58 -24.77
C ALA A 583 -3.89 34.33 -24.02
N VAL A 584 -4.88 34.42 -23.15
CA VAL A 584 -5.29 33.32 -22.28
C VAL A 584 -6.69 32.87 -22.61
N LEU A 585 -6.85 31.63 -23.05
CA LEU A 585 -8.14 30.97 -23.09
C LEU A 585 -8.46 30.44 -21.69
N TYR A 586 -9.56 30.89 -21.15
CA TYR A 586 -10.23 30.28 -20.00
C TYR A 586 -11.24 29.29 -20.58
N GLN A 587 -10.89 28.00 -20.55
CA GLN A 587 -11.67 26.99 -21.25
C GLN A 587 -13.09 26.88 -20.69
N ASP A 588 -14.05 26.72 -21.60
CA ASP A 588 -15.50 26.53 -21.39
C ASP A 588 -16.25 27.63 -20.63
N VAL A 589 -15.60 28.39 -19.73
CA VAL A 589 -16.25 29.46 -18.98
C VAL A 589 -16.65 30.62 -19.89
N ASN A 590 -17.59 31.41 -19.37
CA ASN A 590 -18.18 32.54 -20.04
C ASN A 590 -17.59 33.81 -19.40
N CYS A 591 -17.18 34.80 -20.19
CA CYS A 591 -16.44 35.96 -19.69
C CYS A 591 -17.14 36.70 -18.55
N THR A 592 -18.47 36.66 -18.51
CA THR A 592 -19.29 37.23 -17.42
C THR A 592 -18.96 36.68 -16.03
N GLU A 593 -18.33 35.51 -15.93
CA GLU A 593 -17.90 34.90 -14.66
C GLU A 593 -16.42 35.13 -14.36
N VAL A 594 -15.60 35.55 -15.32
CA VAL A 594 -14.14 35.55 -15.22
C VAL A 594 -13.65 36.67 -14.30
N ASN A 615 -8.03 43.49 -23.99
CA ASN A 615 -9.20 43.04 -24.73
C ASN A 615 -9.75 41.72 -24.17
N VAL A 616 -11.05 41.47 -24.31
CA VAL A 616 -11.71 40.21 -23.93
C VAL A 616 -12.70 39.81 -25.00
N PHE A 617 -12.78 38.52 -25.31
CA PHE A 617 -13.68 37.97 -26.33
C PHE A 617 -14.24 36.62 -25.87
N GLN A 618 -15.40 36.20 -26.36
CA GLN A 618 -16.00 34.91 -26.00
C GLN A 618 -16.03 33.97 -27.21
N THR A 619 -15.50 32.78 -27.05
CA THR A 619 -15.59 31.70 -28.06
C THR A 619 -16.52 30.59 -27.57
N ARG A 620 -16.93 29.69 -28.46
CA ARG A 620 -17.54 28.42 -28.07
C ARG A 620 -16.59 27.51 -27.27
N ALA A 621 -15.29 27.71 -27.36
CA ALA A 621 -14.29 27.01 -26.55
C ALA A 621 -14.09 27.59 -25.14
N GLY A 622 -14.63 28.77 -24.84
CA GLY A 622 -14.33 29.49 -23.60
C GLY A 622 -14.02 30.98 -23.82
N CYS A 623 -13.84 31.71 -22.73
CA CYS A 623 -13.52 33.13 -22.75
C CYS A 623 -12.04 33.34 -23.08
N LEU A 624 -11.73 34.22 -24.02
CA LEU A 624 -10.38 34.43 -24.52
C LEU A 624 -9.90 35.83 -24.19
N ILE A 625 -9.14 35.97 -23.12
CA ILE A 625 -8.54 37.23 -22.69
C ILE A 625 -7.31 37.51 -23.53
N GLY A 626 -7.11 38.77 -23.90
CA GLY A 626 -5.84 39.24 -24.44
C GLY A 626 -5.70 39.08 -25.94
N ALA A 627 -6.43 38.17 -26.57
CA ALA A 627 -6.50 38.16 -28.02
C ALA A 627 -7.47 39.23 -28.51
N GLU A 628 -7.35 39.59 -29.77
CA GLU A 628 -8.14 40.62 -30.44
C GLU A 628 -9.00 39.99 -31.55
N HIS A 629 -10.31 40.04 -31.40
CA HIS A 629 -11.21 39.38 -32.36
C HIS A 629 -11.12 40.02 -33.75
N VAL A 630 -11.19 39.20 -34.78
CA VAL A 630 -11.12 39.64 -36.18
C VAL A 630 -12.22 39.01 -37.02
N ASN A 631 -12.80 39.80 -37.93
CA ASN A 631 -13.84 39.36 -38.87
C ASN A 631 -13.28 38.68 -40.13
N ASN A 632 -12.03 38.94 -40.49
CA ASN A 632 -11.36 38.22 -41.57
C ASN A 632 -11.09 36.76 -41.17
N SER A 633 -10.87 35.91 -42.15
CA SER A 633 -10.44 34.52 -41.97
C SER A 633 -9.07 34.30 -42.57
N TYR A 634 -8.10 33.89 -41.76
CA TYR A 634 -6.78 33.46 -42.21
C TYR A 634 -6.66 31.95 -42.05
N GLU A 635 -5.66 31.33 -42.65
CA GLU A 635 -5.37 29.93 -42.32
C GLU A 635 -5.00 29.80 -40.84
N CYS A 636 -5.20 28.63 -40.26
CA CYS A 636 -4.99 28.45 -38.84
C CYS A 636 -3.51 28.49 -38.44
N ASP A 637 -3.11 29.42 -37.57
CA ASP A 637 -1.80 29.39 -36.94
C ASP A 637 -1.84 28.54 -35.67
N ILE A 638 -2.26 29.09 -34.53
CA ILE A 638 -2.47 28.37 -33.28
C ILE A 638 -3.95 28.02 -33.16
N PRO A 639 -4.38 26.76 -33.33
CA PRO A 639 -5.76 26.35 -33.11
C PRO A 639 -6.19 26.47 -31.64
N ILE A 640 -7.32 27.13 -31.38
CA ILE A 640 -7.85 27.36 -30.02
C ILE A 640 -8.89 26.32 -29.64
N GLY A 641 -9.89 26.12 -30.51
CA GLY A 641 -11.05 25.29 -30.27
C GLY A 641 -12.26 25.81 -31.03
N ALA A 642 -13.19 24.95 -31.40
CA ALA A 642 -14.46 25.34 -32.00
C ALA A 642 -14.33 26.31 -33.19
N GLY A 643 -13.39 26.02 -34.09
CA GLY A 643 -13.17 26.77 -35.33
C GLY A 643 -12.40 28.08 -35.17
N ILE A 644 -11.92 28.43 -33.99
CA ILE A 644 -11.18 29.67 -33.76
C ILE A 644 -9.68 29.39 -33.74
N CYS A 645 -8.91 30.16 -34.50
CA CYS A 645 -7.45 30.13 -34.48
C CYS A 645 -6.88 31.50 -34.12
N ALA A 646 -5.76 31.50 -33.42
CA ALA A 646 -5.03 32.69 -33.05
C ALA A 646 -3.74 32.81 -33.86
N SER A 647 -3.32 34.05 -34.15
CA SER A 647 -2.02 34.36 -34.73
C SER A 647 -1.49 35.69 -34.19
N TYR A 648 -0.19 35.92 -34.26
CA TYR A 648 0.44 37.17 -33.84
C TYR A 648 0.80 38.00 -35.06
N GLN A 649 0.14 39.14 -35.23
CA GLN A 649 0.15 39.91 -36.48
C GLN A 649 0.03 41.41 -36.23
N THR A 650 0.35 42.25 -37.21
CA THR A 650 0.36 43.72 -37.12
C THR A 650 -0.99 44.30 -36.66
N SER A 663 3.31 47.63 -33.54
CA SER A 663 1.94 47.62 -34.06
C SER A 663 1.23 46.27 -33.90
N GLN A 664 1.95 45.24 -33.46
CA GLN A 664 1.48 43.85 -33.42
C GLN A 664 0.60 43.52 -32.19
N SER A 665 -0.25 42.51 -32.35
CA SER A 665 -1.09 41.92 -31.30
C SER A 665 -1.48 40.49 -31.67
N ILE A 666 -1.93 39.70 -30.68
CA ILE A 666 -2.47 38.37 -30.94
C ILE A 666 -3.91 38.53 -31.42
N ILE A 667 -4.19 38.29 -32.69
CA ILE A 667 -5.57 38.22 -33.17
C ILE A 667 -6.16 36.85 -32.91
N ALA A 668 -7.48 36.75 -32.87
CA ALA A 668 -8.20 35.48 -32.98
C ALA A 668 -9.31 35.59 -34.01
N TYR A 669 -9.45 34.59 -34.87
CA TYR A 669 -10.29 34.67 -36.06
C TYR A 669 -10.95 33.33 -36.30
N THR A 670 -12.07 33.33 -37.02
CA THR A 670 -12.68 32.07 -37.46
C THR A 670 -11.83 31.53 -38.61
N MET A 671 -11.32 30.31 -38.47
CA MET A 671 -10.27 29.82 -39.35
C MET A 671 -10.76 29.64 -40.77
N SER A 672 -9.89 29.91 -41.73
CA SER A 672 -10.12 29.59 -43.13
C SER A 672 -9.96 28.09 -43.30
N LEU A 673 -10.98 27.43 -43.85
CA LEU A 673 -10.88 26.03 -44.27
C LEU A 673 -10.25 25.91 -45.66
N GLY A 674 -9.64 26.99 -46.15
CA GLY A 674 -9.20 27.17 -47.52
C GLY A 674 -10.07 28.20 -48.24
N ALA A 675 -9.55 28.79 -49.30
CA ALA A 675 -10.31 29.74 -50.09
C ALA A 675 -11.53 29.06 -50.71
N GLU A 676 -12.70 29.66 -50.62
CA GLU A 676 -13.91 29.11 -51.24
C GLU A 676 -13.84 29.19 -52.77
N ASN A 677 -14.29 28.16 -53.50
CA ASN A 677 -14.16 28.09 -54.95
C ASN A 677 -15.39 27.42 -55.58
N SER A 678 -16.21 28.14 -56.34
CA SER A 678 -17.20 27.52 -57.21
C SER A 678 -16.49 26.84 -58.38
N VAL A 679 -16.41 25.52 -58.39
CA VAL A 679 -15.95 24.76 -59.56
C VAL A 679 -16.87 25.12 -60.72
N ALA A 680 -16.33 25.55 -61.86
CA ALA A 680 -17.11 26.15 -62.94
C ALA A 680 -17.86 25.12 -63.81
N TYR A 681 -18.57 24.22 -63.15
CA TYR A 681 -19.23 23.07 -63.74
C TYR A 681 -20.29 23.46 -64.76
N SER A 682 -20.42 22.66 -65.81
CA SER A 682 -21.68 22.54 -66.53
C SER A 682 -21.72 21.19 -67.22
N ASN A 683 -22.91 20.74 -67.57
CA ASN A 683 -23.15 19.50 -68.30
C ASN A 683 -22.42 19.37 -69.65
N ASN A 684 -21.66 20.35 -70.12
CA ASN A 684 -20.84 20.22 -71.32
C ASN A 684 -19.50 20.93 -71.24
N SER A 685 -19.00 21.29 -70.06
CA SER A 685 -17.72 21.96 -69.93
C SER A 685 -16.68 21.07 -69.27
N ILE A 686 -15.47 20.99 -69.84
CA ILE A 686 -14.33 20.32 -69.21
C ILE A 686 -13.09 21.20 -69.19
N ALA A 687 -12.37 21.22 -68.09
CA ALA A 687 -11.10 21.91 -67.97
C ALA A 687 -9.95 20.91 -68.12
N ILE A 688 -9.20 20.94 -69.22
CA ILE A 688 -8.07 20.02 -69.42
C ILE A 688 -6.75 20.75 -69.21
N PRO A 689 -5.82 20.25 -68.39
CA PRO A 689 -4.51 20.85 -68.21
C PRO A 689 -3.67 20.75 -69.48
N THR A 690 -3.11 21.86 -69.94
CA THR A 690 -2.18 21.92 -71.08
C THR A 690 -0.72 21.72 -70.69
N ASN A 691 -0.44 21.61 -69.38
CA ASN A 691 0.91 21.56 -68.86
C ASN A 691 0.91 21.03 -67.42
N PHE A 692 2.08 20.70 -66.91
CA PHE A 692 2.29 20.10 -65.60
C PHE A 692 3.44 20.77 -64.85
N THR A 693 3.56 20.44 -63.58
CA THR A 693 4.77 20.58 -62.81
C THR A 693 5.07 19.22 -62.23
N ILE A 694 6.32 18.81 -62.18
CA ILE A 694 6.76 17.63 -61.44
C ILE A 694 7.11 18.05 -60.03
N SER A 695 6.34 17.69 -59.02
CA SER A 695 6.75 17.97 -57.66
C SER A 695 7.92 17.10 -57.23
N VAL A 696 8.51 17.38 -56.08
CA VAL A 696 9.25 16.39 -55.30
C VAL A 696 8.75 16.46 -53.86
N THR A 697 7.43 16.40 -53.68
CA THR A 697 6.79 16.34 -52.37
C THR A 697 7.55 15.38 -51.47
N THR A 698 8.03 15.85 -50.34
CA THR A 698 8.96 15.09 -49.52
C THR A 698 8.27 14.61 -48.26
N GLU A 699 8.22 13.31 -48.07
CA GLU A 699 7.54 12.69 -46.94
C GLU A 699 8.56 12.15 -45.96
N ILE A 700 8.52 12.62 -44.74
CA ILE A 700 9.29 12.04 -43.66
C ILE A 700 8.45 10.92 -43.05
N LEU A 701 9.04 9.78 -42.69
CA LEU A 701 8.38 8.71 -41.93
C LEU A 701 9.33 8.17 -40.86
N PRO A 702 8.91 7.99 -39.61
CA PRO A 702 9.68 7.23 -38.66
C PRO A 702 9.72 5.78 -39.08
N VAL A 703 10.70 5.00 -38.62
CA VAL A 703 10.83 3.59 -39.02
C VAL A 703 11.28 2.76 -37.86
N SER A 704 12.43 3.07 -37.29
CA SER A 704 12.83 2.57 -36.00
C SER A 704 12.57 3.65 -34.98
N MET A 705 12.90 3.37 -33.74
CA MET A 705 13.18 4.36 -32.73
C MET A 705 14.37 3.89 -31.92
N THR A 706 14.96 4.75 -31.10
CA THR A 706 16.14 4.42 -30.31
C THR A 706 15.94 3.11 -29.55
N LYS A 707 16.80 2.10 -29.76
CA LYS A 707 16.72 0.79 -29.09
C LYS A 707 17.13 0.91 -27.63
N THR A 708 16.32 1.52 -26.80
CA THR A 708 16.56 1.60 -25.36
C THR A 708 16.52 0.23 -24.73
N SER A 709 17.04 0.12 -23.52
CA SER A 709 16.92 -1.05 -22.67
C SER A 709 17.08 -0.62 -21.22
N VAL A 710 16.60 -1.40 -20.27
CA VAL A 710 16.77 -1.11 -18.84
C VAL A 710 17.06 -2.41 -18.13
N ASP A 711 18.12 -2.49 -17.34
CA ASP A 711 18.24 -3.54 -16.33
C ASP A 711 17.31 -3.16 -15.17
N CYS A 712 16.10 -3.71 -15.11
CA CYS A 712 15.18 -3.41 -14.04
C CYS A 712 15.74 -3.68 -12.64
N THR A 713 16.57 -4.68 -12.43
CA THR A 713 17.25 -4.86 -11.14
C THR A 713 18.13 -3.67 -10.83
N MET A 714 18.85 -3.14 -11.81
CA MET A 714 19.69 -1.97 -11.63
C MET A 714 18.89 -0.66 -11.52
N TYR A 715 17.91 -0.39 -12.36
CA TYR A 715 17.10 0.82 -12.22
C TYR A 715 16.33 0.85 -10.91
N ILE A 716 15.66 -0.24 -10.55
CA ILE A 716 14.83 -0.27 -9.35
C ILE A 716 15.69 -0.32 -8.08
N CYS A 717 16.82 -1.04 -8.10
CA CYS A 717 17.57 -1.42 -6.90
C CYS A 717 19.09 -1.21 -6.98
N GLY A 718 19.60 -0.41 -7.91
CA GLY A 718 21.01 -0.39 -8.34
C GLY A 718 22.05 -0.65 -7.26
N ASP A 719 22.82 -1.73 -7.41
CA ASP A 719 23.90 -2.19 -6.52
C ASP A 719 23.50 -2.52 -5.06
N SER A 720 22.22 -2.54 -4.70
CA SER A 720 21.79 -3.04 -3.39
C SER A 720 21.25 -4.46 -3.52
N THR A 721 21.89 -5.40 -2.82
CA THR A 721 21.36 -6.76 -2.63
C THR A 721 20.09 -6.72 -1.81
N GLU A 722 20.05 -5.87 -0.78
CA GLU A 722 18.92 -5.74 0.13
C GLU A 722 17.64 -5.36 -0.63
N CYS A 723 17.77 -4.51 -1.62
CA CYS A 723 16.69 -4.17 -2.51
C CYS A 723 16.48 -5.26 -3.56
N SER A 724 17.54 -5.78 -4.17
CA SER A 724 17.41 -6.80 -5.23
C SER A 724 16.67 -8.05 -4.76
N ASN A 725 16.85 -8.46 -3.51
CA ASN A 725 16.03 -9.52 -2.93
C ASN A 725 14.53 -9.19 -2.95
N LEU A 726 14.13 -8.00 -2.49
CA LEU A 726 12.73 -7.62 -2.44
C LEU A 726 12.09 -7.59 -3.83
N LEU A 727 12.80 -7.17 -4.87
CA LEU A 727 12.29 -7.27 -6.24
C LEU A 727 12.01 -8.71 -6.69
N LEU A 728 12.58 -9.74 -6.07
CA LEU A 728 12.18 -11.13 -6.31
C LEU A 728 10.84 -11.52 -5.67
N GLN A 729 10.42 -10.88 -4.57
CA GLN A 729 9.07 -11.10 -4.03
C GLN A 729 7.99 -10.55 -4.94
N TYR A 730 8.26 -9.49 -5.69
CA TYR A 730 7.41 -9.00 -6.78
C TYR A 730 7.42 -9.94 -8.01
N GLY A 731 7.99 -11.13 -7.89
CA GLY A 731 7.83 -12.18 -8.87
C GLY A 731 8.51 -11.89 -10.21
N SER A 732 7.93 -12.42 -11.27
CA SER A 732 8.48 -12.42 -12.63
C SER A 732 8.65 -11.05 -13.28
N PHE A 733 8.19 -9.96 -12.66
CA PHE A 733 8.01 -8.66 -13.33
C PHE A 733 9.24 -8.20 -14.07
N CYS A 734 10.41 -8.17 -13.44
CA CYS A 734 11.61 -7.70 -14.12
C CYS A 734 11.88 -8.49 -15.41
N THR A 735 11.80 -9.82 -15.37
CA THR A 735 12.08 -10.64 -16.57
C THR A 735 11.13 -10.34 -17.74
N GLN A 736 9.85 -10.08 -17.51
CA GLN A 736 8.91 -9.75 -18.57
C GLN A 736 9.03 -8.30 -19.03
N LEU A 737 9.45 -7.37 -18.17
CA LEU A 737 9.82 -6.02 -18.61
C LEU A 737 11.05 -6.06 -19.53
N ASN A 738 12.09 -6.79 -19.15
CA ASN A 738 13.25 -7.03 -20.01
C ASN A 738 12.86 -7.69 -21.30
N ARG A 739 11.96 -8.67 -21.27
CA ARG A 739 11.44 -9.31 -22.49
C ARG A 739 10.70 -8.31 -23.37
N ALA A 740 9.85 -7.47 -22.79
CA ALA A 740 9.06 -6.49 -23.53
C ALA A 740 9.98 -5.48 -24.22
N LEU A 741 10.93 -4.91 -23.49
CA LEU A 741 11.94 -4.01 -24.06
C LEU A 741 12.85 -4.72 -25.05
N THR A 742 13.15 -6.00 -24.87
CA THR A 742 13.90 -6.78 -25.86
C THR A 742 13.08 -6.99 -27.14
N GLY A 743 11.79 -7.26 -27.07
CA GLY A 743 10.94 -7.39 -28.24
C GLY A 743 10.81 -6.06 -28.98
N ILE A 744 10.67 -4.95 -28.24
CA ILE A 744 10.73 -3.61 -28.81
C ILE A 744 12.05 -3.40 -29.52
N ALA A 745 13.18 -3.63 -28.86
CA ALA A 745 14.50 -3.44 -29.43
C ALA A 745 14.69 -4.29 -30.68
N VAL A 746 14.38 -5.58 -30.60
CA VAL A 746 14.50 -6.49 -31.74
C VAL A 746 13.63 -6.04 -32.89
N GLU A 747 12.39 -5.64 -32.63
CA GLU A 747 11.55 -5.23 -33.74
C GLU A 747 12.01 -3.91 -34.35
N GLN A 748 12.89 -3.12 -33.72
CA GLN A 748 13.50 -2.00 -34.44
C GLN A 748 14.43 -2.47 -35.52
N ASP A 749 15.23 -3.51 -35.27
CA ASP A 749 16.04 -4.12 -36.32
C ASP A 749 15.15 -4.74 -37.38
N LYS A 750 14.05 -5.39 -36.96
CA LYS A 750 13.07 -5.96 -37.89
C LYS A 750 12.44 -4.88 -38.76
N ASN A 751 11.97 -3.78 -38.18
CA ASN A 751 11.44 -2.62 -38.87
C ASN A 751 12.45 -2.12 -39.89
N THR A 752 13.68 -1.94 -39.46
CA THR A 752 14.76 -1.46 -40.32
C THR A 752 15.00 -2.40 -41.50
N GLN A 753 15.03 -3.71 -41.30
CA GLN A 753 15.25 -4.67 -42.39
C GLN A 753 14.03 -4.85 -43.28
N GLU A 754 12.82 -4.82 -42.73
CA GLU A 754 11.59 -4.83 -43.50
C GLU A 754 11.48 -3.59 -44.39
N VAL A 755 11.94 -2.44 -43.90
CA VAL A 755 11.89 -1.20 -44.65
C VAL A 755 12.99 -1.14 -45.66
N PHE A 756 14.25 -1.26 -45.26
CA PHE A 756 15.39 -1.05 -46.17
C PHE A 756 15.83 -2.31 -46.90
N ALA A 757 15.94 -3.45 -46.21
CA ALA A 757 16.47 -4.69 -46.77
C ALA A 757 15.51 -5.42 -47.74
N GLN A 758 14.63 -4.70 -48.41
CA GLN A 758 13.75 -5.24 -49.44
C GLN A 758 14.51 -5.64 -50.70
N VAL A 759 15.79 -5.32 -50.78
CA VAL A 759 16.66 -5.61 -51.92
C VAL A 759 17.76 -6.57 -51.50
N LYS A 760 17.88 -7.69 -52.22
CA LYS A 760 18.71 -8.85 -51.80
C LYS A 760 20.19 -8.73 -52.10
N GLN A 761 20.56 -7.86 -53.04
CA GLN A 761 21.93 -7.55 -53.43
C GLN A 761 22.18 -6.06 -53.28
N ILE A 762 23.37 -5.65 -52.88
CA ILE A 762 23.73 -4.24 -52.92
C ILE A 762 24.00 -3.86 -54.36
N TYR A 763 22.97 -3.39 -55.04
CA TYR A 763 23.17 -2.73 -56.31
C TYR A 763 24.02 -1.48 -56.11
N LYS A 764 24.87 -1.18 -57.08
CA LYS A 764 25.64 0.06 -57.13
C LYS A 764 25.58 0.68 -58.51
N THR A 765 25.75 1.99 -58.55
CA THR A 765 25.69 2.84 -59.74
C THR A 765 26.94 2.71 -60.60
N PRO A 766 26.83 2.99 -61.91
CA PRO A 766 27.99 3.04 -62.80
C PRO A 766 28.91 4.23 -62.49
N PRO A 767 30.11 4.29 -63.09
CA PRO A 767 30.93 5.50 -63.07
C PRO A 767 30.28 6.66 -63.82
N ILE A 768 29.63 6.43 -64.97
CA ILE A 768 29.09 7.47 -65.86
C ILE A 768 27.59 7.69 -65.57
N LYS A 769 27.22 8.90 -65.14
CA LYS A 769 25.88 9.25 -64.60
C LYS A 769 24.93 9.85 -65.63
N ASP A 770 24.94 9.40 -66.87
CA ASP A 770 24.21 10.03 -67.98
C ASP A 770 22.72 9.65 -68.05
N PHE A 771 21.98 9.93 -66.98
CA PHE A 771 20.54 9.72 -66.86
C PHE A 771 19.68 10.76 -67.62
N GLY A 772 19.91 10.94 -68.91
CA GLY A 772 19.05 11.73 -69.81
C GLY A 772 18.90 13.23 -69.52
N GLY A 773 19.52 13.73 -68.45
CA GLY A 773 19.42 15.11 -67.96
C GLY A 773 19.06 15.19 -66.47
N PHE A 774 18.49 14.15 -65.90
CA PHE A 774 18.18 14.09 -64.48
C PHE A 774 19.46 14.07 -63.67
N ASN A 775 19.45 14.63 -62.47
CA ASN A 775 20.66 14.81 -61.68
C ASN A 775 20.48 14.33 -60.25
N PHE A 776 20.78 13.04 -60.07
CA PHE A 776 20.70 12.41 -58.75
C PHE A 776 21.92 12.68 -57.88
N SER A 777 22.88 13.53 -58.28
CA SER A 777 24.13 13.74 -57.53
C SER A 777 23.89 14.19 -56.10
N GLN A 778 22.75 14.82 -55.83
CA GLN A 778 22.38 15.26 -54.50
C GLN A 778 21.79 14.15 -53.62
N ILE A 779 21.35 13.03 -54.20
CA ILE A 779 20.68 11.92 -53.51
C ILE A 779 21.44 10.60 -53.55
N LEU A 780 22.35 10.39 -54.50
CA LEU A 780 23.34 9.33 -54.48
C LEU A 780 24.47 9.65 -53.50
N PRO A 781 25.20 8.66 -52.96
CA PRO A 781 26.40 8.91 -52.20
C PRO A 781 27.44 9.67 -53.00
N ASP A 782 28.31 10.39 -52.31
CA ASP A 782 29.53 10.98 -52.86
C ASP A 782 30.73 10.29 -52.20
N PRO A 783 31.68 9.72 -52.95
CA PRO A 783 32.87 9.09 -52.37
C PRO A 783 33.73 10.01 -51.48
N SER A 784 33.56 11.33 -51.55
CA SER A 784 34.19 12.31 -50.65
C SER A 784 33.78 12.14 -49.18
N LYS A 785 32.62 11.54 -48.91
CA LYS A 785 32.03 11.49 -47.56
C LYS A 785 32.77 10.45 -46.70
N PRO A 786 32.95 10.70 -45.40
CA PRO A 786 33.60 9.74 -44.51
C PRO A 786 32.75 8.48 -44.35
N SER A 787 31.46 8.65 -44.06
CA SER A 787 30.40 7.65 -44.20
C SER A 787 29.60 8.01 -45.44
N LYS A 788 29.38 7.07 -46.38
CA LYS A 788 28.85 7.37 -47.72
C LYS A 788 27.34 7.63 -47.76
N ARG A 789 26.87 8.55 -46.93
CA ARG A 789 25.57 9.24 -47.09
C ARG A 789 25.56 10.04 -48.39
N SER A 790 24.40 10.37 -48.93
CA SER A 790 24.25 11.35 -50.00
C SER A 790 24.35 12.77 -49.48
N PHE A 791 24.28 13.78 -50.35
CA PHE A 791 24.16 15.17 -49.90
C PHE A 791 22.93 15.36 -49.02
N ILE A 792 21.76 14.97 -49.52
CA ILE A 792 20.51 15.18 -48.82
C ILE A 792 20.45 14.34 -47.55
N GLU A 793 20.95 13.11 -47.54
CA GLU A 793 21.07 12.36 -46.29
C GLU A 793 21.97 13.10 -45.30
N ASP A 794 23.04 13.77 -45.74
CA ASP A 794 23.81 14.63 -44.84
C ASP A 794 23.00 15.77 -44.24
N LEU A 795 22.19 16.49 -45.04
CA LEU A 795 21.32 17.54 -44.49
C LEU A 795 20.39 16.97 -43.44
N LEU A 796 19.72 15.87 -43.76
CA LEU A 796 18.78 15.20 -42.88
C LEU A 796 19.48 14.77 -41.59
N PHE A 797 20.70 14.25 -41.69
CA PHE A 797 21.49 13.88 -40.52
C PHE A 797 22.00 15.06 -39.71
N ASN A 798 22.15 16.25 -40.30
CA ASN A 798 22.50 17.48 -39.57
C ASN A 798 21.29 18.07 -38.83
N LYS A 799 20.12 18.16 -39.47
CA LYS A 799 18.89 18.74 -38.90
C LYS A 799 18.40 18.04 -37.64
N VAL A 800 18.29 16.72 -37.68
CA VAL A 800 17.83 15.92 -36.54
C VAL A 800 18.89 15.90 -35.44
N THR A 801 18.53 16.05 -34.17
CA THR A 801 19.48 16.06 -33.05
C THR A 801 20.21 14.73 -32.90
N LYS A 828 20.57 7.22 -18.08
CA LYS A 828 21.70 7.04 -18.99
C LYS A 828 22.87 6.27 -18.33
N PHE A 829 22.90 6.28 -17.00
CA PHE A 829 23.91 5.61 -16.16
C PHE A 829 23.28 4.71 -15.08
N ASN A 830 21.95 4.68 -15.00
CA ASN A 830 21.18 4.06 -13.92
C ASN A 830 20.54 2.75 -14.38
N GLY A 831 21.32 1.87 -15.01
CA GLY A 831 20.81 0.62 -15.60
C GLY A 831 20.08 0.81 -16.93
N LEU A 832 19.70 2.05 -17.27
CA LEU A 832 19.29 2.41 -18.63
C LEU A 832 20.48 2.23 -19.57
N THR A 833 20.24 1.78 -20.77
CA THR A 833 21.23 1.76 -21.84
C THR A 833 20.57 2.03 -23.18
N VAL A 834 21.37 2.36 -24.20
CA VAL A 834 20.92 2.30 -25.57
C VAL A 834 21.76 1.29 -26.31
N LEU A 835 21.12 0.27 -26.86
CA LEU A 835 21.77 -0.70 -27.72
C LEU A 835 21.97 -0.06 -29.10
N PRO A 836 23.04 -0.37 -29.83
CA PRO A 836 23.17 0.10 -31.19
C PRO A 836 22.13 -0.54 -32.12
N PRO A 837 21.76 0.09 -33.24
CA PRO A 837 21.03 -0.58 -34.30
C PRO A 837 21.88 -1.71 -34.87
N LEU A 838 21.26 -2.75 -35.45
CA LEU A 838 22.07 -3.79 -36.09
C LEU A 838 22.79 -3.22 -37.30
N LEU A 839 22.06 -2.56 -38.18
CA LEU A 839 22.66 -1.86 -39.31
C LEU A 839 23.28 -0.56 -38.79
N THR A 840 24.58 -0.32 -39.02
CA THR A 840 25.15 1.02 -38.79
C THR A 840 24.58 2.00 -39.79
N ASP A 841 24.63 3.29 -39.51
CA ASP A 841 24.14 4.30 -40.45
C ASP A 841 24.84 4.26 -41.81
N GLU A 842 26.08 3.75 -41.87
CA GLU A 842 26.72 3.48 -43.15
C GLU A 842 26.06 2.32 -43.88
N MET A 843 25.71 1.23 -43.18
CA MET A 843 24.95 0.14 -43.77
C MET A 843 23.61 0.62 -44.28
N ILE A 844 22.88 1.38 -43.46
CA ILE A 844 21.62 2.00 -43.87
C ILE A 844 21.85 2.82 -45.14
N ALA A 845 22.87 3.67 -45.19
CA ALA A 845 23.15 4.47 -46.35
C ALA A 845 23.58 3.64 -47.56
N GLN A 846 24.23 2.49 -47.35
CA GLN A 846 24.55 1.57 -48.43
C GLN A 846 23.28 0.90 -48.96
N TYR A 847 22.33 0.53 -48.10
CA TYR A 847 21.03 0.04 -48.50
C TYR A 847 20.18 1.09 -49.20
N THR A 848 20.04 2.31 -48.66
CA THR A 848 19.29 3.37 -49.35
C THR A 848 19.95 3.63 -50.68
N SER A 849 21.27 3.62 -50.78
CA SER A 849 21.96 3.68 -52.06
C SER A 849 21.71 2.47 -52.94
N ALA A 850 21.54 1.26 -52.41
CA ALA A 850 21.20 0.10 -53.23
C ALA A 850 19.79 0.23 -53.81
N LEU A 851 18.81 0.55 -52.96
CA LEU A 851 17.42 0.77 -53.35
C LEU A 851 17.36 1.83 -54.43
N LEU A 852 18.05 2.94 -54.18
CA LEU A 852 18.13 4.07 -55.07
C LEU A 852 18.87 3.74 -56.36
N ALA A 853 19.99 3.02 -56.30
CA ALA A 853 20.72 2.61 -57.49
C ALA A 853 19.90 1.66 -58.33
N GLY A 854 19.17 0.73 -57.72
CA GLY A 854 18.18 -0.09 -58.42
C GLY A 854 17.13 0.80 -59.07
N THR A 855 16.44 1.62 -58.28
CA THR A 855 15.37 2.52 -58.74
C THR A 855 15.80 3.37 -59.91
N ILE A 856 17.03 3.90 -59.91
CA ILE A 856 17.58 4.69 -60.99
C ILE A 856 17.85 3.83 -62.22
N THR A 857 18.57 2.73 -62.06
CA THR A 857 19.12 1.97 -63.18
C THR A 857 18.20 0.91 -63.75
N SER A 858 17.13 0.52 -63.05
CA SER A 858 16.42 -0.74 -63.31
C SER A 858 14.91 -0.69 -63.15
N GLY A 859 14.33 0.47 -62.86
CA GLY A 859 12.89 0.61 -62.66
C GLY A 859 12.37 -0.17 -61.47
N TRP A 860 11.14 -0.66 -61.57
CA TRP A 860 10.56 -1.61 -60.62
C TRP A 860 11.19 -3.00 -60.65
N THR A 861 11.94 -3.34 -61.69
CA THR A 861 12.25 -4.73 -61.99
C THR A 861 13.05 -5.40 -60.89
N PHE A 862 13.94 -4.67 -60.20
CA PHE A 862 14.72 -5.22 -59.09
C PHE A 862 13.88 -5.62 -57.88
N GLY A 863 12.58 -5.29 -57.84
CA GLY A 863 11.65 -5.80 -56.84
C GLY A 863 11.15 -7.22 -57.15
N ALA A 864 10.96 -7.53 -58.42
CA ALA A 864 10.46 -8.82 -58.91
C ALA A 864 11.59 -9.79 -59.24
N GLY A 865 12.15 -9.68 -60.44
CA GLY A 865 13.26 -10.51 -60.90
C GLY A 865 14.61 -10.13 -60.29
N ALA A 866 15.69 -10.45 -60.99
CA ALA A 866 16.95 -9.73 -60.82
C ALA A 866 16.77 -8.28 -61.31
N ALA A 867 17.57 -7.33 -60.81
CA ALA A 867 17.59 -5.99 -61.38
C ALA A 867 17.93 -6.08 -62.86
N LEU A 868 17.11 -5.47 -63.70
CA LEU A 868 17.34 -5.38 -65.13
C LEU A 868 17.80 -3.98 -65.44
N GLN A 869 18.97 -3.76 -66.04
CA GLN A 869 19.28 -2.40 -66.44
C GLN A 869 18.24 -1.88 -67.44
N ILE A 870 17.87 -0.60 -67.35
CA ILE A 870 17.00 0.13 -68.29
C ILE A 870 17.38 1.61 -68.27
N PRO A 871 17.45 2.30 -69.43
CA PRO A 871 17.86 3.69 -69.47
C PRO A 871 16.92 4.60 -68.68
N PHE A 872 17.37 5.63 -67.97
CA PHE A 872 16.45 6.41 -67.13
C PHE A 872 15.40 7.18 -67.93
N ALA A 873 15.72 7.66 -69.13
CA ALA A 873 14.72 8.26 -70.00
C ALA A 873 13.59 7.27 -70.31
N MET A 874 13.94 6.02 -70.63
CA MET A 874 12.97 4.98 -70.92
C MET A 874 12.21 4.55 -69.70
N GLN A 875 12.81 4.54 -68.51
CA GLN A 875 12.08 4.25 -67.29
C GLN A 875 11.00 5.29 -67.05
N MET A 876 11.30 6.56 -67.23
CA MET A 876 10.28 7.58 -66.99
C MET A 876 9.16 7.52 -68.01
N ALA A 877 9.43 7.17 -69.25
CA ALA A 877 8.36 6.98 -70.21
C ALA A 877 7.41 5.86 -69.80
N TYR A 878 7.87 4.80 -69.13
CA TYR A 878 6.96 3.86 -68.48
C TYR A 878 6.20 4.49 -67.35
N ARG A 879 6.84 5.27 -66.49
CA ARG A 879 6.13 5.85 -65.34
C ARG A 879 5.08 6.87 -65.76
N PHE A 880 5.24 7.54 -66.88
CA PHE A 880 4.20 8.36 -67.51
C PHE A 880 3.07 7.47 -68.01
N ASN A 881 3.38 6.41 -68.73
CA ASN A 881 2.39 5.43 -69.15
C ASN A 881 1.60 4.86 -67.96
N GLY A 882 2.27 4.63 -66.84
CA GLY A 882 1.72 4.14 -65.57
C GLY A 882 0.83 5.10 -64.79
N ILE A 883 0.67 6.35 -65.22
CA ILE A 883 -0.37 7.29 -64.76
C ILE A 883 -1.24 7.77 -65.91
N GLY A 884 -1.30 7.01 -67.01
CA GLY A 884 -2.18 7.32 -68.13
C GLY A 884 -1.78 8.54 -68.94
N VAL A 885 -0.56 9.06 -68.75
CA VAL A 885 0.00 10.11 -69.59
C VAL A 885 0.75 9.43 -70.73
N THR A 886 0.23 9.52 -71.94
CA THR A 886 0.83 8.82 -73.09
C THR A 886 2.25 9.30 -73.31
N GLN A 887 3.23 8.40 -73.33
CA GLN A 887 4.62 8.72 -72.97
C GLN A 887 5.39 9.64 -73.90
N ASN A 888 4.89 10.03 -75.06
CA ASN A 888 5.56 11.06 -75.85
C ASN A 888 5.62 12.39 -75.12
N VAL A 889 4.68 12.62 -74.20
CA VAL A 889 4.69 13.72 -73.24
C VAL A 889 5.89 13.71 -72.31
N LEU A 890 6.66 12.62 -72.22
CA LEU A 890 7.99 12.68 -71.62
C LEU A 890 9.04 13.17 -72.60
N TYR A 891 9.39 12.42 -73.63
CA TYR A 891 10.54 12.78 -74.46
C TYR A 891 10.38 14.13 -75.15
N GLU A 892 9.19 14.47 -75.60
CA GLU A 892 8.94 15.78 -76.20
C GLU A 892 9.04 16.91 -75.18
N ASN A 893 9.27 16.60 -73.92
CA ASN A 893 9.50 17.52 -72.81
C ASN A 893 10.72 17.11 -71.97
N GLN A 894 11.67 16.34 -72.51
CA GLN A 894 12.66 15.65 -71.67
C GLN A 894 13.51 16.62 -70.85
N LYS A 895 14.03 17.66 -71.52
CA LYS A 895 14.87 18.68 -70.89
C LYS A 895 14.10 19.46 -69.83
N LEU A 896 12.90 19.89 -70.18
CA LEU A 896 11.98 20.61 -69.29
C LEU A 896 11.68 19.79 -68.03
N ILE A 897 11.44 18.50 -68.16
CA ILE A 897 11.17 17.61 -67.04
C ILE A 897 12.44 17.41 -66.21
N ALA A 898 13.59 17.23 -66.86
CA ALA A 898 14.86 17.14 -66.18
C ALA A 898 15.12 18.39 -65.34
N ASN A 899 14.97 19.59 -65.92
CA ASN A 899 15.17 20.86 -65.22
C ASN A 899 14.18 21.03 -64.07
N GLN A 900 12.91 20.66 -64.24
CA GLN A 900 11.94 20.67 -63.16
C GLN A 900 12.31 19.70 -62.05
N PHE A 901 12.73 18.49 -62.36
CA PHE A 901 13.16 17.54 -61.33
C PHE A 901 14.40 18.06 -60.61
N ASN A 902 15.44 18.44 -61.34
CA ASN A 902 16.66 19.02 -60.80
C ASN A 902 16.37 20.20 -59.87
N SER A 903 15.57 21.17 -60.33
CA SER A 903 15.22 22.36 -59.54
C SER A 903 14.43 21.99 -58.30
N ALA A 904 13.48 21.08 -58.44
CA ALA A 904 12.69 20.61 -57.31
C ALA A 904 13.56 19.90 -56.28
N ILE A 905 14.56 19.11 -56.69
CA ILE A 905 15.57 18.58 -55.77
C ILE A 905 16.30 19.72 -55.06
N GLY A 906 16.70 20.75 -55.78
CA GLY A 906 17.32 21.94 -55.17
C GLY A 906 16.44 22.61 -54.11
N LYS A 907 15.15 22.79 -54.38
CA LYS A 907 14.21 23.31 -53.39
C LYS A 907 14.15 22.43 -52.13
N ILE A 908 14.32 21.12 -52.25
CA ILE A 908 14.40 20.24 -51.09
C ILE A 908 15.62 20.61 -50.25
N GLN A 909 16.79 20.80 -50.87
CA GLN A 909 18.01 21.20 -50.14
C GLN A 909 17.83 22.50 -49.37
N ASP A 910 17.22 23.50 -50.00
CA ASP A 910 16.95 24.79 -49.37
C ASP A 910 15.94 24.68 -48.23
N SER A 911 14.82 23.99 -48.45
CA SER A 911 13.81 23.74 -47.44
C SER A 911 14.41 23.01 -46.24
N LEU A 912 15.12 21.91 -46.49
CA LEU A 912 15.81 21.17 -45.45
C LEU A 912 16.90 21.97 -44.73
N SER A 913 17.63 22.85 -45.42
CA SER A 913 18.65 23.71 -44.80
C SER A 913 18.02 24.73 -43.86
N SER A 914 17.03 25.47 -44.36
CA SER A 914 16.38 26.59 -43.67
C SER A 914 15.41 26.17 -42.56
N THR A 915 14.62 25.12 -42.79
CA THR A 915 13.36 24.89 -42.11
C THR A 915 13.46 23.68 -41.19
N ALA A 916 14.05 23.87 -40.01
CA ALA A 916 14.32 22.79 -39.07
C ALA A 916 13.05 22.01 -38.64
N SER A 917 11.89 22.66 -38.68
CA SER A 917 10.57 22.07 -38.43
C SER A 917 10.12 21.05 -39.49
N ALA A 918 10.75 20.98 -40.68
CA ALA A 918 10.38 20.02 -41.73
C ALA A 918 10.52 18.57 -41.24
N LEU A 919 11.59 18.29 -40.48
CA LEU A 919 11.87 17.01 -39.84
C LEU A 919 11.07 16.81 -38.54
N GLY A 920 9.97 17.54 -38.37
CA GLY A 920 9.20 17.58 -37.13
C GLY A 920 8.74 16.22 -36.68
N LYS A 921 8.41 15.30 -37.59
CA LYS A 921 8.04 13.92 -37.27
C LYS A 921 9.14 13.17 -36.53
N LEU A 922 10.31 13.05 -37.15
CA LEU A 922 11.47 12.34 -36.60
C LEU A 922 11.94 13.05 -35.35
N GLN A 923 12.05 14.36 -35.41
CA GLN A 923 12.46 15.10 -34.23
C GLN A 923 11.46 14.89 -33.09
N ASP A 924 10.17 14.75 -33.36
CA ASP A 924 9.23 14.42 -32.31
C ASP A 924 9.39 12.99 -31.80
N VAL A 925 9.68 11.99 -32.64
CA VAL A 925 9.93 10.62 -32.16
C VAL A 925 11.16 10.61 -31.25
N VAL A 926 12.23 11.25 -31.66
CA VAL A 926 13.44 11.44 -30.86
C VAL A 926 13.11 12.21 -29.57
N ASN A 927 12.40 13.32 -29.65
CA ASN A 927 12.02 14.12 -28.49
C ASN A 927 11.15 13.31 -27.54
N GLN A 928 10.19 12.54 -28.04
CA GLN A 928 9.31 11.73 -27.20
C GLN A 928 10.12 10.68 -26.45
N ASN A 929 11.00 9.96 -27.14
CA ASN A 929 11.85 8.95 -26.51
C ASN A 929 12.75 9.59 -25.45
N ALA A 930 13.45 10.67 -25.79
CA ALA A 930 14.26 11.42 -24.85
C ALA A 930 13.45 11.97 -23.67
N GLN A 931 12.28 12.54 -23.91
CA GLN A 931 11.40 13.03 -22.86
C GLN A 931 10.95 11.90 -21.95
N ALA A 932 10.54 10.77 -22.50
CA ALA A 932 10.16 9.59 -21.73
C ALA A 932 11.33 9.07 -20.88
N LEU A 933 12.55 9.00 -21.42
CA LEU A 933 13.74 8.62 -20.66
C LEU A 933 14.06 9.64 -19.57
N ASN A 934 14.05 10.93 -19.88
CA ASN A 934 14.25 11.98 -18.88
C ASN A 934 13.17 11.90 -17.80
N THR A 935 11.94 11.55 -18.15
CA THR A 935 10.86 11.34 -17.18
C THR A 935 11.15 10.11 -16.32
N LEU A 936 11.50 9.00 -16.94
CA LEU A 936 11.87 7.76 -16.27
C LEU A 936 13.00 7.97 -15.27
N VAL A 937 14.03 8.71 -15.68
CA VAL A 937 15.13 9.11 -14.82
C VAL A 937 14.64 10.03 -13.72
N LYS A 938 13.90 11.09 -14.04
CA LYS A 938 13.39 12.02 -13.03
C LYS A 938 12.55 11.31 -11.98
N GLN A 939 11.84 10.25 -12.30
CA GLN A 939 11.09 9.50 -11.29
C GLN A 939 11.99 8.86 -10.22
N LEU A 940 13.29 8.69 -10.46
CA LEU A 940 14.24 8.34 -9.41
C LEU A 940 14.42 9.44 -8.37
N SER A 941 14.12 10.70 -8.69
CA SER A 941 14.13 11.80 -7.71
C SER A 941 12.88 11.82 -6.82
N SER A 942 11.88 10.97 -7.07
CA SER A 942 10.56 11.07 -6.43
C SER A 942 10.48 10.15 -5.23
N ASN A 943 9.98 10.64 -4.10
CA ASN A 943 9.91 9.86 -2.88
C ASN A 943 8.96 8.66 -2.97
N PHE A 944 7.85 8.78 -3.70
CA PHE A 944 6.69 7.90 -3.57
C PHE A 944 6.29 7.63 -2.10
N GLY A 945 6.56 8.54 -1.17
CA GLY A 945 6.31 8.37 0.27
C GLY A 945 7.44 7.73 1.07
N ALA A 946 8.54 7.30 0.44
CA ALA A 946 9.74 6.87 1.15
C ALA A 946 10.58 8.07 1.62
N ILE A 947 11.28 7.94 2.75
CA ILE A 947 12.00 9.07 3.39
C ILE A 947 13.13 9.69 2.57
N SER A 948 13.57 9.04 1.50
CA SER A 948 14.37 9.64 0.44
C SER A 948 14.10 8.89 -0.86
N SER A 949 14.37 9.49 -2.01
CA SER A 949 14.37 8.77 -3.29
C SER A 949 15.74 8.27 -3.71
N VAL A 950 16.81 8.49 -2.94
CA VAL A 950 18.13 7.93 -3.23
C VAL A 950 18.35 6.74 -2.30
N LEU A 951 18.40 5.54 -2.89
CA LEU A 951 18.23 4.27 -2.18
C LEU A 951 19.26 4.06 -1.07
N ASN A 952 20.52 4.44 -1.32
CA ASN A 952 21.59 4.37 -0.33
C ASN A 952 21.36 5.24 0.90
N ASP A 953 20.52 6.27 0.83
CA ASP A 953 20.13 7.02 2.01
C ASP A 953 19.37 6.14 2.97
N ILE A 954 18.41 5.38 2.47
CA ILE A 954 17.59 4.50 3.29
C ILE A 954 18.48 3.43 3.90
N LEU A 955 19.34 2.82 3.10
CA LEU A 955 20.21 1.74 3.56
C LEU A 955 21.32 2.20 4.50
N SER A 956 21.79 3.43 4.35
CA SER A 956 22.75 4.01 5.30
C SER A 956 22.07 4.47 6.58
N ARG A 957 20.82 4.95 6.53
CA ARG A 957 20.07 5.40 7.70
C ARG A 957 19.45 4.26 8.49
N LEU A 958 18.95 3.21 7.83
CA LEU A 958 18.03 2.23 8.40
C LEU A 958 18.51 0.77 8.34
N ASP A 959 18.27 0.04 9.41
CA ASP A 959 18.34 -1.42 9.44
C ASP A 959 17.22 -2.09 8.63
N PRO A 960 17.36 -3.37 8.22
CA PRO A 960 16.41 -4.01 7.32
C PRO A 960 14.94 -4.03 7.77
N PRO A 961 14.58 -4.29 9.05
CA PRO A 961 13.18 -4.38 9.44
C PRO A 961 12.41 -3.10 9.13
N GLU A 962 12.99 -1.93 9.42
CA GLU A 962 12.46 -0.63 8.99
C GLU A 962 12.60 -0.45 7.47
N ALA A 963 13.80 -0.66 6.93
CA ALA A 963 14.11 -0.27 5.57
C ALA A 963 13.26 -0.99 4.54
N GLU A 964 12.88 -2.23 4.79
CA GLU A 964 11.98 -2.99 3.93
C GLU A 964 10.68 -2.21 3.66
N VAL A 965 10.13 -1.54 4.68
CA VAL A 965 8.93 -0.72 4.50
C VAL A 965 9.18 0.37 3.48
N GLN A 966 10.24 1.14 3.67
CA GLN A 966 10.58 2.29 2.83
C GLN A 966 10.95 1.87 1.41
N ILE A 967 11.75 0.81 1.29
CA ILE A 967 12.23 0.33 0.02
C ILE A 967 11.09 -0.31 -0.76
N ASP A 968 10.11 -0.93 -0.11
CA ASP A 968 8.92 -1.41 -0.82
C ASP A 968 8.23 -0.28 -1.57
N ARG A 969 8.19 0.94 -1.00
CA ARG A 969 7.58 2.09 -1.68
C ARG A 969 8.41 2.53 -2.86
N LEU A 970 9.73 2.60 -2.73
CA LEU A 970 10.59 2.90 -3.87
C LEU A 970 10.49 1.83 -4.93
N ILE A 971 10.52 0.55 -4.57
CA ILE A 971 10.29 -0.53 -5.53
C ILE A 971 8.96 -0.29 -6.21
N THR A 972 7.89 -0.12 -5.46
CA THR A 972 6.53 -0.01 -6.00
C THR A 972 6.42 1.16 -6.94
N GLY A 973 6.88 2.34 -6.52
CA GLY A 973 6.82 3.53 -7.33
C GLY A 973 7.71 3.44 -8.55
N ARG A 974 8.96 3.02 -8.40
CA ARG A 974 9.88 2.88 -9.52
C ARG A 974 9.36 1.85 -10.49
N LEU A 975 8.88 0.72 -10.00
CA LEU A 975 8.29 -0.36 -10.80
C LEU A 975 7.06 0.12 -11.53
N GLN A 976 6.16 0.84 -10.86
CA GLN A 976 4.98 1.42 -11.49
C GLN A 976 5.39 2.42 -12.56
N SER A 977 6.44 3.19 -12.32
CA SER A 977 7.01 4.07 -13.33
C SER A 977 7.62 3.30 -14.49
N LEU A 978 8.25 2.18 -14.22
CA LEU A 978 8.90 1.37 -15.24
C LEU A 978 7.85 0.70 -16.11
N GLN A 979 6.82 0.12 -15.51
CA GLN A 979 5.66 -0.41 -16.20
C GLN A 979 5.02 0.67 -17.05
N THR A 980 4.89 1.87 -16.50
CA THR A 980 4.34 3.00 -17.26
C THR A 980 5.20 3.26 -18.46
N TYR A 981 6.50 3.47 -18.28
CA TYR A 981 7.44 3.71 -19.38
C TYR A 981 7.36 2.61 -20.43
N VAL A 982 7.45 1.35 -20.02
CA VAL A 982 7.42 0.21 -20.94
C VAL A 982 6.10 0.16 -21.68
N THR A 983 4.98 0.45 -21.01
CA THR A 983 3.67 0.46 -21.66
C THR A 983 3.56 1.58 -22.67
N GLN A 984 4.02 2.79 -22.34
CA GLN A 984 4.11 3.87 -23.32
C GLN A 984 5.00 3.44 -24.49
N GLN A 985 6.13 2.81 -24.23
CA GLN A 985 7.03 2.32 -25.26
C GLN A 985 6.41 1.20 -26.10
N LEU A 986 5.63 0.29 -25.55
CA LEU A 986 4.96 -0.76 -26.32
C LEU A 986 3.95 -0.15 -27.28
N ILE A 987 3.17 0.80 -26.79
CA ILE A 987 2.15 1.45 -27.61
C ILE A 987 2.83 2.32 -28.68
N ARG A 988 3.87 3.05 -28.31
CA ARG A 988 4.72 3.81 -29.24
C ARG A 988 5.40 2.89 -30.22
N ALA A 989 5.89 1.74 -29.81
CA ALA A 989 6.45 0.75 -30.70
C ALA A 989 5.43 0.23 -31.69
N ALA A 990 4.16 0.06 -31.31
CA ALA A 990 3.12 -0.28 -32.27
C ALA A 990 2.92 0.84 -33.28
N GLU A 991 2.87 2.09 -32.84
CA GLU A 991 2.80 3.26 -33.72
C GLU A 991 3.99 3.35 -34.67
N ILE A 992 5.21 3.15 -34.18
CA ILE A 992 6.41 3.07 -35.00
C ILE A 992 6.32 1.88 -35.95
N ARG A 993 5.86 0.71 -35.52
CA ARG A 993 5.69 -0.46 -36.37
C ARG A 993 4.66 -0.22 -37.46
N ALA A 994 3.57 0.47 -37.18
CA ALA A 994 2.61 0.87 -38.18
C ALA A 994 3.25 1.82 -39.19
N SER A 995 4.06 2.76 -38.71
CA SER A 995 4.84 3.68 -39.56
C SER A 995 5.90 2.95 -40.38
N ALA A 996 6.56 1.95 -39.80
CA ALA A 996 7.49 1.08 -40.48
C ALA A 996 6.80 0.27 -41.55
N ASN A 997 5.64 -0.33 -41.25
CA ASN A 997 4.85 -1.08 -42.21
C ASN A 997 4.36 -0.17 -43.33
N LEU A 998 3.99 1.08 -43.01
CA LEU A 998 3.65 2.07 -44.00
C LEU A 998 4.86 2.43 -44.86
N ALA A 999 6.01 2.66 -44.25
CA ALA A 999 7.22 2.97 -44.98
C ALA A 999 7.62 1.79 -45.85
N ALA A 1000 7.61 0.58 -45.32
CA ALA A 1000 7.88 -0.63 -46.06
C ALA A 1000 6.94 -0.74 -47.24
N THR A 1001 5.67 -0.39 -47.08
CA THR A 1001 4.72 -0.41 -48.18
C THR A 1001 5.00 0.67 -49.21
N LYS A 1002 5.41 1.89 -48.84
CA LYS A 1002 5.82 2.90 -49.82
C LYS A 1002 7.13 2.52 -50.49
N MET A 1003 8.03 1.88 -49.76
CA MET A 1003 9.25 1.33 -50.30
C MET A 1003 8.92 0.31 -51.37
N SER A 1004 8.05 -0.63 -51.07
CA SER A 1004 7.65 -1.65 -52.02
C SER A 1004 6.87 -1.06 -53.19
N GLU A 1005 5.80 -0.33 -52.93
CA GLU A 1005 4.89 0.14 -53.98
C GLU A 1005 5.42 1.29 -54.81
N CYS A 1006 6.32 2.12 -54.27
CA CYS A 1006 6.72 3.38 -54.90
C CYS A 1006 8.21 3.51 -55.16
N VAL A 1007 9.07 2.87 -54.37
CA VAL A 1007 10.48 2.77 -54.72
C VAL A 1007 10.66 1.61 -55.68
N LEU A 1008 10.41 0.38 -55.22
CA LEU A 1008 10.41 -0.86 -56.00
C LEU A 1008 9.26 -0.94 -57.03
N GLY A 1009 8.36 0.03 -57.07
CA GLY A 1009 7.19 0.05 -57.96
C GLY A 1009 6.78 1.46 -58.31
N GLN A 1010 5.65 1.61 -58.99
CA GLN A 1010 4.89 2.85 -59.07
C GLN A 1010 3.49 2.61 -58.53
N SER A 1011 2.97 3.44 -57.64
CA SER A 1011 1.66 3.16 -57.02
C SER A 1011 0.53 3.94 -57.68
N LYS A 1012 -0.53 3.23 -58.06
CA LYS A 1012 -1.81 3.78 -58.56
C LYS A 1012 -2.72 4.28 -57.45
N ARG A 1013 -2.34 4.14 -56.19
CA ARG A 1013 -3.15 4.55 -55.04
C ARG A 1013 -3.14 6.07 -54.95
N VAL A 1014 -4.25 6.73 -55.22
CA VAL A 1014 -4.27 8.20 -55.29
C VAL A 1014 -3.92 8.83 -53.94
N ASP A 1015 -3.05 9.83 -53.93
CA ASP A 1015 -2.48 10.49 -52.74
C ASP A 1015 -1.82 9.55 -51.71
N PHE A 1016 -1.36 8.36 -52.12
CA PHE A 1016 -0.51 7.52 -51.27
C PHE A 1016 0.96 7.92 -51.30
N CYS A 1017 1.53 8.11 -52.50
CA CYS A 1017 2.92 8.52 -52.68
C CYS A 1017 2.98 9.98 -53.17
N GLY A 1018 2.68 10.91 -52.26
CA GLY A 1018 2.69 12.36 -52.49
C GLY A 1018 1.50 12.86 -53.30
N LYS A 1019 1.02 14.06 -53.01
CA LYS A 1019 -0.05 14.72 -53.79
C LYS A 1019 0.36 14.79 -55.26
N GLY A 1020 -0.57 14.46 -56.14
CA GLY A 1020 -0.31 14.30 -57.57
C GLY A 1020 -0.46 12.87 -58.02
N TYR A 1021 -0.38 12.64 -59.33
CA TYR A 1021 -0.23 11.29 -59.86
C TYR A 1021 1.21 10.84 -59.64
N HIS A 1022 1.43 9.76 -58.89
CA HIS A 1022 2.78 9.34 -58.45
C HIS A 1022 3.67 8.90 -59.60
N LEU A 1023 4.96 9.24 -59.54
CA LEU A 1023 5.94 8.77 -60.51
C LEU A 1023 6.89 7.79 -59.85
N MET A 1024 7.79 8.23 -59.00
CA MET A 1024 8.76 7.35 -58.37
C MET A 1024 9.22 7.95 -57.08
N SER A 1025 9.67 7.14 -56.16
CA SER A 1025 10.14 7.65 -54.88
C SER A 1025 11.59 7.30 -54.69
N PHE A 1026 12.39 8.24 -54.24
CA PHE A 1026 13.76 7.95 -53.84
C PHE A 1026 13.81 7.97 -52.34
N PRO A 1027 14.22 6.91 -51.67
CA PRO A 1027 14.42 6.95 -50.24
C PRO A 1027 15.71 7.66 -49.94
N GLN A 1028 15.76 8.36 -48.83
CA GLN A 1028 16.95 8.90 -48.20
C GLN A 1028 16.84 8.55 -46.73
N SER A 1029 17.86 8.04 -46.10
CA SER A 1029 17.82 7.75 -44.67
C SER A 1029 17.74 9.02 -43.85
N ALA A 1030 17.33 8.90 -42.59
CA ALA A 1030 17.49 9.95 -41.59
C ALA A 1030 17.49 9.30 -40.21
N PRO A 1031 17.97 9.91 -39.13
CA PRO A 1031 18.07 9.22 -37.85
C PRO A 1031 16.73 8.66 -37.40
N HIS A 1032 16.64 7.35 -37.17
CA HIS A 1032 15.40 6.67 -36.80
C HIS A 1032 14.26 6.83 -37.80
N GLY A 1033 14.53 6.95 -39.09
CA GLY A 1033 13.45 7.08 -40.06
C GLY A 1033 13.88 6.90 -41.49
N VAL A 1034 13.00 7.24 -42.41
CA VAL A 1034 13.31 7.39 -43.82
C VAL A 1034 12.61 8.62 -44.32
N VAL A 1035 13.08 9.18 -45.42
CA VAL A 1035 12.48 10.29 -46.12
C VAL A 1035 12.31 9.89 -47.55
N PHE A 1036 11.12 9.97 -48.10
CA PHE A 1036 10.86 9.63 -49.48
C PHE A 1036 10.71 10.91 -50.27
N LEU A 1037 11.51 11.08 -51.30
CA LEU A 1037 11.35 12.15 -52.26
C LEU A 1037 10.37 11.68 -53.31
N HIS A 1038 9.08 11.84 -53.05
CA HIS A 1038 8.06 11.36 -53.97
C HIS A 1038 8.01 12.28 -55.16
N VAL A 1039 8.62 11.87 -56.27
CA VAL A 1039 8.41 12.55 -57.52
C VAL A 1039 6.95 12.32 -57.91
N THR A 1040 6.20 13.38 -58.23
CA THR A 1040 4.81 13.25 -58.65
C THR A 1040 4.53 14.17 -59.81
N TYR A 1041 3.75 13.73 -60.78
CA TYR A 1041 3.18 14.61 -61.77
C TYR A 1041 2.03 15.38 -61.12
N VAL A 1042 2.01 16.71 -61.21
CA VAL A 1042 0.86 17.54 -60.82
C VAL A 1042 0.49 18.41 -62.03
N PRO A 1043 -0.72 18.34 -62.60
CA PRO A 1043 -1.12 19.19 -63.72
C PRO A 1043 -1.28 20.66 -63.28
N ALA A 1044 -1.09 21.64 -64.17
CA ALA A 1044 -1.01 23.04 -63.71
C ALA A 1044 -1.51 24.16 -64.63
N GLN A 1045 -1.88 23.95 -65.90
CA GLN A 1045 -2.33 25.05 -66.78
C GLN A 1045 -3.57 24.69 -67.60
N GLU A 1046 -4.72 24.64 -66.95
CA GLU A 1046 -6.04 24.37 -67.51
C GLU A 1046 -6.42 25.26 -68.69
N LYS A 1047 -7.20 24.71 -69.61
CA LYS A 1047 -8.03 25.47 -70.55
C LYS A 1047 -9.47 24.95 -70.47
N ASN A 1048 -10.46 25.79 -70.69
CA ASN A 1048 -11.87 25.37 -70.72
C ASN A 1048 -12.27 24.92 -72.11
N PHE A 1049 -12.98 23.80 -72.22
CA PHE A 1049 -13.43 23.26 -73.49
C PHE A 1049 -14.88 22.78 -73.44
N THR A 1050 -15.57 22.95 -74.55
CA THR A 1050 -16.84 22.27 -74.79
C THR A 1050 -16.53 20.79 -74.92
N THR A 1051 -17.24 19.92 -74.23
CA THR A 1051 -17.04 18.46 -74.25
C THR A 1051 -18.34 17.74 -74.50
N ALA A 1052 -18.30 16.48 -74.92
CA ALA A 1052 -19.48 15.66 -75.12
C ALA A 1052 -19.17 14.22 -74.72
N PRO A 1053 -20.13 13.45 -74.21
CA PRO A 1053 -19.90 12.08 -73.76
C PRO A 1053 -19.41 11.14 -74.87
N ALA A 1054 -19.89 11.32 -76.08
CA ALA A 1054 -19.72 10.49 -77.24
C ALA A 1054 -20.01 11.32 -78.47
N ILE A 1055 -19.75 10.84 -79.67
CA ILE A 1055 -20.00 11.61 -80.89
C ILE A 1055 -20.76 10.79 -81.94
N CYS A 1056 -21.91 11.26 -82.40
CA CYS A 1056 -22.59 10.67 -83.54
C CYS A 1056 -21.78 10.94 -84.81
N HIS A 1057 -21.22 9.90 -85.43
CA HIS A 1057 -20.99 9.95 -86.89
C HIS A 1057 -22.28 9.50 -87.57
N ASP A 1058 -22.26 8.96 -88.79
CA ASP A 1058 -23.47 8.42 -89.41
C ASP A 1058 -24.09 7.31 -88.59
N GLY A 1059 -25.19 7.62 -87.89
CA GLY A 1059 -25.96 6.75 -87.00
C GLY A 1059 -25.24 6.35 -85.71
N LYS A 1060 -23.99 5.95 -85.83
CA LYS A 1060 -23.14 5.32 -84.83
C LYS A 1060 -22.73 6.31 -83.77
N ALA A 1061 -22.88 5.98 -82.50
CA ALA A 1061 -22.25 6.76 -81.46
C ALA A 1061 -20.81 6.28 -81.32
N HIS A 1062 -19.83 7.05 -81.79
CA HIS A 1062 -18.41 6.79 -81.54
C HIS A 1062 -18.03 7.26 -80.16
N PHE A 1063 -17.28 6.48 -79.43
CA PHE A 1063 -16.75 6.83 -78.13
C PHE A 1063 -15.22 6.85 -78.20
N PRO A 1064 -14.48 7.54 -77.32
CA PRO A 1064 -13.03 7.51 -77.38
C PRO A 1064 -12.49 6.20 -76.77
N ARG A 1065 -11.50 5.55 -77.38
CA ARG A 1065 -10.83 4.40 -76.76
C ARG A 1065 -10.20 4.78 -75.42
N GLU A 1066 -9.38 5.83 -75.44
CA GLU A 1066 -8.73 6.40 -74.27
C GLU A 1066 -8.75 7.92 -74.36
N GLY A 1067 -8.93 8.59 -73.22
CA GLY A 1067 -9.12 10.03 -73.20
C GLY A 1067 -10.57 10.48 -73.32
N VAL A 1068 -10.76 11.73 -73.73
CA VAL A 1068 -12.00 12.51 -73.66
C VAL A 1068 -12.24 13.24 -74.98
N PHE A 1069 -13.48 13.43 -75.42
CA PHE A 1069 -13.77 14.33 -76.52
C PHE A 1069 -13.84 15.77 -76.02
N VAL A 1070 -13.22 16.70 -76.74
CA VAL A 1070 -13.23 18.14 -76.45
C VAL A 1070 -13.29 18.95 -77.73
N SER A 1071 -13.64 20.22 -77.61
CA SER A 1071 -13.48 21.19 -78.66
C SER A 1071 -13.05 22.50 -78.05
N ASN A 1072 -12.14 23.19 -78.73
CA ASN A 1072 -11.80 24.59 -78.49
C ASN A 1072 -13.04 25.47 -78.66
N GLY A 1073 -13.79 25.22 -79.73
CA GLY A 1073 -15.10 25.77 -80.01
C GLY A 1073 -15.52 25.50 -81.46
N THR A 1074 -14.60 25.54 -82.40
CA THR A 1074 -14.90 25.37 -83.83
C THR A 1074 -14.65 23.94 -84.32
N HIS A 1075 -13.70 23.20 -83.75
CA HIS A 1075 -13.35 21.85 -84.18
C HIS A 1075 -13.27 20.91 -82.98
N TRP A 1076 -13.64 19.64 -83.18
CA TRP A 1076 -13.63 18.61 -82.15
C TRP A 1076 -12.38 17.75 -82.24
N PHE A 1077 -11.79 17.44 -81.09
CA PHE A 1077 -10.60 16.64 -80.90
C PHE A 1077 -10.85 15.61 -79.82
N VAL A 1078 -10.23 14.45 -79.89
CA VAL A 1078 -10.03 13.61 -78.71
C VAL A 1078 -8.70 13.95 -78.08
N THR A 1079 -8.60 13.86 -76.77
CA THR A 1079 -7.34 14.07 -76.07
C THR A 1079 -7.25 13.18 -74.86
N GLN A 1080 -6.05 12.71 -74.54
CA GLN A 1080 -5.82 12.04 -73.27
C GLN A 1080 -6.24 12.94 -72.11
N ARG A 1081 -6.60 12.35 -70.97
CA ARG A 1081 -7.27 13.07 -69.88
C ARG A 1081 -6.39 14.09 -69.18
N ASN A 1082 -5.11 13.76 -68.99
CA ASN A 1082 -4.23 14.47 -68.06
C ASN A 1082 -3.27 15.47 -68.72
N PHE A 1083 -3.33 15.62 -70.03
CA PHE A 1083 -2.45 16.54 -70.75
C PHE A 1083 -3.10 16.88 -72.09
N TYR A 1084 -3.53 18.10 -72.29
CA TYR A 1084 -4.22 18.51 -73.50
C TYR A 1084 -3.33 18.27 -74.71
N GLU A 1085 -3.79 17.42 -75.60
CA GLU A 1085 -3.08 17.00 -76.78
C GLU A 1085 -4.13 16.74 -77.85
N PRO A 1086 -4.59 17.76 -78.56
CA PRO A 1086 -5.71 17.63 -79.46
C PRO A 1086 -5.34 16.72 -80.62
N GLN A 1087 -5.95 15.54 -80.69
CA GLN A 1087 -5.84 14.60 -81.79
C GLN A 1087 -7.11 14.70 -82.64
N ILE A 1088 -6.97 14.89 -83.95
CA ILE A 1088 -8.07 14.78 -84.90
C ILE A 1088 -8.68 13.40 -84.75
N ILE A 1089 -10.01 13.32 -84.74
CA ILE A 1089 -10.70 12.11 -84.32
C ILE A 1089 -10.78 11.14 -85.49
N THR A 1090 -10.42 9.89 -85.29
CA THR A 1090 -10.48 8.84 -86.32
C THR A 1090 -10.91 7.52 -85.69
N THR A 1091 -11.32 6.55 -86.50
CA THR A 1091 -11.61 5.20 -86.02
C THR A 1091 -10.43 4.48 -85.34
N ASP A 1092 -9.21 5.04 -85.36
CA ASP A 1092 -8.08 4.56 -84.57
C ASP A 1092 -8.21 4.93 -83.09
N ASN A 1093 -8.78 6.09 -82.79
CA ASN A 1093 -8.98 6.56 -81.43
C ASN A 1093 -10.43 6.47 -80.94
N THR A 1094 -11.37 5.96 -81.76
CA THR A 1094 -12.76 5.74 -81.37
C THR A 1094 -13.26 4.30 -81.52
N PHE A 1095 -14.17 3.87 -80.65
CA PHE A 1095 -14.94 2.65 -80.84
C PHE A 1095 -16.43 2.95 -80.99
N VAL A 1096 -17.06 2.31 -81.95
CA VAL A 1096 -18.50 2.40 -82.21
C VAL A 1096 -19.26 1.69 -81.10
N SER A 1097 -20.43 2.18 -80.73
CA SER A 1097 -21.47 1.36 -80.10
C SER A 1097 -22.88 1.80 -80.53
N GLY A 1098 -23.76 0.86 -80.82
CA GLY A 1098 -25.18 1.11 -81.06
C GLY A 1098 -25.47 2.20 -82.10
N ASN A 1099 -26.45 3.04 -81.81
CA ASN A 1099 -26.80 4.24 -82.56
C ASN A 1099 -27.16 5.39 -81.59
N CYS A 1100 -27.22 6.62 -82.12
CA CYS A 1100 -27.26 7.86 -81.34
C CYS A 1100 -28.23 7.87 -80.15
N ASP A 1101 -29.51 7.63 -80.41
CA ASP A 1101 -30.62 8.15 -79.61
C ASP A 1101 -30.63 7.76 -78.13
N VAL A 1102 -29.98 6.69 -77.70
CA VAL A 1102 -29.95 6.29 -76.29
C VAL A 1102 -29.05 7.21 -75.46
N VAL A 1103 -28.08 7.90 -76.08
CA VAL A 1103 -27.09 8.70 -75.36
C VAL A 1103 -27.60 10.12 -75.10
N ILE A 1104 -27.70 10.50 -73.83
CA ILE A 1104 -28.08 11.85 -73.40
C ILE A 1104 -26.92 12.81 -73.65
N GLY A 1105 -27.17 13.85 -74.45
CA GLY A 1105 -26.15 14.87 -74.70
C GLY A 1105 -25.04 14.45 -75.66
N ILE A 1106 -25.22 13.39 -76.45
CA ILE A 1106 -24.38 13.15 -77.62
C ILE A 1106 -24.42 14.35 -78.56
N VAL A 1107 -23.36 14.54 -79.34
CA VAL A 1107 -23.24 15.63 -80.31
C VAL A 1107 -22.88 15.09 -81.67
N ASN A 1108 -23.19 15.81 -82.73
CA ASN A 1108 -22.68 15.47 -84.06
C ASN A 1108 -21.19 15.78 -84.15
N ASN A 1109 -20.53 15.21 -85.15
CA ASN A 1109 -19.31 15.72 -85.79
C ASN A 1109 -19.09 14.92 -87.10
N THR A 1110 -17.86 14.84 -87.60
CA THR A 1110 -17.41 13.70 -88.40
C THR A 1110 -16.34 12.95 -87.63
N VAL A 1111 -16.12 11.67 -87.93
CA VAL A 1111 -15.01 10.89 -87.39
C VAL A 1111 -14.25 10.23 -88.54
N TYR A 1112 -12.95 10.46 -88.62
CA TYR A 1112 -12.22 10.31 -89.85
C TYR A 1112 -11.85 8.86 -90.17
N ASP A 1113 -11.90 8.52 -91.46
CA ASP A 1113 -11.59 7.21 -92.03
C ASP A 1113 -10.10 7.13 -92.42
N PRO A 1114 -9.27 6.37 -91.69
CA PRO A 1114 -7.85 6.27 -91.97
C PRO A 1114 -7.51 5.45 -93.23
N LEU A 1115 -8.47 4.74 -93.80
CA LEU A 1115 -8.25 3.72 -94.84
C LEU A 1115 -8.63 4.21 -96.25
N GLN A 1116 -9.71 4.98 -96.39
CA GLN A 1116 -10.17 5.44 -97.70
C GLN A 1116 -9.13 6.21 -98.54
N PRO A 1117 -8.32 7.14 -98.00
CA PRO A 1117 -7.33 7.80 -98.84
C PRO A 1117 -6.28 6.82 -99.35
N GLU A 1118 -6.04 5.71 -98.66
CA GLU A 1118 -5.12 4.67 -99.10
C GLU A 1118 -5.72 3.86 -100.26
N LEU A 1119 -6.99 3.47 -100.13
CA LEU A 1119 -7.71 2.75 -101.18
C LEU A 1119 -7.80 3.59 -102.45
N ASP A 1120 -8.13 4.88 -102.32
CA ASP A 1120 -8.15 5.83 -103.44
C ASP A 1120 -6.77 6.00 -104.07
N SER A 1121 -5.75 6.21 -103.25
CA SER A 1121 -4.33 6.20 -103.65
C SER A 1121 -3.84 4.79 -103.92
N GLN B 1 22.94 71.21 21.40
CA GLN B 1 24.38 71.58 21.55
C GLN B 1 24.87 71.30 22.97
N VAL B 2 26.19 71.10 23.14
CA VAL B 2 26.84 70.90 24.45
C VAL B 2 26.70 72.15 25.34
N GLN B 3 26.62 71.95 26.65
CA GLN B 3 26.67 73.00 27.67
C GLN B 3 27.82 72.74 28.65
N LEU B 4 28.54 73.78 29.04
CA LEU B 4 29.66 73.73 29.99
C LEU B 4 29.22 74.35 31.34
N VAL B 5 29.46 73.70 32.48
CA VAL B 5 28.98 74.12 33.81
C VAL B 5 30.09 74.14 34.86
N GLN B 6 30.38 75.33 35.39
CA GLN B 6 31.36 75.63 36.44
C GLN B 6 30.94 75.14 37.84
N SER B 7 31.90 74.92 38.75
CA SER B 7 31.66 74.54 40.16
C SER B 7 31.28 75.71 41.08
N GLY B 8 30.23 76.45 40.70
CA GLY B 8 29.67 77.56 41.50
C GLY B 8 30.64 78.71 41.73
N ALA B 9 30.85 79.04 43.00
CA ALA B 9 31.89 79.95 43.49
C ALA B 9 32.62 79.34 44.70
N GLU B 10 33.85 79.79 44.98
CA GLU B 10 34.79 79.07 45.86
C GLU B 10 35.71 80.01 46.66
N VAL B 11 36.20 79.57 47.82
CA VAL B 11 37.18 80.33 48.61
C VAL B 11 38.22 79.40 49.24
N LYS B 12 39.50 79.64 48.97
CA LYS B 12 40.65 78.93 49.58
C LYS B 12 41.73 79.93 49.98
N LYS B 13 42.53 79.61 50.99
CA LYS B 13 43.59 80.51 51.54
C LYS B 13 44.78 80.67 50.57
N PRO B 14 45.59 81.74 50.66
CA PRO B 14 46.88 81.79 49.99
C PRO B 14 47.82 80.70 50.54
N GLY B 15 48.61 80.10 49.66
CA GLY B 15 49.43 78.92 49.98
C GLY B 15 48.65 77.59 50.08
N ALA B 16 47.32 77.62 50.15
CA ALA B 16 46.48 76.45 49.95
C ALA B 16 46.20 76.20 48.45
N SER B 17 45.44 75.16 48.14
CA SER B 17 45.19 74.67 46.78
C SER B 17 43.70 74.68 46.43
N VAL B 18 43.36 74.86 45.14
CA VAL B 18 41.98 74.82 44.64
C VAL B 18 41.86 73.89 43.44
N LYS B 19 40.84 73.04 43.41
CA LYS B 19 40.41 72.29 42.23
C LYS B 19 39.01 72.76 41.81
N VAL B 20 38.88 73.22 40.57
CA VAL B 20 37.61 73.62 39.95
C VAL B 20 37.24 72.55 38.93
N SER B 21 36.10 71.87 39.11
CA SER B 21 35.54 71.02 38.05
C SER B 21 34.68 71.85 37.09
N CYS B 22 34.64 71.42 35.83
CA CYS B 22 33.65 71.83 34.86
C CYS B 22 32.90 70.59 34.37
N LYS B 23 31.61 70.47 34.67
CA LYS B 23 30.73 69.47 34.07
C LYS B 23 30.45 69.86 32.62
N VAL B 24 30.28 68.88 31.76
CA VAL B 24 29.79 69.11 30.38
C VAL B 24 28.59 68.20 30.13
N SER B 25 27.57 68.73 29.47
CA SER B 25 26.24 68.11 29.40
C SER B 25 25.62 68.23 28.00
N GLY B 26 24.60 67.40 27.76
CA GLY B 26 24.14 67.04 26.42
C GLY B 26 24.92 65.84 25.87
N TYR B 27 26.24 66.00 25.74
CA TYR B 27 27.16 64.96 25.24
C TYR B 27 28.45 64.87 26.08
N THR B 28 29.21 63.79 25.89
CA THR B 28 30.36 63.40 26.71
C THR B 28 31.60 64.28 26.55
N LEU B 29 32.54 64.10 27.49
CA LEU B 29 33.70 64.94 27.66
C LEU B 29 34.88 64.68 26.70
N PRO B 30 35.34 63.43 26.44
CA PRO B 30 36.64 63.23 25.79
C PRO B 30 36.71 63.81 24.38
N GLU B 31 35.58 63.92 23.70
CA GLU B 31 35.39 64.50 22.38
C GLU B 31 35.70 66.01 22.31
N LEU B 32 35.89 66.66 23.46
CA LEU B 32 35.98 68.09 23.58
C LEU B 32 37.40 68.57 23.88
N SER B 33 37.86 69.57 23.13
CA SER B 33 39.12 70.29 23.36
C SER B 33 39.03 71.19 24.60
N MET B 34 38.92 70.62 25.80
CA MET B 34 38.79 71.38 27.03
C MET B 34 39.97 72.32 27.27
N HIS B 35 39.69 73.60 27.53
CA HIS B 35 40.65 74.66 27.86
C HIS B 35 40.22 75.44 29.10
N TRP B 36 41.18 76.04 29.80
CA TRP B 36 40.97 76.80 31.04
C TRP B 36 41.74 78.13 31.02
N VAL B 37 41.07 79.17 31.54
CA VAL B 37 41.49 80.57 31.43
C VAL B 37 41.17 81.32 32.72
N ARG B 38 42.11 82.12 33.19
CA ARG B 38 41.98 83.02 34.34
C ARG B 38 41.28 84.31 33.91
N GLN B 39 40.66 85.02 34.85
CA GLN B 39 40.36 86.44 34.74
C GLN B 39 40.64 87.14 36.07
N ALA B 40 41.52 88.13 36.08
CA ALA B 40 41.57 89.09 37.19
C ALA B 40 40.20 89.80 37.29
N PRO B 41 39.58 89.94 38.47
CA PRO B 41 38.15 90.16 38.61
C PRO B 41 37.67 91.49 37.99
N GLY B 42 36.83 91.39 36.95
CA GLY B 42 36.38 92.54 36.14
C GLY B 42 37.44 93.16 35.22
N LYS B 43 38.58 92.48 35.01
CA LYS B 43 39.74 92.93 34.23
C LYS B 43 40.12 91.89 33.15
N GLY B 44 41.31 92.02 32.57
CA GLY B 44 41.80 91.16 31.49
C GLY B 44 41.86 89.67 31.86
N LEU B 45 41.68 88.83 30.85
CA LEU B 45 41.84 87.37 30.92
C LEU B 45 43.32 86.97 30.80
N GLU B 46 43.65 85.72 31.11
CA GLU B 46 44.99 85.13 30.95
C GLU B 46 44.87 83.60 30.80
N TRP B 47 45.69 82.97 29.98
CA TRP B 47 45.61 81.50 29.78
C TRP B 47 46.27 80.74 30.93
N MET B 48 45.86 79.48 31.15
CA MET B 48 46.56 78.57 32.07
C MET B 48 46.67 77.13 31.58
N GLY B 49 45.75 76.60 30.76
CA GLY B 49 45.95 75.28 30.16
C GLY B 49 44.87 74.81 29.20
N GLY B 50 45.10 73.67 28.54
CA GLY B 50 44.08 73.00 27.75
C GLY B 50 44.57 71.88 26.85
N PHE B 51 43.67 70.91 26.60
CA PHE B 51 43.81 69.84 25.62
C PHE B 51 43.94 70.43 24.21
N HIS B 52 45.12 70.37 23.60
CA HIS B 52 45.23 70.53 22.15
C HIS B 52 44.64 69.31 21.44
N PRO B 53 44.00 69.47 20.27
CA PRO B 53 43.61 68.34 19.43
C PRO B 53 44.81 67.66 18.75
N GLU B 54 45.95 68.37 18.62
CA GLU B 54 47.24 67.73 18.38
C GLU B 54 47.67 66.99 19.67
N ASP B 55 48.02 65.71 19.54
CA ASP B 55 48.51 64.81 20.61
C ASP B 55 47.57 64.62 21.83
N GLY B 56 46.46 65.33 21.93
CA GLY B 56 45.62 65.37 23.13
C GLY B 56 46.33 66.00 24.32
N GLU B 57 47.39 66.79 24.10
CA GLU B 57 48.24 67.30 25.17
C GLU B 57 47.48 68.33 26.01
N THR B 58 47.34 68.10 27.32
CA THR B 58 46.81 69.09 28.28
C THR B 58 47.92 70.07 28.66
N ILE B 59 48.41 70.83 27.67
CA ILE B 59 49.48 71.81 27.79
C ILE B 59 49.08 72.98 28.74
N TYR B 60 50.06 73.71 29.27
CA TYR B 60 49.86 74.80 30.24
C TYR B 60 50.55 76.10 29.82
N ALA B 61 50.04 77.25 30.29
CA ALA B 61 50.72 78.53 30.11
C ALA B 61 51.99 78.59 30.97
N GLN B 62 53.12 79.02 30.41
CA GLN B 62 54.40 79.00 31.12
C GLN B 62 54.38 79.77 32.46
N LYS B 63 53.62 80.88 32.52
CA LYS B 63 53.43 81.72 33.72
C LYS B 63 52.81 80.99 34.92
N PHE B 64 52.20 79.81 34.69
CA PHE B 64 51.47 79.02 35.68
C PHE B 64 51.78 77.50 35.64
N GLN B 65 52.50 77.03 34.62
CA GLN B 65 52.78 75.62 34.35
C GLN B 65 53.36 74.85 35.55
N GLY B 66 52.94 73.59 35.73
CA GLY B 66 53.32 72.72 36.85
C GLY B 66 52.54 73.01 38.13
N ARG B 67 52.46 74.29 38.52
CA ARG B 67 51.64 74.78 39.64
C ARG B 67 50.15 74.68 39.34
N VAL B 68 49.74 75.06 38.13
CA VAL B 68 48.46 74.66 37.52
C VAL B 68 48.59 73.28 36.85
N THR B 69 47.51 72.52 36.91
CA THR B 69 47.36 71.18 36.33
C THR B 69 45.93 71.01 35.82
N MET B 70 45.71 70.04 34.94
CA MET B 70 44.38 69.62 34.49
C MET B 70 44.18 68.10 34.63
N THR B 71 42.94 67.68 34.84
CA THR B 71 42.55 66.26 34.79
C THR B 71 41.09 66.12 34.36
N GLU B 72 40.63 64.89 34.13
CA GLU B 72 39.31 64.59 33.55
C GLU B 72 38.64 63.35 34.17
N ASP B 73 37.31 63.32 34.14
CA ASP B 73 36.48 62.15 34.45
C ASP B 73 35.31 62.01 33.47
N THR B 74 35.23 60.88 32.79
CA THR B 74 34.11 60.46 31.93
C THR B 74 32.87 60.05 32.70
N SER B 75 33.00 59.57 33.94
CA SER B 75 31.90 58.98 34.71
C SER B 75 30.82 60.03 35.04
N THR B 76 31.26 61.27 35.21
CA THR B 76 30.43 62.48 35.41
C THR B 76 30.55 63.45 34.25
N ASP B 77 31.44 63.21 33.27
CA ASP B 77 31.83 64.18 32.25
C ASP B 77 32.29 65.51 32.85
N THR B 78 33.21 65.45 33.81
CA THR B 78 33.87 66.63 34.38
C THR B 78 35.32 66.76 33.91
N ALA B 79 35.65 67.91 33.32
CA ALA B 79 37.03 68.40 33.27
C ALA B 79 37.38 69.04 34.62
N TYR B 80 38.67 69.21 34.89
CA TYR B 80 39.18 69.88 36.09
C TYR B 80 40.37 70.77 35.75
N MET B 81 40.41 71.95 36.36
CA MET B 81 41.62 72.74 36.57
C MET B 81 41.98 72.63 38.06
N GLU B 82 43.20 72.23 38.36
CA GLU B 82 43.71 72.27 39.73
C GLU B 82 44.92 73.20 39.81
N LEU B 83 44.78 74.25 40.61
CA LEU B 83 45.82 75.23 40.87
C LEU B 83 46.25 75.11 42.35
N SER B 84 47.49 74.70 42.54
CA SER B 84 48.08 74.58 43.87
C SER B 84 48.52 75.96 44.41
N SER B 85 48.91 76.00 45.71
CA SER B 85 49.74 77.06 46.31
C SER B 85 49.36 78.52 45.94
N LEU B 86 48.10 78.89 46.18
CA LEU B 86 47.43 80.12 45.73
C LEU B 86 48.17 81.41 46.15
N ARG B 87 48.07 82.45 45.31
CA ARG B 87 48.77 83.74 45.46
C ARG B 87 47.86 84.94 45.15
N SER B 88 48.36 86.14 45.39
CA SER B 88 47.61 87.43 45.40
C SER B 88 46.68 87.68 44.20
N GLU B 89 47.09 87.29 43.01
CA GLU B 89 46.38 87.46 41.74
C GLU B 89 45.41 86.29 41.42
N ASP B 90 45.32 85.27 42.29
CA ASP B 90 44.43 84.09 42.12
C ASP B 90 43.01 84.28 42.67
N THR B 91 42.63 85.49 43.09
CA THR B 91 41.25 85.92 43.37
C THR B 91 40.40 86.10 42.09
N ALA B 92 40.65 85.23 41.12
CA ALA B 92 40.20 85.30 39.75
C ALA B 92 38.88 84.57 39.53
N VAL B 93 38.23 84.85 38.40
CA VAL B 93 37.30 83.88 37.81
C VAL B 93 38.14 82.87 37.05
N TYR B 94 37.83 81.58 37.18
CA TYR B 94 38.38 80.56 36.31
C TYR B 94 37.31 80.06 35.35
N TYR B 95 37.57 80.22 34.06
CA TYR B 95 36.68 79.84 32.97
C TYR B 95 37.10 78.52 32.36
N CYS B 96 36.11 77.64 32.24
CA CYS B 96 36.10 76.46 31.39
C CYS B 96 35.59 76.82 29.98
N ALA B 97 36.18 76.22 28.94
CA ALA B 97 35.84 76.45 27.54
C ALA B 97 36.27 75.27 26.66
N THR B 98 35.84 75.20 25.41
CA THR B 98 36.41 74.23 24.45
C THR B 98 36.08 74.62 23.02
N GLY B 99 37.07 74.58 22.11
CA GLY B 99 36.86 74.83 20.69
C GLY B 99 36.05 73.76 19.94
N SER B 100 35.52 72.74 20.61
CA SER B 100 34.84 71.59 20.00
C SER B 100 33.30 71.67 19.95
N PRO B 101 32.61 71.25 21.03
CA PRO B 101 31.26 70.68 20.96
C PRO B 101 31.04 69.56 19.91
N PHE B 102 29.99 68.76 20.11
CA PHE B 102 29.53 67.72 19.20
C PHE B 102 28.06 67.35 19.53
N GLY B 103 27.36 66.64 18.65
CA GLY B 103 25.96 66.21 18.84
C GLY B 103 25.73 64.83 18.23
N VAL B 104 26.51 63.85 18.67
CA VAL B 104 26.90 62.65 17.93
C VAL B 104 27.66 63.00 16.64
N VAL B 105 27.03 63.73 15.71
CA VAL B 105 27.70 64.43 14.59
C VAL B 105 28.82 65.39 15.10
N THR B 106 29.91 65.52 14.33
CA THR B 106 31.10 66.32 14.72
C THR B 106 30.91 67.83 14.52
N ASP B 107 31.49 68.67 15.39
CA ASP B 107 31.42 70.14 15.37
C ASP B 107 32.72 70.78 15.93
N TRP B 108 32.96 72.08 15.69
CA TRP B 108 34.14 72.81 16.18
C TRP B 108 33.88 74.34 16.34
N PHE B 109 33.38 74.78 17.51
CA PHE B 109 33.28 76.20 17.93
C PHE B 109 33.58 76.35 19.43
N ASP B 110 33.89 77.55 19.94
CA ASP B 110 34.44 77.77 21.31
C ASP B 110 33.46 78.39 22.34
N PRO B 111 32.39 77.71 22.81
CA PRO B 111 31.56 78.21 23.91
C PRO B 111 32.29 78.15 25.26
N TRP B 112 31.82 78.96 26.20
CA TRP B 112 32.42 79.18 27.52
C TRP B 112 31.44 78.84 28.65
N GLY B 113 31.94 78.38 29.79
CA GLY B 113 31.14 77.82 30.90
C GLY B 113 30.89 78.75 32.08
N ARG B 114 30.86 80.08 31.89
CA ARG B 114 30.62 81.14 32.91
C ARG B 114 31.69 81.32 34.00
N GLY B 115 32.34 80.24 34.41
CA GLY B 115 33.51 80.22 35.29
C GLY B 115 33.27 80.53 36.78
N THR B 116 34.04 79.88 37.65
CA THR B 116 33.93 80.09 39.10
C THR B 116 34.69 81.35 39.49
N LEU B 117 34.01 82.38 39.98
CA LEU B 117 34.69 83.41 40.77
C LEU B 117 35.23 82.75 42.04
N VAL B 118 36.48 83.06 42.41
CA VAL B 118 37.04 82.64 43.70
C VAL B 118 37.61 83.82 44.46
N THR B 119 37.48 83.80 45.79
CA THR B 119 38.20 84.71 46.69
C THR B 119 39.42 83.97 47.24
N VAL B 120 40.58 84.63 47.36
CA VAL B 120 41.68 84.12 48.20
C VAL B 120 42.09 85.20 49.20
N SER B 121 42.09 84.86 50.48
CA SER B 121 42.40 85.77 51.59
C SER B 121 42.91 84.98 52.80
N SER B 122 43.57 85.67 53.74
CA SER B 122 43.99 85.11 55.04
C SER B 122 42.88 85.17 56.11
N ALA B 123 41.75 85.81 55.81
CA ALA B 123 40.65 86.10 56.73
C ALA B 123 39.77 84.87 57.07
N SER B 124 38.93 85.00 58.09
CA SER B 124 37.95 83.98 58.51
C SER B 124 36.63 84.60 58.96
N THR B 125 35.55 83.82 58.93
CA THR B 125 34.18 84.27 59.21
C THR B 125 33.94 84.58 60.71
N LYS B 126 33.13 85.61 60.99
CA LYS B 126 32.96 86.26 62.30
C LYS B 126 31.49 86.46 62.68
N GLY B 127 31.22 86.58 63.97
CA GLY B 127 29.89 86.84 64.54
C GLY B 127 29.25 88.19 64.17
N PRO B 128 28.33 88.73 64.99
CA PRO B 128 27.61 89.97 64.68
C PRO B 128 28.52 91.21 64.54
N SER B 129 28.17 92.07 63.56
CA SER B 129 28.80 93.37 63.28
C SER B 129 27.94 94.24 62.33
N VAL B 130 26.62 94.19 62.52
CA VAL B 130 25.61 94.83 61.67
C VAL B 130 25.05 96.07 62.36
N PHE B 131 24.91 97.16 61.62
CA PHE B 131 24.41 98.45 62.12
C PHE B 131 23.41 99.02 61.11
N PRO B 132 22.39 99.82 61.50
CA PRO B 132 21.63 100.60 60.53
C PRO B 132 22.46 101.78 60.01
N LEU B 133 22.14 102.27 58.81
CA LEU B 133 22.64 103.54 58.31
C LEU B 133 21.95 104.71 59.01
N ALA B 134 22.50 105.21 60.11
CA ALA B 134 21.98 106.44 60.73
C ALA B 134 22.06 107.60 59.72
N PRO B 135 20.98 108.37 59.50
CA PRO B 135 20.90 109.38 58.45
C PRO B 135 21.80 110.60 58.73
N SER B 136 22.02 111.40 57.70
CA SER B 136 22.29 112.84 57.83
C SER B 136 20.95 113.57 57.87
N SER B 137 20.82 114.68 58.59
CA SER B 137 19.47 115.20 58.92
C SER B 137 18.71 115.79 57.72
N LYS B 138 19.37 115.99 56.58
CA LYS B 138 18.76 116.35 55.29
C LYS B 138 18.10 115.17 54.55
N SER B 139 18.48 113.92 54.86
CA SER B 139 17.75 112.72 54.44
C SER B 139 16.44 112.58 55.21
N THR B 140 16.48 112.81 56.52
CA THR B 140 15.30 112.81 57.40
C THR B 140 14.27 113.85 56.95
N SER B 141 13.15 113.40 56.36
CA SER B 141 12.09 114.24 55.74
C SER B 141 12.47 115.04 54.47
N GLY B 142 13.56 114.66 53.78
CA GLY B 142 14.06 115.34 52.56
C GLY B 142 13.22 115.15 51.28
N GLY B 143 13.69 115.71 50.16
CA GLY B 143 13.07 115.53 48.83
C GLY B 143 12.89 114.05 48.44
N THR B 144 13.91 113.24 48.72
CA THR B 144 13.81 111.81 49.02
C THR B 144 14.60 111.52 50.29
N ALA B 145 14.09 110.65 51.15
CA ALA B 145 14.91 109.98 52.16
C ALA B 145 15.85 108.95 51.51
N ALA B 146 16.80 108.47 52.32
CA ALA B 146 17.67 107.32 52.05
C ALA B 146 18.05 106.62 53.37
N LEU B 147 18.19 105.30 53.38
CA LEU B 147 18.34 104.46 54.58
C LEU B 147 18.89 103.06 54.22
N GLY B 148 19.37 102.27 55.19
CA GLY B 148 19.84 100.90 54.98
C GLY B 148 20.60 100.28 56.16
N CYS B 149 21.55 99.37 55.88
CA CYS B 149 22.51 98.84 56.86
C CYS B 149 23.99 99.00 56.45
N LEU B 150 24.84 99.05 57.46
CA LEU B 150 26.30 99.09 57.44
C LEU B 150 26.85 97.78 58.06
N VAL B 151 28.02 97.33 57.61
CA VAL B 151 28.67 96.11 58.10
C VAL B 151 30.19 96.29 58.16
N LYS B 152 30.85 95.69 59.15
CA LYS B 152 32.31 95.78 59.40
C LYS B 152 32.89 94.44 59.86
N ASP B 153 34.21 94.23 59.74
CA ASP B 153 34.96 93.12 60.34
C ASP B 153 34.39 91.69 60.16
N TYR B 154 33.70 91.43 59.05
CA TYR B 154 32.99 90.17 58.77
C TYR B 154 33.49 89.51 57.47
N PHE B 155 33.46 88.18 57.34
CA PHE B 155 33.90 87.48 56.11
C PHE B 155 33.13 86.17 55.84
N PRO B 156 31.82 86.23 55.60
CA PRO B 156 31.01 85.06 55.26
C PRO B 156 31.06 84.65 53.78
N GLU B 157 31.41 85.56 52.87
CA GLU B 157 31.05 85.61 51.43
C GLU B 157 29.66 86.22 51.15
N PRO B 158 28.53 85.49 51.02
CA PRO B 158 27.26 86.07 50.61
C PRO B 158 26.65 87.00 51.66
N VAL B 159 25.83 87.94 51.19
CA VAL B 159 25.05 88.91 51.97
C VAL B 159 23.82 89.35 51.18
N THR B 160 22.75 89.76 51.86
CA THR B 160 21.48 90.18 51.26
C THR B 160 21.29 91.69 51.41
N VAL B 161 21.10 92.41 50.30
CA VAL B 161 20.71 93.83 50.27
C VAL B 161 19.33 93.99 49.64
N SER B 162 18.49 94.81 50.27
CA SER B 162 17.21 95.38 49.77
C SER B 162 16.63 96.35 50.82
N TRP B 163 16.93 96.08 52.09
CA TRP B 163 16.67 96.94 53.28
C TRP B 163 15.22 97.03 53.75
N ASN B 164 14.31 96.28 53.13
CA ASN B 164 13.07 95.82 53.74
C ASN B 164 12.54 94.58 53.00
N SER B 165 11.60 93.85 53.61
CA SER B 165 10.91 92.73 52.96
C SER B 165 9.88 93.22 51.94
N GLY B 166 10.25 93.17 50.65
CA GLY B 166 9.39 93.38 49.47
C GLY B 166 8.92 94.81 49.20
N ALA B 167 9.08 95.75 50.13
CA ALA B 167 8.59 97.12 50.02
C ALA B 167 9.43 98.06 49.12
N LEU B 168 10.64 97.66 48.75
CA LEU B 168 11.64 98.50 48.07
C LEU B 168 12.13 97.82 46.77
N THR B 169 12.13 98.56 45.66
CA THR B 169 12.53 98.02 44.33
C THR B 169 13.11 99.06 43.36
N SER B 170 13.36 100.29 43.82
CA SER B 170 13.92 101.40 43.03
C SER B 170 14.89 102.22 43.89
N GLY B 171 15.76 103.00 43.25
CA GLY B 171 16.76 103.83 43.94
C GLY B 171 17.82 103.05 44.72
N VAL B 172 18.12 101.81 44.33
CA VAL B 172 19.08 100.90 44.99
C VAL B 172 20.52 101.10 44.52
N HIS B 173 21.48 100.94 45.43
CA HIS B 173 22.92 101.11 45.18
C HIS B 173 23.76 100.07 45.93
N THR B 174 23.89 98.88 45.34
CA THR B 174 24.74 97.79 45.83
C THR B 174 26.23 98.00 45.46
N PHE B 175 27.13 97.53 46.33
CA PHE B 175 28.59 97.59 46.17
C PHE B 175 29.25 96.27 46.62
N PRO B 176 30.43 95.89 46.11
CA PRO B 176 30.99 94.54 46.26
C PRO B 176 31.72 94.30 47.59
N ALA B 177 31.09 94.68 48.71
CA ALA B 177 31.46 94.35 50.09
C ALA B 177 32.98 94.43 50.35
N VAL B 178 33.60 95.57 50.01
CA VAL B 178 35.06 95.73 49.86
C VAL B 178 35.87 95.35 51.11
N LEU B 179 37.07 94.80 50.89
CA LEU B 179 38.01 94.40 51.93
C LEU B 179 38.55 95.58 52.76
N GLN B 180 38.50 95.46 54.08
CA GLN B 180 39.23 96.28 55.05
C GLN B 180 40.74 95.97 55.00
N SER B 181 41.57 96.78 55.66
CA SER B 181 43.02 96.54 55.76
C SER B 181 43.39 95.16 56.34
N SER B 182 42.57 94.64 57.26
CA SER B 182 42.69 93.32 57.87
C SER B 182 42.31 92.14 56.98
N GLY B 183 41.74 92.38 55.79
CA GLY B 183 41.24 91.33 54.90
C GLY B 183 39.85 90.81 55.25
N LEU B 184 39.19 91.34 56.28
CA LEU B 184 37.74 91.13 56.48
C LEU B 184 36.98 92.02 55.48
N TYR B 185 35.76 91.66 55.09
CA TYR B 185 34.89 92.54 54.30
C TYR B 185 34.29 93.67 55.15
N SER B 186 33.83 94.72 54.46
CA SER B 186 32.97 95.80 54.94
C SER B 186 31.88 96.06 53.90
N LEU B 187 30.68 96.49 54.32
CA LEU B 187 29.61 96.83 53.38
C LEU B 187 28.83 98.07 53.80
N SER B 188 28.68 99.00 52.87
CA SER B 188 27.55 99.93 52.83
C SER B 188 26.99 99.96 51.42
N SER B 189 25.67 99.98 51.33
CA SER B 189 24.89 100.02 50.11
C SER B 189 23.58 100.74 50.41
N VAL B 190 23.04 101.49 49.46
CA VAL B 190 22.17 102.64 49.79
C VAL B 190 20.86 102.62 49.00
N VAL B 191 19.73 102.75 49.69
CA VAL B 191 18.41 102.80 49.05
C VAL B 191 17.72 104.13 49.36
N THR B 192 17.25 104.85 48.35
CA THR B 192 16.47 106.09 48.53
C THR B 192 15.00 105.78 48.91
N VAL B 193 14.77 105.39 50.16
CA VAL B 193 13.45 105.05 50.75
C VAL B 193 12.44 106.23 50.73
N PRO B 194 11.12 105.99 50.90
CA PRO B 194 10.12 107.05 51.03
C PRO B 194 10.41 108.03 52.17
N SER B 195 10.15 109.33 51.95
CA SER B 195 10.41 110.41 52.92
C SER B 195 9.52 110.39 54.17
N SER B 196 8.41 109.63 54.17
CA SER B 196 7.51 109.47 55.32
C SER B 196 8.06 108.51 56.38
N SER B 197 8.53 107.32 55.97
CA SER B 197 8.92 106.25 56.89
C SER B 197 10.23 106.54 57.64
N LEU B 198 11.22 107.19 57.02
CA LEU B 198 12.44 107.60 57.73
C LEU B 198 12.10 108.63 58.82
N GLY B 199 12.41 108.27 60.07
CA GLY B 199 12.09 109.07 61.26
C GLY B 199 10.77 108.67 61.96
N THR B 200 9.98 107.76 61.37
CA THR B 200 8.64 107.37 61.87
C THR B 200 8.36 105.85 61.86
N GLN B 201 9.19 105.05 61.20
CA GLN B 201 9.02 103.61 60.99
C GLN B 201 10.39 102.90 60.97
N THR B 202 10.41 101.59 61.18
CA THR B 202 11.61 100.75 61.08
C THR B 202 11.38 99.57 60.14
N TYR B 203 12.41 99.27 59.36
CA TYR B 203 12.49 98.15 58.41
C TYR B 203 13.47 97.08 58.92
N ILE B 204 13.99 96.22 58.04
CA ILE B 204 14.91 95.14 58.40
C ILE B 204 15.94 94.87 57.28
N CYS B 205 17.16 94.51 57.66
CA CYS B 205 18.24 94.10 56.76
C CYS B 205 18.65 92.66 57.05
N ASN B 206 18.70 91.83 56.01
CA ASN B 206 18.90 90.38 56.12
C ASN B 206 20.39 90.00 56.06
N VAL B 207 21.23 90.67 56.85
CA VAL B 207 22.71 90.62 56.80
C VAL B 207 23.27 89.38 57.51
N ASN B 208 22.80 88.19 57.10
CA ASN B 208 23.12 86.90 57.71
C ASN B 208 24.54 86.42 57.37
N HIS B 209 25.43 86.30 58.35
CA HIS B 209 26.79 85.76 58.16
C HIS B 209 26.78 84.22 58.10
N LYS B 210 26.19 83.64 57.04
CA LYS B 210 25.80 82.21 56.96
C LYS B 210 26.79 81.21 57.60
N PRO B 211 28.07 81.07 57.19
CA PRO B 211 28.97 80.07 57.76
C PRO B 211 29.39 80.33 59.23
N SER B 212 29.16 81.52 59.79
CA SER B 212 29.42 81.81 61.22
C SER B 212 28.42 81.16 62.18
N ASN B 213 27.37 80.51 61.65
CA ASN B 213 26.12 80.13 62.33
C ASN B 213 25.27 81.30 62.89
N THR B 214 25.84 82.49 63.09
CA THR B 214 25.16 83.71 63.56
C THR B 214 24.33 84.36 62.43
N LYS B 215 23.27 83.67 62.00
CA LYS B 215 22.31 84.13 61.00
C LYS B 215 21.42 85.24 61.56
N VAL B 216 21.90 86.49 61.47
CA VAL B 216 21.18 87.70 61.94
C VAL B 216 20.46 88.45 60.81
N ASP B 217 19.18 88.72 61.04
CA ASP B 217 18.40 89.77 60.39
C ASP B 217 18.23 90.93 61.41
N LYS B 218 18.57 92.18 61.08
CA LYS B 218 18.62 93.31 62.05
C LYS B 218 17.78 94.51 61.61
N LYS B 219 17.18 95.22 62.57
CA LYS B 219 16.30 96.38 62.30
C LYS B 219 17.05 97.53 61.60
N VAL B 220 16.35 98.18 60.68
CA VAL B 220 16.79 99.36 59.93
C VAL B 220 16.01 100.55 60.44
N GLU B 221 16.68 101.55 61.00
CA GLU B 221 16.08 102.70 61.72
C GLU B 221 17.10 103.85 61.86
N PRO B 222 16.67 105.09 62.19
CA PRO B 222 17.59 106.23 62.27
C PRO B 222 18.65 106.12 63.38
N LYS B 223 18.26 105.56 64.54
CA LYS B 223 19.05 105.53 65.77
C LYS B 223 20.29 104.65 65.66
N GLN C 1 55.44 82.78 20.96
CA GLN C 1 54.00 82.46 20.75
C GLN C 1 53.19 83.75 20.46
N SER C 2 51.93 83.60 20.03
CA SER C 2 51.04 84.66 19.53
C SER C 2 50.44 85.56 20.63
N ALA C 3 51.30 86.22 21.41
CA ALA C 3 50.91 87.16 22.46
C ALA C 3 50.23 88.43 21.93
N LEU C 4 49.28 88.98 22.70
CA LEU C 4 48.40 90.06 22.25
C LEU C 4 47.83 90.96 23.39
N THR C 5 47.42 92.17 23.02
CA THR C 5 47.07 93.31 23.90
C THR C 5 46.05 94.22 23.20
N GLN C 6 45.32 95.07 23.92
CA GLN C 6 44.27 95.92 23.30
C GLN C 6 43.96 97.22 24.08
N PRO C 7 43.47 98.29 23.40
CA PRO C 7 42.84 99.42 24.10
C PRO C 7 41.67 99.33 25.14
N PRO C 8 41.58 100.28 26.09
CA PRO C 8 40.81 100.04 27.31
C PRO C 8 39.29 99.93 27.15
N SER C 9 38.67 100.71 26.26
CA SER C 9 37.21 100.88 26.28
C SER C 9 36.53 101.05 24.91
N ALA C 10 37.01 101.88 24.00
CA ALA C 10 36.38 102.13 22.68
C ALA C 10 34.87 102.52 22.73
N SER C 11 34.43 103.18 23.81
CA SER C 11 33.01 103.51 24.05
C SER C 11 32.44 104.59 23.12
N GLY C 12 31.11 104.70 23.10
CA GLY C 12 30.37 105.69 22.32
C GLY C 12 28.94 105.88 22.82
N SER C 13 28.28 106.96 22.41
CA SER C 13 26.90 107.28 22.80
C SER C 13 25.87 106.26 22.22
N PRO C 14 24.61 106.21 22.69
CA PRO C 14 23.69 105.15 22.27
C PRO C 14 23.38 105.21 20.77
N GLY C 15 23.38 104.05 20.11
CA GLY C 15 23.15 103.92 18.68
C GLY C 15 24.41 104.09 17.81
N GLN C 16 25.58 104.29 18.42
CA GLN C 16 26.86 104.40 17.73
C GLN C 16 27.38 103.07 17.17
N SER C 17 28.24 103.14 16.16
CA SER C 17 29.13 102.05 15.75
C SER C 17 30.59 102.38 16.07
N VAL C 18 31.33 101.42 16.61
CA VAL C 18 32.69 101.56 17.14
C VAL C 18 33.54 100.34 16.80
N THR C 19 34.86 100.50 16.81
CA THR C 19 35.80 99.45 16.37
C THR C 19 36.75 99.05 17.50
N ILE C 20 36.67 97.79 17.93
CA ILE C 20 37.60 97.16 18.85
C ILE C 20 38.88 96.81 18.09
N SER C 21 40.05 96.99 18.70
CA SER C 21 41.34 96.62 18.12
C SER C 21 42.18 95.81 19.12
N CYS C 22 42.99 94.91 18.59
CA CYS C 22 43.93 94.08 19.32
C CYS C 22 45.26 94.01 18.54
N THR C 23 46.38 94.13 19.23
CA THR C 23 47.73 94.24 18.67
C THR C 23 48.71 93.39 19.48
N GLY C 24 49.72 92.82 18.84
CA GLY C 24 50.55 91.78 19.44
C GLY C 24 51.86 91.51 18.72
N THR C 25 52.49 90.36 19.01
CA THR C 25 53.81 89.98 18.50
C THR C 25 53.75 89.43 17.07
N SER C 26 52.76 88.60 16.74
CA SER C 26 52.61 87.92 15.44
C SER C 26 51.15 87.53 15.18
N SER C 27 50.85 87.01 13.99
CA SER C 27 49.61 86.26 13.79
C SER C 27 49.53 85.05 14.72
N ASP C 28 48.35 84.45 14.87
CA ASP C 28 48.24 83.06 15.27
C ASP C 28 49.17 82.20 14.40
N VAL C 29 50.11 81.48 15.01
CA VAL C 29 51.10 80.70 14.26
C VAL C 29 50.43 79.62 13.38
N GLY C 30 50.96 79.42 12.18
CA GLY C 30 50.48 78.47 11.18
C GLY C 30 49.53 79.01 10.10
N GLY C 31 49.13 80.28 10.16
CA GLY C 31 48.41 80.94 9.06
C GLY C 31 47.80 82.30 9.40
N TYR C 32 46.73 82.65 8.69
CA TYR C 32 45.89 83.81 9.01
C TYR C 32 45.28 83.70 10.42
N ASN C 33 44.92 84.83 11.00
CA ASN C 33 44.57 84.94 12.41
C ASN C 33 43.42 84.02 12.83
N TYR C 34 43.74 83.02 13.63
CA TYR C 34 42.79 82.26 14.43
C TYR C 34 42.24 83.09 15.61
N VAL C 35 42.70 84.33 15.84
CA VAL C 35 42.20 85.19 16.90
C VAL C 35 40.68 85.22 16.93
N SER C 36 40.15 85.12 18.14
CA SER C 36 38.72 85.05 18.40
C SER C 36 38.35 85.97 19.55
N TRP C 37 37.10 86.40 19.55
CA TRP C 37 36.58 87.44 20.41
C TRP C 37 35.54 86.90 21.38
N TYR C 38 35.49 87.48 22.58
CA TYR C 38 34.61 87.06 23.66
C TYR C 38 34.05 88.28 24.35
N GLN C 39 32.72 88.35 24.44
CA GLN C 39 31.99 89.55 24.85
C GLN C 39 31.40 89.33 26.24
N GLN C 40 31.91 90.03 27.24
CA GLN C 40 31.44 89.93 28.63
C GLN C 40 30.66 91.19 29.03
N HIS C 41 29.36 91.04 29.29
CA HIS C 41 28.48 92.14 29.70
C HIS C 41 28.71 92.48 31.18
N PRO C 42 28.41 93.71 31.63
CA PRO C 42 28.66 94.13 33.00
C PRO C 42 28.01 93.19 34.02
N GLY C 43 28.82 92.62 34.91
CA GLY C 43 28.39 91.68 35.95
C GLY C 43 28.04 90.25 35.49
N LYS C 44 28.30 89.88 34.23
CA LYS C 44 27.81 88.63 33.60
C LYS C 44 28.90 87.90 32.80
N ALA C 45 28.64 86.66 32.38
CA ALA C 45 29.58 85.78 31.69
C ALA C 45 29.90 86.20 30.22
N PRO C 46 31.07 85.83 29.66
CA PRO C 46 31.37 86.01 28.24
C PRO C 46 30.50 85.14 27.31
N LYS C 47 30.03 85.73 26.21
CA LYS C 47 29.60 85.03 24.99
C LYS C 47 30.78 84.85 24.05
N LEU C 48 30.81 83.75 23.30
CA LEU C 48 31.63 83.64 22.09
C LEU C 48 31.17 84.69 21.07
N MET C 49 32.11 85.45 20.53
CA MET C 49 31.94 86.39 19.42
C MET C 49 32.75 85.91 18.22
N ILE C 50 32.98 86.78 17.22
CA ILE C 50 33.64 86.40 15.97
C ILE C 50 34.97 85.67 16.23
N TYR C 51 35.19 84.59 15.49
CA TYR C 51 36.34 83.70 15.65
C TYR C 51 37.11 83.55 14.34
N GLU C 52 38.42 83.29 14.45
CA GLU C 52 39.36 83.38 13.32
C GLU C 52 39.29 84.73 12.57
N VAL C 53 38.94 85.80 13.30
CA VAL C 53 38.77 87.18 12.79
C VAL C 53 37.77 87.28 11.61
N SER C 54 36.89 86.28 11.43
CA SER C 54 35.97 86.22 10.28
C SER C 54 34.69 85.42 10.53
N LYS C 55 34.79 84.26 11.20
CA LYS C 55 33.68 83.33 11.43
C LYS C 55 32.72 83.89 12.46
N ARG C 56 31.42 83.80 12.21
CA ARG C 56 30.37 84.33 13.08
C ARG C 56 29.66 83.19 13.84
N PRO C 57 29.61 83.21 15.19
CA PRO C 57 28.88 82.22 15.98
C PRO C 57 27.35 82.39 15.88
N SER C 58 26.60 81.44 16.42
CA SER C 58 25.13 81.51 16.50
C SER C 58 24.65 82.67 17.39
N GLY C 59 23.52 83.26 17.03
CA GLY C 59 22.83 84.31 17.81
C GLY C 59 23.36 85.73 17.65
N VAL C 60 24.38 85.95 16.82
CA VAL C 60 24.92 87.28 16.52
C VAL C 60 23.94 88.07 15.62
N PRO C 61 23.47 89.26 16.05
CA PRO C 61 22.37 89.99 15.40
C PRO C 61 22.81 90.80 14.16
N ASP C 62 23.81 90.31 13.42
CA ASP C 62 24.56 90.97 12.33
C ASP C 62 25.37 92.23 12.72
N ARG C 63 25.08 92.88 13.85
CA ARG C 63 25.72 94.13 14.29
C ARG C 63 27.22 93.99 14.68
N PHE C 64 27.82 92.83 14.49
CA PHE C 64 29.22 92.52 14.81
C PHE C 64 29.95 91.85 13.63
N SER C 65 31.23 92.18 13.41
CA SER C 65 32.04 91.67 12.28
C SER C 65 33.54 91.74 12.61
N GLY C 66 34.38 90.97 11.92
CA GLY C 66 35.84 90.97 12.11
C GLY C 66 36.60 91.96 11.19
N SER C 67 37.87 92.26 11.48
CA SER C 67 38.77 93.10 10.66
C SER C 67 40.27 92.96 11.00
N LYS C 68 41.16 93.47 10.13
CA LYS C 68 42.63 93.48 10.24
C LYS C 68 43.30 92.09 10.21
N SER C 69 44.64 92.10 10.26
CA SER C 69 45.50 91.01 9.84
C SER C 69 46.89 91.06 10.50
N GLY C 70 47.63 89.95 10.40
CA GLY C 70 49.03 89.85 10.84
C GLY C 70 49.15 89.92 12.36
N ASN C 71 50.07 90.73 12.88
CA ASN C 71 50.22 90.98 14.31
C ASN C 71 49.06 91.79 14.95
N THR C 72 47.96 91.96 14.24
CA THR C 72 46.77 92.71 14.69
C THR C 72 45.48 91.98 14.35
N ALA C 73 44.42 92.33 15.06
CA ALA C 73 43.07 91.87 14.83
C ALA C 73 42.08 92.95 15.28
N SER C 74 40.86 92.93 14.79
CA SER C 74 39.83 93.91 15.12
C SER C 74 38.43 93.29 15.07
N LEU C 75 37.48 93.86 15.81
CA LEU C 75 36.06 93.52 15.77
C LEU C 75 35.20 94.80 15.77
N THR C 76 34.16 94.85 14.96
CA THR C 76 33.15 95.93 14.91
C THR C 76 32.05 95.70 15.94
N VAL C 77 31.61 96.76 16.62
CA VAL C 77 30.35 96.82 17.40
C VAL C 77 29.44 97.87 16.76
N SER C 78 28.17 97.58 16.48
CA SER C 78 27.24 98.53 15.83
C SER C 78 25.91 98.71 16.58
N GLY C 79 25.32 99.91 16.50
CA GLY C 79 24.03 100.26 17.12
C GLY C 79 24.05 100.29 18.65
N LEU C 80 25.21 100.49 19.27
CA LEU C 80 25.51 100.09 20.64
C LEU C 80 24.54 100.65 21.71
N GLN C 81 24.08 99.78 22.58
CA GLN C 81 23.22 100.05 23.72
C GLN C 81 23.56 99.11 24.90
N ALA C 82 22.65 98.92 25.84
CA ALA C 82 22.74 97.88 26.85
C ALA C 82 23.01 96.49 26.22
N GLU C 83 23.73 95.62 26.93
CA GLU C 83 24.24 94.30 26.50
C GLU C 83 25.25 94.32 25.32
N ASP C 84 25.17 95.27 24.39
CA ASP C 84 26.31 95.57 23.48
C ASP C 84 27.45 96.22 24.29
N GLU C 85 27.07 96.99 25.31
CA GLU C 85 27.89 97.41 26.45
C GLU C 85 28.51 96.19 27.14
N ALA C 86 29.76 95.91 26.81
CA ALA C 86 30.47 94.68 27.17
C ALA C 86 31.98 94.83 26.94
N ASP C 87 32.75 93.94 27.54
CA ASP C 87 34.18 93.82 27.32
C ASP C 87 34.46 92.75 26.25
N TYR C 88 35.04 93.20 25.13
CA TYR C 88 35.42 92.39 23.99
C TYR C 88 36.90 92.02 24.10
N TYR C 89 37.20 90.90 24.76
CA TYR C 89 38.55 90.34 24.82
C TYR C 89 38.95 89.77 23.46
N CYS C 90 40.15 90.04 23.00
CA CYS C 90 40.80 89.23 21.97
C CYS C 90 41.56 88.07 22.62
N SER C 91 41.65 86.95 21.90
CA SER C 91 42.53 85.84 22.28
C SER C 91 42.95 85.04 21.04
N SER C 92 44.09 84.35 21.09
CA SER C 92 44.68 83.61 19.97
C SER C 92 44.47 82.09 20.08
N TYR C 93 44.17 81.45 18.94
CA TYR C 93 43.67 80.06 18.81
C TYR C 93 44.40 79.28 17.72
N ALA C 94 45.71 79.50 17.58
CA ALA C 94 46.55 79.01 16.49
C ALA C 94 46.36 77.51 16.20
N GLY C 95 45.80 77.16 15.04
CA GLY C 95 45.48 75.79 14.64
C GLY C 95 44.54 75.02 15.58
N SER C 96 43.89 75.70 16.54
CA SER C 96 43.36 75.15 17.80
C SER C 96 44.39 74.36 18.65
N ASN C 97 45.67 74.30 18.25
CA ASN C 97 46.65 73.29 18.64
C ASN C 97 48.05 73.84 18.97
N ASN C 98 48.21 75.16 19.01
CA ASN C 98 49.40 75.88 19.46
C ASN C 98 49.01 76.91 20.53
N PRO C 99 49.82 77.11 21.59
CA PRO C 99 49.37 77.61 22.90
C PRO C 99 48.67 78.97 22.86
N TYR C 100 47.53 79.06 23.56
CA TYR C 100 46.63 80.23 23.51
C TYR C 100 47.08 81.34 24.48
N VAL C 101 46.61 82.58 24.27
CA VAL C 101 46.84 83.73 25.18
C VAL C 101 45.74 84.79 25.02
N PHE C 102 45.56 85.67 26.00
CA PHE C 102 44.38 86.54 26.19
C PHE C 102 44.73 88.03 26.36
N GLY C 103 43.89 88.89 25.80
CA GLY C 103 44.05 90.34 25.81
C GLY C 103 43.59 91.01 27.10
N THR C 104 44.02 92.25 27.26
CA THR C 104 43.68 93.18 28.33
C THR C 104 42.19 93.59 28.38
N GLY C 105 41.40 93.25 27.34
CA GLY C 105 39.98 93.61 27.21
C GLY C 105 39.73 95.03 26.70
N THR C 106 38.55 95.27 26.12
CA THR C 106 38.06 96.56 25.62
C THR C 106 36.58 96.70 25.99
N LYS C 107 36.30 97.32 27.14
CA LYS C 107 34.97 97.48 27.74
C LYS C 107 34.19 98.67 27.14
N VAL C 108 33.41 98.43 26.08
CA VAL C 108 32.51 99.47 25.58
C VAL C 108 31.36 99.70 26.56
N THR C 109 30.83 100.92 26.58
CA THR C 109 29.64 101.30 27.33
C THR C 109 28.93 102.45 26.62
N VAL C 110 27.62 102.56 26.84
CA VAL C 110 26.79 103.67 26.40
C VAL C 110 27.28 104.94 27.10
N LEU C 111 27.93 105.83 26.34
CA LEU C 111 28.80 106.86 26.90
C LEU C 111 28.04 107.91 27.72
N GLY C 112 28.19 107.86 29.04
CA GLY C 112 27.60 108.81 30.00
C GLY C 112 28.33 110.15 30.09
N GLN C 113 28.72 110.71 28.95
CA GLN C 113 29.51 111.95 28.81
C GLN C 113 28.83 112.93 27.82
N PRO C 114 28.95 114.26 28.00
CA PRO C 114 29.69 114.96 29.07
C PRO C 114 29.10 114.72 30.46
N LYS C 115 29.96 114.81 31.49
CA LYS C 115 29.77 114.18 32.80
C LYS C 115 28.71 114.91 33.64
N ALA C 116 27.84 114.11 34.27
CA ALA C 116 26.57 114.54 34.84
C ALA C 116 26.69 115.31 36.17
N ASN C 117 25.59 115.94 36.60
CA ASN C 117 25.45 116.48 37.94
C ASN C 117 25.35 115.34 38.98
N PRO C 118 26.30 115.20 39.94
CA PRO C 118 26.29 114.08 40.88
C PRO C 118 25.06 114.05 41.80
N THR C 119 24.63 112.85 42.17
CA THR C 119 23.60 112.62 43.19
C THR C 119 24.30 112.18 44.47
N VAL C 120 24.13 112.89 45.58
CA VAL C 120 24.92 112.69 46.82
C VAL C 120 24.04 112.19 47.96
N THR C 121 24.53 111.26 48.78
CA THR C 121 23.88 110.84 50.03
C THR C 121 24.95 110.41 51.05
N LEU C 122 24.71 110.64 52.34
CA LEU C 122 25.70 110.53 53.42
C LEU C 122 25.09 109.95 54.70
N PHE C 123 25.82 109.07 55.39
CA PHE C 123 25.38 108.40 56.62
C PHE C 123 26.50 108.36 57.68
N PRO C 124 26.38 109.08 58.80
CA PRO C 124 27.25 108.94 59.97
C PRO C 124 27.08 107.56 60.65
N PRO C 125 27.93 107.20 61.61
CA PRO C 125 27.69 106.04 62.45
C PRO C 125 26.41 106.17 63.28
N SER C 126 25.78 105.04 63.60
CA SER C 126 24.63 104.96 64.49
C SER C 126 25.04 104.97 65.96
N SER C 127 24.05 105.12 66.84
CA SER C 127 24.25 105.29 68.28
C SER C 127 24.90 104.07 68.96
N GLU C 128 24.64 102.84 68.52
CA GLU C 128 25.38 101.67 69.00
C GLU C 128 26.69 101.45 68.23
N GLU C 129 26.74 101.80 66.93
CA GLU C 129 28.00 101.74 66.19
C GLU C 129 29.08 102.65 66.82
N LEU C 130 28.71 103.84 67.32
CA LEU C 130 29.61 104.70 68.09
C LEU C 130 30.20 104.02 69.36
N GLN C 131 29.65 102.89 69.82
CA GLN C 131 30.21 102.08 70.89
C GLN C 131 31.03 100.87 70.39
N ALA C 132 30.91 100.48 69.11
CA ALA C 132 31.39 99.21 68.55
C ALA C 132 32.63 99.31 67.64
N ASN C 133 33.72 98.62 67.99
CA ASN C 133 34.99 98.53 67.24
C ASN C 133 35.51 99.89 66.70
N LYS C 134 35.56 100.08 65.37
CA LYS C 134 36.14 101.23 64.68
C LYS C 134 35.14 101.67 63.60
N ALA C 135 34.19 102.51 64.02
CA ALA C 135 33.01 102.90 63.25
C ALA C 135 33.33 103.64 61.94
N THR C 136 32.31 103.95 61.14
CA THR C 136 32.50 104.57 59.83
C THR C 136 31.41 105.56 59.42
N LEU C 137 31.81 106.56 58.64
CA LEU C 137 30.94 107.48 57.90
C LEU C 137 30.96 107.08 56.42
N VAL C 138 29.79 106.94 55.79
CA VAL C 138 29.69 106.37 54.41
C VAL C 138 28.90 107.25 53.46
N CYS C 139 29.34 107.33 52.21
CA CYS C 139 28.82 108.26 51.21
C CYS C 139 28.54 107.56 49.88
N LEU C 140 27.36 107.80 49.32
CA LEU C 140 26.97 107.43 47.95
C LEU C 140 27.21 108.61 47.03
N ILE C 141 27.81 108.34 45.87
CA ILE C 141 27.66 109.13 44.65
C ILE C 141 26.92 108.29 43.60
N SER C 142 25.83 108.81 43.04
CA SER C 142 25.04 108.14 42.00
C SER C 142 24.82 109.02 40.77
N ASP C 143 24.79 108.39 39.59
CA ASP C 143 24.87 109.03 38.27
C ASP C 143 26.13 109.89 38.06
N PHE C 144 27.28 109.23 37.90
CA PHE C 144 28.50 109.84 37.34
C PHE C 144 29.32 108.79 36.58
N TYR C 145 30.16 109.21 35.63
CA TYR C 145 30.97 108.31 34.80
C TYR C 145 31.98 107.52 35.65
N PRO C 146 32.10 106.18 35.47
CA PRO C 146 32.89 105.32 36.34
C PRO C 146 34.40 105.63 36.28
N GLY C 147 35.11 105.46 37.39
CA GLY C 147 36.57 105.70 37.48
C GLY C 147 37.02 107.16 37.41
N ALA C 148 36.22 108.07 36.84
CA ALA C 148 36.44 109.51 36.88
C ALA C 148 36.12 110.14 38.25
N VAL C 149 35.36 109.42 39.10
CA VAL C 149 35.01 109.84 40.45
C VAL C 149 36.19 109.76 41.42
N THR C 150 36.14 110.58 42.47
CA THR C 150 36.81 110.27 43.75
C THR C 150 35.84 110.65 44.87
N VAL C 151 35.17 109.67 45.46
CA VAL C 151 34.24 109.83 46.60
C VAL C 151 35.08 110.08 47.87
N ALA C 152 35.67 111.27 47.92
CA ALA C 152 36.68 111.71 48.88
C ALA C 152 36.10 112.54 50.05
N TRP C 153 36.97 113.04 50.93
CA TRP C 153 36.58 113.42 52.30
C TRP C 153 37.31 114.63 52.91
N LYS C 154 36.66 115.21 53.92
CA LYS C 154 37.17 116.22 54.86
C LYS C 154 36.57 115.96 56.25
N ALA C 155 37.39 115.71 57.26
CA ALA C 155 36.95 115.60 58.65
C ALA C 155 37.15 116.94 59.38
N ASP C 156 36.08 117.53 59.89
CA ASP C 156 36.04 118.83 60.60
C ASP C 156 37.03 119.88 60.06
N SER C 157 36.82 120.27 58.79
CA SER C 157 37.61 121.28 58.05
C SER C 157 39.08 120.91 57.75
N SER C 158 39.49 119.65 57.95
CA SER C 158 40.79 119.10 57.54
C SER C 158 40.62 118.02 56.44
N PRO C 159 41.36 118.08 55.31
CA PRO C 159 41.28 117.04 54.28
C PRO C 159 41.76 115.68 54.80
N VAL C 160 41.07 114.59 54.42
CA VAL C 160 41.42 113.23 54.84
C VAL C 160 41.27 112.20 53.71
N LYS C 161 42.08 111.14 53.74
CA LYS C 161 42.05 110.04 52.76
C LYS C 161 40.92 109.05 53.08
N ALA C 162 40.26 108.50 52.07
CA ALA C 162 39.21 107.48 52.26
C ALA C 162 39.74 106.23 53.00
N GLY C 163 38.87 105.57 53.77
CA GLY C 163 39.19 104.28 54.41
C GLY C 163 39.16 103.13 53.39
N VAL C 164 38.07 103.04 52.64
CA VAL C 164 37.91 102.22 51.44
C VAL C 164 36.97 102.93 50.44
N GLU C 165 37.10 102.63 49.15
CA GLU C 165 36.27 103.17 48.07
C GLU C 165 35.81 102.05 47.11
N THR C 166 34.66 102.24 46.46
CA THR C 166 33.96 101.23 45.63
C THR C 166 33.26 101.86 44.43
N THR C 167 32.97 101.03 43.43
CA THR C 167 32.15 101.33 42.27
C THR C 167 31.19 100.17 41.99
N THR C 168 30.11 100.44 41.27
CA THR C 168 29.12 99.43 40.86
C THR C 168 28.86 99.57 39.35
N PRO C 169 28.75 98.46 38.59
CA PRO C 169 28.54 98.53 37.15
C PRO C 169 27.16 99.12 36.77
N SER C 170 27.00 99.48 35.50
CA SER C 170 25.86 100.26 35.01
C SER C 170 24.50 99.56 35.14
N LYS C 171 23.51 100.27 35.70
CA LYS C 171 22.10 99.86 35.68
C LYS C 171 21.60 99.82 34.22
N GLN C 172 21.37 98.64 33.63
CA GLN C 172 21.09 98.53 32.18
C GLN C 172 19.81 99.24 31.71
N SER C 173 18.83 99.44 32.61
CA SER C 173 17.62 100.23 32.37
C SER C 173 17.84 101.75 32.25
N ASN C 174 18.95 102.28 32.80
CA ASN C 174 19.25 103.73 32.88
C ASN C 174 20.64 104.14 32.33
N ASN C 175 21.57 103.22 32.06
CA ASN C 175 23.01 103.45 31.76
C ASN C 175 23.83 104.12 32.89
N LYS C 176 23.20 104.53 33.99
CA LYS C 176 23.84 105.16 35.16
C LYS C 176 24.84 104.21 35.84
N TYR C 177 26.04 104.71 36.14
CA TYR C 177 26.99 104.11 37.09
C TYR C 177 26.94 104.86 38.44
N ALA C 178 27.49 104.24 39.49
CA ALA C 178 27.52 104.80 40.84
C ALA C 178 28.74 104.30 41.64
N ALA C 179 29.06 105.00 42.72
CA ALA C 179 30.25 104.79 43.55
C ALA C 179 29.96 105.08 45.03
N SER C 180 30.74 104.50 45.94
CA SER C 180 30.65 104.84 47.37
C SER C 180 31.98 104.63 48.09
N SER C 181 32.20 105.37 49.17
CA SER C 181 33.36 105.22 50.05
C SER C 181 32.94 105.11 51.50
N TYR C 182 33.77 104.45 52.31
CA TYR C 182 33.60 104.32 53.75
C TYR C 182 34.84 104.92 54.43
N LEU C 183 34.70 106.01 55.20
CA LEU C 183 35.77 106.67 55.95
C LEU C 183 35.95 106.01 57.32
N SER C 184 37.18 105.82 57.80
CA SER C 184 37.50 105.12 59.05
C SER C 184 38.21 106.04 60.06
N LEU C 185 37.76 106.01 61.32
CA LEU C 185 38.28 106.74 62.49
C LEU C 185 37.89 105.98 63.77
N THR C 186 38.48 106.32 64.91
CA THR C 186 38.12 105.74 66.22
C THR C 186 36.75 106.26 66.72
N PRO C 187 36.02 105.53 67.58
CA PRO C 187 34.73 105.97 68.15
C PRO C 187 34.83 107.30 68.93
N GLU C 188 35.92 107.55 69.67
CA GLU C 188 36.19 108.86 70.26
C GLU C 188 36.31 109.97 69.22
N GLN C 189 36.95 109.71 68.07
CA GLN C 189 37.00 110.68 66.97
C GLN C 189 35.62 110.90 66.33
N TRP C 190 34.80 109.85 66.14
CA TRP C 190 33.43 110.04 65.64
C TRP C 190 32.52 110.80 66.61
N LYS C 191 32.73 110.66 67.93
CA LYS C 191 32.06 111.44 68.98
C LYS C 191 32.56 112.90 69.05
N SER C 192 33.86 113.12 68.84
CA SER C 192 34.53 114.42 68.95
C SER C 192 34.39 115.30 67.70
N HIS C 193 34.67 114.76 66.51
CA HIS C 193 34.41 115.44 65.24
C HIS C 193 32.91 115.41 64.96
N ARG C 194 32.32 116.50 64.45
CA ARG C 194 30.86 116.63 64.26
C ARG C 194 30.46 117.39 62.99
N SER C 195 31.35 117.46 62.01
CA SER C 195 31.13 118.08 60.70
C SER C 195 31.89 117.36 59.57
N TYR C 196 32.17 116.07 59.75
CA TYR C 196 32.86 115.26 58.74
C TYR C 196 32.01 115.09 57.48
N SER C 197 32.69 115.02 56.33
CA SER C 197 32.07 115.40 55.06
C SER C 197 32.65 114.68 53.86
N CYS C 198 31.76 114.35 52.93
CA CYS C 198 32.09 113.72 51.66
C CYS C 198 32.43 114.80 50.62
N GLN C 199 33.57 115.47 50.79
CA GLN C 199 34.11 116.41 49.81
C GLN C 199 34.68 115.65 48.60
N VAL C 200 33.83 115.33 47.62
CA VAL C 200 34.23 114.52 46.45
C VAL C 200 35.00 115.34 45.41
N THR C 201 35.92 114.68 44.69
CA THR C 201 36.78 115.30 43.67
C THR C 201 36.82 114.42 42.42
N HIS C 202 35.90 114.66 41.50
CA HIS C 202 35.81 113.98 40.20
C HIS C 202 36.43 114.84 39.07
N GLU C 203 36.61 114.31 37.87
CA GLU C 203 37.06 115.13 36.73
C GLU C 203 36.02 116.22 36.39
N GLY C 204 36.41 117.49 36.57
CA GLY C 204 35.56 118.65 36.31
C GLY C 204 34.38 118.85 37.28
N SER C 205 34.30 118.10 38.39
CA SER C 205 33.19 118.21 39.36
C SER C 205 33.62 117.97 40.82
N THR C 206 33.17 118.81 41.74
CA THR C 206 33.36 118.65 43.18
C THR C 206 32.16 119.19 43.96
N VAL C 207 31.72 118.42 44.94
CA VAL C 207 30.57 118.70 45.82
C VAL C 207 30.84 118.16 47.23
N GLU C 208 30.17 118.72 48.23
CA GLU C 208 30.38 118.40 49.65
C GLU C 208 29.06 118.39 50.43
N LYS C 209 28.87 117.34 51.24
CA LYS C 209 27.82 117.19 52.26
C LYS C 209 28.49 116.93 53.61
N THR C 210 28.02 117.57 54.67
CA THR C 210 28.59 117.49 56.04
C THR C 210 27.58 116.89 57.02
N VAL C 211 28.05 116.23 58.09
CA VAL C 211 27.16 115.64 59.11
C VAL C 211 27.82 115.45 60.49
N ALA C 212 27.00 115.41 61.55
CA ALA C 212 27.35 115.06 62.94
C ALA C 212 27.14 113.55 63.28
N PRO C 213 27.61 113.02 64.43
CA PRO C 213 27.34 111.63 64.81
C PRO C 213 25.83 111.34 64.94
N THR C 214 25.37 110.26 64.30
CA THR C 214 23.97 109.78 64.32
C THR C 214 22.94 110.91 64.06
N GLU C 215 23.19 111.79 63.07
CA GLU C 215 22.45 113.04 62.85
C GLU C 215 21.05 112.86 62.22
N CYS C 216 20.09 112.42 63.04
CA CYS C 216 18.68 112.24 62.71
C CYS C 216 17.95 113.56 62.48
N ALA D 1 45.74 -37.13 -4.83
CA ALA D 1 45.27 -37.41 -6.20
C ALA D 1 44.04 -36.57 -6.55
N TYR D 2 43.66 -36.53 -7.83
CA TYR D 2 42.50 -35.79 -8.36
C TYR D 2 41.79 -36.54 -9.49
N THR D 3 40.50 -36.24 -9.66
CA THR D 3 39.70 -36.55 -10.85
C THR D 3 38.58 -35.52 -11.05
N ASN D 4 37.78 -35.64 -12.11
CA ASN D 4 36.70 -34.74 -12.46
C ASN D 4 35.36 -35.34 -12.00
N SER D 5 34.50 -34.55 -11.34
CA SER D 5 33.17 -35.00 -10.89
C SER D 5 32.17 -35.21 -12.03
N PHE D 6 32.37 -34.60 -13.19
CA PHE D 6 31.37 -34.56 -14.26
C PHE D 6 30.01 -34.09 -13.72
N THR D 7 28.90 -34.59 -14.26
CA THR D 7 27.54 -34.35 -13.74
C THR D 7 27.20 -35.37 -12.66
N ARG D 8 27.50 -35.10 -11.40
CA ARG D 8 27.25 -35.99 -10.24
C ARG D 8 26.78 -35.20 -9.04
N GLY D 9 26.28 -35.89 -8.03
CA GLY D 9 25.89 -35.27 -6.76
C GLY D 9 24.60 -34.45 -6.77
N VAL D 10 23.76 -34.60 -7.81
CA VAL D 10 22.43 -33.97 -7.84
C VAL D 10 21.47 -34.76 -6.97
N TYR D 11 20.60 -34.10 -6.23
CA TYR D 11 19.66 -34.75 -5.31
C TYR D 11 18.32 -34.05 -5.35
N TYR D 12 17.25 -34.68 -4.85
CA TYR D 12 15.92 -34.07 -4.85
C TYR D 12 15.85 -32.92 -3.85
N PRO D 13 15.71 -31.66 -4.28
CA PRO D 13 15.86 -30.49 -3.41
C PRO D 13 14.75 -30.37 -2.37
N ASP D 14 13.56 -30.93 -2.62
CA ASP D 14 12.38 -30.89 -1.77
C ASP D 14 11.52 -32.16 -1.91
N LYS D 15 10.67 -32.44 -0.92
CA LYS D 15 9.84 -33.66 -0.87
C LYS D 15 8.54 -33.51 -1.68
N VAL D 16 8.58 -32.74 -2.76
CA VAL D 16 7.43 -32.45 -3.61
C VAL D 16 7.59 -33.13 -4.97
N PHE D 17 6.67 -34.03 -5.30
CA PHE D 17 6.60 -34.62 -6.63
C PHE D 17 6.34 -33.53 -7.67
N ARG D 18 7.06 -33.59 -8.78
CA ARG D 18 6.84 -32.78 -9.97
C ARG D 18 7.15 -33.68 -11.14
N SER D 19 6.53 -33.51 -12.30
CA SER D 19 6.82 -34.39 -13.44
C SER D 19 6.68 -33.70 -14.77
N SER D 20 7.40 -34.20 -15.76
CA SER D 20 7.47 -33.67 -17.14
C SER D 20 7.72 -32.15 -17.18
N VAL D 21 8.54 -31.64 -16.26
CA VAL D 21 8.74 -30.21 -16.01
C VAL D 21 10.21 -29.88 -15.76
N LEU D 22 10.64 -28.72 -16.28
CA LEU D 22 12.00 -28.20 -16.19
C LEU D 22 12.07 -27.20 -15.05
N HIS D 23 11.95 -27.70 -13.82
CA HIS D 23 11.92 -26.86 -12.63
C HIS D 23 13.29 -26.27 -12.32
N SER D 24 13.35 -25.19 -11.56
CA SER D 24 14.59 -24.48 -11.24
C SER D 24 14.68 -24.18 -9.76
N THR D 25 15.88 -24.28 -9.19
CA THR D 25 16.10 -24.18 -7.73
C THR D 25 17.46 -23.60 -7.43
N GLN D 26 17.68 -23.11 -6.22
CA GLN D 26 18.99 -22.77 -5.71
C GLN D 26 19.26 -23.54 -4.42
N ASP D 27 20.35 -24.29 -4.36
CA ASP D 27 20.74 -25.09 -3.20
C ASP D 27 22.24 -25.34 -3.20
N LEU D 28 22.77 -25.87 -2.11
CA LEU D 28 24.14 -26.32 -2.00
C LEU D 28 24.34 -27.58 -2.83
N PHE D 29 24.92 -27.45 -4.00
CA PHE D 29 25.18 -28.53 -4.95
C PHE D 29 26.66 -28.70 -5.22
N LEU D 30 27.12 -29.92 -5.49
CA LEU D 30 28.45 -30.16 -6.04
C LEU D 30 28.50 -29.55 -7.44
N PRO D 31 29.29 -28.50 -7.72
CA PRO D 31 29.26 -27.86 -9.03
C PRO D 31 29.63 -28.85 -10.12
N PHE D 32 29.04 -28.69 -11.28
CA PHE D 32 29.32 -29.53 -12.44
C PHE D 32 30.80 -29.45 -12.83
N PHE D 33 31.40 -30.59 -13.18
CA PHE D 33 32.80 -30.67 -13.59
C PHE D 33 33.80 -30.10 -12.57
N SER D 34 33.46 -30.05 -11.29
CA SER D 34 34.40 -29.69 -10.22
C SER D 34 35.42 -30.80 -9.92
N ASN D 35 36.46 -30.44 -9.18
CA ASN D 35 37.59 -31.30 -8.86
C ASN D 35 37.34 -32.19 -7.65
N VAL D 36 37.69 -33.47 -7.77
CA VAL D 36 37.37 -34.54 -6.84
C VAL D 36 38.63 -35.12 -6.22
N THR D 37 38.71 -35.07 -4.90
CA THR D 37 39.88 -35.41 -4.09
C THR D 37 39.91 -36.90 -3.79
N TRP D 38 40.20 -37.71 -4.80
CA TRP D 38 40.16 -39.19 -4.75
C TRP D 38 41.19 -39.79 -3.79
N PHE D 39 40.82 -39.99 -2.53
CA PHE D 39 41.65 -40.67 -1.54
C PHE D 39 41.76 -42.17 -1.80
N HIS D 40 42.78 -42.79 -1.19
CA HIS D 40 43.06 -44.22 -1.21
C HIS D 40 43.42 -44.73 0.19
N ALA D 41 43.26 -46.03 0.43
CA ALA D 41 43.58 -46.70 1.68
C ALA D 41 44.98 -47.39 1.69
N ILE D 42 45.86 -47.02 0.76
CA ILE D 42 47.15 -47.68 0.49
C ILE D 42 48.09 -47.74 1.71
N HIS D 43 48.51 -48.96 2.06
CA HIS D 43 49.61 -49.32 2.97
C HIS D 43 49.73 -48.42 4.21
N ASP D 54 45.52 -44.09 3.46
CA ASP D 54 45.15 -43.47 4.73
C ASP D 54 43.91 -42.55 4.59
N ASN D 55 43.14 -42.37 5.68
CA ASN D 55 41.88 -41.63 5.73
C ASN D 55 41.97 -40.40 6.67
N PRO D 56 42.57 -39.28 6.25
CA PRO D 56 42.75 -38.09 7.09
C PRO D 56 41.42 -37.41 7.41
N VAL D 57 41.40 -36.53 8.40
CA VAL D 57 40.27 -35.61 8.61
C VAL D 57 40.19 -34.62 7.45
N LEU D 58 39.05 -34.53 6.78
CA LEU D 58 38.76 -33.51 5.78
C LEU D 58 38.08 -32.28 6.40
N PRO D 59 38.15 -31.09 5.78
CA PRO D 59 37.19 -30.01 6.01
C PRO D 59 35.83 -30.37 5.40
N PHE D 60 34.74 -29.85 5.96
CA PHE D 60 33.39 -30.03 5.44
C PHE D 60 32.97 -28.95 4.43
N ASN D 61 33.52 -27.74 4.53
CA ASN D 61 33.07 -26.57 3.74
C ASN D 61 31.53 -26.40 3.79
N ASP D 62 30.87 -26.06 2.67
CA ASP D 62 29.40 -26.00 2.52
C ASP D 62 28.72 -27.38 2.44
N GLY D 63 29.37 -28.44 2.94
CA GLY D 63 28.94 -29.82 2.80
C GLY D 63 29.58 -30.53 1.62
N VAL D 64 29.30 -31.82 1.54
CA VAL D 64 30.17 -32.84 0.92
C VAL D 64 29.41 -33.68 -0.08
N TYR D 65 30.14 -34.23 -1.05
CA TYR D 65 29.73 -35.39 -1.84
C TYR D 65 30.77 -36.50 -1.66
N PHE D 66 30.40 -37.78 -1.64
CA PHE D 66 31.27 -38.84 -1.14
C PHE D 66 31.13 -40.17 -1.89
N ALA D 67 31.14 -40.16 -3.23
CA ALA D 67 31.24 -41.41 -3.98
C ALA D 67 32.41 -42.29 -3.51
N SER D 68 32.21 -43.60 -3.47
CA SER D 68 33.15 -44.49 -2.77
C SER D 68 32.97 -45.92 -3.27
N THR D 69 33.41 -46.16 -4.50
CA THR D 69 33.30 -47.46 -5.16
C THR D 69 33.83 -48.58 -4.28
N GLU D 70 33.13 -49.70 -4.26
CA GLU D 70 33.34 -50.76 -3.29
C GLU D 70 33.24 -52.14 -3.91
N LYS D 71 33.93 -53.08 -3.28
CA LYS D 71 33.80 -54.54 -3.49
C LYS D 71 34.08 -55.35 -2.22
N SER D 72 34.37 -54.66 -1.13
CA SER D 72 34.82 -55.20 0.15
C SER D 72 33.82 -54.96 1.29
N ASN D 73 33.00 -53.91 1.17
CA ASN D 73 32.12 -53.41 2.23
C ASN D 73 32.90 -53.13 3.53
N ILE D 74 34.05 -52.47 3.41
CA ILE D 74 34.93 -52.05 4.51
C ILE D 74 34.71 -50.57 4.86
N ILE D 75 34.28 -49.75 3.89
CA ILE D 75 33.79 -48.40 4.13
C ILE D 75 32.45 -48.49 4.86
N ARG D 76 32.43 -48.16 6.16
CA ARG D 76 31.34 -48.54 7.08
C ARG D 76 30.88 -47.44 8.01
N GLY D 77 31.42 -46.24 7.88
CA GLY D 77 30.99 -45.15 8.73
C GLY D 77 31.61 -43.81 8.37
N TRP D 78 31.16 -42.80 9.10
CA TRP D 78 31.59 -41.42 9.01
C TRP D 78 31.53 -40.75 10.37
N ILE D 79 32.33 -39.72 10.57
CA ILE D 79 32.29 -38.82 11.71
C ILE D 79 32.21 -37.41 11.16
N PHE D 80 31.45 -36.51 11.76
CA PHE D 80 31.34 -35.11 11.36
C PHE D 80 31.25 -34.19 12.59
N GLY D 81 31.60 -32.92 12.46
CA GLY D 81 31.37 -31.92 13.50
C GLY D 81 32.34 -30.75 13.42
N THR D 82 32.53 -30.02 14.50
CA THR D 82 33.55 -28.96 14.56
C THR D 82 34.94 -29.55 14.81
N THR D 83 35.19 -30.03 16.03
CA THR D 83 36.52 -30.41 16.53
C THR D 83 36.69 -31.90 16.79
N LEU D 84 35.60 -32.69 16.74
CA LEU D 84 35.61 -34.16 16.72
C LEU D 84 36.40 -34.76 17.91
N ASP D 85 36.30 -34.17 19.10
CA ASP D 85 37.23 -34.39 20.20
C ASP D 85 36.62 -34.23 21.59
N SER D 86 35.33 -34.57 21.75
CA SER D 86 34.61 -34.65 23.03
C SER D 86 34.35 -33.32 23.75
N LYS D 87 35.14 -32.27 23.49
CA LYS D 87 34.82 -30.87 23.83
C LYS D 87 33.76 -30.26 22.89
N THR D 88 33.17 -31.09 22.04
CA THR D 88 31.96 -30.89 21.26
C THR D 88 31.19 -32.22 21.24
N GLN D 89 29.87 -32.17 21.13
CA GLN D 89 29.14 -33.30 20.54
C GLN D 89 29.57 -33.47 19.09
N SER D 90 29.59 -34.68 18.56
CA SER D 90 30.00 -34.93 17.18
C SER D 90 29.25 -36.11 16.58
N LEU D 91 28.70 -35.92 15.39
CA LEU D 91 27.97 -36.93 14.66
C LEU D 91 28.86 -38.14 14.38
N LEU D 92 28.32 -39.34 14.59
CA LEU D 92 28.88 -40.61 14.15
C LEU D 92 27.80 -41.37 13.38
N ILE D 93 28.19 -41.96 12.27
CA ILE D 93 27.36 -42.84 11.47
C ILE D 93 28.08 -44.17 11.32
N VAL D 94 27.35 -45.26 11.44
CA VAL D 94 27.80 -46.62 11.16
C VAL D 94 26.79 -47.27 10.21
N ASN D 95 27.22 -48.16 9.33
CA ASN D 95 26.34 -48.89 8.43
C ASN D 95 26.66 -50.40 8.50
N ASN D 96 26.43 -51.01 9.66
CA ASN D 96 26.93 -52.33 10.06
C ASN D 96 26.08 -53.50 9.56
N ALA D 97 26.57 -54.15 8.51
CA ALA D 97 25.99 -55.28 7.76
C ALA D 97 24.65 -54.99 7.04
N THR D 98 23.65 -54.49 7.77
CA THR D 98 22.27 -54.33 7.29
C THR D 98 21.71 -52.96 7.64
N ASN D 99 21.97 -52.50 8.85
CA ASN D 99 21.38 -51.30 9.44
C ASN D 99 22.15 -50.04 9.04
N VAL D 100 21.50 -48.89 9.13
CA VAL D 100 22.18 -47.61 9.33
C VAL D 100 21.99 -47.24 10.79
N VAL D 101 23.04 -46.88 11.51
CA VAL D 101 23.01 -46.58 12.94
C VAL D 101 23.68 -45.24 13.18
N ILE D 102 23.03 -44.33 13.90
CA ILE D 102 23.47 -42.93 13.98
C ILE D 102 23.49 -42.49 15.43
N LYS D 103 24.49 -41.73 15.80
CA LYS D 103 24.74 -41.25 17.17
C LYS D 103 25.33 -39.85 17.12
N VAL D 104 25.29 -39.10 18.22
CA VAL D 104 25.86 -37.73 18.27
C VAL D 104 26.66 -37.38 19.53
N CYS D 105 27.18 -38.37 20.25
CA CYS D 105 27.87 -38.16 21.53
C CYS D 105 29.06 -37.20 21.50
N GLU D 106 29.47 -36.75 22.68
CA GLU D 106 30.78 -36.17 22.97
C GLU D 106 31.91 -37.22 22.87
N PHE D 107 32.04 -37.90 21.73
CA PHE D 107 33.09 -38.91 21.49
C PHE D 107 34.51 -38.34 21.54
N GLN D 108 35.45 -39.16 21.98
CA GLN D 108 36.89 -38.98 21.83
C GLN D 108 37.43 -40.15 20.98
N PHE D 109 37.29 -40.02 19.67
CA PHE D 109 37.74 -41.02 18.70
C PHE D 109 39.27 -41.24 18.75
N CYS D 110 39.76 -42.31 18.14
CA CYS D 110 41.18 -42.64 18.09
C CYS D 110 41.98 -41.65 17.21
N ASN D 111 43.31 -41.79 17.17
CA ASN D 111 44.16 -41.02 16.24
C ASN D 111 43.84 -41.32 14.76
N ASP D 112 43.21 -42.45 14.49
CA ASP D 112 42.74 -42.91 13.18
C ASP D 112 41.42 -43.69 13.37
N PRO D 113 40.32 -43.34 12.68
CA PRO D 113 39.07 -44.08 12.76
C PRO D 113 39.08 -45.46 12.05
N PHE D 114 39.98 -46.35 12.45
CA PHE D 114 40.15 -47.71 11.88
C PHE D 114 39.02 -48.69 12.22
N LEU D 115 37.92 -48.19 12.79
CA LEU D 115 36.65 -48.84 13.13
C LEU D 115 36.70 -50.03 14.11
N GLY D 116 37.79 -50.78 14.19
CA GLY D 116 37.72 -52.18 14.62
C GLY D 116 37.16 -53.06 13.50
N VAL D 117 37.16 -54.37 13.69
CA VAL D 117 36.83 -55.33 12.62
C VAL D 117 36.26 -56.64 13.15
N TYR D 118 35.64 -57.41 12.27
CA TYR D 118 35.16 -58.76 12.55
C TYR D 118 36.32 -59.78 12.55
N TYR D 119 36.60 -60.35 13.72
CA TYR D 119 37.70 -61.28 13.96
C TYR D 119 37.35 -62.73 13.55
N HIS D 120 37.68 -63.74 14.37
CA HIS D 120 37.01 -65.06 14.37
C HIS D 120 35.53 -64.92 14.82
N LYS D 121 34.71 -64.26 14.00
CA LYS D 121 33.32 -63.86 14.27
C LYS D 121 32.37 -65.04 14.54
N ASN D 122 32.77 -66.27 14.23
CA ASN D 122 32.14 -67.52 14.71
C ASN D 122 32.18 -67.71 16.25
N ASN D 123 32.91 -66.88 17.00
CA ASN D 123 32.74 -66.70 18.45
C ASN D 123 32.39 -65.23 18.83
N LYS D 124 31.73 -64.49 17.93
CA LYS D 124 31.36 -63.05 17.97
C LYS D 124 32.55 -62.08 17.90
N SER D 125 32.27 -60.82 17.56
CA SER D 125 33.27 -59.76 17.39
C SER D 125 32.66 -58.37 17.57
N TRP D 126 33.51 -57.39 17.86
CA TRP D 126 33.12 -56.10 18.41
C TRP D 126 34.20 -55.02 18.25
N MET D 127 33.81 -53.78 18.53
CA MET D 127 34.68 -52.60 18.66
C MET D 127 34.10 -51.65 19.71
N GLU D 128 34.88 -50.69 20.19
CA GLU D 128 34.35 -49.55 20.95
C GLU D 128 35.08 -48.27 20.55
N SER D 129 34.41 -47.41 19.76
CA SER D 129 35.01 -46.20 19.19
C SER D 129 36.36 -46.51 18.57
N GLU D 130 36.35 -47.47 17.65
CA GLU D 130 37.51 -48.16 17.11
C GLU D 130 38.23 -48.98 18.19
N PHE D 131 38.99 -48.35 19.08
CA PHE D 131 39.58 -48.95 20.28
C PHE D 131 40.00 -47.84 21.29
N ARG D 132 41.14 -48.03 21.96
CA ARG D 132 41.92 -47.03 22.72
C ARG D 132 41.20 -46.37 23.92
N VAL D 133 40.27 -45.44 23.70
CA VAL D 133 39.82 -44.43 24.71
C VAL D 133 38.29 -44.15 24.70
N TYR D 134 37.64 -44.17 23.53
CA TYR D 134 36.22 -43.85 23.30
C TYR D 134 35.72 -42.42 23.59
N SER D 135 35.90 -41.89 24.80
CA SER D 135 35.28 -40.62 25.19
C SER D 135 35.96 -39.95 26.39
N SER D 136 35.75 -38.64 26.52
CA SER D 136 36.09 -37.88 27.73
C SER D 136 34.90 -37.06 28.29
N ALA D 137 33.70 -37.24 27.74
CA ALA D 137 32.41 -36.72 28.25
C ALA D 137 31.26 -37.66 27.81
N ASN D 138 30.02 -37.17 27.59
CA ASN D 138 28.95 -38.00 27.03
C ASN D 138 27.90 -37.20 26.23
N ASN D 139 26.95 -36.54 26.88
CA ASN D 139 25.77 -35.83 26.31
C ASN D 139 25.33 -36.33 24.91
N CYS D 140 24.95 -37.60 24.81
CA CYS D 140 24.53 -38.24 23.56
C CYS D 140 23.10 -37.81 23.16
N THR D 141 22.88 -36.55 22.78
CA THR D 141 21.51 -35.96 22.70
C THR D 141 20.59 -36.55 21.62
N PHE D 142 21.11 -37.37 20.72
CA PHE D 142 20.32 -38.10 19.71
C PHE D 142 20.91 -39.47 19.41
N GLU D 143 20.06 -40.42 19.06
CA GLU D 143 20.42 -41.72 18.49
C GLU D 143 19.28 -42.21 17.58
N TYR D 144 19.62 -42.99 16.56
CA TYR D 144 18.69 -43.53 15.58
C TYR D 144 19.20 -44.85 15.00
N VAL D 145 18.29 -45.73 14.56
CA VAL D 145 18.61 -46.95 13.81
C VAL D 145 17.62 -47.16 12.67
N SER D 146 18.08 -47.48 11.46
CA SER D 146 17.27 -48.14 10.42
C SER D 146 17.39 -49.65 10.55
N PHE D 160 35.07 -53.49 -8.08
CA PHE D 160 34.59 -52.23 -7.51
C PHE D 160 33.17 -51.85 -8.03
N LYS D 161 32.40 -52.86 -8.40
CA LYS D 161 31.08 -52.72 -9.04
C LYS D 161 30.03 -51.92 -8.27
N ASN D 162 30.18 -51.71 -6.97
CA ASN D 162 29.19 -51.02 -6.13
C ASN D 162 29.57 -49.53 -5.91
N LEU D 163 28.98 -48.59 -6.65
CA LEU D 163 29.19 -47.16 -6.45
C LEU D 163 28.16 -46.56 -5.49
N ARG D 164 28.52 -46.35 -4.22
CA ARG D 164 27.63 -45.72 -3.25
C ARG D 164 27.77 -44.22 -3.30
N GLU D 165 27.13 -43.53 -4.23
CA GLU D 165 27.05 -42.06 -4.19
C GLU D 165 26.34 -41.59 -2.91
N PHE D 166 26.75 -40.45 -2.36
CA PHE D 166 26.13 -39.80 -1.21
C PHE D 166 26.21 -38.30 -1.36
N VAL D 167 25.36 -37.56 -0.65
CA VAL D 167 25.54 -36.15 -0.33
C VAL D 167 25.30 -36.00 1.16
N PHE D 168 26.07 -35.13 1.80
CA PHE D 168 25.98 -34.83 3.21
C PHE D 168 25.99 -33.32 3.40
N LYS D 169 24.89 -32.72 3.84
CA LYS D 169 24.81 -31.26 4.04
C LYS D 169 24.06 -30.88 5.30
N ASN D 170 24.29 -29.68 5.83
CA ASN D 170 23.76 -29.24 7.12
C ASN D 170 23.15 -27.84 6.99
N ILE D 171 21.82 -27.76 6.98
CA ILE D 171 21.03 -26.53 6.74
C ILE D 171 19.94 -26.38 7.80
N ASP D 172 19.77 -25.19 8.37
CA ASP D 172 18.69 -24.82 9.31
C ASP D 172 18.58 -25.74 10.54
N GLY D 173 19.72 -26.30 10.97
CA GLY D 173 19.79 -27.27 12.06
C GLY D 173 19.38 -28.71 11.67
N TYR D 174 19.21 -29.01 10.39
CA TYR D 174 19.07 -30.38 9.90
C TYR D 174 20.34 -30.85 9.19
N PHE D 175 20.83 -32.02 9.57
CA PHE D 175 21.79 -32.75 8.76
C PHE D 175 21.02 -33.63 7.77
N LYS D 176 21.35 -33.55 6.48
CA LYS D 176 20.60 -34.18 5.39
C LYS D 176 21.49 -35.15 4.65
N ILE D 177 21.01 -36.37 4.48
CA ILE D 177 21.73 -37.45 3.81
C ILE D 177 20.94 -37.90 2.60
N TYR D 178 21.61 -38.06 1.46
CA TYR D 178 21.02 -38.59 0.24
C TYR D 178 21.88 -39.75 -0.27
N SER D 179 21.40 -40.61 -1.17
CA SER D 179 22.28 -41.61 -1.79
C SER D 179 21.80 -42.13 -3.14
N LYS D 180 22.68 -42.85 -3.82
CA LYS D 180 22.36 -43.71 -4.96
C LYS D 180 23.35 -44.87 -5.00
N HIS D 181 22.97 -46.05 -4.52
CA HIS D 181 23.84 -47.26 -4.46
C HIS D 181 23.91 -47.96 -5.82
N THR D 182 24.26 -47.21 -6.86
CA THR D 182 24.24 -47.68 -8.24
C THR D 182 25.32 -48.73 -8.53
N PRO D 183 25.01 -49.80 -9.28
CA PRO D 183 26.04 -50.63 -9.87
C PRO D 183 26.82 -49.84 -10.93
N ILE D 184 28.07 -50.21 -11.17
CA ILE D 184 28.97 -49.71 -12.22
C ILE D 184 29.87 -50.84 -12.72
N ASN D 185 30.55 -50.64 -13.85
CA ASN D 185 31.61 -51.54 -14.32
C ASN D 185 32.93 -50.82 -14.70
N LEU D 186 32.94 -49.48 -14.81
CA LEU D 186 34.17 -48.69 -14.96
C LEU D 186 34.99 -48.74 -13.66
N VAL D 187 35.98 -49.63 -13.56
CA VAL D 187 36.86 -49.72 -12.37
C VAL D 187 37.74 -48.46 -12.21
N ARG D 188 37.99 -47.75 -13.32
CA ARG D 188 38.97 -46.68 -13.48
C ARG D 188 38.79 -45.51 -12.51
N ASP D 189 37.57 -45.01 -12.40
CA ASP D 189 37.30 -43.61 -12.03
C ASP D 189 35.82 -43.40 -11.66
N LEU D 190 35.44 -42.18 -11.25
CA LEU D 190 34.03 -41.78 -11.26
C LEU D 190 33.43 -41.76 -12.69
N PRO D 191 32.20 -42.25 -12.89
CA PRO D 191 31.58 -42.32 -14.20
C PRO D 191 31.10 -40.94 -14.69
N GLN D 192 31.21 -40.72 -15.99
CA GLN D 192 30.46 -39.68 -16.70
C GLN D 192 28.96 -39.99 -16.70
N GLY D 193 28.14 -39.12 -17.31
CA GLY D 193 26.69 -39.30 -17.37
C GLY D 193 25.98 -39.01 -16.04
N PHE D 194 24.66 -39.01 -16.08
CA PHE D 194 23.84 -38.46 -15.00
C PHE D 194 23.50 -39.44 -13.88
N SER D 195 23.25 -38.91 -12.68
CA SER D 195 22.69 -39.63 -11.53
C SER D 195 22.01 -38.67 -10.56
N ALA D 196 20.95 -39.13 -9.91
CA ALA D 196 20.18 -38.35 -8.94
C ALA D 196 20.03 -39.11 -7.64
N LEU D 197 20.15 -38.42 -6.51
CA LEU D 197 20.16 -39.03 -5.19
C LEU D 197 18.87 -38.68 -4.43
N GLU D 198 18.06 -39.68 -4.13
CA GLU D 198 16.94 -39.57 -3.17
C GLU D 198 17.45 -39.39 -1.73
N PRO D 199 16.75 -38.64 -0.87
CA PRO D 199 17.12 -38.54 0.52
C PRO D 199 16.99 -39.91 1.18
N LEU D 200 17.87 -40.24 2.12
CA LEU D 200 17.66 -41.32 3.07
C LEU D 200 17.05 -40.80 4.36
N VAL D 201 17.66 -39.77 4.96
CA VAL D 201 17.25 -39.24 6.26
C VAL D 201 17.50 -37.74 6.31
N ASP D 202 16.82 -37.09 7.24
CA ASP D 202 16.79 -35.65 7.37
C ASP D 202 16.66 -35.32 8.86
N LEU D 203 17.81 -35.15 9.52
CA LEU D 203 17.93 -35.28 10.97
C LEU D 203 18.01 -33.91 11.65
N PRO D 204 17.09 -33.52 12.53
CA PRO D 204 17.01 -32.18 13.16
C PRO D 204 18.06 -31.95 14.27
N ILE D 205 19.22 -32.62 14.16
CA ILE D 205 20.20 -32.78 15.24
C ILE D 205 21.06 -31.53 15.51
N GLY D 206 20.93 -30.46 14.74
CA GLY D 206 21.39 -29.12 15.09
C GLY D 206 22.90 -28.84 15.11
N ILE D 207 23.76 -29.85 15.19
CA ILE D 207 25.21 -29.70 15.42
C ILE D 207 25.88 -28.89 14.29
N ASN D 208 26.87 -28.10 14.66
CA ASN D 208 27.73 -27.33 13.75
C ASN D 208 28.80 -28.25 13.13
N ILE D 209 29.05 -28.16 11.83
CA ILE D 209 30.05 -28.97 11.12
C ILE D 209 31.09 -28.08 10.41
N THR D 210 32.38 -28.33 10.67
CA THR D 210 33.52 -27.79 9.90
C THR D 210 34.49 -28.87 9.43
N ARG D 211 34.48 -30.09 10.00
CA ARG D 211 35.36 -31.22 9.68
C ARG D 211 34.57 -32.52 9.61
N PHE D 212 35.10 -33.51 8.91
CA PHE D 212 34.58 -34.87 8.87
C PHE D 212 35.66 -35.93 8.58
N GLN D 213 35.41 -37.21 8.89
CA GLN D 213 36.36 -38.30 8.67
C GLN D 213 35.66 -39.65 8.50
N THR D 214 35.91 -40.39 7.42
CA THR D 214 35.32 -41.72 7.24
C THR D 214 35.89 -42.75 8.22
N LEU D 215 35.12 -43.79 8.50
CA LEU D 215 35.54 -45.01 9.16
C LEU D 215 35.63 -46.15 8.14
N LEU D 216 36.76 -46.83 8.12
CA LEU D 216 36.96 -48.11 7.46
C LEU D 216 37.41 -49.13 8.50
N ALA D 217 37.00 -50.39 8.38
CA ALA D 217 37.60 -51.49 9.16
C ALA D 217 39.06 -51.76 8.80
N LEU D 218 39.94 -51.97 9.79
CA LEU D 218 41.31 -52.42 9.51
C LEU D 218 41.26 -53.86 9.00
N HIS D 219 41.55 -54.05 7.71
CA HIS D 219 41.49 -55.34 7.02
C HIS D 219 42.47 -55.39 5.84
N ALA D 237 40.82 -49.84 -1.12
CA ALA D 237 39.64 -48.99 -1.09
C ALA D 237 39.95 -47.53 -1.44
N ALA D 238 38.95 -46.81 -1.92
CA ALA D 238 39.06 -45.41 -2.32
C ALA D 238 37.78 -44.61 -2.10
N TYR D 239 37.89 -43.32 -1.78
CA TYR D 239 36.73 -42.45 -1.60
C TYR D 239 36.94 -41.04 -2.18
N TYR D 240 35.96 -40.55 -2.89
CA TYR D 240 36.08 -39.52 -3.90
C TYR D 240 35.41 -38.23 -3.43
N VAL D 241 35.86 -37.68 -2.32
CA VAL D 241 35.29 -36.45 -1.74
C VAL D 241 35.25 -35.29 -2.72
N GLY D 242 34.13 -34.60 -2.80
CA GLY D 242 33.97 -33.29 -3.43
C GLY D 242 33.31 -32.30 -2.46
N TYR D 243 33.09 -31.06 -2.88
CA TYR D 243 32.44 -30.04 -2.07
C TYR D 243 31.32 -29.29 -2.77
N LEU D 244 30.26 -29.05 -2.02
CA LEU D 244 29.07 -28.33 -2.48
C LEU D 244 29.32 -26.81 -2.52
N GLN D 245 28.51 -26.08 -3.28
CA GLN D 245 28.48 -24.62 -3.29
C GLN D 245 27.04 -24.15 -3.46
N PRO D 246 26.65 -22.97 -2.96
CA PRO D 246 25.41 -22.33 -3.33
C PRO D 246 25.40 -22.09 -4.83
N ARG D 247 24.54 -22.83 -5.53
CA ARG D 247 24.39 -22.79 -6.98
C ARG D 247 22.94 -22.77 -7.37
N THR D 248 22.60 -21.96 -8.36
CA THR D 248 21.33 -22.05 -9.05
C THR D 248 21.40 -23.18 -10.07
N PHE D 249 20.30 -23.90 -10.25
CA PHE D 249 20.20 -25.09 -11.08
C PHE D 249 18.88 -25.14 -11.85
N LEU D 250 18.88 -25.85 -12.98
CA LEU D 250 17.67 -26.29 -13.70
C LEU D 250 17.64 -27.81 -13.66
N LEU D 251 16.48 -28.42 -13.44
CA LEU D 251 16.31 -29.85 -13.21
C LEU D 251 15.26 -30.42 -14.14
N LYS D 252 15.57 -31.50 -14.83
CA LYS D 252 14.62 -32.17 -15.71
C LYS D 252 13.96 -33.31 -14.95
N TYR D 253 12.75 -33.09 -14.44
CA TYR D 253 11.93 -34.18 -13.92
C TYR D 253 11.23 -34.88 -15.08
N ASN D 254 11.32 -36.20 -15.16
CA ASN D 254 10.65 -37.00 -16.17
C ASN D 254 9.18 -37.31 -15.80
N GLU D 255 8.54 -38.14 -16.60
CA GLU D 255 7.14 -38.57 -16.44
C GLU D 255 6.90 -39.33 -15.14
N ASN D 256 7.92 -39.98 -14.57
CA ASN D 256 7.87 -40.71 -13.31
C ASN D 256 8.38 -39.84 -12.14
N GLY D 257 8.37 -38.52 -12.30
CA GLY D 257 8.78 -37.54 -11.30
C GLY D 257 10.19 -37.71 -10.76
N THR D 258 11.06 -38.26 -11.60
CA THR D 258 12.46 -38.59 -11.34
C THR D 258 13.38 -37.65 -12.08
N ILE D 259 14.39 -37.08 -11.41
CA ILE D 259 15.35 -36.18 -12.05
C ILE D 259 16.25 -36.98 -12.99
N THR D 260 16.20 -36.74 -14.30
CA THR D 260 17.07 -37.44 -15.27
C THR D 260 18.23 -36.60 -15.78
N ASP D 261 18.19 -35.28 -15.58
CA ASP D 261 19.20 -34.38 -16.08
C ASP D 261 19.19 -33.07 -15.29
N ALA D 262 20.26 -32.31 -15.36
CA ALA D 262 20.40 -31.03 -14.66
C ALA D 262 21.34 -30.05 -15.38
N VAL D 263 21.24 -28.77 -15.04
CA VAL D 263 22.17 -27.71 -15.44
C VAL D 263 22.57 -26.94 -14.20
N ASP D 264 23.87 -26.78 -14.00
CA ASP D 264 24.47 -25.86 -13.03
C ASP D 264 24.56 -24.50 -13.71
N CYS D 265 23.75 -23.52 -13.31
CA CYS D 265 23.61 -22.28 -14.08
C CYS D 265 24.91 -21.50 -14.21
N ALA D 266 25.75 -21.49 -13.16
CA ALA D 266 26.97 -20.69 -13.13
C ALA D 266 28.16 -21.28 -13.91
N LEU D 267 28.09 -22.54 -14.34
CA LEU D 267 29.21 -23.28 -14.94
C LEU D 267 29.86 -22.55 -16.12
N ASP D 268 29.07 -22.10 -17.09
CA ASP D 268 29.57 -21.48 -18.31
C ASP D 268 28.45 -20.66 -18.98
N PRO D 269 28.74 -19.82 -19.96
CA PRO D 269 27.73 -18.94 -20.52
C PRO D 269 26.59 -19.70 -21.22
N LEU D 270 26.85 -20.91 -21.71
CA LEU D 270 25.78 -21.77 -22.20
C LEU D 270 24.85 -22.19 -21.07
N SER D 271 25.37 -22.64 -19.95
CA SER D 271 24.58 -23.03 -18.79
C SER D 271 23.82 -21.88 -18.17
N GLU D 272 24.37 -20.67 -18.17
CA GLU D 272 23.59 -19.49 -17.81
C GLU D 272 22.46 -19.25 -18.81
N THR D 273 22.67 -19.54 -20.08
CA THR D 273 21.61 -19.41 -21.08
C THR D 273 20.52 -20.45 -20.87
N LYS D 274 20.88 -21.71 -20.63
CA LYS D 274 19.91 -22.78 -20.30
C LYS D 274 19.04 -22.37 -19.13
N CYS D 275 19.61 -21.82 -18.07
CA CYS D 275 18.83 -21.32 -16.96
C CYS D 275 17.99 -20.09 -17.30
N THR D 276 18.49 -19.19 -18.14
CA THR D 276 17.76 -17.97 -18.54
C THR D 276 16.52 -18.29 -19.38
N LEU D 277 16.58 -19.32 -20.23
CA LEU D 277 15.45 -19.83 -21.00
C LEU D 277 14.63 -20.91 -20.27
N LYS D 278 15.04 -21.33 -19.07
CA LYS D 278 14.46 -22.50 -18.36
C LYS D 278 14.31 -23.71 -19.29
N SER D 279 15.36 -24.03 -20.04
CA SER D 279 15.32 -25.06 -21.09
C SER D 279 16.65 -25.79 -21.25
N PHE D 280 16.62 -27.07 -21.61
CA PHE D 280 17.83 -27.87 -21.78
C PHE D 280 18.42 -27.72 -23.18
N THR D 281 17.60 -27.75 -24.23
CA THR D 281 18.05 -27.22 -25.52
C THR D 281 18.08 -25.71 -25.47
N VAL D 282 19.06 -25.09 -26.09
CA VAL D 282 19.11 -23.66 -26.40
C VAL D 282 19.31 -23.54 -27.90
N GLU D 283 18.52 -22.73 -28.58
CA GLU D 283 18.53 -22.62 -30.04
C GLU D 283 19.55 -21.59 -30.54
N LYS D 284 19.87 -21.62 -31.84
CA LYS D 284 20.82 -20.70 -32.48
C LYS D 284 20.37 -19.25 -32.27
N GLY D 285 21.15 -18.44 -31.56
CA GLY D 285 20.73 -17.09 -31.16
C GLY D 285 21.67 -16.34 -30.24
N ILE D 286 21.17 -15.25 -29.66
CA ILE D 286 21.89 -14.34 -28.77
C ILE D 286 20.99 -13.98 -27.59
N TYR D 287 21.40 -14.33 -26.38
CA TYR D 287 20.56 -14.24 -25.18
C TYR D 287 21.25 -13.45 -24.09
N GLN D 288 20.62 -12.41 -23.56
CA GLN D 288 21.19 -11.69 -22.43
C GLN D 288 21.07 -12.54 -21.17
N THR D 289 22.14 -13.17 -20.71
CA THR D 289 22.08 -13.97 -19.49
C THR D 289 22.17 -13.11 -18.24
N SER D 290 22.83 -11.97 -18.29
CA SER D 290 23.13 -11.19 -17.08
C SER D 290 23.55 -9.75 -17.42
N ASN D 291 23.77 -8.93 -16.41
CA ASN D 291 24.49 -7.66 -16.54
C ASN D 291 25.85 -7.79 -15.84
N PHE D 292 26.93 -7.61 -16.58
CA PHE D 292 28.29 -7.57 -16.05
C PHE D 292 28.50 -6.24 -15.36
N ARG D 293 29.04 -6.21 -14.14
CA ARG D 293 29.38 -4.98 -13.43
C ARG D 293 30.76 -5.07 -12.82
N VAL D 294 31.64 -4.11 -13.12
CA VAL D 294 32.99 -4.07 -12.51
C VAL D 294 32.85 -3.88 -11.00
N GLN D 295 33.52 -4.71 -10.20
CA GLN D 295 33.32 -4.76 -8.75
C GLN D 295 34.09 -3.67 -7.99
N PRO D 296 33.59 -3.18 -6.84
CA PRO D 296 34.34 -2.25 -6.00
C PRO D 296 35.62 -2.89 -5.49
N THR D 297 36.77 -2.26 -5.74
CA THR D 297 38.08 -2.81 -5.37
C THR D 297 38.32 -2.79 -3.86
N GLU D 298 37.88 -1.72 -3.19
CA GLU D 298 38.13 -1.42 -1.79
C GLU D 298 37.15 -0.34 -1.31
N SER D 299 37.04 -0.15 0.00
CA SER D 299 36.15 0.84 0.62
C SER D 299 36.91 2.05 1.13
N ILE D 300 36.48 3.25 0.71
CA ILE D 300 37.10 4.54 0.99
C ILE D 300 36.28 5.35 1.99
N VAL D 301 36.90 5.94 3.00
CA VAL D 301 36.20 6.74 4.02
C VAL D 301 36.78 8.13 4.12
N ARG D 302 35.91 9.13 4.16
CA ARG D 302 36.25 10.55 4.04
C ARG D 302 35.33 11.33 4.97
N PHE D 303 35.80 11.64 6.17
CA PHE D 303 35.10 12.45 7.15
C PHE D 303 35.90 13.75 7.38
N PRO D 304 35.31 14.89 7.75
CA PRO D 304 36.09 16.05 8.16
C PRO D 304 36.98 15.70 9.34
N ASN D 305 38.23 16.15 9.35
CA ASN D 305 39.27 15.63 10.26
C ASN D 305 39.30 16.34 11.62
N ILE D 306 38.15 16.83 12.10
CA ILE D 306 37.98 17.44 13.42
C ILE D 306 38.07 16.42 14.56
N THR D 307 38.48 16.85 15.75
CA THR D 307 38.95 15.96 16.84
C THR D 307 38.11 16.02 18.12
N ASN D 308 37.31 17.07 18.33
CA ASN D 308 36.54 17.26 19.57
C ASN D 308 35.63 16.06 19.86
N LEU D 309 35.64 15.51 21.07
CA LEU D 309 34.58 14.60 21.50
C LEU D 309 33.31 15.39 21.84
N CYS D 310 32.17 14.99 21.32
CA CYS D 310 30.93 15.76 21.44
C CYS D 310 30.48 15.96 22.89
N PRO D 311 29.85 17.10 23.20
CA PRO D 311 29.58 17.56 24.56
C PRO D 311 28.38 16.86 25.21
N PHE D 312 28.11 15.60 24.91
CA PHE D 312 26.93 14.90 25.43
C PHE D 312 26.86 14.84 26.96
N GLY D 313 27.99 14.85 27.69
CA GLY D 313 27.97 15.00 29.15
C GLY D 313 27.30 16.29 29.62
N GLU D 314 27.48 17.39 28.88
CA GLU D 314 26.83 18.68 29.15
C GLU D 314 25.31 18.64 28.93
N VAL D 315 24.84 17.79 28.02
CA VAL D 315 23.41 17.53 27.79
C VAL D 315 22.88 16.58 28.86
N PHE D 316 23.28 15.30 28.79
CA PHE D 316 22.62 14.21 29.50
C PHE D 316 22.85 14.26 31.01
N ASN D 317 23.98 14.82 31.46
CA ASN D 317 24.35 14.85 32.89
C ASN D 317 24.19 16.25 33.51
N ALA D 318 23.45 17.15 32.87
CA ALA D 318 23.07 18.45 33.42
C ALA D 318 22.22 18.29 34.71
N THR D 319 22.39 19.21 35.66
CA THR D 319 21.84 19.12 37.02
C THR D 319 20.32 19.12 37.03
N ARG D 320 19.69 20.05 36.32
CA ARG D 320 18.24 20.07 36.04
C ARG D 320 18.01 20.38 34.58
N PHE D 321 17.20 19.56 33.92
CA PHE D 321 16.78 19.84 32.54
C PHE D 321 15.67 20.88 32.54
N ALA D 322 15.42 21.51 31.39
CA ALA D 322 14.40 22.55 31.27
C ALA D 322 12.98 22.04 31.55
N SER D 323 12.13 22.94 32.03
CA SER D 323 10.70 22.72 32.22
C SER D 323 9.99 22.75 30.86
N VAL D 324 9.15 21.76 30.57
CA VAL D 324 8.70 21.50 29.19
C VAL D 324 7.88 22.62 28.55
N TYR D 325 7.28 23.54 29.32
CA TYR D 325 6.64 24.74 28.75
C TYR D 325 7.60 25.64 27.94
N ALA D 326 8.90 25.61 28.24
CA ALA D 326 9.93 26.45 27.65
C ALA D 326 11.27 25.68 27.60
N TRP D 327 11.21 24.53 26.96
CA TRP D 327 12.26 23.52 26.86
C TRP D 327 13.57 24.07 26.25
N ASN D 328 14.71 23.45 26.54
CA ASN D 328 16.02 23.91 26.09
C ASN D 328 16.46 23.19 24.80
N ARG D 329 17.21 23.87 23.93
CA ARG D 329 17.64 23.41 22.60
C ARG D 329 19.13 23.64 22.40
N LYS D 330 19.96 22.97 23.18
CA LYS D 330 21.41 22.99 23.00
C LYS D 330 21.79 22.42 21.63
N ARG D 331 22.31 23.26 20.74
CA ARG D 331 22.88 22.84 19.47
C ARG D 331 24.21 22.15 19.72
N ILE D 332 24.47 21.08 18.98
CA ILE D 332 25.74 20.38 18.90
C ILE D 332 26.28 20.47 17.46
N SER D 333 27.55 20.81 17.34
CA SER D 333 28.23 20.99 16.06
C SER D 333 29.75 20.89 16.23
N ASN D 334 30.47 20.70 15.12
CA ASN D 334 31.93 20.66 15.04
C ASN D 334 32.60 19.65 16.00
N CYS D 335 32.14 18.40 16.01
CA CYS D 335 32.69 17.36 16.88
C CYS D 335 32.46 15.95 16.35
N VAL D 336 33.16 14.99 16.93
CA VAL D 336 33.01 13.55 16.70
C VAL D 336 32.18 12.94 17.83
N ALA D 337 31.10 12.27 17.45
CA ALA D 337 30.10 11.67 18.31
C ALA D 337 30.37 10.19 18.57
N ASP D 338 29.70 9.63 19.56
CA ASP D 338 29.77 8.21 19.89
C ASP D 338 28.38 7.67 20.20
N TYR D 339 27.56 7.55 19.15
CA TYR D 339 26.20 7.02 19.31
C TYR D 339 26.23 5.59 19.83
N SER D 340 27.30 4.83 19.58
CA SER D 340 27.54 3.55 20.21
C SER D 340 27.54 3.64 21.73
N VAL D 341 28.35 4.50 22.37
CA VAL D 341 28.37 4.54 23.84
C VAL D 341 27.04 4.99 24.43
N LEU D 342 26.30 5.86 23.74
CA LEU D 342 24.93 6.19 24.13
C LEU D 342 24.00 4.97 23.99
N TYR D 343 23.88 4.41 22.80
CA TYR D 343 22.94 3.32 22.52
C TYR D 343 23.22 2.05 23.33
N ASN D 344 24.50 1.73 23.54
CA ASN D 344 24.91 0.54 24.28
C ASN D 344 24.73 0.66 25.79
N SER D 345 24.62 1.87 26.34
CA SER D 345 24.48 2.11 27.78
C SER D 345 23.17 1.51 28.33
N ALA D 346 23.21 0.91 29.51
CA ALA D 346 22.04 0.43 30.24
C ALA D 346 21.13 1.55 30.79
N SER D 347 21.56 2.81 30.73
CA SER D 347 20.95 3.97 31.38
C SER D 347 19.56 4.35 30.87
N PHE D 348 19.18 3.91 29.67
CA PHE D 348 18.06 4.46 28.93
C PHE D 348 16.86 3.52 28.91
N SER D 349 15.69 4.00 29.33
CA SER D 349 14.43 3.25 29.35
C SER D 349 13.81 3.15 27.95
N THR D 350 14.09 4.12 27.07
CA THR D 350 13.77 4.09 25.64
C THR D 350 14.86 4.83 24.87
N PHE D 351 15.08 4.42 23.62
CA PHE D 351 16.06 4.98 22.69
C PHE D 351 15.41 4.94 21.30
N LYS D 352 14.13 5.31 21.20
CA LYS D 352 13.34 5.12 19.99
C LYS D 352 13.82 6.05 18.88
N CYS D 353 14.16 5.52 17.71
CA CYS D 353 14.70 6.29 16.60
C CYS D 353 13.87 6.07 15.34
N TYR D 354 13.68 7.15 14.60
CA TYR D 354 12.59 7.27 13.64
C TYR D 354 13.10 7.23 12.20
N GLY D 355 13.63 8.33 11.68
CA GLY D 355 14.25 8.36 10.35
C GLY D 355 15.62 7.68 10.23
N VAL D 356 16.16 7.18 11.35
CA VAL D 356 17.48 6.54 11.44
C VAL D 356 17.47 5.44 12.49
N SER D 357 18.29 4.39 12.33
CA SER D 357 18.42 3.28 13.29
C SER D 357 19.67 3.47 14.17
N PRO D 358 19.62 3.29 15.49
CA PRO D 358 20.70 3.72 16.41
C PRO D 358 22.04 3.00 16.22
N THR D 359 21.99 1.80 15.65
CA THR D 359 23.11 1.04 15.09
C THR D 359 23.85 1.82 14.00
N LYS D 360 23.11 2.29 12.99
CA LYS D 360 23.62 2.97 11.79
C LYS D 360 24.17 4.36 12.06
N LEU D 361 23.76 5.04 13.13
CA LEU D 361 24.17 6.43 13.39
C LEU D 361 25.68 6.64 13.30
N ASN D 362 26.48 5.70 13.82
CA ASN D 362 27.94 5.83 13.81
C ASN D 362 28.55 5.86 12.41
N ASP D 363 27.86 5.34 11.40
CA ASP D 363 28.31 5.28 10.00
C ASP D 363 27.94 6.51 9.16
N LEU D 364 27.17 7.42 9.76
CA LEU D 364 26.38 8.46 9.10
C LEU D 364 26.71 9.84 9.70
N CYS D 365 26.71 10.94 8.92
CA CYS D 365 26.91 12.25 9.54
C CYS D 365 26.18 13.48 8.99
N PHE D 366 26.12 14.50 9.85
CA PHE D 366 25.07 15.51 9.89
C PHE D 366 25.63 16.93 9.90
N THR D 367 24.89 17.88 9.33
CA THR D 367 25.31 19.29 9.36
C THR D 367 25.28 19.86 10.77
N ASN D 368 24.25 19.52 11.55
CA ASN D 368 24.10 19.81 12.97
C ASN D 368 23.24 18.75 13.66
N VAL D 369 23.31 18.72 14.98
CA VAL D 369 22.35 17.99 15.82
C VAL D 369 21.81 18.92 16.88
N TYR D 370 20.51 18.90 17.13
CA TYR D 370 19.90 19.71 18.17
C TYR D 370 19.41 18.79 19.27
N ALA D 371 19.83 19.04 20.50
CA ALA D 371 19.39 18.27 21.66
C ALA D 371 18.24 19.01 22.37
N ASP D 372 17.02 18.80 21.94
CA ASP D 372 15.86 19.32 22.67
C ASP D 372 15.70 18.52 23.97
N SER D 373 15.77 19.16 25.13
CA SER D 373 15.78 18.41 26.38
C SER D 373 15.05 19.05 27.54
N PHE D 374 14.36 18.21 28.30
CA PHE D 374 13.40 18.57 29.33
C PHE D 374 13.03 17.36 30.21
N VAL D 375 12.31 17.61 31.30
CA VAL D 375 11.68 16.56 32.14
C VAL D 375 10.18 16.54 31.86
N ILE D 376 9.62 15.33 31.86
CA ILE D 376 8.20 15.01 31.70
C ILE D 376 7.74 14.04 32.78
N ARG D 377 6.44 13.95 33.04
CA ARG D 377 5.88 12.80 33.76
C ARG D 377 5.98 11.55 32.87
N GLY D 378 6.32 10.40 33.43
CA GLY D 378 6.58 9.16 32.69
C GLY D 378 5.44 8.72 31.76
N ASP D 379 4.19 8.99 32.11
CA ASP D 379 3.03 8.76 31.25
C ASP D 379 3.08 9.51 29.91
N GLU D 380 3.77 10.65 29.86
CA GLU D 380 3.75 11.53 28.71
C GLU D 380 4.52 11.00 27.52
N VAL D 381 5.41 10.01 27.69
CA VAL D 381 6.36 9.55 26.65
C VAL D 381 5.69 9.24 25.30
N ARG D 382 4.42 8.80 25.32
CA ARG D 382 3.56 8.63 24.13
C ARG D 382 3.45 9.89 23.26
N GLN D 383 3.40 11.08 23.86
CA GLN D 383 3.36 12.36 23.14
C GLN D 383 4.63 12.62 22.33
N ILE D 384 5.79 12.17 22.80
CA ILE D 384 7.09 12.54 22.22
C ILE D 384 7.47 11.53 21.14
N ALA D 385 6.65 11.53 20.09
CA ALA D 385 6.84 10.82 18.84
C ALA D 385 6.16 11.62 17.71
N PRO D 386 6.62 11.50 16.45
CA PRO D 386 5.97 12.12 15.29
C PRO D 386 4.48 11.73 15.24
N GLY D 387 3.61 12.69 14.94
CA GLY D 387 2.18 12.44 14.75
C GLY D 387 1.29 12.40 16.01
N GLN D 388 1.85 12.31 17.22
CA GLN D 388 1.08 12.05 18.45
C GLN D 388 0.55 13.33 19.14
N THR D 389 -0.35 13.15 20.11
CA THR D 389 -1.25 14.22 20.62
C THR D 389 -1.47 14.21 22.15
N GLY D 390 -1.72 15.39 22.70
CA GLY D 390 -1.84 15.72 24.13
C GLY D 390 -1.49 17.20 24.35
N LYS D 391 -1.84 17.81 25.48
CA LYS D 391 -1.78 19.29 25.56
C LYS D 391 -0.36 19.89 25.48
N ILE D 392 0.66 19.19 25.99
CA ILE D 392 2.06 19.59 25.75
C ILE D 392 2.33 19.53 24.25
N ALA D 393 1.96 18.43 23.60
CA ALA D 393 2.09 18.25 22.16
C ALA D 393 1.24 19.25 21.35
N ASP D 394 0.25 19.92 21.92
CA ASP D 394 -0.45 21.04 21.29
C ASP D 394 0.32 22.36 21.47
N TYR D 395 0.48 22.85 22.70
CA TYR D 395 0.98 24.21 22.95
C TYR D 395 2.51 24.33 22.84
N ASN D 396 3.29 23.37 23.35
CA ASN D 396 4.67 23.66 23.73
C ASN D 396 5.73 22.59 23.42
N TYR D 397 5.39 21.38 22.93
CA TYR D 397 6.37 20.49 22.29
C TYR D 397 5.76 19.58 21.22
N LYS D 398 5.29 20.19 20.14
CA LYS D 398 4.90 19.50 18.90
C LYS D 398 6.17 19.03 18.18
N LEU D 399 6.39 17.73 18.09
CA LEU D 399 7.36 17.17 17.15
C LEU D 399 6.86 17.32 15.70
N PRO D 400 7.75 17.49 14.71
CA PRO D 400 7.40 17.28 13.32
C PRO D 400 6.86 15.86 13.11
N ASP D 401 5.91 15.70 12.21
CA ASP D 401 5.37 14.38 11.83
C ASP D 401 6.34 13.58 10.94
N ASP D 402 7.46 14.18 10.53
CA ASP D 402 8.58 13.60 9.78
C ASP D 402 9.90 13.69 10.57
N PHE D 403 9.82 13.83 11.89
CA PHE D 403 10.94 13.96 12.82
C PHE D 403 12.04 12.93 12.54
N THR D 404 13.24 13.43 12.25
CA THR D 404 14.40 12.60 11.89
C THR D 404 15.41 12.60 13.02
N GLY D 405 15.29 11.64 13.92
CA GLY D 405 16.26 11.45 15.00
C GLY D 405 15.90 10.35 15.99
N CYS D 406 16.47 10.44 17.18
CA CYS D 406 16.23 9.55 18.30
C CYS D 406 15.60 10.31 19.46
N VAL D 407 14.59 9.73 20.08
CA VAL D 407 14.10 10.16 21.39
C VAL D 407 14.74 9.25 22.40
N ILE D 408 15.50 9.79 23.32
CA ILE D 408 16.20 9.01 24.34
C ILE D 408 15.66 9.44 25.68
N ALA D 409 15.03 8.54 26.43
CA ALA D 409 14.37 8.90 27.69
C ALA D 409 14.54 7.84 28.77
N TRP D 410 14.57 8.30 30.02
CA TRP D 410 14.84 7.47 31.18
C TRP D 410 14.23 8.02 32.47
N ASN D 411 13.92 7.12 33.39
CA ASN D 411 13.43 7.46 34.72
C ASN D 411 14.42 8.39 35.43
N SER D 412 13.91 9.42 36.08
CA SER D 412 14.72 10.35 36.86
C SER D 412 14.13 10.63 38.24
N ASN D 413 13.27 9.75 38.76
CA ASN D 413 12.64 9.86 40.09
C ASN D 413 13.65 10.01 41.24
N ASN D 414 14.84 9.45 41.08
CA ASN D 414 15.96 9.58 41.99
C ASN D 414 16.54 11.01 42.08
N LEU D 415 16.47 11.79 40.99
CA LEU D 415 17.01 13.15 40.91
C LEU D 415 15.89 14.20 41.00
N ASP D 416 14.87 14.04 40.17
CA ASP D 416 13.85 15.04 39.88
C ASP D 416 12.61 14.92 40.79
N SER D 417 12.70 14.17 41.89
CA SER D 417 11.68 14.12 42.94
C SER D 417 12.26 14.42 44.31
N LYS D 418 11.45 14.99 45.22
CA LYS D 418 11.87 15.33 46.60
C LYS D 418 10.95 14.75 47.68
N GLY D 421 7.90 17.98 47.28
CA GLY D 421 8.19 17.56 45.92
C GLY D 421 8.91 18.58 45.05
N ASN D 422 9.25 18.21 43.82
CA ASN D 422 9.83 19.10 42.82
C ASN D 422 8.73 19.79 41.99
N TYR D 423 8.49 21.08 42.22
CA TYR D 423 7.41 21.86 41.58
C TYR D 423 7.85 22.68 40.37
N ASN D 424 9.13 22.65 39.98
CA ASN D 424 9.67 23.53 38.94
C ASN D 424 9.15 23.24 37.51
N TYR D 425 8.42 22.14 37.33
CA TYR D 425 8.06 21.59 36.03
C TYR D 425 6.67 22.07 35.60
N LEU D 426 6.64 23.35 35.27
CA LEU D 426 5.56 24.03 34.55
C LEU D 426 5.44 23.47 33.12
N TYR D 427 4.20 23.31 32.68
CA TYR D 427 3.76 22.85 31.37
C TYR D 427 2.50 23.63 30.92
N ARG D 428 2.15 23.53 29.64
CA ARG D 428 1.11 24.34 28.99
C ARG D 428 0.26 23.50 28.04
N LYS D 436 2.53 24.43 16.47
CA LYS D 436 3.52 24.42 15.40
C LYS D 436 4.73 23.55 15.76
N PRO D 437 5.37 22.83 14.81
CA PRO D 437 6.55 22.02 15.11
C PRO D 437 7.64 22.83 15.82
N PHE D 438 8.16 22.34 16.95
CA PHE D 438 9.14 23.03 17.80
C PHE D 438 8.72 24.45 18.28
N GLU D 439 7.42 24.70 18.48
CA GLU D 439 6.95 25.92 19.13
C GLU D 439 7.42 26.03 20.60
N ARG D 440 7.67 27.27 21.04
CA ARG D 440 8.00 27.65 22.42
C ARG D 440 7.12 28.82 22.86
N ASP D 441 6.73 28.91 24.13
CA ASP D 441 5.81 29.96 24.58
C ASP D 441 6.07 30.41 26.03
N ILE D 442 5.99 31.72 26.26
CA ILE D 442 6.35 32.41 27.51
C ILE D 442 5.22 33.32 28.00
N TYR D 463 -7.83 33.93 31.52
CA TYR D 463 -7.33 32.56 31.63
C TYR D 463 -6.05 32.32 30.82
N PHE D 464 -5.21 31.41 31.32
CA PHE D 464 -3.98 30.92 30.67
C PHE D 464 -3.78 29.42 30.95
N PRO D 465 -3.09 28.63 30.10
CA PRO D 465 -3.02 27.17 30.25
C PRO D 465 -1.92 26.68 31.22
N LEU D 466 -1.41 27.53 32.12
CA LEU D 466 -0.32 27.19 33.05
C LEU D 466 -0.75 26.09 34.03
N GLN D 467 0.03 25.01 34.11
CA GLN D 467 -0.11 23.92 35.10
C GLN D 467 1.28 23.37 35.46
N SER D 468 1.47 22.77 36.62
CA SER D 468 2.79 22.23 37.02
C SER D 468 2.69 20.91 37.78
N TYR D 469 3.78 20.15 37.72
CA TYR D 469 4.00 18.99 38.59
C TYR D 469 4.44 19.37 40.01
N GLY D 470 4.72 18.36 40.81
CA GLY D 470 5.12 18.44 42.22
C GLY D 470 5.82 17.16 42.67
N PHE D 471 6.71 16.62 41.84
CA PHE D 471 7.15 15.22 41.90
C PHE D 471 7.77 14.82 43.26
N GLN D 472 7.23 13.76 43.86
CA GLN D 472 7.74 13.10 45.05
C GLN D 472 8.16 11.67 44.70
N PRO D 473 9.16 11.08 45.37
CA PRO D 473 9.65 9.74 45.01
C PRO D 473 8.58 8.64 45.18
N THR D 474 7.56 8.93 45.98
CA THR D 474 6.31 8.18 46.17
C THR D 474 5.42 8.10 44.94
N ASN D 475 5.57 9.01 43.95
CA ASN D 475 4.77 9.02 42.72
C ASN D 475 4.71 7.64 42.06
N VAL D 477 3.83 4.65 39.11
CA VAL D 477 5.19 4.75 38.57
C VAL D 477 5.23 5.62 37.32
N GLY D 478 4.21 5.59 36.47
CA GLY D 478 4.05 6.52 35.35
C GLY D 478 3.92 8.00 35.78
N TYR D 479 3.51 8.22 37.03
CA TYR D 479 3.52 9.49 37.74
C TYR D 479 4.92 10.07 37.98
N GLN D 480 5.99 9.29 37.87
CA GLN D 480 7.36 9.72 38.19
C GLN D 480 7.95 10.63 37.10
N PRO D 481 8.93 11.50 37.42
CA PRO D 481 9.62 12.27 36.39
C PRO D 481 10.54 11.35 35.57
N TYR D 482 10.55 11.61 34.26
CA TYR D 482 11.44 11.03 33.28
C TYR D 482 12.21 12.16 32.59
N ARG D 483 13.52 12.01 32.46
CA ARG D 483 14.36 12.86 31.62
C ARG D 483 14.25 12.42 30.18
N VAL D 484 14.22 13.37 29.27
CA VAL D 484 14.28 13.11 27.83
C VAL D 484 15.24 14.06 27.13
N VAL D 485 15.98 13.51 26.18
CA VAL D 485 16.71 14.22 25.16
C VAL D 485 16.16 13.76 23.83
N VAL D 486 15.68 14.67 23.02
CA VAL D 486 15.37 14.39 21.63
C VAL D 486 16.52 14.92 20.82
N LEU D 487 17.26 14.04 20.17
CA LEU D 487 18.30 14.42 19.23
C LEU D 487 17.67 14.57 17.85
N SER D 488 17.67 15.78 17.29
CA SER D 488 17.20 16.03 15.91
C SER D 488 18.36 16.28 14.96
N PHE D 489 18.40 15.58 13.84
CA PHE D 489 19.59 15.50 12.99
C PHE D 489 19.35 16.28 11.69
N GLU D 490 20.17 17.29 11.43
CA GLU D 490 20.02 18.16 10.28
C GLU D 490 20.74 17.57 9.06
N LEU D 491 20.05 16.69 8.35
CA LEU D 491 20.55 16.01 7.16
C LEU D 491 20.44 16.88 5.88
N LEU D 492 20.55 18.20 6.01
CA LEU D 492 20.68 19.13 4.88
C LEU D 492 21.99 18.94 4.10
N HIS D 493 22.07 19.57 2.92
CA HIS D 493 23.20 19.49 1.99
C HIS D 493 24.41 20.36 2.37
N ALA D 494 24.31 21.13 3.46
CA ALA D 494 25.39 21.96 4.00
C ALA D 494 26.57 21.09 4.49
N PRO D 495 27.73 21.68 4.80
CA PRO D 495 28.86 20.95 5.37
C PRO D 495 28.48 20.16 6.63
N ALA D 496 28.97 18.93 6.75
CA ALA D 496 28.80 18.10 7.92
C ALA D 496 29.63 18.65 9.09
N THR D 497 29.12 18.60 10.31
CA THR D 497 29.90 19.05 11.49
C THR D 497 29.80 18.15 12.70
N VAL D 498 28.73 17.37 12.87
CA VAL D 498 28.75 16.27 13.84
C VAL D 498 28.86 14.99 13.03
N CYS D 499 29.87 14.16 13.30
CA CYS D 499 30.05 12.86 12.65
C CYS D 499 30.34 11.73 13.65
N GLY D 500 29.97 10.50 13.32
CA GLY D 500 30.24 9.34 14.17
C GLY D 500 31.73 9.01 14.32
N PRO D 501 32.07 8.03 15.17
CA PRO D 501 33.45 7.70 15.57
C PRO D 501 34.26 7.00 14.46
N LYS D 502 33.81 7.04 13.21
CA LYS D 502 34.49 6.47 12.04
C LYS D 502 35.82 7.18 11.78
N LYS D 503 36.74 6.51 11.08
CA LYS D 503 38.07 7.04 10.74
C LYS D 503 38.35 6.90 9.24
N SER D 504 38.94 7.93 8.65
CA SER D 504 39.18 8.02 7.21
C SER D 504 40.25 7.05 6.71
N THR D 505 40.10 6.65 5.44
CA THR D 505 41.18 6.05 4.65
C THR D 505 41.92 7.15 3.88
N ASN D 506 43.03 6.80 3.26
CA ASN D 506 43.55 7.55 2.12
C ASN D 506 42.50 7.56 0.98
N LEU D 507 42.51 8.59 0.14
CA LEU D 507 41.66 8.67 -1.05
C LEU D 507 42.27 7.88 -2.21
N VAL D 508 41.43 7.21 -3.00
CA VAL D 508 41.82 6.43 -4.18
C VAL D 508 41.08 6.96 -5.42
N LYS D 509 41.76 7.09 -6.56
CA LYS D 509 41.26 7.80 -7.74
C LYS D 509 41.35 6.95 -9.00
N ASN D 510 40.47 7.22 -9.97
CA ASN D 510 40.42 6.60 -11.30
C ASN D 510 40.29 5.06 -11.28
N LYS D 511 39.81 4.50 -10.18
CA LYS D 511 39.65 3.06 -9.94
C LYS D 511 38.32 2.82 -9.26
N CYS D 512 37.57 1.78 -9.64
CA CYS D 512 36.25 1.52 -9.07
C CYS D 512 36.37 1.16 -7.57
N VAL D 513 35.71 1.93 -6.70
CA VAL D 513 35.75 1.76 -5.24
C VAL D 513 34.39 2.00 -4.62
N ASN D 514 34.16 1.37 -3.48
CA ASN D 514 33.13 1.80 -2.55
C ASN D 514 33.63 3.06 -1.84
N PHE D 515 32.74 3.98 -1.46
CA PHE D 515 33.12 5.19 -0.76
C PHE D 515 32.07 5.61 0.27
N ASN D 516 32.47 6.47 1.19
CA ASN D 516 31.61 7.14 2.15
C ASN D 516 32.18 8.54 2.41
N PHE D 517 31.52 9.57 1.91
CA PHE D 517 31.80 10.96 2.28
C PHE D 517 30.77 11.43 3.29
N ASN D 518 31.15 11.70 4.53
CA ASN D 518 30.27 12.24 5.58
C ASN D 518 28.95 11.46 5.81
N GLY D 519 28.85 10.20 5.41
CA GLY D 519 27.63 9.38 5.43
C GLY D 519 26.99 9.15 4.06
N LEU D 520 27.26 9.97 3.04
CA LEU D 520 26.92 9.67 1.66
C LEU D 520 27.75 8.47 1.21
N THR D 521 27.18 7.27 1.21
CA THR D 521 27.79 6.09 0.58
C THR D 521 27.48 6.03 -0.91
N GLY D 522 28.17 5.16 -1.61
CA GLY D 522 27.97 4.87 -3.03
C GLY D 522 29.09 3.99 -3.56
N THR D 523 29.08 3.69 -4.85
CA THR D 523 30.17 2.96 -5.50
C THR D 523 30.42 3.55 -6.87
N GLY D 524 31.67 3.72 -7.23
CA GLY D 524 32.01 4.43 -8.44
C GLY D 524 33.50 4.65 -8.60
N VAL D 525 33.84 5.12 -9.78
CA VAL D 525 35.16 5.60 -10.18
C VAL D 525 35.21 7.09 -9.86
N LEU D 526 35.80 7.42 -8.71
CA LEU D 526 36.12 8.79 -8.31
C LEU D 526 37.17 9.35 -9.27
N THR D 527 37.05 10.57 -9.74
CA THR D 527 38.12 11.21 -10.53
C THR D 527 38.28 12.66 -10.14
N GLU D 528 39.46 13.24 -10.29
CA GLU D 528 39.60 14.69 -10.30
C GLU D 528 38.74 15.32 -11.40
N SER D 529 38.29 16.56 -11.20
CA SER D 529 37.25 17.17 -12.03
C SER D 529 37.45 18.65 -12.31
N ASN D 530 36.91 19.13 -13.41
CA ASN D 530 36.91 20.54 -13.78
C ASN D 530 35.72 21.33 -13.19
N LYS D 531 34.81 20.70 -12.45
CA LYS D 531 33.58 21.34 -11.95
C LYS D 531 33.90 22.36 -10.86
N LYS D 532 33.78 23.64 -11.22
CA LYS D 532 34.11 24.80 -10.38
C LYS D 532 33.03 25.03 -9.33
N PHE D 533 33.06 24.28 -8.23
CA PHE D 533 32.19 24.55 -7.08
C PHE D 533 32.51 25.92 -6.49
N LEU D 534 31.47 26.65 -6.12
CA LEU D 534 31.56 27.88 -5.33
C LEU D 534 31.79 27.55 -3.85
N PRO D 535 32.41 28.44 -3.05
CA PRO D 535 32.89 28.14 -1.70
C PRO D 535 31.88 27.56 -0.69
N PHE D 536 30.60 27.81 -0.88
CA PHE D 536 29.55 27.30 0.00
C PHE D 536 29.06 25.88 -0.37
N GLN D 537 29.29 25.39 -1.59
CA GLN D 537 28.72 24.13 -2.07
C GLN D 537 29.51 22.92 -1.56
N GLN D 538 28.83 21.84 -1.15
CA GLN D 538 29.48 20.61 -0.70
C GLN D 538 29.34 19.44 -1.68
N PHE D 539 28.21 19.34 -2.39
CA PHE D 539 27.90 18.24 -3.30
C PHE D 539 27.36 18.79 -4.60
N GLY D 540 27.39 18.02 -5.68
CA GLY D 540 26.68 18.32 -6.91
C GLY D 540 25.81 17.14 -7.31
N ARG D 541 24.65 17.37 -7.92
CA ARG D 541 23.67 16.29 -8.18
C ARG D 541 23.34 16.11 -9.65
N ASP D 542 23.13 14.85 -10.01
CA ASP D 542 22.62 14.47 -11.32
C ASP D 542 21.14 14.87 -11.45
N ILE D 543 20.62 14.80 -12.66
CA ILE D 543 19.19 14.92 -12.96
C ILE D 543 18.36 13.87 -12.20
N ALA D 544 18.95 12.71 -11.92
CA ALA D 544 18.38 11.60 -11.16
C ALA D 544 18.37 11.78 -9.62
N ASP D 545 18.78 12.94 -9.08
CA ASP D 545 19.05 13.19 -7.65
C ASP D 545 20.26 12.42 -7.05
N THR D 546 20.88 11.49 -7.77
CA THR D 546 22.14 10.85 -7.35
C THR D 546 23.30 11.84 -7.34
N THR D 547 24.22 11.74 -6.41
CA THR D 547 25.37 12.64 -6.32
C THR D 547 26.31 12.45 -7.52
N ASP D 548 26.58 13.51 -8.26
CA ASP D 548 27.41 13.50 -9.47
C ASP D 548 28.86 13.93 -9.21
N ALA D 549 29.07 14.78 -8.21
CA ALA D 549 30.37 15.28 -7.84
C ALA D 549 30.40 15.63 -6.35
N VAL D 550 31.56 15.61 -5.72
CA VAL D 550 31.72 15.95 -4.31
C VAL D 550 32.98 16.75 -4.03
N ARG D 551 32.95 17.55 -2.98
CA ARG D 551 34.14 18.21 -2.45
C ARG D 551 34.67 17.34 -1.33
N ASP D 552 35.91 16.87 -1.42
CA ASP D 552 36.45 16.02 -0.36
C ASP D 552 36.54 16.81 0.98
N PRO D 553 36.08 16.24 2.11
CA PRO D 553 35.96 16.94 3.39
C PRO D 553 37.29 17.18 4.12
N GLN D 554 38.42 16.67 3.64
CA GLN D 554 39.76 16.93 4.18
C GLN D 554 40.66 17.70 3.20
N THR D 555 40.44 17.52 1.90
CA THR D 555 41.10 18.28 0.83
C THR D 555 40.03 18.78 -0.12
N LEU D 556 39.86 20.09 -0.16
CA LEU D 556 38.66 20.70 -0.72
C LEU D 556 38.65 20.76 -2.27
N GLU D 557 39.31 19.81 -2.92
CA GLU D 557 39.20 19.58 -4.35
C GLU D 557 37.85 18.94 -4.72
N ILE D 558 37.46 19.07 -5.99
CA ILE D 558 36.19 18.52 -6.48
C ILE D 558 36.45 17.23 -7.26
N LEU D 559 35.76 16.17 -6.87
CA LEU D 559 35.80 14.87 -7.50
C LEU D 559 34.51 14.61 -8.24
N ASP D 560 34.57 14.23 -9.51
CA ASP D 560 33.47 13.51 -10.14
C ASP D 560 33.30 12.15 -9.48
N ILE D 561 32.07 11.67 -9.42
CA ILE D 561 31.76 10.27 -9.12
C ILE D 561 31.08 9.69 -10.34
N THR D 562 31.62 8.59 -10.88
CA THR D 562 31.16 8.03 -12.15
C THR D 562 30.94 6.52 -12.02
N PRO D 563 30.01 5.90 -12.77
CA PRO D 563 29.60 4.52 -12.51
C PRO D 563 30.77 3.55 -12.76
N CYS D 564 30.94 2.54 -11.90
CA CYS D 564 31.76 1.37 -12.22
C CYS D 564 31.14 0.69 -13.43
N SER D 565 31.92 0.45 -14.48
CA SER D 565 31.38 0.12 -15.80
C SER D 565 30.49 -1.12 -15.78
N PHE D 566 29.40 -1.08 -16.55
CA PHE D 566 28.44 -2.17 -16.64
C PHE D 566 27.90 -2.35 -18.06
N GLY D 567 27.37 -3.53 -18.36
CA GLY D 567 26.82 -3.87 -19.65
C GLY D 567 26.30 -5.29 -19.72
N GLY D 568 25.22 -5.49 -20.47
CA GLY D 568 24.59 -6.79 -20.62
C GLY D 568 25.52 -7.83 -21.22
N VAL D 569 25.42 -9.05 -20.71
CA VAL D 569 26.21 -10.21 -21.10
C VAL D 569 25.41 -11.00 -22.11
N SER D 570 25.52 -10.67 -23.38
CA SER D 570 24.78 -11.35 -24.45
C SER D 570 25.53 -12.58 -24.92
N VAL D 571 25.11 -13.76 -24.49
CA VAL D 571 25.71 -15.02 -24.92
C VAL D 571 25.23 -15.37 -26.31
N ILE D 572 26.15 -15.37 -27.26
CA ILE D 572 25.94 -15.88 -28.60
C ILE D 572 26.18 -17.39 -28.56
N THR D 573 25.27 -18.17 -29.10
CA THR D 573 25.45 -19.62 -29.22
C THR D 573 24.84 -20.14 -30.51
N PRO D 574 25.51 -21.03 -31.27
CA PRO D 574 24.81 -21.91 -32.17
C PRO D 574 23.90 -22.84 -31.36
N GLY D 575 22.96 -23.53 -32.00
CA GLY D 575 22.08 -24.43 -31.28
C GLY D 575 22.82 -25.52 -30.50
N THR D 576 22.30 -25.93 -29.34
CA THR D 576 22.83 -27.11 -28.64
C THR D 576 22.62 -28.39 -29.45
N ASN D 577 21.67 -28.40 -30.38
CA ASN D 577 21.52 -29.37 -31.46
C ASN D 577 22.63 -29.24 -32.55
N THR D 578 23.81 -28.77 -32.17
CA THR D 578 24.97 -28.50 -33.03
C THR D 578 26.28 -28.39 -32.24
N SER D 579 26.35 -27.57 -31.20
CA SER D 579 27.58 -27.41 -30.41
C SER D 579 27.33 -26.87 -29.00
N ASN D 580 28.26 -27.07 -28.08
CA ASN D 580 28.26 -26.42 -26.77
C ASN D 580 29.22 -25.22 -26.67
N GLN D 581 29.93 -24.88 -27.75
CA GLN D 581 30.83 -23.73 -27.81
C GLN D 581 30.03 -22.40 -27.82
N VAL D 582 30.48 -21.38 -27.10
CA VAL D 582 29.78 -20.08 -26.96
C VAL D 582 30.72 -18.89 -26.98
N ALA D 583 30.19 -17.73 -27.36
CA ALA D 583 30.89 -16.45 -27.36
C ALA D 583 30.07 -15.43 -26.57
N VAL D 584 30.72 -14.46 -25.94
CA VAL D 584 30.05 -13.48 -25.08
C VAL D 584 30.30 -12.07 -25.57
N LEU D 585 29.26 -11.36 -25.99
CA LEU D 585 29.30 -9.91 -26.14
C LEU D 585 29.03 -9.30 -24.76
N TYR D 586 30.05 -8.76 -24.12
CA TYR D 586 29.85 -7.79 -23.07
C TYR D 586 29.48 -6.47 -23.71
N GLN D 587 28.21 -6.06 -23.63
CA GLN D 587 27.71 -4.86 -24.27
C GLN D 587 28.43 -3.60 -23.80
N ASP D 588 28.66 -2.66 -24.72
CA ASP D 588 29.27 -1.35 -24.56
C ASP D 588 30.72 -1.31 -24.04
N VAL D 589 31.10 -2.15 -23.08
CA VAL D 589 32.40 -2.06 -22.38
C VAL D 589 33.60 -2.18 -23.31
N ASN D 590 34.71 -1.64 -22.86
CA ASN D 590 36.01 -1.73 -23.49
C ASN D 590 36.73 -2.96 -22.93
N CYS D 591 37.39 -3.76 -23.77
CA CYS D 591 37.98 -5.02 -23.35
C CYS D 591 39.00 -4.86 -22.21
N THR D 592 39.57 -3.66 -22.03
CA THR D 592 40.47 -3.35 -20.92
C THR D 592 39.85 -3.53 -19.53
N GLU D 593 38.53 -3.51 -19.39
CA GLU D 593 37.84 -3.61 -18.08
C GLU D 593 37.40 -5.03 -17.69
N VAL D 594 37.38 -5.97 -18.64
CA VAL D 594 36.63 -7.23 -18.48
C VAL D 594 37.23 -8.19 -17.46
N ASN D 615 39.81 -16.18 -26.95
CA ASN D 615 40.18 -15.04 -27.79
C ASN D 615 39.33 -13.81 -27.44
N VAL D 616 39.80 -12.61 -27.74
CA VAL D 616 39.12 -11.34 -27.39
C VAL D 616 39.15 -10.38 -28.58
N PHE D 617 38.07 -9.67 -28.81
CA PHE D 617 37.87 -8.75 -29.93
C PHE D 617 37.01 -7.56 -29.48
N GLN D 618 37.14 -6.39 -30.09
CA GLN D 618 36.39 -5.19 -29.71
C GLN D 618 35.47 -4.72 -30.84
N THR D 619 34.21 -4.49 -30.51
CA THR D 619 33.17 -4.04 -31.45
C THR D 619 32.57 -2.74 -30.95
N ARG D 620 31.96 -1.94 -31.82
CA ARG D 620 31.17 -0.78 -31.41
C ARG D 620 30.02 -1.15 -30.47
N ALA D 621 29.51 -2.38 -30.54
CA ALA D 621 28.49 -2.91 -29.64
C ALA D 621 29.01 -3.33 -28.27
N GLY D 622 30.32 -3.49 -28.09
CA GLY D 622 30.93 -3.98 -26.85
C GLY D 622 32.12 -4.91 -27.06
N CYS D 623 32.73 -5.36 -25.97
CA CYS D 623 33.84 -6.32 -26.04
C CYS D 623 33.33 -7.72 -26.30
N LEU D 624 33.81 -8.38 -27.35
CA LEU D 624 33.34 -9.69 -27.78
C LEU D 624 34.39 -10.76 -27.49
N ILE D 625 34.05 -11.75 -26.69
CA ILE D 625 34.98 -12.74 -26.16
C ILE D 625 34.59 -14.13 -26.61
N GLY D 626 35.56 -14.97 -26.92
CA GLY D 626 35.36 -16.35 -27.33
C GLY D 626 34.95 -16.53 -28.79
N ALA D 627 34.49 -15.48 -29.48
CA ALA D 627 34.40 -15.49 -30.93
C ALA D 627 35.72 -15.07 -31.56
N GLU D 628 35.91 -15.45 -32.81
CA GLU D 628 37.09 -15.16 -33.63
C GLU D 628 36.72 -14.15 -34.73
N HIS D 629 37.31 -12.95 -34.73
CA HIS D 629 37.04 -11.99 -35.80
C HIS D 629 37.50 -12.51 -37.15
N VAL D 630 36.70 -12.31 -38.20
CA VAL D 630 37.03 -12.71 -39.57
C VAL D 630 36.84 -11.55 -40.53
N ASN D 631 37.81 -11.33 -41.42
CA ASN D 631 37.78 -10.26 -42.42
C ASN D 631 36.72 -10.47 -43.51
N ASN D 632 36.43 -11.71 -43.88
CA ASN D 632 35.42 -12.01 -44.89
C ASN D 632 34.02 -11.63 -44.41
N SER D 633 33.16 -11.17 -45.32
CA SER D 633 31.81 -10.72 -45.03
C SER D 633 30.77 -11.77 -45.45
N TYR D 634 30.22 -12.51 -44.49
CA TYR D 634 29.13 -13.47 -44.72
C TYR D 634 27.77 -12.81 -44.48
N GLU D 635 26.68 -13.41 -44.95
CA GLU D 635 25.35 -12.97 -44.54
C GLU D 635 25.17 -13.16 -43.03
N CYS D 636 24.29 -12.38 -42.43
CA CYS D 636 24.16 -12.41 -40.98
C CYS D 636 23.51 -13.71 -40.52
N ASP D 637 24.19 -14.46 -39.66
CA ASP D 637 23.61 -15.56 -38.91
C ASP D 637 23.03 -15.02 -37.60
N ILE D 638 23.75 -15.13 -36.49
CA ILE D 638 23.34 -14.54 -35.22
C ILE D 638 23.74 -13.06 -35.26
N PRO D 639 22.82 -12.10 -35.18
CA PRO D 639 23.18 -10.68 -35.16
C PRO D 639 23.77 -10.28 -33.81
N ILE D 640 24.80 -9.44 -33.79
CA ILE D 640 25.47 -8.99 -32.55
C ILE D 640 25.28 -7.49 -32.32
N GLY D 641 25.37 -6.69 -33.37
CA GLY D 641 25.05 -5.27 -33.32
C GLY D 641 26.11 -4.41 -33.98
N ALA D 642 25.78 -3.18 -34.35
CA ALA D 642 26.70 -2.24 -34.98
C ALA D 642 27.44 -2.84 -36.19
N GLY D 643 26.72 -3.63 -37.00
CA GLY D 643 27.22 -4.30 -38.20
C GLY D 643 27.92 -5.64 -37.98
N ILE D 644 28.09 -6.11 -36.74
CA ILE D 644 28.69 -7.41 -36.43
C ILE D 644 27.62 -8.50 -36.37
N CYS D 645 27.93 -9.65 -36.96
CA CYS D 645 27.17 -10.90 -36.84
C CYS D 645 28.12 -12.07 -36.59
N ALA D 646 27.61 -13.16 -36.05
CA ALA D 646 28.39 -14.35 -35.76
C ALA D 646 27.78 -15.62 -36.34
N SER D 647 28.63 -16.60 -36.61
CA SER D 647 28.26 -17.91 -37.14
C SER D 647 29.22 -18.99 -36.66
N TYR D 648 28.82 -20.25 -36.71
CA TYR D 648 29.64 -21.39 -36.32
C TYR D 648 30.19 -22.02 -37.60
N GLN D 649 31.51 -21.95 -37.81
CA GLN D 649 32.18 -22.31 -39.07
C GLN D 649 33.62 -22.80 -38.85
N THR D 650 34.21 -23.48 -39.84
CA THR D 650 35.61 -23.95 -39.86
C THR D 650 36.63 -22.81 -39.68
N SER D 663 37.20 -28.95 -35.90
CA SER D 663 38.09 -27.80 -35.89
C SER D 663 37.35 -26.45 -35.93
N GLN D 664 36.02 -26.46 -35.89
CA GLN D 664 35.18 -25.26 -36.03
C GLN D 664 35.25 -24.32 -34.81
N SER D 665 34.90 -23.05 -35.04
CA SER D 665 34.87 -21.98 -34.06
C SER D 665 33.67 -21.06 -34.33
N ILE D 666 33.30 -20.25 -33.34
CA ILE D 666 32.36 -19.15 -33.56
C ILE D 666 33.14 -18.00 -34.19
N ILE D 667 32.90 -17.73 -35.46
CA ILE D 667 33.43 -16.53 -36.09
C ILE D 667 32.52 -15.35 -35.80
N ALA D 668 33.06 -14.14 -35.81
CA ALA D 668 32.31 -12.89 -35.81
C ALA D 668 32.85 -12.00 -36.93
N TYR D 669 31.99 -11.32 -37.67
CA TYR D 669 32.39 -10.62 -38.89
C TYR D 669 31.51 -9.40 -39.14
N THR D 670 32.00 -8.47 -39.96
CA THR D 670 31.15 -7.42 -40.52
C THR D 670 30.19 -8.01 -41.54
N MET D 671 28.89 -7.92 -41.29
CA MET D 671 27.92 -8.60 -42.12
C MET D 671 27.87 -8.09 -43.55
N SER D 672 27.74 -9.02 -44.49
CA SER D 672 27.39 -8.70 -45.87
C SER D 672 25.95 -8.23 -45.92
N LEU D 673 25.69 -7.12 -46.60
CA LEU D 673 24.35 -6.67 -46.92
C LEU D 673 23.81 -7.33 -48.20
N GLY D 674 24.29 -8.54 -48.50
CA GLY D 674 24.12 -9.22 -49.78
C GLY D 674 25.26 -8.94 -50.75
N ALA D 675 25.38 -9.75 -51.79
CA ALA D 675 26.43 -9.60 -52.79
C ALA D 675 26.35 -8.24 -53.48
N GLU D 676 27.46 -7.52 -53.53
CA GLU D 676 27.53 -6.25 -54.25
C GLU D 676 27.48 -6.45 -55.76
N ASN D 677 26.73 -5.62 -56.47
CA ASN D 677 26.38 -5.83 -57.86
C ASN D 677 26.33 -4.51 -58.62
N SER D 678 27.23 -4.28 -59.56
CA SER D 678 27.09 -3.21 -60.54
C SER D 678 25.94 -3.52 -61.50
N VAL D 679 24.79 -2.86 -61.36
CA VAL D 679 23.76 -2.95 -62.40
C VAL D 679 24.40 -2.40 -63.67
N ALA D 680 24.38 -3.13 -64.78
CA ALA D 680 25.14 -2.80 -65.98
C ALA D 680 24.56 -1.63 -66.80
N TYR D 681 24.15 -0.56 -66.15
CA TYR D 681 23.44 0.55 -66.76
C TYR D 681 24.20 1.13 -67.93
N SER D 682 23.49 1.44 -69.00
CA SER D 682 23.96 2.37 -70.00
C SER D 682 22.76 3.02 -70.67
N ASN D 683 22.92 4.21 -71.21
CA ASN D 683 21.85 4.98 -71.84
C ASN D 683 21.11 4.26 -72.99
N ASN D 684 21.62 3.15 -73.50
CA ASN D 684 20.95 2.37 -74.55
C ASN D 684 20.94 0.87 -74.25
N SER D 685 21.15 0.42 -73.02
CA SER D 685 21.19 -1.02 -72.70
C SER D 685 20.01 -1.44 -71.87
N ILE D 686 19.30 -2.49 -72.28
CA ILE D 686 18.24 -3.10 -71.47
C ILE D 686 18.36 -4.61 -71.38
N ALA D 687 18.13 -5.17 -70.21
CA ALA D 687 18.04 -6.61 -69.99
C ALA D 687 16.57 -7.06 -69.94
N ILE D 688 16.09 -7.83 -70.92
CA ILE D 688 14.71 -8.32 -70.94
C ILE D 688 14.71 -9.81 -70.60
N PRO D 689 13.90 -10.28 -69.64
CA PRO D 689 13.82 -11.68 -69.28
C PRO D 689 13.20 -12.47 -70.41
N THR D 690 13.83 -13.55 -70.83
CA THR D 690 13.32 -14.44 -71.88
C THR D 690 12.47 -15.58 -71.33
N ASN D 691 12.38 -15.70 -70.01
CA ASN D 691 11.75 -16.81 -69.32
C ASN D 691 11.43 -16.45 -67.88
N PHE D 692 10.59 -17.23 -67.23
CA PHE D 692 10.07 -17.02 -65.89
C PHE D 692 10.24 -18.24 -65.01
N THR D 693 9.89 -18.07 -63.75
CA THR D 693 9.58 -19.17 -62.86
C THR D 693 8.30 -18.81 -62.16
N ILE D 694 7.35 -19.73 -62.05
CA ILE D 694 6.15 -19.49 -61.27
C ILE D 694 6.49 -19.84 -59.83
N SER D 695 6.83 -18.84 -59.03
CA SER D 695 7.05 -19.02 -57.61
C SER D 695 5.75 -19.46 -56.92
N VAL D 696 5.87 -20.07 -55.74
CA VAL D 696 4.78 -20.23 -54.77
C VAL D 696 5.26 -19.82 -53.38
N THR D 697 5.87 -18.63 -53.32
CA THR D 697 6.19 -17.96 -52.05
C THR D 697 5.05 -18.07 -51.05
N THR D 698 5.33 -18.52 -49.85
CA THR D 698 4.33 -18.88 -48.85
C THR D 698 4.38 -17.94 -47.68
N GLU D 699 3.27 -17.32 -47.32
CA GLU D 699 3.21 -16.28 -46.29
C GLU D 699 2.24 -16.65 -45.18
N ILE D 700 2.60 -16.40 -43.93
CA ILE D 700 2.02 -17.13 -42.80
C ILE D 700 1.60 -16.13 -41.73
N LEU D 701 0.38 -15.64 -41.79
CA LEU D 701 -0.09 -14.51 -40.98
C LEU D 701 -0.87 -14.97 -39.75
N PRO D 702 -0.63 -14.44 -38.55
CA PRO D 702 -1.57 -14.57 -37.45
C PRO D 702 -2.93 -13.98 -37.83
N VAL D 703 -4.03 -14.40 -37.22
CA VAL D 703 -5.37 -13.90 -37.57
C VAL D 703 -6.21 -13.79 -36.33
N SER D 704 -6.59 -14.91 -35.73
CA SER D 704 -7.00 -14.90 -34.34
C SER D 704 -5.76 -15.01 -33.48
N MET D 705 -5.96 -14.97 -32.19
CA MET D 705 -5.08 -15.61 -31.23
C MET D 705 -5.98 -16.34 -30.26
N THR D 706 -5.45 -17.32 -29.56
CA THR D 706 -6.25 -18.24 -28.74
C THR D 706 -7.15 -17.46 -27.77
N LYS D 707 -8.47 -17.64 -27.84
CA LYS D 707 -9.48 -16.85 -27.10
C LYS D 707 -9.44 -17.15 -25.61
N THR D 708 -8.44 -16.65 -24.90
CA THR D 708 -8.41 -16.76 -23.44
C THR D 708 -9.51 -15.94 -22.82
N SER D 709 -9.87 -16.29 -21.60
CA SER D 709 -10.59 -15.42 -20.68
C SER D 709 -10.23 -15.82 -19.25
N VAL D 710 -10.40 -14.92 -18.31
CA VAL D 710 -9.99 -15.10 -16.93
C VAL D 710 -11.06 -14.46 -16.09
N ASP D 711 -11.77 -15.22 -15.27
CA ASP D 711 -12.62 -14.59 -14.26
C ASP D 711 -11.71 -13.98 -13.21
N CYS D 712 -11.49 -12.67 -13.23
CA CYS D 712 -10.62 -12.02 -12.28
C CYS D 712 -11.00 -12.27 -10.83
N THR D 713 -12.28 -12.47 -10.50
CA THR D 713 -12.69 -12.85 -9.16
C THR D 713 -12.05 -14.16 -8.76
N MET D 714 -12.11 -15.15 -9.65
CA MET D 714 -11.57 -16.49 -9.41
C MET D 714 -10.05 -16.49 -9.45
N TYR D 715 -9.42 -15.80 -10.40
CA TYR D 715 -7.97 -15.69 -10.45
C TYR D 715 -7.40 -15.00 -9.20
N ILE D 716 -7.96 -13.88 -8.77
CA ILE D 716 -7.43 -13.15 -7.63
C ILE D 716 -7.78 -13.84 -6.31
N CYS D 717 -9.02 -14.32 -6.18
CA CYS D 717 -9.64 -14.73 -4.91
C CYS D 717 -10.23 -16.14 -4.89
N GLY D 718 -9.83 -17.04 -5.79
CA GLY D 718 -10.53 -18.29 -6.09
C GLY D 718 -11.03 -19.07 -4.88
N ASP D 719 -12.34 -19.32 -4.84
CA ASP D 719 -13.06 -20.02 -3.76
C ASP D 719 -12.94 -19.41 -2.35
N SER D 720 -12.57 -18.13 -2.23
CA SER D 720 -12.68 -17.35 -0.99
C SER D 720 -13.73 -16.24 -1.12
N THR D 721 -14.60 -16.11 -0.12
CA THR D 721 -15.49 -14.95 0.00
C THR D 721 -14.76 -13.80 0.69
N GLU D 722 -13.94 -14.10 1.70
CA GLU D 722 -13.16 -13.15 2.49
C GLU D 722 -12.29 -12.26 1.60
N CYS D 723 -11.59 -12.86 0.64
CA CYS D 723 -10.83 -12.16 -0.38
C CYS D 723 -11.73 -11.38 -1.32
N SER D 724 -12.83 -11.96 -1.80
CA SER D 724 -13.68 -11.26 -2.76
C SER D 724 -14.29 -10.00 -2.17
N ASN D 725 -14.61 -9.98 -0.88
CA ASN D 725 -15.06 -8.78 -0.20
C ASN D 725 -14.03 -7.66 -0.28
N LEU D 726 -12.74 -7.95 -0.08
CA LEU D 726 -11.68 -6.97 -0.27
C LEU D 726 -11.60 -6.50 -1.71
N LEU D 727 -11.68 -7.41 -2.68
CA LEU D 727 -11.67 -7.06 -4.10
C LEU D 727 -12.84 -6.13 -4.48
N LEU D 728 -13.97 -6.16 -3.77
CA LEU D 728 -15.04 -5.17 -4.02
C LEU D 728 -14.64 -3.74 -3.69
N GLN D 729 -13.75 -3.50 -2.74
CA GLN D 729 -13.29 -2.16 -2.41
C GLN D 729 -12.44 -1.56 -3.54
N TYR D 730 -11.81 -2.38 -4.36
CA TYR D 730 -11.13 -1.97 -5.59
C TYR D 730 -12.09 -1.63 -6.72
N GLY D 731 -13.40 -1.73 -6.48
CA GLY D 731 -14.42 -1.26 -7.39
C GLY D 731 -14.44 -2.02 -8.72
N SER D 732 -14.71 -1.31 -9.80
CA SER D 732 -14.94 -1.92 -11.11
C SER D 732 -13.68 -2.34 -11.85
N PHE D 733 -12.54 -2.53 -11.17
CA PHE D 733 -11.35 -3.05 -11.84
C PHE D 733 -11.61 -4.43 -12.40
N CYS D 734 -12.13 -5.37 -11.63
CA CYS D 734 -12.40 -6.70 -12.16
C CYS D 734 -13.40 -6.66 -13.33
N THR D 735 -14.51 -5.94 -13.22
CA THR D 735 -15.51 -5.94 -14.31
C THR D 735 -14.99 -5.29 -15.59
N GLN D 736 -14.13 -4.29 -15.53
CA GLN D 736 -13.48 -3.77 -16.76
C GLN D 736 -12.39 -4.69 -17.29
N LEU D 737 -11.70 -5.49 -16.46
CA LEU D 737 -10.81 -6.55 -16.98
C LEU D 737 -11.59 -7.63 -17.73
N ASN D 738 -12.69 -8.11 -17.16
CA ASN D 738 -13.58 -9.06 -17.85
C ASN D 738 -14.06 -8.47 -19.17
N ARG D 739 -14.44 -7.19 -19.18
CA ARG D 739 -14.87 -6.47 -20.38
C ARG D 739 -13.77 -6.33 -21.42
N ALA D 740 -12.54 -6.05 -21.00
CA ALA D 740 -11.40 -5.96 -21.92
C ALA D 740 -11.09 -7.30 -22.56
N LEU D 741 -10.96 -8.35 -21.75
CA LEU D 741 -10.75 -9.71 -22.24
C LEU D 741 -11.90 -10.22 -23.09
N THR D 742 -13.13 -9.81 -22.80
CA THR D 742 -14.29 -10.07 -23.66
C THR D 742 -14.13 -9.36 -24.98
N GLY D 743 -13.76 -8.09 -25.01
CA GLY D 743 -13.54 -7.36 -26.26
C GLY D 743 -12.48 -8.02 -27.12
N ILE D 744 -11.36 -8.43 -26.51
CA ILE D 744 -10.33 -9.24 -27.17
C ILE D 744 -10.94 -10.53 -27.70
N ALA D 745 -11.66 -11.28 -26.87
CA ALA D 745 -12.19 -12.56 -27.24
C ALA D 745 -13.17 -12.44 -28.40
N VAL D 746 -14.17 -11.58 -28.30
CA VAL D 746 -15.14 -11.36 -29.36
C VAL D 746 -14.46 -10.90 -30.63
N GLU D 747 -13.49 -9.99 -30.56
CA GLU D 747 -12.85 -9.52 -31.78
C GLU D 747 -12.00 -10.61 -32.43
N GLN D 748 -11.65 -11.71 -31.75
CA GLN D 748 -11.06 -12.84 -32.46
C GLN D 748 -12.04 -13.49 -33.44
N ASP D 749 -13.29 -13.64 -33.04
CA ASP D 749 -14.33 -14.13 -33.95
C ASP D 749 -14.53 -13.14 -35.09
N LYS D 750 -14.46 -11.83 -34.80
CA LYS D 750 -14.52 -10.78 -35.82
C LYS D 750 -13.35 -10.86 -36.79
N ASN D 751 -12.12 -11.02 -36.30
CA ASN D 751 -10.92 -11.21 -37.10
C ASN D 751 -11.10 -12.42 -38.01
N THR D 752 -11.60 -13.51 -37.46
CA THR D 752 -11.74 -14.77 -38.16
C THR D 752 -12.76 -14.64 -39.29
N GLN D 753 -13.92 -14.05 -39.03
CA GLN D 753 -14.92 -13.77 -40.06
C GLN D 753 -14.41 -12.78 -41.08
N GLU D 754 -13.76 -11.69 -40.69
CA GLU D 754 -13.24 -10.70 -41.64
C GLU D 754 -12.24 -11.32 -42.60
N VAL D 755 -11.42 -12.25 -42.11
CA VAL D 755 -10.43 -12.94 -42.92
C VAL D 755 -11.08 -13.98 -43.81
N PHE D 756 -11.80 -14.95 -43.26
CA PHE D 756 -12.30 -16.10 -44.01
C PHE D 756 -13.68 -15.88 -44.62
N ALA D 757 -14.61 -15.34 -43.86
CA ALA D 757 -16.01 -15.18 -44.23
C ALA D 757 -16.27 -14.05 -45.23
N GLN D 758 -15.36 -13.81 -46.15
CA GLN D 758 -15.53 -12.88 -47.26
C GLN D 758 -16.48 -13.41 -48.34
N VAL D 759 -16.98 -14.62 -48.16
CA VAL D 759 -17.82 -15.34 -49.11
C VAL D 759 -19.09 -15.82 -48.43
N LYS D 760 -20.26 -15.57 -49.03
CA LYS D 760 -21.58 -15.87 -48.44
C LYS D 760 -22.26 -17.13 -48.97
N GLN D 761 -21.68 -17.75 -49.98
CA GLN D 761 -22.05 -19.08 -50.46
C GLN D 761 -20.87 -20.02 -50.28
N ILE D 762 -21.04 -21.14 -49.59
CA ILE D 762 -19.99 -22.13 -49.44
C ILE D 762 -19.88 -22.87 -50.76
N TYR D 763 -19.07 -22.36 -51.65
CA TYR D 763 -18.75 -23.03 -52.91
C TYR D 763 -18.14 -24.41 -52.67
N LYS D 764 -18.40 -25.34 -53.58
CA LYS D 764 -17.70 -26.62 -53.64
C LYS D 764 -17.28 -26.94 -55.06
N THR D 765 -16.15 -27.61 -55.18
CA THR D 765 -15.55 -28.02 -56.46
C THR D 765 -16.41 -29.02 -57.23
N PRO D 766 -16.25 -29.11 -58.55
CA PRO D 766 -16.82 -30.22 -59.34
C PRO D 766 -16.24 -31.59 -58.91
N PRO D 767 -16.79 -32.70 -59.39
CA PRO D 767 -16.18 -34.02 -59.26
C PRO D 767 -14.85 -34.13 -60.03
N ILE D 768 -14.87 -33.99 -61.37
CA ILE D 768 -13.69 -34.08 -62.23
C ILE D 768 -12.78 -32.85 -62.02
N LYS D 769 -11.46 -33.03 -62.05
CA LYS D 769 -10.48 -31.96 -61.80
C LYS D 769 -9.75 -31.52 -63.10
N ASP D 770 -10.51 -31.14 -64.13
CA ASP D 770 -10.03 -30.64 -65.42
C ASP D 770 -9.50 -29.20 -65.34
N PHE D 771 -8.50 -28.97 -64.49
CA PHE D 771 -7.87 -27.66 -64.28
C PHE D 771 -6.62 -27.45 -65.14
N GLY D 772 -6.71 -27.76 -66.43
CA GLY D 772 -5.68 -27.41 -67.42
C GLY D 772 -4.29 -28.00 -67.18
N GLY D 773 -4.15 -28.93 -66.24
CA GLY D 773 -2.90 -29.54 -65.80
C GLY D 773 -2.40 -29.07 -64.42
N PHE D 774 -3.00 -28.02 -63.87
CA PHE D 774 -2.63 -27.51 -62.54
C PHE D 774 -3.18 -28.47 -61.49
N ASN D 775 -2.34 -29.07 -60.66
CA ASN D 775 -2.75 -30.13 -59.74
C ASN D 775 -3.02 -29.56 -58.35
N PHE D 776 -4.28 -29.21 -58.14
CA PHE D 776 -4.81 -28.67 -56.89
C PHE D 776 -4.95 -29.68 -55.76
N SER D 777 -4.75 -30.97 -55.98
CA SER D 777 -5.14 -32.05 -55.06
C SER D 777 -4.54 -31.94 -53.65
N GLN D 778 -3.40 -31.28 -53.52
CA GLN D 778 -2.73 -31.12 -52.24
C GLN D 778 -3.33 -29.98 -51.40
N ILE D 779 -4.06 -29.04 -52.03
CA ILE D 779 -4.60 -27.85 -51.37
C ILE D 779 -6.12 -27.80 -51.28
N LEU D 780 -6.84 -28.57 -52.09
CA LEU D 780 -8.25 -28.87 -51.88
C LEU D 780 -8.45 -29.89 -50.74
N PRO D 781 -9.63 -29.98 -50.11
CA PRO D 781 -9.94 -30.96 -49.09
C PRO D 781 -9.66 -32.39 -49.54
N ASP D 782 -9.24 -33.26 -48.62
CA ASP D 782 -9.37 -34.72 -48.81
C ASP D 782 -10.47 -35.24 -47.87
N PRO D 783 -11.56 -35.82 -48.41
CA PRO D 783 -12.64 -36.40 -47.62
C PRO D 783 -12.21 -37.48 -46.63
N SER D 784 -11.04 -38.08 -46.81
CA SER D 784 -10.46 -39.08 -45.90
C SER D 784 -10.04 -38.50 -44.55
N LYS D 785 -9.81 -37.18 -44.47
CA LYS D 785 -9.40 -36.50 -43.25
C LYS D 785 -10.54 -36.45 -42.21
N PRO D 786 -10.25 -36.50 -40.90
CA PRO D 786 -11.25 -36.56 -39.83
C PRO D 786 -12.06 -35.27 -39.74
N SER D 787 -11.36 -34.13 -39.82
CA SER D 787 -11.90 -32.84 -40.26
C SER D 787 -11.33 -32.57 -41.64
N LYS D 788 -12.15 -32.14 -42.60
CA LYS D 788 -11.82 -32.20 -44.04
C LYS D 788 -10.86 -31.10 -44.52
N ARG D 789 -9.70 -31.04 -43.89
CA ARG D 789 -8.55 -30.24 -44.31
C ARG D 789 -8.02 -30.72 -45.65
N SER D 790 -7.30 -29.87 -46.37
CA SER D 790 -6.47 -30.28 -47.50
C SER D 790 -5.24 -31.07 -47.05
N PHE D 791 -4.40 -31.51 -47.98
CA PHE D 791 -3.12 -32.09 -47.61
C PHE D 791 -2.28 -31.07 -46.85
N ILE D 792 -2.06 -29.89 -47.43
CA ILE D 792 -1.17 -28.88 -46.86
C ILE D 792 -1.74 -28.31 -45.58
N GLU D 793 -3.04 -28.07 -45.47
CA GLU D 793 -3.65 -27.68 -44.20
C GLU D 793 -3.40 -28.72 -43.13
N ASP D 794 -3.30 -30.01 -43.45
CA ASP D 794 -3.02 -31.01 -42.44
C ASP D 794 -1.57 -30.96 -41.96
N LEU D 795 -0.61 -30.67 -42.85
CA LEU D 795 0.78 -30.43 -42.46
C LEU D 795 0.89 -29.21 -41.55
N LEU D 796 0.23 -28.12 -41.93
CA LEU D 796 0.16 -26.91 -41.12
C LEU D 796 -0.44 -27.22 -39.75
N PHE D 797 -1.50 -28.02 -39.69
CA PHE D 797 -2.12 -28.43 -38.44
C PHE D 797 -1.22 -29.37 -37.61
N ASN D 798 -0.28 -30.09 -38.22
CA ASN D 798 0.72 -30.88 -37.50
C ASN D 798 1.88 -30.04 -36.95
N LYS D 799 2.47 -29.14 -37.75
CA LYS D 799 3.69 -28.42 -37.37
C LYS D 799 3.50 -27.41 -36.24
N VAL D 800 2.34 -26.76 -36.17
CA VAL D 800 1.99 -25.87 -35.05
C VAL D 800 1.54 -26.70 -33.85
N THR D 801 2.11 -26.46 -32.68
CA THR D 801 1.89 -27.29 -31.49
C THR D 801 0.46 -27.15 -30.95
N LYS D 828 -4.26 -22.52 -16.28
CA LYS D 828 -5.18 -23.35 -17.04
C LYS D 828 -6.35 -23.88 -16.20
N PHE D 829 -6.23 -23.82 -14.87
CA PHE D 829 -7.23 -24.28 -13.91
C PHE D 829 -7.47 -23.31 -12.73
N ASN D 830 -6.89 -22.11 -12.75
CA ASN D 830 -6.98 -21.08 -11.71
C ASN D 830 -7.90 -19.91 -12.13
N GLY D 831 -9.13 -20.22 -12.55
CA GLY D 831 -10.05 -19.23 -13.13
C GLY D 831 -9.79 -18.90 -14.59
N LEU D 832 -8.62 -19.27 -15.10
CA LEU D 832 -8.27 -19.24 -16.52
C LEU D 832 -9.19 -20.18 -17.30
N THR D 833 -9.51 -19.78 -18.53
CA THR D 833 -10.26 -20.60 -19.50
C THR D 833 -9.80 -20.28 -20.90
N VAL D 834 -10.05 -21.19 -21.83
CA VAL D 834 -10.04 -20.88 -23.26
C VAL D 834 -11.44 -21.09 -23.78
N LEU D 835 -12.04 -20.04 -24.31
CA LEU D 835 -13.31 -20.14 -25.02
C LEU D 835 -13.06 -20.73 -26.41
N PRO D 836 -13.96 -21.53 -26.98
CA PRO D 836 -13.77 -22.04 -28.32
C PRO D 836 -13.95 -20.90 -29.34
N PRO D 837 -13.25 -20.95 -30.49
CA PRO D 837 -13.55 -20.05 -31.59
C PRO D 837 -14.99 -20.23 -32.03
N LEU D 838 -15.66 -19.18 -32.52
CA LEU D 838 -17.05 -19.34 -32.97
C LEU D 838 -17.12 -20.37 -34.08
N LEU D 839 -16.24 -20.23 -35.06
CA LEU D 839 -16.11 -21.18 -36.13
C LEU D 839 -15.21 -22.32 -35.61
N THR D 840 -15.66 -23.57 -35.65
CA THR D 840 -14.74 -24.69 -35.39
C THR D 840 -13.72 -24.78 -36.51
N ASP D 841 -12.62 -25.50 -36.30
CA ASP D 841 -11.60 -25.70 -37.32
C ASP D 841 -12.16 -26.37 -38.59
N GLU D 842 -13.15 -27.24 -38.44
CA GLU D 842 -13.90 -27.81 -39.57
C GLU D 842 -14.75 -26.78 -40.31
N MET D 843 -15.25 -25.75 -39.63
CA MET D 843 -15.92 -24.64 -40.29
C MET D 843 -14.94 -23.76 -41.03
N ILE D 844 -13.80 -23.40 -40.41
CA ILE D 844 -12.75 -22.66 -41.11
C ILE D 844 -12.37 -23.39 -42.39
N ALA D 845 -12.21 -24.71 -42.32
CA ALA D 845 -11.89 -25.54 -43.45
C ALA D 845 -12.95 -25.51 -44.55
N GLN D 846 -14.22 -25.37 -44.21
CA GLN D 846 -15.27 -25.15 -45.21
C GLN D 846 -15.13 -23.77 -45.85
N TYR D 847 -14.79 -22.72 -45.10
CA TYR D 847 -14.52 -21.43 -45.69
C TYR D 847 -13.28 -21.43 -46.56
N THR D 848 -12.13 -21.95 -46.12
CA THR D 848 -10.96 -22.03 -46.98
C THR D 848 -11.22 -22.90 -48.19
N SER D 849 -11.99 -23.98 -48.05
CA SER D 849 -12.46 -24.77 -49.18
C SER D 849 -13.34 -23.96 -50.12
N ALA D 850 -14.30 -23.20 -49.62
CA ALA D 850 -15.17 -22.37 -50.44
C ALA D 850 -14.39 -21.28 -51.15
N LEU D 851 -13.57 -20.53 -50.41
CA LEU D 851 -12.69 -19.51 -50.93
C LEU D 851 -11.85 -20.09 -52.05
N LEU D 852 -11.20 -21.21 -51.79
CA LEU D 852 -10.35 -21.87 -52.76
C LEU D 852 -11.13 -22.40 -53.96
N ALA D 853 -12.28 -23.03 -53.77
CA ALA D 853 -13.12 -23.55 -54.83
C ALA D 853 -13.68 -22.45 -55.72
N GLY D 854 -14.10 -21.34 -55.13
CA GLY D 854 -14.46 -20.14 -55.87
C GLY D 854 -13.24 -19.63 -56.63
N THR D 855 -12.10 -19.51 -55.96
CA THR D 855 -10.86 -19.03 -56.57
C THR D 855 -10.52 -19.84 -57.80
N ILE D 856 -10.60 -21.16 -57.74
CA ILE D 856 -10.26 -22.06 -58.84
C ILE D 856 -11.31 -21.99 -59.94
N THR D 857 -12.58 -22.12 -59.60
CA THR D 857 -13.61 -22.26 -60.61
C THR D 857 -14.01 -20.93 -61.25
N SER D 858 -13.78 -19.80 -60.59
CA SER D 858 -14.45 -18.55 -60.91
C SER D 858 -13.57 -17.32 -60.87
N GLY D 859 -12.37 -17.40 -60.34
CA GLY D 859 -11.43 -16.29 -60.31
C GLY D 859 -11.80 -15.24 -59.29
N TRP D 860 -11.71 -13.97 -59.68
CA TRP D 860 -12.10 -12.85 -58.82
C TRP D 860 -13.61 -12.63 -58.79
N THR D 861 -14.34 -13.18 -59.74
CA THR D 861 -15.75 -12.89 -59.92
C THR D 861 -16.57 -13.19 -58.68
N PHE D 862 -16.19 -14.16 -57.84
CA PHE D 862 -16.93 -14.45 -56.62
C PHE D 862 -16.77 -13.40 -55.51
N GLY D 863 -15.78 -12.52 -55.62
CA GLY D 863 -15.63 -11.38 -54.72
C GLY D 863 -16.63 -10.30 -55.07
N ALA D 864 -16.58 -9.81 -56.31
CA ALA D 864 -17.48 -8.77 -56.79
C ALA D 864 -18.93 -9.27 -56.94
N GLY D 865 -19.20 -10.10 -57.95
CA GLY D 865 -20.52 -10.64 -58.20
C GLY D 865 -20.89 -11.81 -57.29
N ALA D 866 -21.66 -12.74 -57.83
CA ALA D 866 -21.69 -14.13 -57.37
C ALA D 866 -20.74 -14.95 -58.24
N ALA D 867 -20.16 -16.05 -57.73
CA ALA D 867 -19.17 -16.82 -58.48
C ALA D 867 -19.65 -17.16 -59.89
N LEU D 868 -18.83 -16.82 -60.89
CA LEU D 868 -19.09 -17.14 -62.28
C LEU D 868 -18.09 -18.22 -62.71
N GLN D 869 -18.53 -19.40 -63.18
CA GLN D 869 -17.54 -20.36 -63.65
C GLN D 869 -16.71 -19.80 -64.80
N ILE D 870 -15.45 -20.17 -64.87
CA ILE D 870 -14.51 -19.88 -65.95
C ILE D 870 -13.37 -20.94 -65.95
N PRO D 871 -12.93 -21.46 -67.10
CA PRO D 871 -11.94 -22.53 -67.12
C PRO D 871 -10.61 -22.09 -66.50
N PHE D 872 -9.94 -22.92 -65.71
CA PHE D 872 -8.78 -22.43 -64.94
C PHE D 872 -7.63 -21.92 -65.81
N ALA D 873 -7.37 -22.50 -66.98
CA ALA D 873 -6.39 -21.95 -67.89
C ALA D 873 -6.75 -20.54 -68.32
N MET D 874 -8.03 -20.28 -68.56
CA MET D 874 -8.50 -18.95 -68.91
C MET D 874 -8.44 -17.97 -67.75
N GLN D 875 -8.67 -18.41 -66.52
CA GLN D 875 -8.42 -17.56 -65.37
C GLN D 875 -6.94 -17.23 -65.22
N MET D 876 -6.01 -18.08 -65.63
CA MET D 876 -4.60 -17.68 -65.61
C MET D 876 -4.29 -16.71 -66.72
N ALA D 877 -4.87 -16.86 -67.91
CA ALA D 877 -4.72 -15.87 -68.95
C ALA D 877 -5.24 -14.50 -68.56
N TYR D 878 -6.30 -14.41 -67.76
CA TYR D 878 -6.68 -13.16 -67.08
C TYR D 878 -5.55 -12.66 -66.19
N ARG D 879 -5.03 -13.48 -65.28
CA ARG D 879 -4.05 -13.03 -64.29
C ARG D 879 -2.67 -12.73 -64.92
N PHE D 880 -2.30 -13.33 -66.04
CA PHE D 880 -1.15 -12.94 -66.86
C PHE D 880 -1.35 -11.55 -67.46
N ASN D 881 -2.50 -11.27 -68.05
CA ASN D 881 -2.83 -9.89 -68.44
C ASN D 881 -2.77 -8.93 -67.25
N GLY D 882 -3.11 -9.38 -66.05
CA GLY D 882 -3.08 -8.58 -64.83
C GLY D 882 -1.68 -8.15 -64.36
N ILE D 883 -0.62 -8.84 -64.77
CA ILE D 883 0.80 -8.44 -64.60
C ILE D 883 1.41 -7.90 -65.91
N GLY D 884 0.60 -7.63 -66.91
CA GLY D 884 1.07 -7.12 -68.20
C GLY D 884 1.83 -8.12 -69.05
N VAL D 885 1.80 -9.41 -68.74
CA VAL D 885 2.34 -10.48 -69.60
C VAL D 885 1.28 -10.91 -70.61
N THR D 886 1.49 -10.65 -71.89
CA THR D 886 0.46 -10.87 -72.90
C THR D 886 0.10 -12.35 -72.97
N GLN D 887 -1.15 -12.70 -72.74
CA GLN D 887 -1.53 -14.05 -72.30
C GLN D 887 -1.26 -15.21 -73.28
N ASN D 888 -0.81 -15.00 -74.52
CA ASN D 888 -0.30 -16.12 -75.29
C ASN D 888 0.89 -16.77 -74.60
N VAL D 889 1.68 -15.99 -73.88
CA VAL D 889 2.73 -16.48 -72.99
C VAL D 889 2.22 -17.47 -71.94
N LEU D 890 0.91 -17.54 -71.64
CA LEU D 890 0.37 -18.66 -70.88
C LEU D 890 0.17 -19.89 -71.76
N TYR D 891 -0.83 -19.90 -72.63
CA TYR D 891 -1.23 -21.15 -73.28
C TYR D 891 -0.13 -21.78 -74.12
N GLU D 892 0.72 -20.97 -74.76
CA GLU D 892 1.84 -21.48 -75.52
C GLU D 892 2.94 -22.07 -74.63
N ASN D 893 2.77 -21.99 -73.31
CA ASN D 893 3.61 -22.62 -72.30
C ASN D 893 2.73 -23.35 -71.26
N GLN D 894 1.52 -23.79 -71.60
CA GLN D 894 0.55 -24.19 -70.58
C GLN D 894 1.06 -25.33 -69.72
N LYS D 895 1.56 -26.41 -70.35
CA LYS D 895 2.05 -27.59 -69.62
C LYS D 895 3.24 -27.26 -68.74
N LEU D 896 4.18 -26.52 -69.29
CA LEU D 896 5.36 -26.04 -68.59
C LEU D 896 5.01 -25.24 -67.35
N ILE D 897 4.03 -24.35 -67.46
CA ILE D 897 3.55 -23.50 -66.38
C ILE D 897 2.80 -24.33 -65.34
N ALA D 898 1.98 -25.28 -65.77
CA ALA D 898 1.35 -26.22 -64.89
C ALA D 898 2.38 -27.02 -64.10
N ASN D 899 3.41 -27.58 -64.74
CA ASN D 899 4.48 -28.34 -64.09
C ASN D 899 5.26 -27.51 -63.09
N GLN D 900 5.53 -26.25 -63.39
CA GLN D 900 6.16 -25.35 -62.44
C GLN D 900 5.26 -25.11 -61.23
N PHE D 901 3.97 -24.86 -61.43
CA PHE D 901 3.07 -24.70 -60.30
C PHE D 901 2.93 -25.99 -59.49
N ASN D 902 2.81 -27.14 -60.15
CA ASN D 902 2.72 -28.44 -59.51
C ASN D 902 3.98 -28.73 -58.67
N SER D 903 5.17 -28.54 -59.25
CA SER D 903 6.43 -28.75 -58.56
C SER D 903 6.61 -27.78 -57.41
N ALA D 904 6.25 -26.51 -57.61
CA ALA D 904 6.28 -25.52 -56.55
C ALA D 904 5.37 -25.93 -55.40
N ILE D 905 4.15 -26.39 -55.67
CA ILE D 905 3.25 -26.94 -54.66
C ILE D 905 3.93 -28.09 -53.91
N GLY D 906 4.57 -29.01 -54.65
CA GLY D 906 5.37 -30.10 -54.07
C GLY D 906 6.46 -29.59 -53.13
N LYS D 907 7.28 -28.62 -53.58
CA LYS D 907 8.31 -28.00 -52.74
C LYS D 907 7.73 -27.37 -51.48
N ILE D 908 6.50 -26.84 -51.49
CA ILE D 908 5.90 -26.33 -50.26
C ILE D 908 5.64 -27.48 -49.27
N GLN D 909 5.23 -28.64 -49.74
CA GLN D 909 5.03 -29.80 -48.88
C GLN D 909 6.34 -30.27 -48.29
N ASP D 910 7.39 -30.31 -49.09
CA ASP D 910 8.72 -30.73 -48.64
C ASP D 910 9.34 -29.70 -47.67
N SER D 911 9.16 -28.42 -47.93
CA SER D 911 9.65 -27.34 -47.06
C SER D 911 8.93 -27.38 -45.72
N LEU D 912 7.60 -27.49 -45.71
CA LEU D 912 6.83 -27.62 -44.48
C LEU D 912 7.17 -28.92 -43.75
N SER D 913 7.28 -30.05 -44.45
CA SER D 913 7.63 -31.35 -43.84
C SER D 913 9.02 -31.35 -43.21
N SER D 914 10.02 -30.77 -43.89
CA SER D 914 11.39 -30.69 -43.38
C SER D 914 11.57 -29.62 -42.29
N THR D 915 10.83 -28.52 -42.35
CA THR D 915 11.19 -27.26 -41.68
C THR D 915 10.03 -26.75 -40.83
N ALA D 916 9.89 -27.29 -39.62
CA ALA D 916 8.87 -26.87 -38.66
C ALA D 916 8.95 -25.36 -38.33
N SER D 917 10.18 -24.83 -38.27
CA SER D 917 10.44 -23.40 -38.08
C SER D 917 10.01 -22.50 -39.25
N ALA D 918 9.48 -23.05 -40.35
CA ALA D 918 8.74 -22.27 -41.33
C ALA D 918 7.52 -21.58 -40.69
N LEU D 919 6.84 -22.25 -39.75
CA LEU D 919 5.67 -21.75 -39.02
C LEU D 919 6.02 -20.72 -37.93
N GLY D 920 7.19 -20.11 -37.98
CA GLY D 920 7.72 -19.28 -36.90
C GLY D 920 6.76 -18.18 -36.43
N LYS D 921 6.03 -17.53 -37.33
CA LYS D 921 5.06 -16.48 -36.96
C LYS D 921 3.94 -17.02 -36.07
N LEU D 922 3.16 -17.95 -36.57
CA LEU D 922 2.01 -18.54 -35.86
C LEU D 922 2.50 -19.27 -34.62
N GLN D 923 3.56 -20.07 -34.73
CA GLN D 923 4.10 -20.78 -33.59
C GLN D 923 4.61 -19.82 -32.53
N ASP D 924 5.22 -18.69 -32.91
CA ASP D 924 5.61 -17.67 -31.93
C ASP D 924 4.39 -17.00 -31.30
N VAL D 925 3.32 -16.74 -32.04
CA VAL D 925 2.08 -16.23 -31.45
C VAL D 925 1.52 -17.21 -30.42
N VAL D 926 1.47 -18.50 -30.74
CA VAL D 926 1.07 -19.51 -29.76
C VAL D 926 2.02 -19.49 -28.57
N ASN D 927 3.34 -19.49 -28.81
CA ASN D 927 4.34 -19.46 -27.74
C ASN D 927 4.17 -18.23 -26.85
N GLN D 928 4.06 -17.04 -27.43
CA GLN D 928 3.83 -15.78 -26.73
C GLN D 928 2.61 -15.87 -25.84
N ASN D 929 1.47 -16.30 -26.37
CA ASN D 929 0.25 -16.40 -25.57
C ASN D 929 0.42 -17.42 -24.45
N ALA D 930 0.95 -18.60 -24.73
CA ALA D 930 1.19 -19.59 -23.71
C ALA D 930 2.18 -19.08 -22.66
N GLN D 931 3.21 -18.34 -23.06
CA GLN D 931 4.19 -17.76 -22.16
C GLN D 931 3.55 -16.67 -21.30
N ALA D 932 2.65 -15.86 -21.86
CA ALA D 932 1.90 -14.87 -21.12
C ALA D 932 1.02 -15.55 -20.07
N LEU D 933 0.24 -16.57 -20.46
CA LEU D 933 -0.55 -17.36 -19.51
C LEU D 933 0.34 -18.00 -18.46
N ASN D 934 1.42 -18.68 -18.84
CA ASN D 934 2.31 -19.34 -17.89
C ASN D 934 2.92 -18.36 -16.92
N THR D 935 3.26 -17.16 -17.37
CA THR D 935 3.75 -16.10 -16.49
C THR D 935 2.65 -15.64 -15.54
N LEU D 936 1.45 -15.37 -16.06
CA LEU D 936 0.29 -15.01 -15.23
C LEU D 936 -0.01 -16.10 -14.20
N VAL D 937 0.12 -17.36 -14.58
CA VAL D 937 -0.07 -18.50 -13.70
C VAL D 937 1.02 -18.52 -12.65
N LYS D 938 2.30 -18.44 -13.03
CA LYS D 938 3.41 -18.42 -12.07
C LYS D 938 3.26 -17.29 -11.06
N GLN D 939 2.75 -16.14 -11.49
CA GLN D 939 2.56 -14.98 -10.62
C GLN D 939 1.61 -15.26 -9.47
N LEU D 940 0.75 -16.29 -9.55
CA LEU D 940 -0.05 -16.71 -8.40
C LEU D 940 0.82 -17.23 -7.25
N SER D 941 1.97 -17.81 -7.57
CA SER D 941 2.93 -18.34 -6.61
C SER D 941 3.85 -17.28 -6.01
N SER D 942 3.94 -16.10 -6.62
CA SER D 942 4.81 -15.01 -6.17
C SER D 942 4.17 -14.30 -5.00
N ASN D 943 4.87 -14.13 -3.88
CA ASN D 943 4.17 -13.75 -2.65
C ASN D 943 3.96 -12.24 -2.50
N PHE D 944 4.49 -11.38 -3.35
CA PHE D 944 4.29 -9.91 -3.33
C PHE D 944 4.49 -9.27 -1.94
N GLY D 945 5.30 -9.86 -1.08
CA GLY D 945 5.51 -9.39 0.28
C GLY D 945 4.47 -9.85 1.30
N ALA D 946 3.45 -10.61 0.92
CA ALA D 946 2.61 -11.34 1.85
C ALA D 946 3.38 -12.53 2.45
N ILE D 947 2.99 -13.01 3.64
CA ILE D 947 3.67 -14.11 4.34
C ILE D 947 3.71 -15.43 3.55
N SER D 948 2.82 -15.63 2.59
CA SER D 948 2.66 -16.84 1.79
C SER D 948 1.93 -16.49 0.50
N SER D 949 2.05 -17.28 -0.56
CA SER D 949 1.30 -17.07 -1.81
C SER D 949 0.17 -18.08 -2.03
N VAL D 950 -0.03 -19.01 -1.10
CA VAL D 950 -1.19 -19.91 -1.09
C VAL D 950 -2.32 -19.20 -0.33
N LEU D 951 -3.32 -18.70 -1.02
CA LEU D 951 -4.34 -17.85 -0.38
C LEU D 951 -5.08 -18.56 0.76
N ASN D 952 -5.44 -19.83 0.56
CA ASN D 952 -6.08 -20.65 1.59
C ASN D 952 -5.19 -20.89 2.81
N ASP D 953 -3.87 -20.91 2.64
CA ASP D 953 -2.93 -21.00 3.75
C ASP D 953 -3.03 -19.73 4.59
N ILE D 954 -3.01 -18.54 3.99
CA ILE D 954 -3.17 -17.30 4.76
C ILE D 954 -4.49 -17.33 5.55
N LEU D 955 -5.58 -17.64 4.87
CA LEU D 955 -6.91 -17.73 5.47
C LEU D 955 -7.02 -18.80 6.56
N SER D 956 -6.30 -19.92 6.45
CA SER D 956 -6.27 -20.94 7.50
C SER D 956 -5.21 -20.67 8.58
N ARG D 957 -4.28 -19.72 8.36
CA ARG D 957 -3.36 -19.23 9.40
C ARG D 957 -3.94 -18.08 10.23
N LEU D 958 -4.65 -17.14 9.61
CA LEU D 958 -4.88 -15.80 10.17
C LEU D 958 -6.35 -15.39 10.25
N ASP D 959 -6.70 -14.75 11.37
CA ASP D 959 -7.96 -14.03 11.55
C ASP D 959 -7.96 -12.70 10.77
N PRO D 960 -9.13 -12.18 10.33
CA PRO D 960 -9.19 -11.05 9.40
C PRO D 960 -8.43 -9.77 9.78
N PRO D 961 -8.31 -9.38 11.06
CA PRO D 961 -7.50 -8.22 11.48
C PRO D 961 -6.07 -8.25 10.94
N GLU D 962 -5.50 -9.44 10.83
CA GLU D 962 -4.17 -9.68 10.28
C GLU D 962 -4.27 -10.07 8.81
N ALA D 963 -5.16 -11.02 8.49
CA ALA D 963 -5.23 -11.62 7.17
C ALA D 963 -5.50 -10.58 6.10
N GLU D 964 -6.33 -9.58 6.38
CA GLU D 964 -6.71 -8.58 5.39
C GLU D 964 -5.51 -7.81 4.84
N VAL D 965 -4.49 -7.49 5.63
CA VAL D 965 -3.27 -6.86 5.11
C VAL D 965 -2.53 -7.79 4.15
N GLN D 966 -2.35 -9.05 4.55
CA GLN D 966 -1.64 -10.04 3.74
C GLN D 966 -2.37 -10.29 2.43
N ILE D 967 -3.68 -10.55 2.51
CA ILE D 967 -4.52 -10.76 1.36
C ILE D 967 -4.52 -9.51 0.49
N ASP D 968 -4.53 -8.30 1.06
CA ASP D 968 -4.54 -7.08 0.27
C ASP D 968 -3.24 -6.89 -0.52
N ARG D 969 -2.09 -7.30 0.05
CA ARG D 969 -0.82 -7.35 -0.69
C ARG D 969 -0.93 -8.33 -1.84
N LEU D 970 -1.46 -9.53 -1.62
CA LEU D 970 -1.70 -10.48 -2.71
C LEU D 970 -2.66 -9.92 -3.75
N ILE D 971 -3.76 -9.28 -3.36
CA ILE D 971 -4.70 -8.71 -4.30
C ILE D 971 -3.98 -7.65 -5.11
N THR D 972 -3.26 -6.75 -4.48
CA THR D 972 -2.57 -5.66 -5.16
C THR D 972 -1.57 -6.22 -6.16
N GLY D 973 -0.79 -7.21 -5.76
CA GLY D 973 0.12 -7.90 -6.65
C GLY D 973 -0.58 -8.62 -7.79
N ARG D 974 -1.55 -9.47 -7.49
CA ARG D 974 -2.24 -10.28 -8.50
C ARG D 974 -2.99 -9.39 -9.45
N LEU D 975 -3.73 -8.42 -8.96
CA LEU D 975 -4.43 -7.43 -9.78
C LEU D 975 -3.46 -6.66 -10.66
N GLN D 976 -2.32 -6.22 -10.13
CA GLN D 976 -1.31 -5.54 -10.94
C GLN D 976 -0.75 -6.47 -12.00
N SER D 977 -0.54 -7.74 -11.67
CA SER D 977 -0.12 -8.76 -12.62
C SER D 977 -1.17 -9.05 -13.68
N LEU D 978 -2.44 -9.00 -13.31
CA LEU D 978 -3.56 -9.23 -14.19
C LEU D 978 -3.71 -8.02 -15.12
N GLN D 979 -3.75 -6.80 -14.60
CA GLN D 979 -3.72 -5.56 -15.39
C GLN D 979 -2.56 -5.58 -16.37
N THR D 980 -1.39 -6.06 -15.94
CA THR D 980 -0.22 -6.22 -16.82
C THR D 980 -0.54 -7.17 -17.94
N TYR D 981 -0.99 -8.38 -17.63
CA TYR D 981 -1.35 -9.41 -18.61
C TYR D 981 -2.40 -8.90 -19.59
N VAL D 982 -3.46 -8.28 -19.11
CA VAL D 982 -4.51 -7.76 -19.97
C VAL D 982 -3.98 -6.65 -20.84
N THR D 983 -3.14 -5.77 -20.31
CA THR D 983 -2.52 -4.70 -21.09
C THR D 983 -1.65 -5.29 -22.18
N GLN D 984 -0.81 -6.27 -21.87
CA GLN D 984 -0.02 -7.01 -22.85
C GLN D 984 -0.92 -7.64 -23.89
N GLN D 985 -2.02 -8.25 -23.49
CA GLN D 985 -2.97 -8.86 -24.40
C GLN D 985 -3.70 -7.83 -25.24
N LEU D 986 -3.99 -6.63 -24.75
CA LEU D 986 -4.63 -5.60 -25.56
C LEU D 986 -3.68 -5.09 -26.63
N ILE D 987 -2.42 -4.89 -26.27
CA ILE D 987 -1.41 -4.44 -27.24
C ILE D 987 -1.14 -5.55 -28.26
N ARG D 988 -1.03 -6.79 -27.81
CA ARG D 988 -0.89 -7.95 -28.69
C ARG D 988 -2.13 -8.15 -29.54
N ALA D 989 -3.33 -7.99 -29.01
CA ALA D 989 -4.56 -8.06 -29.77
C ALA D 989 -4.60 -6.99 -30.85
N ALA D 990 -4.07 -5.80 -30.59
CA ALA D 990 -3.90 -4.79 -31.60
C ALA D 990 -2.92 -5.24 -32.69
N GLU D 991 -1.81 -5.89 -32.34
CA GLU D 991 -0.90 -6.46 -33.33
C GLU D 991 -1.61 -7.52 -34.18
N ILE D 992 -2.25 -8.50 -33.52
CA ILE D 992 -2.99 -9.59 -34.15
C ILE D 992 -4.08 -9.02 -35.04
N ARG D 993 -4.87 -8.04 -34.59
CA ARG D 993 -5.90 -7.36 -35.37
C ARG D 993 -5.33 -6.62 -36.56
N ALA D 994 -4.18 -5.98 -36.43
CA ALA D 994 -3.52 -5.36 -37.57
C ALA D 994 -3.09 -6.41 -38.59
N SER D 995 -2.61 -7.56 -38.11
CA SER D 995 -2.28 -8.71 -38.94
C SER D 995 -3.54 -9.34 -39.56
N ALA D 996 -4.66 -9.40 -38.84
CA ALA D 996 -5.92 -9.90 -39.34
C ALA D 996 -6.49 -8.98 -40.42
N ASN D 997 -6.41 -7.67 -40.26
CA ASN D 997 -6.80 -6.73 -41.30
C ASN D 997 -5.86 -6.83 -42.50
N LEU D 998 -4.57 -7.03 -42.28
CA LEU D 998 -3.65 -7.30 -43.35
C LEU D 998 -4.04 -8.57 -44.09
N ALA D 999 -4.29 -9.66 -43.37
CA ALA D 999 -4.69 -10.93 -43.92
C ALA D 999 -6.01 -10.82 -44.68
N ALA D 1000 -7.01 -10.19 -44.09
CA ALA D 1000 -8.29 -9.96 -44.74
C ALA D 1000 -8.08 -9.18 -46.02
N THR D 1001 -7.14 -8.23 -46.05
CA THR D 1001 -6.83 -7.51 -47.27
C THR D 1001 -6.17 -8.42 -48.29
N LYS D 1002 -5.27 -9.32 -47.91
CA LYS D 1002 -4.70 -10.29 -48.87
C LYS D 1002 -5.78 -11.27 -49.34
N MET D 1003 -6.74 -11.61 -48.51
CA MET D 1003 -7.91 -12.38 -48.92
C MET D 1003 -8.70 -11.59 -49.95
N SER D 1004 -9.00 -10.33 -49.69
CA SER D 1004 -9.77 -9.49 -50.59
C SER D 1004 -9.05 -9.14 -51.88
N GLU D 1005 -7.74 -8.91 -51.84
CA GLU D 1005 -6.99 -8.40 -52.99
C GLU D 1005 -6.28 -9.50 -53.80
N CYS D 1006 -5.94 -10.62 -53.19
CA CYS D 1006 -5.08 -11.64 -53.79
C CYS D 1006 -5.79 -12.97 -54.00
N VAL D 1007 -6.72 -13.34 -53.12
CA VAL D 1007 -7.54 -14.52 -53.28
C VAL D 1007 -8.74 -14.19 -54.17
N LEU D 1008 -9.61 -13.29 -53.70
CA LEU D 1008 -10.81 -12.78 -54.38
C LEU D 1008 -10.50 -11.86 -55.56
N GLY D 1009 -9.23 -11.66 -55.91
CA GLY D 1009 -8.76 -10.62 -56.81
C GLY D 1009 -7.31 -10.87 -57.19
N GLN D 1010 -6.65 -9.89 -57.81
CA GLN D 1010 -5.22 -9.91 -58.06
C GLN D 1010 -4.58 -8.60 -57.60
N SER D 1011 -3.48 -8.65 -56.84
CA SER D 1011 -2.90 -7.42 -56.28
C SER D 1011 -1.91 -6.79 -57.25
N LYS D 1012 -2.24 -5.62 -57.78
CA LYS D 1012 -1.32 -4.78 -58.57
C LYS D 1012 -0.17 -4.18 -57.75
N ARG D 1013 -0.17 -4.35 -56.43
CA ARG D 1013 0.66 -3.61 -55.48
C ARG D 1013 1.95 -4.35 -55.20
N VAL D 1014 3.07 -3.81 -55.67
CA VAL D 1014 4.36 -4.55 -55.67
C VAL D 1014 4.76 -5.02 -54.28
N ASP D 1015 5.19 -6.28 -54.20
CA ASP D 1015 5.57 -6.98 -52.98
C ASP D 1015 4.52 -7.00 -51.86
N PHE D 1016 3.24 -6.77 -52.14
CA PHE D 1016 2.16 -7.03 -51.18
C PHE D 1016 1.80 -8.52 -51.06
N CYS D 1017 1.55 -9.20 -52.16
CA CYS D 1017 1.30 -10.63 -52.19
C CYS D 1017 2.46 -11.36 -52.88
N GLY D 1018 3.51 -11.61 -52.10
CA GLY D 1018 4.70 -12.35 -52.49
C GLY D 1018 5.65 -11.55 -53.37
N LYS D 1019 6.96 -11.85 -53.31
CA LYS D 1019 7.90 -11.25 -54.26
C LYS D 1019 7.63 -11.74 -55.68
N GLY D 1020 7.85 -10.88 -56.65
CA GLY D 1020 7.42 -11.09 -58.02
C GLY D 1020 6.10 -10.39 -58.30
N TYR D 1021 5.69 -10.43 -59.56
CA TYR D 1021 4.38 -9.93 -59.94
C TYR D 1021 3.32 -10.94 -59.50
N HIS D 1022 2.31 -10.55 -58.72
CA HIS D 1022 1.36 -11.48 -58.10
C HIS D 1022 0.43 -12.10 -59.13
N LEU D 1023 0.11 -13.39 -59.00
CA LEU D 1023 -0.87 -14.05 -59.85
C LEU D 1023 -2.14 -14.39 -59.09
N MET D 1024 -2.06 -15.13 -57.99
CA MET D 1024 -3.20 -15.61 -57.22
C MET D 1024 -2.73 -16.13 -55.89
N SER D 1025 -3.63 -16.35 -54.97
CA SER D 1025 -3.26 -16.86 -53.68
C SER D 1025 -4.28 -17.88 -53.27
N PHE D 1026 -3.83 -18.94 -52.62
CA PHE D 1026 -4.71 -19.94 -52.10
C PHE D 1026 -4.61 -19.88 -50.59
N PRO D 1027 -5.66 -19.56 -49.85
CA PRO D 1027 -5.60 -19.59 -48.42
C PRO D 1027 -5.65 -21.04 -47.96
N GLN D 1028 -4.78 -21.39 -47.04
CA GLN D 1028 -4.81 -22.64 -46.32
C GLN D 1028 -4.91 -22.26 -44.85
N SER D 1029 -5.90 -22.75 -44.15
CA SER D 1029 -6.03 -22.47 -42.72
C SER D 1029 -4.84 -23.01 -41.96
N ALA D 1030 -4.50 -22.42 -40.83
CA ALA D 1030 -3.49 -22.94 -39.93
C ALA D 1030 -3.84 -22.52 -38.50
N PRO D 1031 -3.38 -23.21 -37.45
CA PRO D 1031 -3.96 -23.02 -36.12
C PRO D 1031 -3.69 -21.61 -35.59
N HIS D 1032 -4.75 -20.82 -35.42
CA HIS D 1032 -4.70 -19.40 -35.05
C HIS D 1032 -3.98 -18.51 -36.05
N GLY D 1033 -4.17 -18.75 -37.35
CA GLY D 1033 -3.65 -17.89 -38.40
C GLY D 1033 -4.24 -18.22 -39.76
N VAL D 1034 -3.60 -17.77 -40.82
CA VAL D 1034 -3.85 -18.24 -42.19
C VAL D 1034 -2.54 -18.32 -42.92
N VAL D 1035 -2.43 -19.20 -43.90
CA VAL D 1035 -1.28 -19.27 -44.79
C VAL D 1035 -1.75 -18.97 -46.19
N PHE D 1036 -1.09 -18.09 -46.92
CA PHE D 1036 -1.39 -17.86 -48.31
C PHE D 1036 -0.29 -18.49 -49.14
N LEU D 1037 -0.64 -19.31 -50.12
CA LEU D 1037 0.30 -19.76 -51.14
C LEU D 1037 0.31 -18.72 -52.27
N HIS D 1038 1.06 -17.63 -52.13
CA HIS D 1038 1.10 -16.58 -53.13
C HIS D 1038 1.81 -17.07 -54.37
N VAL D 1039 1.05 -17.46 -55.37
CA VAL D 1039 1.62 -17.78 -56.67
C VAL D 1039 2.05 -16.47 -57.31
N THR D 1040 3.31 -16.37 -57.72
CA THR D 1040 3.83 -15.14 -58.31
C THR D 1040 4.66 -15.47 -59.52
N TYR D 1041 4.45 -14.74 -60.60
CA TYR D 1041 5.35 -14.76 -61.74
C TYR D 1041 6.63 -14.06 -61.32
N VAL D 1042 7.78 -14.70 -61.48
CA VAL D 1042 9.11 -14.09 -61.26
C VAL D 1042 9.92 -14.31 -62.54
N PRO D 1043 10.37 -13.28 -63.26
CA PRO D 1043 11.21 -13.48 -64.44
C PRO D 1043 12.62 -13.97 -64.06
N ALA D 1044 13.30 -14.76 -64.90
CA ALA D 1044 14.50 -15.46 -64.44
C ALA D 1044 15.62 -15.77 -65.47
N GLN D 1045 15.55 -15.39 -66.75
CA GLN D 1045 16.67 -15.63 -67.69
C GLN D 1045 16.80 -14.47 -68.67
N GLU D 1046 17.52 -13.42 -68.31
CA GLU D 1046 17.71 -12.21 -69.12
C GLU D 1046 18.53 -12.40 -70.38
N LYS D 1047 18.29 -11.55 -71.38
CA LYS D 1047 19.25 -11.23 -72.42
C LYS D 1047 19.46 -9.72 -72.46
N ASN D 1048 20.69 -9.27 -72.71
CA ASN D 1048 21.05 -7.87 -72.93
C ASN D 1048 20.68 -7.42 -74.35
N PHE D 1049 20.18 -6.21 -74.53
CA PHE D 1049 19.86 -5.66 -75.84
C PHE D 1049 20.15 -4.16 -75.93
N THR D 1050 20.54 -3.71 -77.13
CA THR D 1050 20.54 -2.29 -77.50
C THR D 1050 19.10 -1.81 -77.57
N THR D 1051 18.78 -0.64 -77.06
CA THR D 1051 17.40 -0.15 -76.90
C THR D 1051 17.30 1.34 -77.18
N ALA D 1052 16.11 1.86 -77.45
CA ALA D 1052 15.88 3.26 -77.76
C ALA D 1052 14.55 3.74 -77.18
N PRO D 1053 14.41 5.02 -76.76
CA PRO D 1053 13.17 5.56 -76.24
C PRO D 1053 12.03 5.53 -77.25
N ALA D 1054 12.34 5.75 -78.52
CA ALA D 1054 11.42 5.88 -79.62
C ALA D 1054 12.17 5.58 -80.91
N ILE D 1055 11.50 5.52 -82.05
CA ILE D 1055 12.11 5.14 -83.32
C ILE D 1055 11.65 6.05 -84.45
N CYS D 1056 12.54 6.79 -85.07
CA CYS D 1056 12.21 7.54 -86.26
C CYS D 1056 11.83 6.60 -87.40
N HIS D 1057 10.70 6.85 -88.04
CA HIS D 1057 10.53 6.44 -89.45
C HIS D 1057 10.76 7.70 -90.30
N ASP D 1058 9.98 7.96 -91.35
CA ASP D 1058 10.11 9.18 -92.16
C ASP D 1058 9.73 10.43 -91.35
N GLY D 1059 10.69 10.98 -90.60
CA GLY D 1059 10.56 12.15 -89.73
C GLY D 1059 9.76 11.94 -88.46
N LYS D 1060 8.68 11.16 -88.51
CA LYS D 1060 7.80 10.82 -87.40
C LYS D 1060 8.53 10.00 -86.36
N ALA D 1061 8.40 10.32 -85.09
CA ALA D 1061 8.94 9.49 -84.02
C ALA D 1061 7.88 8.49 -83.55
N HIS D 1062 8.05 7.22 -83.82
CA HIS D 1062 7.18 6.13 -83.35
C HIS D 1062 7.53 5.66 -81.96
N PHE D 1063 6.56 5.21 -81.21
CA PHE D 1063 6.72 4.74 -79.84
C PHE D 1063 6.00 3.40 -79.65
N PRO D 1064 6.41 2.53 -78.73
CA PRO D 1064 5.69 1.29 -78.49
C PRO D 1064 4.39 1.55 -77.72
N ARG D 1065 3.26 1.02 -78.19
CA ARG D 1065 1.97 1.12 -77.48
C ARG D 1065 2.00 0.44 -76.13
N GLU D 1066 2.29 -0.85 -76.12
CA GLU D 1066 2.65 -1.62 -74.94
C GLU D 1066 4.06 -2.17 -75.13
N GLY D 1067 4.85 -2.25 -74.06
CA GLY D 1067 6.19 -2.79 -74.15
C GLY D 1067 7.29 -1.78 -74.48
N VAL D 1068 8.33 -2.25 -75.17
CA VAL D 1068 9.67 -1.64 -75.24
C VAL D 1068 10.27 -1.87 -76.61
N PHE D 1069 11.15 -1.01 -77.08
CA PHE D 1069 11.96 -1.31 -78.26
C PHE D 1069 13.28 -1.95 -77.86
N VAL D 1070 13.74 -2.93 -78.62
CA VAL D 1070 15.06 -3.57 -78.45
C VAL D 1070 15.61 -4.06 -79.77
N SER D 1071 16.91 -4.35 -79.82
CA SER D 1071 17.52 -5.07 -80.92
C SER D 1071 18.50 -6.08 -80.37
N ASN D 1072 18.56 -7.25 -81.02
CA ASN D 1072 19.64 -8.22 -80.84
C ASN D 1072 21.01 -7.64 -81.26
N GLY D 1073 21.02 -6.80 -82.30
CA GLY D 1073 22.20 -6.12 -82.81
C GLY D 1073 21.95 -5.56 -84.20
N THR D 1074 21.52 -6.42 -85.12
CA THR D 1074 21.25 -6.04 -86.53
C THR D 1074 19.80 -5.65 -86.81
N HIS D 1075 18.83 -6.07 -85.97
CA HIS D 1075 17.40 -5.90 -86.24
C HIS D 1075 16.64 -5.40 -85.03
N TRP D 1076 15.79 -4.40 -85.19
CA TRP D 1076 14.97 -3.85 -84.11
C TRP D 1076 13.60 -4.52 -84.01
N PHE D 1077 13.14 -4.73 -82.79
CA PHE D 1077 11.87 -5.33 -82.43
C PHE D 1077 11.23 -4.54 -81.31
N VAL D 1078 9.91 -4.51 -81.28
CA VAL D 1078 9.18 -4.22 -80.03
C VAL D 1078 8.96 -5.51 -79.28
N THR D 1079 8.78 -5.46 -77.98
CA THR D 1079 8.58 -6.64 -77.13
C THR D 1079 7.87 -6.23 -75.88
N GLN D 1080 7.22 -7.14 -75.18
CA GLN D 1080 6.63 -6.85 -73.89
C GLN D 1080 7.68 -6.38 -72.90
N ARG D 1081 7.28 -5.70 -71.83
CA ARG D 1081 8.21 -5.32 -70.76
C ARG D 1081 8.72 -6.56 -70.01
N ASN D 1082 7.86 -7.54 -69.75
CA ASN D 1082 8.11 -8.58 -68.74
C ASN D 1082 8.44 -9.97 -69.28
N PHE D 1083 8.61 -10.12 -70.59
CA PHE D 1083 8.95 -11.39 -71.22
C PHE D 1083 9.39 -11.14 -72.66
N TYR D 1084 10.59 -11.56 -73.05
CA TYR D 1084 11.10 -11.29 -74.38
C TYR D 1084 10.22 -11.97 -75.41
N GLU D 1085 9.70 -11.21 -76.33
CA GLU D 1085 8.90 -11.69 -77.42
C GLU D 1085 9.11 -10.73 -78.59
N PRO D 1086 10.06 -10.99 -79.48
CA PRO D 1086 10.37 -10.04 -80.53
C PRO D 1086 9.24 -10.00 -81.54
N GLN D 1087 8.47 -8.92 -81.51
CA GLN D 1087 7.45 -8.63 -82.48
C GLN D 1087 8.04 -7.70 -83.53
N ILE D 1088 7.84 -7.98 -84.82
CA ILE D 1088 8.26 -7.07 -85.87
C ILE D 1088 7.57 -5.73 -85.68
N ILE D 1089 8.25 -4.63 -86.01
CA ILE D 1089 7.75 -3.29 -85.71
C ILE D 1089 6.82 -2.84 -86.84
N THR D 1090 5.62 -2.39 -86.50
CA THR D 1090 4.54 -2.04 -87.43
C THR D 1090 3.62 -0.98 -86.83
N THR D 1091 2.88 -0.25 -87.65
CA THR D 1091 1.91 0.74 -87.15
C THR D 1091 0.81 0.14 -86.27
N ASP D 1092 0.68 -1.19 -86.21
CA ASP D 1092 -0.18 -1.86 -85.24
C ASP D 1092 0.32 -1.71 -83.81
N ASN D 1093 1.63 -1.89 -83.56
CA ASN D 1093 2.23 -1.82 -82.24
C ASN D 1093 2.91 -0.48 -81.92
N THR D 1094 3.01 0.44 -82.90
CA THR D 1094 3.61 1.76 -82.72
C THR D 1094 2.67 2.93 -82.90
N PHE D 1095 2.75 3.95 -82.04
CA PHE D 1095 2.06 5.22 -82.24
C PHE D 1095 3.02 6.37 -82.53
N VAL D 1096 2.68 7.24 -83.47
CA VAL D 1096 3.50 8.40 -83.84
C VAL D 1096 3.39 9.48 -82.78
N SER D 1097 4.42 10.28 -82.58
CA SER D 1097 4.27 11.59 -81.95
C SER D 1097 5.21 12.64 -82.53
N GLY D 1098 4.69 13.71 -83.10
CA GLY D 1098 5.49 14.82 -83.58
C GLY D 1098 6.49 14.42 -84.67
N ASN D 1099 7.75 14.77 -84.45
CA ASN D 1099 8.90 14.43 -85.30
C ASN D 1099 10.17 14.21 -84.46
N CYS D 1100 11.23 13.67 -85.08
CA CYS D 1100 12.43 13.19 -84.38
C CYS D 1100 13.06 14.20 -83.39
N ASP D 1101 13.21 15.46 -83.78
CA ASP D 1101 14.19 16.40 -83.21
C ASP D 1101 14.18 16.53 -81.68
N VAL D 1102 13.02 16.57 -81.06
CA VAL D 1102 12.93 16.84 -79.62
C VAL D 1102 13.41 15.64 -78.79
N VAL D 1103 13.34 14.44 -79.35
CA VAL D 1103 13.63 13.18 -78.67
C VAL D 1103 15.13 12.95 -78.57
N ILE D 1104 15.71 13.16 -77.39
CA ILE D 1104 17.09 12.78 -77.08
C ILE D 1104 17.22 11.27 -77.13
N GLY D 1105 18.15 10.77 -77.93
CA GLY D 1105 18.45 9.34 -78.04
C GLY D 1105 17.54 8.55 -78.99
N ILE D 1106 16.75 9.19 -79.84
CA ILE D 1106 16.00 8.45 -80.87
C ILE D 1106 16.95 7.71 -81.80
N VAL D 1107 16.53 6.56 -82.34
CA VAL D 1107 17.28 5.80 -83.34
C VAL D 1107 16.52 5.75 -84.64
N ASN D 1108 17.21 5.72 -85.77
CA ASN D 1108 16.54 5.37 -87.02
C ASN D 1108 16.09 3.91 -87.00
N ASN D 1109 15.18 3.56 -87.89
CA ASN D 1109 14.90 2.20 -88.35
C ASN D 1109 14.04 2.32 -89.64
N THR D 1110 13.29 1.27 -89.96
CA THR D 1110 12.03 1.41 -90.72
C THR D 1110 10.91 0.87 -89.84
N VAL D 1111 9.66 1.24 -90.11
CA VAL D 1111 8.48 0.64 -89.47
C VAL D 1111 7.58 0.05 -90.54
N TYR D 1112 7.11 -1.16 -90.34
CA TYR D 1112 6.32 -1.86 -91.34
C TYR D 1112 4.96 -1.16 -91.53
N ASP D 1113 4.53 -0.98 -92.77
CA ASP D 1113 3.16 -0.62 -93.12
C ASP D 1113 2.38 -1.93 -93.31
N PRO D 1114 1.52 -2.34 -92.37
CA PRO D 1114 0.83 -3.62 -92.42
C PRO D 1114 -0.37 -3.60 -93.37
N LEU D 1115 -0.65 -2.47 -94.02
CA LEU D 1115 -1.83 -2.25 -94.85
C LEU D 1115 -1.47 -2.18 -96.33
N GLN D 1116 -0.47 -1.36 -96.69
CA GLN D 1116 -0.09 -1.18 -98.09
C GLN D 1116 0.25 -2.46 -98.87
N PRO D 1117 0.95 -3.47 -98.32
CA PRO D 1117 1.22 -4.68 -99.10
C PRO D 1117 -0.06 -5.45 -99.46
N GLU D 1118 -1.13 -5.31 -98.68
CA GLU D 1118 -2.42 -5.91 -99.00
C GLU D 1118 -3.07 -5.21 -100.20
N LEU D 1119 -3.08 -3.87 -100.19
CA LEU D 1119 -3.61 -3.05 -101.28
C LEU D 1119 -2.80 -3.23 -102.56
N ASP D 1120 -1.48 -3.36 -102.44
CA ASP D 1120 -0.59 -3.70 -103.55
C ASP D 1120 -0.93 -5.08 -104.13
N SER D 1121 -1.10 -6.08 -103.25
CA SER D 1121 -1.65 -7.39 -103.60
C SER D 1121 -3.17 -7.32 -103.80
N GLN E 1 51.74 -56.36 16.07
CA GLN E 1 51.10 -57.65 16.39
C GLN E 1 50.58 -57.66 17.83
N VAL E 2 49.58 -58.52 18.12
CA VAL E 2 49.18 -58.90 19.50
C VAL E 2 50.29 -59.77 20.11
N GLN E 3 50.50 -59.73 21.42
CA GLN E 3 51.52 -60.55 22.11
C GLN E 3 50.99 -61.20 23.39
N LEU E 4 51.38 -62.46 23.66
CA LEU E 4 51.04 -63.17 24.91
C LEU E 4 52.05 -62.88 26.04
N VAL E 5 51.60 -63.00 27.29
CA VAL E 5 52.35 -62.61 28.49
C VAL E 5 52.16 -63.61 29.65
N GLN E 6 53.25 -63.92 30.35
CA GLN E 6 53.37 -64.86 31.46
C GLN E 6 52.82 -64.36 32.81
N SER E 7 52.60 -65.30 33.73
CA SER E 7 52.35 -65.06 35.17
C SER E 7 53.60 -65.26 36.07
N GLY E 8 54.82 -65.22 35.52
CA GLY E 8 56.07 -65.43 36.27
C GLY E 8 56.37 -66.89 36.61
N ALA E 9 56.25 -67.29 37.88
CA ALA E 9 56.47 -68.65 38.37
C ALA E 9 55.47 -69.01 39.49
N GLU E 10 55.34 -70.30 39.81
CA GLU E 10 54.46 -70.81 40.88
C GLU E 10 55.06 -72.06 41.53
N VAL E 11 54.67 -72.39 42.76
CA VAL E 11 55.19 -73.55 43.50
C VAL E 11 54.05 -74.25 44.24
N LYS E 12 53.97 -75.58 44.18
CA LYS E 12 52.92 -76.38 44.85
C LYS E 12 53.45 -77.72 45.37
N LYS E 13 52.69 -78.34 46.27
CA LYS E 13 52.85 -79.76 46.64
C LYS E 13 52.56 -80.69 45.44
N PRO E 14 53.20 -81.86 45.34
CA PRO E 14 52.66 -82.96 44.53
C PRO E 14 51.29 -83.41 45.06
N GLY E 15 50.45 -84.01 44.22
CA GLY E 15 49.09 -84.47 44.53
C GLY E 15 48.03 -83.34 44.60
N ALA E 16 48.44 -82.10 44.85
CA ALA E 16 47.58 -80.90 44.83
C ALA E 16 47.16 -80.46 43.41
N SER E 17 46.51 -79.30 43.32
CA SER E 17 46.08 -78.66 42.08
C SER E 17 46.62 -77.22 41.98
N VAL E 18 46.89 -76.73 40.77
CA VAL E 18 47.44 -75.39 40.50
C VAL E 18 46.65 -74.70 39.37
N LYS E 19 46.40 -73.39 39.49
CA LYS E 19 45.79 -72.56 38.45
C LYS E 19 46.69 -71.36 38.15
N VAL E 20 47.00 -71.13 36.87
CA VAL E 20 47.93 -70.10 36.40
C VAL E 20 47.39 -69.42 35.13
N SER E 21 47.60 -68.11 34.98
CA SER E 21 47.06 -67.34 33.84
C SER E 21 48.03 -67.18 32.65
N CYS E 22 47.49 -66.94 31.46
CA CYS E 22 48.21 -66.44 30.29
C CYS E 22 47.42 -65.28 29.68
N LYS E 23 48.07 -64.15 29.40
CA LYS E 23 47.40 -62.86 29.16
C LYS E 23 47.68 -62.35 27.76
N VAL E 24 46.70 -61.76 27.08
CA VAL E 24 46.94 -61.05 25.80
C VAL E 24 47.48 -59.63 26.06
N SER E 25 48.05 -59.03 25.03
CA SER E 25 48.28 -57.59 24.90
C SER E 25 48.06 -57.17 23.44
N GLY E 26 47.62 -55.93 23.23
CA GLY E 26 46.95 -55.53 21.99
C GLY E 26 45.47 -55.95 21.98
N TYR E 27 44.98 -56.51 20.87
CA TYR E 27 43.62 -57.03 20.73
C TYR E 27 43.34 -58.29 21.59
N THR E 28 42.10 -58.78 21.48
CA THR E 28 41.41 -59.75 22.34
C THR E 28 41.89 -61.21 22.28
N LEU E 29 41.33 -62.04 23.17
CA LEU E 29 41.67 -63.44 23.40
C LEU E 29 40.90 -64.46 22.54
N PRO E 30 39.58 -64.36 22.31
CA PRO E 30 38.80 -65.45 21.72
C PRO E 30 39.24 -65.88 20.31
N GLU E 31 40.02 -65.04 19.63
CA GLU E 31 40.64 -65.26 18.33
C GLU E 31 41.75 -66.32 18.37
N LEU E 32 42.27 -66.61 19.55
CA LEU E 32 43.52 -67.34 19.74
C LEU E 32 43.24 -68.80 20.10
N SER E 33 43.78 -69.73 19.32
CA SER E 33 43.76 -71.17 19.63
C SER E 33 44.70 -71.54 20.79
N MET E 34 44.41 -71.06 21.99
CA MET E 34 45.30 -71.19 23.15
C MET E 34 45.52 -72.66 23.54
N HIS E 35 46.70 -73.19 23.27
CA HIS E 35 47.17 -74.47 23.82
C HIS E 35 48.37 -74.21 24.72
N TRP E 36 48.36 -74.84 25.89
CA TRP E 36 49.51 -74.83 26.79
C TRP E 36 50.41 -76.05 26.50
N VAL E 37 51.63 -76.08 27.03
CA VAL E 37 52.56 -77.20 26.83
C VAL E 37 53.35 -77.46 28.11
N ARG E 38 53.37 -78.71 28.60
CA ARG E 38 54.26 -79.19 29.66
C ARG E 38 55.69 -79.27 29.16
N GLN E 39 56.64 -79.00 30.04
CA GLN E 39 58.02 -79.45 29.91
C GLN E 39 58.58 -79.88 31.26
N ALA E 40 58.87 -81.17 31.45
CA ALA E 40 59.82 -81.58 32.48
C ALA E 40 61.18 -80.89 32.19
N PRO E 41 61.85 -80.26 33.17
CA PRO E 41 62.87 -79.22 32.92
C PRO E 41 63.99 -79.64 31.94
N GLY E 42 64.08 -78.96 30.80
CA GLY E 42 65.03 -79.26 29.70
C GLY E 42 64.74 -80.50 28.84
N LYS E 43 63.65 -81.23 29.10
CA LYS E 43 63.26 -82.48 28.42
C LYS E 43 62.13 -82.25 27.40
N GLY E 44 61.68 -83.31 26.75
CA GLY E 44 60.60 -83.30 25.75
C GLY E 44 59.32 -82.58 26.20
N LEU E 45 58.63 -81.93 25.26
CA LEU E 45 57.38 -81.21 25.49
C LEU E 45 56.14 -82.12 25.29
N GLU E 46 55.03 -81.80 25.95
CA GLU E 46 53.72 -82.34 25.60
C GLU E 46 52.61 -81.28 25.71
N TRP E 47 51.64 -81.29 24.80
CA TRP E 47 50.46 -80.42 24.87
C TRP E 47 49.66 -80.65 26.18
N MET E 48 49.19 -79.56 26.79
CA MET E 48 48.31 -79.56 27.97
C MET E 48 47.24 -78.46 27.82
N GLY E 49 46.14 -78.54 28.56
CA GLY E 49 45.01 -77.63 28.36
C GLY E 49 44.53 -77.67 26.92
N GLY E 50 44.24 -76.52 26.32
CA GLY E 50 43.84 -76.39 24.93
C GLY E 50 42.53 -75.61 24.75
N PHE E 51 42.43 -74.96 23.61
CA PHE E 51 41.28 -74.18 23.17
C PHE E 51 41.31 -74.06 21.65
N HIS E 52 40.13 -74.03 21.03
CA HIS E 52 39.91 -73.68 19.63
C HIS E 52 39.02 -72.43 19.53
N PRO E 53 39.23 -71.53 18.56
CA PRO E 53 38.31 -70.41 18.33
C PRO E 53 36.90 -70.86 17.91
N GLU E 54 36.77 -71.93 17.12
CA GLU E 54 35.48 -72.51 16.74
C GLU E 54 34.69 -73.04 17.96
N ASP E 55 33.47 -72.52 18.14
CA ASP E 55 32.60 -72.72 19.30
C ASP E 55 33.26 -72.40 20.66
N GLY E 56 34.46 -71.80 20.67
CA GLY E 56 35.23 -71.52 21.88
C GLY E 56 35.51 -72.74 22.76
N GLU E 57 35.64 -73.95 22.21
CA GLU E 57 35.85 -75.15 23.02
C GLU E 57 37.24 -75.18 23.67
N THR E 58 37.28 -75.43 24.99
CA THR E 58 38.52 -75.77 25.69
C THR E 58 38.82 -77.26 25.51
N ILE E 59 39.29 -77.63 24.31
CA ILE E 59 39.73 -78.99 24.00
C ILE E 59 40.91 -79.39 24.89
N TYR E 60 40.99 -80.64 25.32
CA TYR E 60 42.09 -81.13 26.16
C TYR E 60 42.88 -82.25 25.52
N ALA E 61 44.16 -82.32 25.88
CA ALA E 61 45.07 -83.39 25.47
C ALA E 61 44.56 -84.74 25.99
N GLN E 62 44.53 -85.76 25.12
CA GLN E 62 43.97 -87.09 25.45
C GLN E 62 44.72 -87.77 26.62
N LYS E 63 46.03 -87.53 26.73
CA LYS E 63 46.93 -88.04 27.79
C LYS E 63 46.61 -87.47 29.18
N PHE E 64 45.91 -86.34 29.24
CA PHE E 64 45.61 -85.58 30.47
C PHE E 64 44.16 -85.10 30.54
N GLN E 65 43.24 -85.66 29.73
CA GLN E 65 41.90 -85.11 29.55
C GLN E 65 41.13 -85.03 30.87
N GLY E 66 40.66 -83.83 31.24
CA GLY E 66 39.98 -83.55 32.51
C GLY E 66 40.88 -83.48 33.74
N ARG E 67 42.02 -84.19 33.76
CA ARG E 67 43.12 -84.01 34.74
C ARG E 67 43.72 -82.59 34.62
N VAL E 68 43.87 -82.12 33.38
CA VAL E 68 44.16 -80.72 33.03
C VAL E 68 42.89 -80.05 32.51
N THR E 69 42.72 -78.75 32.79
CA THR E 69 41.53 -77.95 32.46
C THR E 69 41.90 -76.51 32.09
N MET E 70 41.00 -75.79 31.40
CA MET E 70 41.15 -74.35 31.08
C MET E 70 39.85 -73.56 31.21
N THR E 71 39.99 -72.25 31.44
CA THR E 71 38.89 -71.27 31.50
C THR E 71 39.39 -69.90 31.03
N GLU E 72 38.50 -68.97 30.70
CA GLU E 72 38.83 -67.65 30.16
C GLU E 72 37.91 -66.53 30.67
N ASP E 73 38.42 -65.30 30.66
CA ASP E 73 37.65 -64.07 30.85
C ASP E 73 37.82 -63.12 29.65
N THR E 74 36.73 -62.79 28.96
CA THR E 74 36.72 -61.81 27.86
C THR E 74 36.81 -60.36 28.35
N SER E 75 36.62 -60.08 29.63
CA SER E 75 36.59 -58.72 30.20
C SER E 75 37.98 -58.12 30.27
N THR E 76 38.95 -58.96 30.60
CA THR E 76 40.40 -58.70 30.62
C THR E 76 41.12 -59.36 29.43
N ASP E 77 40.47 -60.28 28.72
CA ASP E 77 41.10 -61.16 27.74
C ASP E 77 42.23 -62.00 28.37
N THR E 78 41.93 -62.68 29.49
CA THR E 78 42.87 -63.58 30.17
C THR E 78 42.42 -65.05 30.16
N ALA E 79 43.32 -65.93 29.70
CA ALA E 79 43.17 -67.38 29.78
C ALA E 79 43.75 -67.90 31.09
N TYR E 80 43.26 -69.01 31.58
CA TYR E 80 43.74 -69.66 32.80
C TYR E 80 43.83 -71.17 32.55
N MET E 81 44.96 -71.78 32.88
CA MET E 81 45.16 -73.22 32.82
C MET E 81 45.26 -73.76 34.23
N GLU E 82 44.46 -74.78 34.52
CA GLU E 82 44.46 -75.46 35.81
C GLU E 82 44.81 -76.93 35.64
N LEU E 83 45.91 -77.36 36.26
CA LEU E 83 46.34 -78.75 36.32
C LEU E 83 46.10 -79.31 37.72
N SER E 84 45.29 -80.36 37.80
CA SER E 84 45.03 -81.08 39.05
C SER E 84 45.93 -82.30 39.23
N SER E 85 45.96 -82.87 40.44
CA SER E 85 46.61 -84.16 40.75
C SER E 85 48.10 -84.23 40.38
N LEU E 86 48.86 -83.18 40.72
CA LEU E 86 50.22 -82.90 40.22
C LEU E 86 51.23 -84.04 40.51
N ARG E 87 51.80 -84.66 39.46
CA ARG E 87 52.86 -85.68 39.54
C ARG E 87 54.26 -85.03 39.60
N SER E 88 55.28 -85.82 39.94
CA SER E 88 56.67 -85.38 40.14
C SER E 88 57.20 -84.41 39.07
N GLU E 89 57.29 -84.84 37.82
CA GLU E 89 57.80 -84.04 36.70
C GLU E 89 56.84 -82.92 36.24
N ASP E 90 55.62 -82.80 36.80
CA ASP E 90 54.82 -81.56 36.67
C ASP E 90 55.41 -80.38 37.47
N THR E 91 56.59 -80.55 38.08
CA THR E 91 57.57 -79.51 38.41
C THR E 91 58.15 -78.86 37.13
N ALA E 92 57.27 -78.58 36.17
CA ALA E 92 57.54 -78.36 34.76
C ALA E 92 57.50 -76.88 34.39
N VAL E 93 57.96 -76.55 33.18
CA VAL E 93 57.54 -75.32 32.50
C VAL E 93 56.16 -75.55 31.88
N TYR E 94 55.21 -74.68 32.17
CA TYR E 94 53.89 -74.62 31.55
C TYR E 94 53.91 -73.48 30.54
N TYR E 95 54.15 -73.77 29.26
CA TYR E 95 54.13 -72.81 28.16
C TYR E 95 52.70 -72.50 27.70
N CYS E 96 52.52 -71.41 26.97
CA CYS E 96 51.27 -70.96 26.40
C CYS E 96 51.51 -70.54 24.93
N ALA E 97 50.68 -71.00 24.00
CA ALA E 97 50.96 -70.99 22.55
C ALA E 97 49.66 -71.02 21.71
N THR E 98 49.72 -70.70 20.42
CA THR E 98 48.57 -70.71 19.50
C THR E 98 48.99 -70.51 18.04
N GLY E 99 48.46 -71.30 17.11
CA GLY E 99 48.72 -71.09 15.69
C GLY E 99 47.96 -69.91 15.04
N SER E 100 46.89 -69.38 15.64
CA SER E 100 46.05 -68.35 15.04
C SER E 100 46.72 -66.96 14.89
N PRO E 101 46.83 -66.19 15.99
CA PRO E 101 46.94 -64.73 15.97
C PRO E 101 46.20 -63.94 14.89
N PHE E 102 46.40 -62.62 14.94
CA PHE E 102 45.74 -61.65 14.08
C PHE E 102 46.51 -60.33 14.01
N GLY E 103 46.76 -59.86 12.80
CA GLY E 103 47.21 -58.50 12.50
C GLY E 103 46.00 -57.57 12.44
N VAL E 104 45.22 -57.55 13.53
CA VAL E 104 43.83 -57.05 13.65
C VAL E 104 42.79 -57.85 12.85
N VAL E 105 43.16 -58.52 11.75
CA VAL E 105 42.45 -59.64 11.09
C VAL E 105 43.35 -60.89 11.14
N THR E 106 42.75 -62.08 11.05
CA THR E 106 43.37 -63.39 11.29
C THR E 106 44.69 -63.65 10.55
N ASP E 107 45.63 -64.32 11.21
CA ASP E 107 47.00 -64.60 10.76
C ASP E 107 47.30 -66.13 10.78
N TRP E 108 48.58 -66.50 10.68
CA TRP E 108 49.08 -67.88 10.82
C TRP E 108 50.54 -67.86 11.31
N PHE E 109 50.76 -67.44 12.55
CA PHE E 109 52.04 -67.52 13.25
C PHE E 109 51.80 -67.69 14.76
N ASP E 110 52.84 -68.04 15.52
CA ASP E 110 52.73 -68.53 16.90
C ASP E 110 53.70 -67.84 17.90
N PRO E 111 53.35 -66.63 18.42
CA PRO E 111 54.09 -65.96 19.49
C PRO E 111 53.72 -66.58 20.84
N TRP E 112 54.61 -67.38 21.42
CA TRP E 112 54.35 -68.01 22.73
C TRP E 112 54.33 -66.96 23.86
N GLY E 113 53.57 -67.25 24.92
CA GLY E 113 53.40 -66.39 26.10
C GLY E 113 54.46 -66.55 27.18
N ARG E 114 55.66 -67.01 26.83
CA ARG E 114 56.82 -67.34 27.69
C ARG E 114 56.59 -68.44 28.73
N GLY E 115 55.35 -68.68 29.15
CA GLY E 115 54.99 -69.68 30.13
C GLY E 115 55.45 -69.36 31.56
N THR E 116 55.08 -70.24 32.49
CA THR E 116 55.60 -70.24 33.86
C THR E 116 56.33 -71.55 34.15
N LEU E 117 57.57 -71.46 34.62
CA LEU E 117 58.16 -72.56 35.38
C LEU E 117 57.39 -72.74 36.69
N VAL E 118 57.14 -73.99 37.09
CA VAL E 118 56.61 -74.31 38.43
C VAL E 118 57.44 -75.40 39.12
N THR E 119 57.54 -75.32 40.44
CA THR E 119 58.18 -76.37 41.25
C THR E 119 57.16 -77.19 42.01
N VAL E 120 57.23 -78.53 41.89
CA VAL E 120 56.58 -79.44 42.84
C VAL E 120 57.53 -80.54 43.31
N SER E 121 57.65 -80.73 44.62
CA SER E 121 58.46 -81.78 45.24
C SER E 121 58.08 -81.96 46.73
N SER E 122 58.54 -83.05 47.34
CA SER E 122 58.41 -83.35 48.78
C SER E 122 59.27 -82.41 49.64
N ALA E 123 58.84 -81.15 49.79
CA ALA E 123 59.64 -80.07 50.34
C ALA E 123 58.87 -79.12 51.28
N SER E 124 59.61 -78.28 51.99
CA SER E 124 59.11 -77.22 52.88
C SER E 124 60.04 -76.00 52.84
N THR E 125 59.52 -74.80 53.03
CA THR E 125 60.28 -73.54 53.16
C THR E 125 60.98 -73.43 54.53
N LYS E 126 61.90 -74.36 54.79
CA LYS E 126 62.63 -74.57 56.06
C LYS E 126 63.53 -73.38 56.45
N GLY E 127 63.84 -73.28 57.74
CA GLY E 127 64.76 -72.29 58.36
C GLY E 127 66.21 -72.40 57.87
N PRO E 128 67.12 -71.50 58.32
CA PRO E 128 68.42 -71.27 57.70
C PRO E 128 69.36 -72.49 57.71
N SER E 129 70.16 -72.59 56.66
CA SER E 129 71.17 -73.66 56.44
C SER E 129 72.41 -73.19 55.66
N VAL E 130 72.68 -71.88 55.63
CA VAL E 130 73.81 -71.28 54.90
C VAL E 130 75.13 -71.47 55.67
N PHE E 131 76.14 -72.03 55.01
CA PHE E 131 77.47 -72.26 55.55
C PHE E 131 78.56 -71.61 54.66
N PRO E 132 79.66 -71.09 55.23
CA PRO E 132 80.71 -70.49 54.43
C PRO E 132 81.46 -71.54 53.60
N LEU E 133 81.81 -71.20 52.36
CA LEU E 133 82.89 -71.84 51.63
C LEU E 133 84.22 -71.38 52.22
N ALA E 134 84.50 -71.84 53.44
CA ALA E 134 85.64 -71.44 54.25
C ALA E 134 86.95 -71.68 53.47
N PRO E 135 87.64 -70.62 53.01
CA PRO E 135 88.63 -70.74 51.95
C PRO E 135 89.82 -71.62 52.34
N SER E 136 90.01 -72.64 51.51
CA SER E 136 91.04 -73.67 51.56
C SER E 136 92.45 -73.10 51.77
N SER E 137 93.37 -73.88 52.34
CA SER E 137 94.76 -73.44 52.63
C SER E 137 95.56 -73.03 51.37
N LYS E 138 95.14 -73.48 50.18
CA LYS E 138 95.64 -73.06 48.87
C LYS E 138 94.87 -71.89 48.21
N SER E 139 93.68 -71.58 48.71
CA SER E 139 92.89 -70.38 48.35
C SER E 139 93.35 -69.17 49.17
N THR E 140 93.37 -69.30 50.50
CA THR E 140 93.72 -68.22 51.44
C THR E 140 95.17 -67.76 51.23
N SER E 141 95.37 -66.56 50.66
CA SER E 141 96.66 -66.02 50.16
C SER E 141 97.43 -66.85 49.13
N GLY E 142 96.89 -67.99 48.68
CA GLY E 142 97.50 -68.86 47.68
C GLY E 142 97.03 -68.57 46.25
N GLY E 143 97.52 -69.37 45.31
CA GLY E 143 97.30 -69.18 43.87
C GLY E 143 95.89 -69.54 43.38
N THR E 144 95.14 -70.38 44.09
CA THR E 144 93.75 -70.75 43.76
C THR E 144 92.72 -70.04 44.65
N ALA E 145 92.92 -68.75 44.91
CA ALA E 145 92.02 -67.92 45.72
C ALA E 145 90.57 -67.93 45.20
N ALA E 146 89.63 -68.21 46.11
CA ALA E 146 88.20 -68.35 45.87
C ALA E 146 87.41 -68.22 47.18
N LEU E 147 86.13 -67.86 47.07
CA LEU E 147 85.24 -67.62 48.20
C LEU E 147 83.75 -67.83 47.85
N GLY E 148 82.90 -67.95 48.86
CA GLY E 148 81.44 -67.87 48.74
C GLY E 148 80.68 -68.63 49.83
N CYS E 149 79.52 -69.18 49.51
CA CYS E 149 78.69 -69.92 50.47
C CYS E 149 78.05 -71.18 49.88
N LEU E 150 77.64 -72.02 50.81
CA LEU E 150 77.17 -73.38 50.66
C LEU E 150 75.79 -73.48 51.33
N VAL E 151 74.86 -74.25 50.77
CA VAL E 151 73.51 -74.43 51.31
C VAL E 151 73.00 -75.86 51.13
N LYS E 152 72.26 -76.34 52.13
CA LYS E 152 71.65 -77.68 52.21
C LYS E 152 70.15 -77.57 52.45
N ASP E 153 69.42 -78.64 52.12
CA ASP E 153 68.05 -78.95 52.55
C ASP E 153 67.06 -77.77 52.65
N TYR E 154 66.92 -76.99 51.57
CA TYR E 154 66.13 -75.75 51.51
C TYR E 154 65.26 -75.63 50.26
N PHE E 155 64.45 -74.57 50.17
CA PHE E 155 63.43 -74.42 49.12
C PHE E 155 63.34 -72.96 48.60
N PRO E 156 64.41 -72.44 47.95
CA PRO E 156 64.57 -71.00 47.66
C PRO E 156 63.84 -70.48 46.42
N GLU E 157 63.74 -71.30 45.37
CA GLU E 157 63.59 -70.85 43.98
C GLU E 157 64.79 -69.99 43.48
N PRO E 158 64.71 -68.68 43.18
CA PRO E 158 65.83 -67.97 42.51
C PRO E 158 67.08 -67.77 43.37
N VAL E 159 68.25 -67.73 42.72
CA VAL E 159 69.57 -67.37 43.29
C VAL E 159 70.46 -66.74 42.22
N THR E 160 71.42 -65.89 42.59
CA THR E 160 72.51 -65.38 41.73
C THR E 160 73.71 -64.98 42.60
N VAL E 161 74.94 -65.03 42.06
CA VAL E 161 76.19 -64.95 42.82
C VAL E 161 76.91 -63.62 42.62
N SER E 162 77.49 -63.05 43.69
CA SER E 162 78.49 -61.96 43.60
C SER E 162 79.27 -61.75 44.91
N TRP E 163 78.58 -61.83 46.06
CA TRP E 163 79.15 -61.95 47.41
C TRP E 163 80.13 -60.83 47.85
N ASN E 164 79.93 -59.61 47.34
CA ASN E 164 80.34 -58.34 47.93
C ASN E 164 79.51 -57.19 47.32
N SER E 165 79.56 -55.97 47.88
CA SER E 165 78.85 -54.77 47.42
C SER E 165 79.36 -54.18 46.09
N GLY E 166 79.22 -54.94 44.99
CA GLY E 166 79.56 -54.53 43.62
C GLY E 166 81.04 -54.62 43.22
N ALA E 167 81.96 -54.78 44.17
CA ALA E 167 83.40 -54.85 43.93
C ALA E 167 83.88 -56.19 43.32
N LEU E 168 83.10 -57.26 43.40
CA LEU E 168 83.33 -58.54 42.72
C LEU E 168 82.38 -58.68 41.51
N THR E 169 82.94 -58.94 40.33
CA THR E 169 82.20 -59.11 39.06
C THR E 169 82.97 -59.94 38.01
N SER E 170 83.96 -60.72 38.44
CA SER E 170 84.79 -61.57 37.57
C SER E 170 85.23 -62.84 38.30
N GLY E 171 85.47 -63.91 37.54
CA GLY E 171 85.73 -65.24 38.12
C GLY E 171 84.53 -65.86 38.87
N VAL E 172 83.33 -65.32 38.69
CA VAL E 172 82.06 -65.83 39.25
C VAL E 172 81.60 -67.09 38.51
N HIS E 173 81.01 -68.04 39.24
CA HIS E 173 80.46 -69.28 38.68
C HIS E 173 79.14 -69.65 39.38
N THR E 174 78.21 -70.24 38.62
CA THR E 174 76.78 -70.28 38.99
C THR E 174 76.10 -71.62 38.69
N PHE E 175 75.16 -71.97 39.59
CA PHE E 175 74.17 -73.02 39.44
C PHE E 175 72.83 -72.47 39.96
N PRO E 176 71.68 -72.75 39.33
CA PRO E 176 70.36 -72.31 39.79
C PRO E 176 69.82 -73.16 40.96
N ALA E 177 70.71 -73.53 41.90
CA ALA E 177 70.58 -74.64 42.85
C ALA E 177 70.35 -76.02 42.18
N VAL E 178 70.53 -77.11 42.93
CA VAL E 178 70.39 -78.50 42.47
C VAL E 178 69.70 -79.36 43.53
N LEU E 179 68.88 -80.32 43.11
CA LEU E 179 68.09 -81.12 44.06
C LEU E 179 68.92 -82.20 44.76
N GLN E 180 68.66 -82.35 46.06
CA GLN E 180 69.01 -83.52 46.87
C GLN E 180 68.04 -84.69 46.59
N SER E 181 68.42 -85.91 46.97
CA SER E 181 67.59 -87.13 46.84
C SER E 181 66.24 -87.05 47.59
N SER E 182 66.13 -86.19 48.59
CA SER E 182 64.89 -85.88 49.32
C SER E 182 63.94 -84.90 48.60
N GLY E 183 64.37 -84.29 47.50
CA GLY E 183 63.61 -83.32 46.70
C GLY E 183 63.67 -81.86 47.19
N LEU E 184 64.44 -81.59 48.25
CA LEU E 184 64.90 -80.25 48.65
C LEU E 184 66.08 -79.79 47.77
N TYR E 185 66.27 -78.48 47.63
CA TYR E 185 67.42 -77.90 46.94
C TYR E 185 68.71 -77.91 47.80
N SER E 186 69.84 -77.67 47.15
CA SER E 186 71.18 -77.49 47.70
C SER E 186 72.04 -76.67 46.72
N LEU E 187 73.14 -76.06 47.18
CA LEU E 187 73.97 -75.17 46.34
C LEU E 187 75.38 -74.98 46.90
N SER E 188 76.38 -74.99 46.03
CA SER E 188 77.67 -74.30 46.23
C SER E 188 77.74 -73.08 45.29
N SER E 189 78.05 -71.91 45.83
CA SER E 189 78.00 -70.62 45.12
C SER E 189 79.33 -69.88 45.24
N VAL E 190 80.01 -69.58 44.11
CA VAL E 190 81.47 -69.34 44.12
C VAL E 190 81.91 -68.09 43.34
N VAL E 191 82.90 -67.37 43.89
CA VAL E 191 83.70 -66.36 43.19
C VAL E 191 85.19 -66.69 43.35
N THR E 192 85.95 -66.78 42.27
CA THR E 192 87.42 -67.02 42.31
C THR E 192 88.19 -65.71 42.55
N VAL E 193 87.99 -65.13 43.73
CA VAL E 193 88.47 -63.79 44.14
C VAL E 193 90.00 -63.62 44.08
N PRO E 194 90.54 -62.39 44.06
CA PRO E 194 91.97 -62.14 44.03
C PRO E 194 92.75 -62.62 45.26
N SER E 195 93.96 -63.13 45.03
CA SER E 195 94.93 -63.51 46.08
C SER E 195 95.50 -62.33 46.86
N SER E 196 95.35 -61.09 46.37
CA SER E 196 96.03 -59.89 46.90
C SER E 196 95.64 -59.50 48.32
N SER E 197 94.46 -59.92 48.81
CA SER E 197 94.04 -59.67 50.20
C SER E 197 93.32 -60.84 50.89
N LEU E 198 92.83 -61.85 50.17
CA LEU E 198 92.06 -62.95 50.76
C LEU E 198 92.84 -63.66 51.89
N GLY E 199 92.26 -63.66 53.10
CA GLY E 199 92.93 -64.08 54.34
C GLY E 199 93.13 -62.90 55.29
N THR E 200 93.81 -61.84 54.84
CA THR E 200 93.85 -60.54 55.53
C THR E 200 92.50 -59.81 55.52
N GLN E 201 91.67 -60.11 54.52
CA GLN E 201 90.31 -59.64 54.29
C GLN E 201 89.42 -60.84 53.91
N THR E 202 88.14 -60.83 54.26
CA THR E 202 87.14 -61.74 53.66
C THR E 202 85.77 -61.09 53.48
N TYR E 203 85.06 -61.51 52.44
CA TYR E 203 83.82 -60.89 51.94
C TYR E 203 82.57 -61.55 52.56
N ILE E 204 81.37 -61.21 52.08
CA ILE E 204 80.07 -61.63 52.66
C ILE E 204 79.11 -62.16 51.59
N CYS E 205 78.55 -63.37 51.79
CA CYS E 205 77.59 -64.00 50.87
C CYS E 205 76.14 -63.66 51.22
N ASN E 206 75.21 -63.85 50.28
CA ASN E 206 73.80 -63.47 50.42
C ASN E 206 72.81 -64.56 49.96
N VAL E 207 73.11 -65.84 50.20
CA VAL E 207 72.31 -67.01 49.75
C VAL E 207 71.02 -67.25 50.56
N ASN E 208 70.33 -66.15 50.91
CA ASN E 208 69.24 -66.11 51.88
C ASN E 208 68.08 -67.05 51.54
N HIS E 209 67.45 -67.65 52.56
CA HIS E 209 66.18 -68.40 52.44
C HIS E 209 65.00 -67.43 52.30
N LYS E 210 64.94 -66.66 51.22
CA LYS E 210 63.97 -65.57 51.02
C LYS E 210 62.50 -65.92 51.32
N PRO E 211 61.91 -67.02 50.80
CA PRO E 211 60.52 -67.36 51.08
C PRO E 211 60.25 -67.77 52.55
N SER E 212 61.27 -68.18 53.30
CA SER E 212 61.17 -68.54 54.73
C SER E 212 61.13 -67.34 55.67
N ASN E 213 61.39 -66.12 55.17
CA ASN E 213 61.53 -64.87 55.96
C ASN E 213 62.73 -64.84 56.93
N THR E 214 63.76 -65.67 56.71
CA THR E 214 64.97 -65.80 57.55
C THR E 214 66.22 -65.43 56.75
N LYS E 215 66.90 -64.33 57.14
CA LYS E 215 68.06 -63.78 56.42
C LYS E 215 69.36 -63.97 57.18
N VAL E 216 70.36 -64.46 56.47
CA VAL E 216 71.63 -64.98 57.00
C VAL E 216 72.78 -64.65 56.03
N ASP E 217 72.94 -63.36 55.73
CA ASP E 217 74.12 -62.85 55.02
C ASP E 217 75.38 -63.15 55.86
N LYS E 218 76.38 -63.84 55.28
CA LYS E 218 77.41 -64.54 56.08
C LYS E 218 78.82 -64.22 55.62
N LYS E 219 79.68 -63.80 56.55
CA LYS E 219 81.13 -63.64 56.35
C LYS E 219 81.80 -65.01 56.18
N VAL E 220 82.89 -65.09 55.42
CA VAL E 220 83.46 -66.38 54.97
C VAL E 220 84.93 -66.54 55.42
N GLU E 221 85.15 -66.83 56.70
CA GLU E 221 86.50 -66.99 57.28
C GLU E 221 87.16 -68.33 56.91
N PRO E 222 88.50 -68.48 56.98
CA PRO E 222 89.22 -69.64 56.44
C PRO E 222 89.00 -71.00 57.12
N LYS E 223 88.13 -71.10 58.13
CA LYS E 223 88.02 -72.26 59.04
C LYS E 223 86.76 -73.08 58.82
N GLN F 1 44.82 -89.69 16.82
CA GLN F 1 45.36 -88.44 16.23
C GLN F 1 46.87 -88.56 15.92
N SER F 2 47.49 -87.50 15.40
CA SER F 2 48.94 -87.36 15.20
C SER F 2 49.74 -87.56 16.50
N ALA F 3 50.74 -88.43 16.48
CA ALA F 3 51.73 -88.57 17.55
C ALA F 3 53.11 -88.89 16.93
N LEU F 4 54.17 -88.24 17.39
CA LEU F 4 55.48 -88.23 16.73
C LEU F 4 56.66 -88.12 17.71
N THR F 5 57.82 -88.54 17.23
CA THR F 5 59.04 -88.88 17.99
C THR F 5 60.28 -88.57 17.15
N GLN F 6 61.42 -88.30 17.78
CA GLN F 6 62.62 -87.78 17.10
C GLN F 6 63.92 -88.18 17.83
N PRO F 7 65.06 -88.34 17.14
CA PRO F 7 66.36 -88.54 17.79
C PRO F 7 66.93 -87.64 18.93
N PRO F 8 67.79 -88.16 19.81
CA PRO F 8 68.11 -87.51 21.09
C PRO F 8 68.80 -86.15 20.98
N SER F 9 69.82 -86.03 20.14
CA SER F 9 70.73 -84.87 20.15
C SER F 9 71.16 -84.37 18.78
N ALA F 10 71.67 -85.22 17.88
CA ALA F 10 72.18 -84.84 16.56
C ALA F 10 73.32 -83.77 16.58
N SER F 11 74.09 -83.67 17.67
CA SER F 11 75.16 -82.67 17.87
C SER F 11 76.38 -82.87 16.94
N GLY F 12 77.21 -81.82 16.79
CA GLY F 12 78.41 -81.82 15.95
C GLY F 12 79.30 -80.60 16.20
N SER F 13 80.52 -80.59 15.66
CA SER F 13 81.48 -79.47 15.79
C SER F 13 81.06 -78.23 14.99
N PRO F 14 81.62 -77.03 15.26
CA PRO F 14 81.07 -75.79 14.70
C PRO F 14 81.27 -75.72 13.18
N GLY F 15 80.22 -75.30 12.47
CA GLY F 15 80.19 -75.27 11.01
C GLY F 15 79.78 -76.60 10.35
N GLN F 16 79.54 -77.68 11.10
CA GLN F 16 78.97 -78.93 10.58
C GLN F 16 77.46 -78.80 10.31
N SER F 17 77.01 -79.32 9.18
CA SER F 17 75.62 -79.22 8.69
C SER F 17 74.71 -80.30 9.28
N VAL F 18 74.45 -80.27 10.60
CA VAL F 18 73.55 -81.22 11.26
C VAL F 18 72.09 -81.00 10.81
N THR F 19 71.21 -81.95 11.14
CA THR F 19 69.80 -81.94 10.68
C THR F 19 68.95 -82.76 11.64
N ILE F 20 67.85 -82.18 12.14
CA ILE F 20 66.86 -82.87 12.97
C ILE F 20 65.95 -83.72 12.06
N SER F 21 65.54 -84.91 12.50
CA SER F 21 64.48 -85.68 11.84
C SER F 21 63.51 -86.26 12.87
N CYS F 22 62.33 -86.64 12.40
CA CYS F 22 61.19 -87.02 13.21
C CYS F 22 60.29 -88.00 12.44
N THR F 23 59.60 -88.89 13.16
CA THR F 23 58.72 -89.94 12.64
C THR F 23 57.55 -90.18 13.60
N GLY F 24 56.41 -90.67 13.10
CA GLY F 24 55.21 -90.86 13.92
C GLY F 24 54.15 -91.81 13.35
N THR F 25 52.97 -91.77 13.97
CA THR F 25 51.79 -92.56 13.60
C THR F 25 51.17 -92.13 12.27
N SER F 26 51.28 -90.85 11.95
CA SER F 26 50.67 -90.20 10.79
C SER F 26 51.32 -88.84 10.53
N SER F 27 50.93 -88.21 9.43
CA SER F 27 51.04 -86.75 9.27
C SER F 27 50.18 -86.00 10.31
N ASP F 28 50.07 -84.68 10.21
CA ASP F 28 49.14 -83.84 10.99
C ASP F 28 47.67 -84.24 10.83
N VAL F 29 46.83 -83.71 11.73
CA VAL F 29 45.37 -83.85 11.62
C VAL F 29 44.88 -83.14 10.35
N GLY F 30 44.23 -83.88 9.45
CA GLY F 30 43.61 -83.32 8.24
C GLY F 30 44.53 -83.11 7.03
N GLY F 31 45.48 -84.02 6.76
CA GLY F 31 46.19 -84.10 5.46
C GLY F 31 47.71 -83.98 5.55
N TYR F 32 48.29 -83.01 4.85
CA TYR F 32 49.73 -82.80 4.73
C TYR F 32 50.41 -82.43 6.07
N ASN F 33 51.73 -82.51 6.12
CA ASN F 33 52.52 -82.18 7.30
C ASN F 33 52.43 -80.68 7.64
N TYR F 34 51.41 -80.31 8.41
CA TYR F 34 51.31 -78.99 9.02
C TYR F 34 52.32 -78.77 10.18
N VAL F 35 53.17 -79.76 10.47
CA VAL F 35 54.21 -79.74 11.53
C VAL F 35 54.96 -78.42 11.68
N SER F 36 54.82 -77.80 12.85
CA SER F 36 55.77 -76.82 13.38
C SER F 36 57.02 -77.50 13.94
N TRP F 37 58.18 -76.91 13.69
CA TRP F 37 59.35 -77.08 14.56
C TRP F 37 59.38 -75.98 15.63
N TYR F 38 59.95 -76.26 16.81
CA TYR F 38 60.16 -75.25 17.87
C TYR F 38 61.57 -75.37 18.46
N GLN F 39 62.27 -74.25 18.59
CA GLN F 39 63.67 -74.16 19.04
C GLN F 39 63.72 -73.62 20.48
N GLN F 40 64.45 -74.27 21.38
CA GLN F 40 64.53 -73.86 22.79
C GLN F 40 65.89 -74.13 23.42
N HIS F 41 66.57 -73.11 23.91
CA HIS F 41 67.73 -73.26 24.80
C HIS F 41 67.27 -73.79 26.16
N PRO F 42 68.01 -74.68 26.82
CA PRO F 42 67.62 -75.20 28.14
C PRO F 42 67.42 -74.05 29.14
N GLY F 43 66.25 -74.01 29.78
CA GLY F 43 65.85 -72.97 30.73
C GLY F 43 65.27 -71.68 30.14
N LYS F 44 65.08 -71.59 28.82
CA LYS F 44 64.43 -70.44 28.14
C LYS F 44 63.13 -70.85 27.44
N ALA F 45 62.28 -69.89 27.07
CA ALA F 45 61.04 -70.17 26.35
C ALA F 45 61.27 -70.56 24.86
N PRO F 46 60.55 -71.54 24.31
CA PRO F 46 60.66 -71.91 22.91
C PRO F 46 60.30 -70.78 21.93
N LYS F 47 60.95 -70.82 20.76
CA LYS F 47 60.71 -70.02 19.57
C LYS F 47 60.07 -70.89 18.49
N LEU F 48 59.07 -70.40 17.77
CA LEU F 48 58.59 -71.01 16.53
C LEU F 48 59.75 -71.10 15.52
N MET F 49 59.98 -72.29 14.98
CA MET F 49 60.89 -72.58 13.87
C MET F 49 60.07 -72.96 12.63
N ILE F 50 60.69 -73.48 11.56
CA ILE F 50 59.98 -73.75 10.30
C ILE F 50 58.72 -74.59 10.55
N TYR F 51 57.60 -74.20 9.97
CA TYR F 51 56.30 -74.78 10.25
C TYR F 51 55.51 -75.11 9.00
N GLU F 52 54.53 -76.01 9.11
CA GLU F 52 54.06 -76.79 7.96
C GLU F 52 55.19 -77.44 7.15
N VAL F 53 56.33 -77.72 7.80
CA VAL F 53 57.56 -78.20 7.14
C VAL F 53 57.97 -77.33 5.92
N SER F 54 57.65 -76.03 5.94
CA SER F 54 57.73 -75.18 4.75
C SER F 54 57.78 -73.68 5.04
N LYS F 55 56.84 -73.16 5.86
CA LYS F 55 56.74 -71.74 6.22
C LYS F 55 57.86 -71.31 7.16
N ARG F 56 58.45 -70.14 6.91
CA ARG F 56 59.58 -69.59 7.68
C ARG F 56 59.11 -68.47 8.63
N PRO F 57 59.30 -68.62 9.97
CA PRO F 57 59.01 -67.57 10.94
C PRO F 57 60.11 -66.50 10.99
N SER F 58 59.88 -65.45 11.79
CA SER F 58 60.91 -64.48 12.17
C SER F 58 62.02 -65.12 13.02
N GLY F 59 63.25 -64.61 12.93
CA GLY F 59 64.39 -65.05 13.74
C GLY F 59 65.16 -66.27 13.23
N VAL F 60 65.06 -66.57 11.93
CA VAL F 60 65.75 -67.69 11.26
C VAL F 60 66.95 -67.15 10.44
N PRO F 61 68.17 -67.70 10.59
CA PRO F 61 69.40 -67.20 9.96
C PRO F 61 69.66 -67.78 8.55
N ASP F 62 68.61 -68.13 7.81
CA ASP F 62 68.62 -68.80 6.48
C ASP F 62 69.28 -70.19 6.41
N ARG F 63 70.02 -70.63 7.45
CA ARG F 63 70.63 -71.96 7.56
C ARG F 63 69.64 -73.11 7.86
N PHE F 64 68.34 -72.84 7.85
CA PHE F 64 67.29 -73.77 8.26
C PHE F 64 66.16 -73.88 7.22
N SER F 65 65.64 -75.10 7.04
CA SER F 65 64.58 -75.44 6.08
C SER F 65 63.84 -76.72 6.52
N GLY F 66 62.61 -76.91 6.06
CA GLY F 66 61.86 -78.15 6.26
C GLY F 66 62.24 -79.20 5.22
N SER F 67 62.02 -80.48 5.54
CA SER F 67 62.28 -81.64 4.66
C SER F 67 61.51 -82.87 5.14
N LYS F 68 61.43 -83.93 4.32
CA LYS F 68 60.65 -85.17 4.54
C LYS F 68 59.12 -84.94 4.54
N SER F 69 58.34 -86.03 4.52
CA SER F 69 56.87 -86.00 4.33
C SER F 69 56.13 -87.23 4.88
N GLY F 70 54.80 -87.23 4.83
CA GLY F 70 53.97 -88.36 5.27
C GLY F 70 54.02 -88.54 6.78
N ASN F 71 54.26 -89.73 7.29
CA ASN F 71 54.49 -89.96 8.72
C ASN F 71 55.87 -89.51 9.22
N THR F 72 56.61 -88.68 8.47
CA THR F 72 57.97 -88.22 8.80
C THR F 72 58.19 -86.74 8.49
N ALA F 73 59.08 -86.07 9.23
CA ALA F 73 59.38 -84.64 9.10
C ALA F 73 60.85 -84.36 9.47
N SER F 74 61.42 -83.26 8.99
CA SER F 74 62.83 -82.90 9.24
C SER F 74 63.04 -81.37 9.24
N LEU F 75 64.05 -80.92 9.98
CA LEU F 75 64.57 -79.55 9.98
C LEU F 75 66.06 -79.56 9.69
N THR F 76 66.50 -78.87 8.63
CA THR F 76 67.93 -78.60 8.37
C THR F 76 68.49 -77.67 9.43
N VAL F 77 69.70 -77.91 9.93
CA VAL F 77 70.38 -77.05 10.93
C VAL F 77 71.81 -76.80 10.45
N SER F 78 71.95 -76.16 9.29
CA SER F 78 73.24 -76.04 8.61
C SER F 78 74.25 -75.18 9.39
N GLY F 79 75.55 -75.45 9.23
CA GLY F 79 76.63 -74.66 9.83
C GLY F 79 76.51 -74.42 11.33
N LEU F 80 76.29 -75.49 12.13
CA LEU F 80 75.88 -75.39 13.53
C LEU F 80 76.79 -74.46 14.36
N GLN F 81 76.21 -73.52 15.10
CA GLN F 81 76.94 -72.49 15.86
C GLN F 81 76.16 -72.04 17.13
N ALA F 82 76.56 -70.93 17.74
CA ALA F 82 75.80 -70.29 18.82
C ALA F 82 74.38 -69.89 18.39
N GLU F 83 73.46 -69.81 19.35
CA GLU F 83 72.00 -69.64 19.20
C GLU F 83 71.27 -70.84 18.58
N ASP F 84 71.88 -71.56 17.63
CA ASP F 84 71.34 -72.84 17.18
C ASP F 84 71.31 -73.89 18.30
N GLU F 85 72.15 -73.72 19.33
CA GLU F 85 72.44 -74.66 20.40
C GLU F 85 71.26 -74.85 21.36
N ALA F 86 70.32 -75.70 20.95
CA ALA F 86 68.99 -75.79 21.51
C ALA F 86 68.40 -77.19 21.33
N ASP F 87 67.40 -77.50 22.13
CA ASP F 87 66.46 -78.57 21.85
C ASP F 87 65.42 -78.13 20.82
N TYR F 88 65.25 -78.92 19.75
CA TYR F 88 64.25 -78.71 18.71
C TYR F 88 63.15 -79.76 18.82
N TYR F 89 61.89 -79.33 18.88
CA TYR F 89 60.73 -80.22 18.93
C TYR F 89 60.01 -80.24 17.58
N CYS F 90 59.76 -81.42 17.00
CA CYS F 90 58.70 -81.55 15.99
C CYS F 90 57.35 -81.49 16.69
N SER F 91 56.35 -80.86 16.07
CA SER F 91 55.01 -80.71 16.64
C SER F 91 53.99 -80.63 15.52
N SER F 92 53.06 -81.59 15.44
CA SER F 92 51.94 -81.45 14.50
C SER F 92 51.11 -80.23 14.90
N TYR F 93 50.88 -79.33 13.96
CA TYR F 93 50.35 -77.99 14.17
C TYR F 93 49.36 -77.62 13.06
N ALA F 94 48.28 -78.40 12.92
CA ALA F 94 47.23 -78.17 11.94
C ALA F 94 46.45 -76.86 12.12
N GLY F 95 45.59 -76.56 11.14
CA GLY F 95 44.59 -75.48 11.22
C GLY F 95 43.90 -75.54 12.58
N SER F 96 44.06 -74.47 13.37
CA SER F 96 44.00 -74.61 14.83
C SER F 96 42.62 -74.59 15.48
N ASN F 97 41.62 -74.98 14.71
CA ASN F 97 40.37 -75.60 15.16
C ASN F 97 40.53 -77.14 15.28
N ASN F 98 41.76 -77.66 15.13
CA ASN F 98 42.14 -79.06 15.27
C ASN F 98 43.35 -79.21 16.23
N PRO F 99 43.47 -80.35 16.97
CA PRO F 99 44.47 -80.52 18.00
C PRO F 99 45.90 -80.69 17.50
N TYR F 100 46.85 -80.48 18.42
CA TYR F 100 48.29 -80.54 18.22
C TYR F 100 48.90 -81.82 18.79
N VAL F 101 50.22 -81.97 18.68
CA VAL F 101 51.02 -82.88 19.50
C VAL F 101 52.47 -82.34 19.58
N PHE F 102 53.26 -82.75 20.56
CA PHE F 102 54.67 -82.36 20.68
C PHE F 102 55.60 -83.57 20.76
N GLY F 103 56.77 -83.44 20.14
CA GLY F 103 57.79 -84.47 20.05
C GLY F 103 58.74 -84.53 21.25
N THR F 104 59.49 -85.64 21.30
CA THR F 104 60.46 -86.00 22.35
C THR F 104 61.64 -85.02 22.48
N GLY F 105 61.87 -84.17 21.46
CA GLY F 105 62.97 -83.21 21.41
C GLY F 105 64.29 -83.77 20.88
N THR F 106 65.09 -82.90 20.28
CA THR F 106 66.45 -83.15 19.78
C THR F 106 67.36 -81.98 20.16
N LYS F 107 68.18 -82.15 21.22
CA LYS F 107 69.14 -81.15 21.72
C LYS F 107 70.47 -81.14 20.96
N VAL F 108 70.61 -80.27 19.96
CA VAL F 108 71.91 -80.02 19.29
C VAL F 108 72.79 -79.07 20.11
N THR F 109 74.10 -79.30 20.08
CA THR F 109 75.11 -78.42 20.65
C THR F 109 76.41 -78.53 19.85
N VAL F 110 77.20 -77.47 19.89
CA VAL F 110 78.54 -77.34 19.32
C VAL F 110 79.50 -78.22 20.13
N LEU F 111 79.75 -79.43 19.63
CA LEU F 111 80.46 -80.50 20.29
C LEU F 111 81.83 -80.06 20.86
N GLY F 112 82.11 -80.40 22.12
CA GLY F 112 83.40 -80.12 22.75
C GLY F 112 84.51 -80.99 22.17
N GLN F 113 85.38 -80.42 21.35
CA GLN F 113 86.56 -81.08 20.75
C GLN F 113 87.85 -80.34 21.11
N PRO F 114 88.81 -80.98 21.81
CA PRO F 114 88.65 -82.22 22.59
C PRO F 114 87.76 -82.02 23.83
N LYS F 115 87.35 -83.12 24.47
CA LYS F 115 86.78 -83.12 25.83
C LYS F 115 87.93 -82.93 26.84
N ALA F 116 88.51 -81.73 26.83
CA ALA F 116 89.73 -81.34 27.56
C ALA F 116 89.61 -81.43 29.08
N ASN F 117 90.74 -81.42 29.80
CA ASN F 117 90.74 -81.38 31.27
C ASN F 117 90.23 -80.02 31.80
N PRO F 118 89.09 -79.98 32.53
CA PRO F 118 88.47 -78.73 32.96
C PRO F 118 89.18 -78.08 34.14
N THR F 119 88.88 -76.80 34.34
CA THR F 119 89.28 -76.01 35.51
C THR F 119 88.46 -76.42 36.74
N VAL F 120 89.02 -76.23 37.95
CA VAL F 120 88.45 -76.69 39.23
C VAL F 120 88.39 -75.56 40.27
N THR F 121 87.45 -75.65 41.21
CA THR F 121 87.54 -74.98 42.53
C THR F 121 86.92 -75.87 43.63
N LEU F 122 87.46 -75.86 44.85
CA LEU F 122 87.11 -76.81 45.93
C LEU F 122 87.11 -76.15 47.32
N PHE F 123 86.17 -76.55 48.19
CA PHE F 123 86.09 -76.10 49.59
C PHE F 123 85.69 -77.21 50.56
N PRO F 124 86.19 -77.19 51.81
CA PRO F 124 85.85 -78.14 52.86
C PRO F 124 84.49 -77.85 53.54
N PRO F 125 83.93 -78.82 54.30
CA PRO F 125 83.00 -78.48 55.39
C PRO F 125 83.70 -77.55 56.39
N SER F 126 83.08 -76.42 56.76
CA SER F 126 83.72 -75.46 57.67
C SER F 126 83.82 -75.96 59.11
N SER F 127 84.60 -75.27 59.91
CA SER F 127 84.94 -75.67 61.28
C SER F 127 83.75 -75.71 62.24
N GLU F 128 82.77 -74.82 62.09
CA GLU F 128 81.50 -74.89 62.81
C GLU F 128 80.50 -75.78 62.06
N GLU F 129 80.57 -75.85 60.73
CA GLU F 129 79.70 -76.76 59.96
C GLU F 129 79.94 -78.24 60.30
N LEU F 130 81.18 -78.65 60.56
CA LEU F 130 81.50 -79.98 61.10
C LEU F 130 80.76 -80.31 62.41
N GLN F 131 80.30 -79.29 63.15
CA GLN F 131 79.56 -79.40 64.41
C GLN F 131 78.04 -79.27 64.23
N ALA F 132 77.58 -78.78 63.06
CA ALA F 132 76.22 -78.33 62.79
C ALA F 132 75.21 -79.46 62.51
N ASN F 133 75.38 -80.60 63.17
CA ASN F 133 74.66 -81.88 63.02
C ASN F 133 74.81 -82.58 61.63
N LYS F 134 75.00 -81.85 60.53
CA LYS F 134 75.48 -82.38 59.24
C LYS F 134 76.29 -81.33 58.47
N ALA F 135 77.17 -81.81 57.59
CA ALA F 135 78.16 -81.04 56.85
C ALA F 135 78.21 -81.49 55.38
N THR F 136 78.90 -80.76 54.50
CA THR F 136 79.19 -81.20 53.12
C THR F 136 80.48 -80.62 52.56
N LEU F 137 80.93 -81.23 51.46
CA LEU F 137 82.17 -80.96 50.71
C LEU F 137 81.76 -80.78 49.26
N VAL F 138 82.30 -79.75 48.61
CA VAL F 138 81.72 -79.22 47.37
C VAL F 138 82.78 -78.82 46.35
N CYS F 139 82.51 -79.10 45.09
CA CYS F 139 83.45 -78.87 44.00
C CYS F 139 82.77 -78.30 42.76
N LEU F 140 83.45 -77.36 42.12
CA LEU F 140 83.07 -76.65 40.91
C LEU F 140 84.05 -77.04 39.79
N ILE F 141 83.50 -77.36 38.63
CA ILE F 141 84.20 -77.79 37.41
C ILE F 141 83.73 -76.91 36.26
N SER F 142 84.63 -76.34 35.47
CA SER F 142 84.29 -75.37 34.42
C SER F 142 85.20 -75.45 33.21
N ASP F 143 84.70 -75.04 32.05
CA ASP F 143 85.28 -75.28 30.72
C ASP F 143 85.26 -76.78 30.31
N PHE F 144 84.05 -77.34 30.21
CA PHE F 144 83.81 -78.73 29.77
C PHE F 144 82.58 -78.86 28.84
N TYR F 145 82.07 -80.07 28.65
CA TYR F 145 80.93 -80.46 27.80
C TYR F 145 80.04 -81.52 28.50
N PRO F 146 78.69 -81.49 28.36
CA PRO F 146 77.75 -82.33 29.11
C PRO F 146 77.72 -83.79 28.62
N GLY F 147 77.02 -84.64 29.36
CA GLY F 147 76.82 -86.08 29.07
C GLY F 147 78.05 -86.94 29.36
N ALA F 148 79.24 -86.46 29.01
CA ALA F 148 80.54 -86.99 29.43
C ALA F 148 80.84 -86.77 30.94
N VAL F 149 80.06 -85.98 31.67
CA VAL F 149 80.36 -85.57 33.05
C VAL F 149 80.26 -86.71 34.06
N THR F 150 81.22 -86.77 34.99
CA THR F 150 81.09 -87.43 36.30
C THR F 150 82.02 -86.73 37.31
N VAL F 151 81.55 -85.65 37.92
CA VAL F 151 82.28 -84.95 39.00
C VAL F 151 82.01 -85.69 40.30
N ALA F 152 83.06 -86.15 40.96
CA ALA F 152 82.97 -87.18 42.00
C ALA F 152 84.03 -87.00 43.08
N TRP F 153 84.05 -87.91 44.03
CA TRP F 153 84.67 -87.67 45.33
C TRP F 153 85.62 -88.76 45.78
N LYS F 154 86.65 -88.34 46.50
CA LYS F 154 87.68 -89.19 47.08
C LYS F 154 88.10 -88.63 48.46
N ALA F 155 87.26 -88.84 49.47
CA ALA F 155 87.51 -88.42 50.85
C ALA F 155 88.70 -89.19 51.45
N ASP F 156 89.74 -88.49 51.92
CA ASP F 156 91.00 -89.05 52.43
C ASP F 156 91.52 -90.28 51.66
N SER F 157 91.65 -90.15 50.35
CA SER F 157 92.09 -91.22 49.41
C SER F 157 91.16 -92.44 49.29
N SER F 158 89.91 -92.39 49.78
CA SER F 158 88.88 -93.40 49.52
C SER F 158 87.83 -92.85 48.55
N PRO F 159 87.62 -93.47 47.36
CA PRO F 159 86.52 -93.10 46.47
C PRO F 159 85.16 -93.20 47.15
N VAL F 160 84.33 -92.17 47.01
CA VAL F 160 83.02 -92.02 47.66
C VAL F 160 81.99 -91.33 46.75
N LYS F 161 80.72 -91.42 47.16
CA LYS F 161 79.53 -91.12 46.35
C LYS F 161 79.48 -89.69 45.77
N ALA F 162 79.06 -89.56 44.53
CA ALA F 162 78.63 -88.30 43.90
C ALA F 162 77.12 -88.05 44.14
N GLY F 163 76.75 -87.87 45.41
CA GLY F 163 75.36 -87.87 45.88
C GLY F 163 74.47 -86.78 45.27
N VAL F 164 75.05 -85.62 44.94
CA VAL F 164 74.40 -84.53 44.21
C VAL F 164 75.32 -84.11 43.06
N GLU F 165 74.78 -83.96 41.85
CA GLU F 165 75.54 -83.61 40.64
C GLU F 165 74.73 -82.71 39.68
N THR F 166 75.43 -81.81 38.99
CA THR F 166 74.86 -80.62 38.34
C THR F 166 75.58 -80.28 37.03
N THR F 167 74.85 -79.72 36.07
CA THR F 167 75.40 -79.00 34.90
C THR F 167 74.73 -77.64 34.73
N THR F 168 75.52 -76.64 34.30
CA THR F 168 75.08 -75.28 33.93
C THR F 168 75.22 -75.15 32.41
N PRO F 169 74.21 -74.69 31.65
CA PRO F 169 74.19 -74.76 30.19
C PRO F 169 75.28 -73.89 29.53
N SER F 170 75.57 -74.18 28.26
CA SER F 170 76.68 -73.56 27.56
C SER F 170 76.61 -72.04 27.44
N LYS F 171 77.71 -71.38 27.84
CA LYS F 171 78.02 -70.00 27.47
C LYS F 171 78.02 -69.87 25.95
N GLN F 172 77.29 -68.93 25.38
CA GLN F 172 77.20 -68.78 23.92
C GLN F 172 78.40 -68.05 23.27
N SER F 173 79.39 -67.62 24.08
CA SER F 173 80.66 -67.05 23.59
C SER F 173 81.57 -68.10 22.92
N ASN F 174 81.72 -69.27 23.55
CA ASN F 174 82.63 -70.35 23.13
C ASN F 174 82.01 -71.77 23.29
N ASN F 175 80.72 -71.86 23.60
CA ASN F 175 79.93 -73.08 23.84
C ASN F 175 80.41 -73.96 25.03
N LYS F 176 81.22 -73.38 25.93
CA LYS F 176 81.72 -74.01 27.16
C LYS F 176 80.60 -74.24 28.18
N TYR F 177 80.59 -75.41 28.81
CA TYR F 177 79.73 -75.72 29.96
C TYR F 177 80.50 -75.70 31.28
N ALA F 178 79.76 -75.73 32.39
CA ALA F 178 80.26 -75.97 33.75
C ALA F 178 79.40 -77.00 34.49
N ALA F 179 79.94 -77.56 35.56
CA ALA F 179 79.36 -78.63 36.37
C ALA F 179 79.75 -78.50 37.85
N SER F 180 78.99 -79.11 38.74
CA SER F 180 79.37 -79.25 40.16
C SER F 180 78.75 -80.49 40.80
N SER F 181 79.43 -81.03 41.82
CA SER F 181 78.90 -82.12 42.67
C SER F 181 79.18 -81.89 44.15
N TYR F 182 78.27 -82.34 45.02
CA TYR F 182 78.37 -82.20 46.49
C TYR F 182 78.34 -83.59 47.14
N LEU F 183 79.28 -83.83 48.06
CA LEU F 183 79.41 -85.11 48.76
C LEU F 183 78.40 -85.20 49.92
N SER F 184 77.79 -86.37 50.08
CA SER F 184 76.89 -86.72 51.18
C SER F 184 77.46 -87.88 52.01
N LEU F 185 77.66 -87.64 53.31
CA LEU F 185 78.22 -88.52 54.34
C LEU F 185 77.61 -88.21 55.71
N THR F 186 77.81 -89.08 56.69
CA THR F 186 77.38 -88.90 58.10
C THR F 186 78.35 -88.01 58.89
N PRO F 187 77.91 -87.36 60.00
CA PRO F 187 78.78 -86.54 60.86
C PRO F 187 80.06 -87.24 61.32
N GLU F 188 80.01 -88.53 61.66
CA GLU F 188 81.19 -89.28 62.12
C GLU F 188 82.26 -89.44 61.03
N GLN F 189 81.83 -89.52 59.76
CA GLN F 189 82.73 -89.51 58.61
C GLN F 189 83.29 -88.11 58.36
N TRP F 190 82.47 -87.04 58.42
CA TRP F 190 82.94 -85.67 58.28
C TRP F 190 84.00 -85.28 59.33
N LYS F 191 83.77 -85.61 60.61
CA LYS F 191 84.75 -85.36 61.69
C LYS F 191 86.04 -86.18 61.55
N SER F 192 85.99 -87.36 60.91
CA SER F 192 87.15 -88.21 60.65
C SER F 192 87.97 -87.77 59.43
N HIS F 193 87.32 -87.59 58.27
CA HIS F 193 87.99 -87.20 57.04
C HIS F 193 88.45 -85.74 57.12
N ARG F 194 89.75 -85.48 56.89
CA ARG F 194 90.38 -84.14 57.00
C ARG F 194 91.46 -83.84 55.94
N SER F 195 91.56 -84.64 54.90
CA SER F 195 92.39 -84.43 53.69
C SER F 195 91.59 -84.82 52.43
N TYR F 196 90.35 -84.34 52.33
CA TYR F 196 89.43 -84.66 51.24
C TYR F 196 90.00 -84.31 49.85
N SER F 197 89.44 -84.91 48.79
CA SER F 197 89.75 -84.48 47.42
C SER F 197 88.56 -84.57 46.48
N CYS F 198 88.37 -83.52 45.69
CA CYS F 198 87.49 -83.55 44.51
C CYS F 198 88.20 -84.29 43.38
N GLN F 199 87.45 -85.05 42.58
CA GLN F 199 87.94 -85.75 41.41
C GLN F 199 86.92 -85.64 40.26
N VAL F 200 87.32 -85.87 39.01
CA VAL F 200 86.36 -86.11 37.92
C VAL F 200 86.71 -87.39 37.16
N THR F 201 85.69 -88.17 36.81
CA THR F 201 85.79 -89.42 36.04
C THR F 201 85.05 -89.24 34.72
N HIS F 202 85.35 -88.15 34.01
CA HIS F 202 84.70 -87.85 32.74
C HIS F 202 85.11 -88.86 31.66
N GLU F 203 84.31 -88.95 30.60
CA GLU F 203 84.78 -89.51 29.34
C GLU F 203 85.92 -88.62 28.79
N GLY F 204 87.06 -89.21 28.45
CA GLY F 204 88.21 -88.50 27.89
C GLY F 204 88.93 -87.49 28.81
N SER F 205 88.62 -87.41 30.11
CA SER F 205 89.24 -86.44 31.03
C SER F 205 89.22 -86.91 32.49
N THR F 206 90.26 -86.54 33.24
CA THR F 206 90.27 -86.68 34.71
C THR F 206 91.20 -85.64 35.33
N VAL F 207 90.78 -85.08 36.46
CA VAL F 207 91.48 -84.06 37.26
C VAL F 207 91.17 -84.31 38.74
N GLU F 208 92.01 -83.81 39.65
CA GLU F 208 91.86 -83.94 41.11
C GLU F 208 92.39 -82.70 41.84
N LYS F 209 91.76 -82.30 42.96
CA LYS F 209 92.19 -81.22 43.87
C LYS F 209 91.98 -81.64 45.33
N THR F 210 92.82 -81.17 46.25
CA THR F 210 92.91 -81.63 47.65
C THR F 210 92.64 -80.51 48.66
N VAL F 211 92.03 -80.81 49.80
CA VAL F 211 91.66 -79.79 50.81
C VAL F 211 91.60 -80.33 52.24
N ALA F 212 91.80 -79.46 53.23
CA ALA F 212 91.60 -79.73 54.66
C ALA F 212 90.60 -78.75 55.31
N PRO F 213 89.72 -79.20 56.23
CA PRO F 213 88.84 -78.33 56.99
C PRO F 213 89.57 -77.59 58.13
N THR F 214 88.97 -76.51 58.65
CA THR F 214 89.41 -75.73 59.83
C THR F 214 90.75 -74.98 59.71
N GLU F 215 91.76 -75.53 59.04
CA GLU F 215 93.08 -74.89 58.87
C GLU F 215 93.08 -73.78 57.80
N CYS F 216 93.58 -72.60 58.19
CA CYS F 216 93.71 -71.39 57.36
C CYS F 216 94.79 -71.49 56.28
N ALA G 1 -54.39 -20.02 3.21
CA ALA G 1 -54.57 -19.77 1.76
C ALA G 1 -53.33 -19.10 1.14
N TYR G 2 -53.26 -18.98 -0.18
CA TYR G 2 -52.14 -18.31 -0.89
C TYR G 2 -52.58 -17.48 -2.08
N THR G 3 -51.77 -16.50 -2.46
CA THR G 3 -51.80 -15.80 -3.76
C THR G 3 -50.39 -15.40 -4.20
N ASN G 4 -50.24 -14.62 -5.26
CA ASN G 4 -48.97 -14.25 -5.88
C ASN G 4 -48.62 -12.78 -5.58
N SER G 5 -47.37 -12.50 -5.16
CA SER G 5 -46.92 -11.14 -4.87
C SER G 5 -46.87 -10.20 -6.06
N PHE G 6 -46.61 -10.70 -7.28
CA PHE G 6 -46.23 -9.86 -8.42
C PHE G 6 -45.05 -8.91 -8.09
N THR G 7 -44.89 -7.82 -8.82
CA THR G 7 -44.10 -6.66 -8.35
C THR G 7 -44.86 -5.94 -7.26
N ARG G 8 -44.38 -6.07 -6.03
CA ARG G 8 -44.87 -5.38 -4.83
C ARG G 8 -43.70 -5.06 -3.90
N GLY G 9 -43.94 -4.21 -2.91
CA GLY G 9 -43.07 -4.12 -1.74
C GLY G 9 -41.76 -3.36 -1.93
N VAL G 10 -41.58 -2.63 -3.03
CA VAL G 10 -40.33 -1.94 -3.37
C VAL G 10 -40.15 -0.62 -2.62
N TYR G 11 -39.89 -0.67 -1.33
CA TYR G 11 -39.70 0.53 -0.51
C TYR G 11 -38.41 1.28 -0.89
N TYR G 12 -38.37 2.61 -0.68
CA TYR G 12 -37.17 3.41 -0.94
C TYR G 12 -36.01 2.96 -0.06
N PRO G 13 -34.87 2.55 -0.63
CA PRO G 13 -33.78 1.96 0.16
C PRO G 13 -33.07 2.95 1.10
N ASP G 14 -32.93 4.20 0.70
CA ASP G 14 -32.15 5.23 1.41
C ASP G 14 -32.78 6.64 1.25
N LYS G 15 -32.50 7.53 2.20
CA LYS G 15 -33.12 8.87 2.28
C LYS G 15 -32.50 9.91 1.34
N VAL G 16 -32.08 9.47 0.16
CA VAL G 16 -31.36 10.27 -0.83
C VAL G 16 -32.23 10.50 -2.07
N PHE G 17 -32.42 11.74 -2.48
CA PHE G 17 -32.98 12.05 -3.79
C PHE G 17 -32.04 11.59 -4.91
N ARG G 18 -32.56 10.81 -5.85
CA ARG G 18 -31.91 10.46 -7.12
C ARG G 18 -32.95 10.52 -8.23
N SER G 19 -32.60 10.99 -9.41
CA SER G 19 -33.58 11.10 -10.51
C SER G 19 -33.00 10.82 -11.89
N SER G 20 -33.86 10.36 -12.80
CA SER G 20 -33.52 9.98 -14.18
C SER G 20 -32.34 9.00 -14.27
N VAL G 21 -32.31 8.02 -13.36
CA VAL G 21 -31.14 7.18 -13.06
C VAL G 21 -31.55 5.76 -12.67
N LEU G 22 -30.75 4.77 -13.10
CA LEU G 22 -30.95 3.35 -12.82
C LEU G 22 -29.93 2.90 -11.77
N HIS G 23 -30.10 3.37 -10.54
CA HIS G 23 -29.24 3.00 -9.42
C HIS G 23 -29.45 1.54 -9.01
N SER G 24 -28.49 0.92 -8.33
CA SER G 24 -28.63 -0.44 -7.81
C SER G 24 -28.09 -0.63 -6.41
N THR G 25 -28.80 -1.38 -5.58
CA THR G 25 -28.44 -1.65 -4.18
C THR G 25 -28.85 -3.04 -3.75
N GLN G 26 -28.17 -3.62 -2.75
CA GLN G 26 -28.53 -4.89 -2.16
C GLN G 26 -29.16 -4.69 -0.79
N ASP G 27 -30.40 -5.14 -0.63
CA ASP G 27 -31.16 -5.00 0.60
C ASP G 27 -32.18 -6.12 0.78
N LEU G 28 -32.76 -6.20 1.96
CA LEU G 28 -33.88 -7.07 2.21
C LEU G 28 -35.09 -6.59 1.40
N PHE G 29 -35.43 -7.23 0.30
CA PHE G 29 -36.57 -6.91 -0.54
C PHE G 29 -37.49 -8.12 -0.68
N LEU G 30 -38.79 -7.91 -0.87
CA LEU G 30 -39.73 -8.97 -1.24
C LEU G 30 -39.38 -9.49 -2.64
N PRO G 31 -39.01 -10.77 -2.82
CA PRO G 31 -38.72 -11.29 -4.15
C PRO G 31 -39.93 -11.23 -5.05
N PHE G 32 -39.78 -10.85 -6.32
CA PHE G 32 -40.94 -10.71 -7.19
C PHE G 32 -41.62 -12.05 -7.48
N PHE G 33 -42.93 -12.04 -7.68
CA PHE G 33 -43.74 -13.21 -8.01
C PHE G 33 -43.67 -14.36 -6.99
N SER G 34 -43.06 -14.14 -5.84
CA SER G 34 -43.04 -15.09 -4.75
C SER G 34 -44.46 -15.32 -4.22
N ASN G 35 -44.68 -16.50 -3.64
CA ASN G 35 -45.88 -16.78 -2.86
C ASN G 35 -46.10 -15.74 -1.77
N VAL G 36 -47.36 -15.40 -1.53
CA VAL G 36 -47.77 -14.66 -0.34
C VAL G 36 -48.93 -15.36 0.31
N THR G 37 -48.83 -15.52 1.62
CA THR G 37 -49.90 -16.09 2.43
C THR G 37 -51.08 -15.14 2.45
N TRP G 38 -52.30 -15.65 2.58
CA TRP G 38 -53.51 -14.84 2.71
C TRP G 38 -54.33 -15.37 3.88
N PHE G 39 -54.97 -14.49 4.63
CA PHE G 39 -55.69 -14.82 5.85
C PHE G 39 -57.05 -14.13 5.91
N HIS G 40 -57.97 -14.66 6.69
CA HIS G 40 -59.30 -14.12 6.94
C HIS G 40 -59.57 -14.05 8.43
N ALA G 41 -60.26 -13.01 8.90
CA ALA G 41 -60.64 -12.85 10.30
C ALA G 41 -61.74 -13.82 10.77
N ILE G 42 -62.50 -14.39 9.83
CA ILE G 42 -63.76 -15.11 10.09
C ILE G 42 -63.56 -16.38 10.92
N HIS G 43 -64.55 -16.65 11.77
CA HIS G 43 -64.80 -17.91 12.47
C HIS G 43 -63.54 -18.59 13.01
N ASP G 54 -59.00 -16.88 11.33
CA ASP G 54 -58.22 -16.45 12.49
C ASP G 54 -56.92 -15.72 12.10
N ASN G 55 -56.36 -14.96 13.03
CA ASN G 55 -55.13 -14.17 12.89
C ASN G 55 -54.01 -14.72 13.79
N PRO G 56 -53.32 -15.80 13.39
CA PRO G 56 -52.26 -16.42 14.19
C PRO G 56 -51.03 -15.53 14.34
N VAL G 57 -50.13 -15.90 15.24
CA VAL G 57 -48.76 -15.35 15.25
C VAL G 57 -47.98 -15.93 14.07
N LEU G 58 -47.54 -15.06 13.18
CA LEU G 58 -46.63 -15.36 12.08
C LEU G 58 -45.17 -15.28 12.56
N PRO G 59 -44.21 -15.95 11.90
CA PRO G 59 -42.81 -15.59 12.01
C PRO G 59 -42.54 -14.27 11.27
N PHE G 60 -41.51 -13.52 11.64
CA PHE G 60 -41.05 -12.30 10.94
C PHE G 60 -39.96 -12.56 9.89
N ASN G 61 -39.21 -13.66 10.02
CA ASN G 61 -38.05 -13.98 9.18
C ASN G 61 -37.09 -12.78 9.04
N ASP G 62 -36.58 -12.48 7.84
CA ASP G 62 -35.70 -11.32 7.57
C ASP G 62 -36.43 -10.00 7.74
N GLY G 63 -37.72 -9.98 7.41
CA GLY G 63 -38.58 -8.82 7.44
C GLY G 63 -39.88 -9.12 6.72
N VAL G 64 -40.95 -8.47 7.16
CA VAL G 64 -42.31 -8.69 6.70
C VAL G 64 -42.69 -7.70 5.64
N TYR G 65 -43.38 -8.16 4.62
CA TYR G 65 -44.31 -7.34 3.83
C TYR G 65 -45.71 -7.68 4.29
N PHE G 66 -46.56 -6.69 4.51
CA PHE G 66 -47.94 -6.87 4.94
C PHE G 66 -48.88 -6.07 4.05
N ALA G 67 -50.10 -6.53 3.86
CA ALA G 67 -51.13 -5.72 3.24
C ALA G 67 -52.53 -6.11 3.68
N SER G 68 -53.47 -5.19 3.53
CA SER G 68 -54.89 -5.50 3.50
C SER G 68 -55.61 -4.55 2.55
N THR G 69 -56.77 -4.97 2.05
CA THR G 69 -57.68 -4.06 1.33
C THR G 69 -58.76 -3.59 2.30
N GLU G 70 -58.93 -2.29 2.44
CA GLU G 70 -59.59 -1.72 3.61
C GLU G 70 -60.19 -0.33 3.32
N LYS G 71 -61.12 0.05 4.20
CA LYS G 71 -61.68 1.40 4.37
C LYS G 71 -62.33 1.54 5.75
N SER G 72 -62.87 0.44 6.27
CA SER G 72 -63.45 0.31 7.61
C SER G 72 -62.43 0.52 8.74
N ASN G 73 -61.14 0.29 8.47
CA ASN G 73 -60.06 0.37 9.46
C ASN G 73 -60.39 -0.52 10.67
N ILE G 74 -60.84 -1.73 10.39
CA ILE G 74 -60.97 -2.83 11.33
C ILE G 74 -59.60 -3.43 11.61
N ILE G 75 -58.70 -3.46 10.64
CA ILE G 75 -57.28 -3.85 10.83
C ILE G 75 -56.51 -2.65 11.40
N ARG G 76 -56.10 -2.74 12.66
CA ARG G 76 -55.77 -1.63 13.54
C ARG G 76 -54.32 -1.54 13.97
N GLY G 77 -53.46 -2.46 13.58
CA GLY G 77 -52.03 -2.36 13.88
C GLY G 77 -51.32 -3.70 13.92
N TRP G 78 -50.16 -3.75 14.58
CA TRP G 78 -49.28 -4.91 14.64
C TRP G 78 -48.57 -5.02 15.98
N ILE G 79 -48.28 -6.25 16.39
CA ILE G 79 -47.34 -6.61 17.43
C ILE G 79 -46.11 -7.20 16.78
N PHE G 80 -44.93 -6.93 17.32
CA PHE G 80 -43.70 -7.61 16.90
C PHE G 80 -42.80 -7.91 18.11
N GLY G 81 -41.98 -8.94 18.02
CA GLY G 81 -40.96 -9.22 19.05
C GLY G 81 -40.32 -10.58 18.89
N THR G 82 -39.53 -11.00 19.88
CA THR G 82 -39.04 -12.37 20.00
C THR G 82 -40.16 -13.33 20.38
N THR G 83 -40.76 -13.12 21.55
CA THR G 83 -41.58 -14.12 22.26
C THR G 83 -42.91 -13.60 22.82
N LEU G 84 -43.15 -12.28 22.80
CA LEU G 84 -44.48 -11.68 23.04
C LEU G 84 -45.09 -12.07 24.41
N ASP G 85 -44.26 -12.04 25.47
CA ASP G 85 -44.43 -12.87 26.67
C ASP G 85 -44.29 -12.12 28.01
N SER G 86 -44.14 -10.79 28.00
CA SER G 86 -43.83 -9.97 29.18
C SER G 86 -42.48 -10.28 29.84
N LYS G 87 -41.62 -11.07 29.20
CA LYS G 87 -40.19 -11.19 29.56
C LYS G 87 -39.34 -10.35 28.61
N THR G 88 -39.66 -10.34 27.32
CA THR G 88 -39.11 -9.34 26.40
C THR G 88 -39.91 -8.03 26.43
N GLN G 89 -39.18 -6.92 26.29
CA GLN G 89 -39.75 -5.70 25.75
C GLN G 89 -40.22 -6.03 24.33
N SER G 90 -41.45 -5.68 23.94
CA SER G 90 -42.02 -6.09 22.66
C SER G 90 -42.75 -4.93 21.98
N LEU G 91 -42.57 -4.77 20.67
CA LEU G 91 -43.19 -3.68 19.93
C LEU G 91 -44.71 -3.86 19.83
N LEU G 92 -45.43 -2.76 19.97
CA LEU G 92 -46.84 -2.61 19.64
C LEU G 92 -47.02 -1.36 18.79
N ILE G 93 -47.76 -1.46 17.70
CA ILE G 93 -48.16 -0.36 16.82
C ILE G 93 -49.68 -0.31 16.78
N VAL G 94 -50.28 0.88 16.93
CA VAL G 94 -51.73 1.10 16.89
C VAL G 94 -52.05 2.22 15.91
N ASN G 95 -53.16 2.12 15.19
CA ASN G 95 -53.72 3.22 14.40
C ASN G 95 -55.09 3.64 14.94
N ASN G 96 -55.23 4.92 15.33
CA ASN G 96 -56.49 5.54 15.74
C ASN G 96 -56.48 7.06 15.43
N ALA G 97 -57.66 7.69 15.43
CA ALA G 97 -57.89 8.92 14.66
C ALA G 97 -57.50 8.71 13.19
N THR G 98 -56.38 9.26 12.72
CA THR G 98 -55.80 8.94 11.39
C THR G 98 -54.41 8.29 11.43
N ASN G 99 -53.76 8.20 12.60
CA ASN G 99 -52.30 8.14 12.71
C ASN G 99 -51.77 7.12 13.74
N VAL G 100 -50.50 6.77 13.57
CA VAL G 100 -49.76 5.77 14.35
C VAL G 100 -49.45 6.22 15.78
N VAL G 101 -49.54 5.27 16.72
CA VAL G 101 -49.02 5.30 18.09
C VAL G 101 -48.10 4.10 18.28
N ILE G 102 -46.95 4.24 18.94
CA ILE G 102 -45.96 3.16 19.12
C ILE G 102 -45.59 3.04 20.58
N LYS G 103 -45.47 1.80 21.08
CA LYS G 103 -45.07 1.46 22.45
C LYS G 103 -44.19 0.22 22.43
N VAL G 104 -43.39 -0.03 23.45
CA VAL G 104 -42.45 -1.17 23.44
C VAL G 104 -42.34 -1.96 24.77
N CYS G 105 -43.29 -1.82 25.67
CA CYS G 105 -43.29 -2.44 26.99
C CYS G 105 -43.12 -3.98 26.97
N GLU G 106 -42.88 -4.56 28.15
CA GLU G 106 -43.06 -5.99 28.44
C GLU G 106 -44.56 -6.37 28.51
N PHE G 107 -45.26 -6.16 27.40
CA PHE G 107 -46.67 -6.48 27.22
C PHE G 107 -46.96 -7.98 27.33
N GLN G 108 -48.24 -8.32 27.37
CA GLN G 108 -48.77 -9.67 27.54
C GLN G 108 -50.03 -9.83 26.69
N PHE G 109 -49.87 -9.73 25.38
CA PHE G 109 -50.97 -9.49 24.46
C PHE G 109 -52.01 -10.60 24.50
N CYS G 110 -53.28 -10.24 24.28
CA CYS G 110 -54.36 -11.23 24.32
C CYS G 110 -54.23 -12.25 23.18
N ASN G 111 -54.52 -13.52 23.47
CA ASN G 111 -54.21 -14.65 22.57
C ASN G 111 -54.89 -14.52 21.20
N ASP G 112 -56.01 -13.80 21.14
CA ASP G 112 -56.54 -13.22 19.90
C ASP G 112 -56.62 -11.67 20.07
N PRO G 113 -55.77 -10.89 19.38
CA PRO G 113 -55.78 -9.43 19.45
C PRO G 113 -57.00 -8.75 18.78
N PHE G 114 -58.18 -8.87 19.39
CA PHE G 114 -59.46 -8.34 18.89
C PHE G 114 -59.85 -6.91 19.37
N LEU G 115 -58.92 -6.22 20.04
CA LEU G 115 -58.86 -4.79 20.41
C LEU G 115 -60.02 -4.16 21.25
N GLY G 116 -61.28 -4.40 20.91
CA GLY G 116 -62.38 -3.49 21.24
C GLY G 116 -62.59 -2.45 20.13
N VAL G 117 -63.61 -1.59 20.24
CA VAL G 117 -63.98 -0.62 19.20
C VAL G 117 -64.65 0.62 19.80
N TYR G 118 -64.81 1.68 19.03
CA TYR G 118 -65.42 2.92 19.51
C TYR G 118 -66.96 2.84 19.47
N TYR G 119 -67.50 2.15 20.48
CA TYR G 119 -68.93 1.98 20.78
C TYR G 119 -69.73 3.29 20.93
N HIS G 120 -71.02 3.18 21.28
CA HIS G 120 -72.04 4.21 21.52
C HIS G 120 -71.49 5.55 22.03
N LYS G 121 -71.30 6.51 21.12
CA LYS G 121 -70.37 7.65 21.27
C LYS G 121 -70.52 8.43 22.58
N ASN G 122 -71.75 8.67 23.02
CA ASN G 122 -72.08 9.39 24.24
C ASN G 122 -71.39 8.86 25.51
N ASN G 123 -71.01 7.57 25.52
CA ASN G 123 -70.34 6.93 26.64
C ASN G 123 -68.80 7.13 26.70
N LYS G 124 -68.20 7.86 25.74
CA LYS G 124 -66.74 8.00 25.55
C LYS G 124 -66.07 6.62 25.39
N SER G 125 -66.41 5.94 24.28
CA SER G 125 -65.98 4.58 23.99
C SER G 125 -64.46 4.43 23.78
N TRP G 126 -63.91 3.23 24.05
CA TRP G 126 -62.46 2.98 24.16
C TRP G 126 -62.07 1.55 23.77
N MET G 127 -60.79 1.33 23.40
CA MET G 127 -60.20 -0.01 23.27
C MET G 127 -59.97 -0.64 24.65
N GLU G 128 -60.42 -1.87 24.87
CA GLU G 128 -60.57 -2.44 26.22
C GLU G 128 -59.35 -3.26 26.69
N SER G 129 -58.13 -2.77 26.41
CA SER G 129 -56.89 -3.54 26.63
C SER G 129 -56.95 -4.89 25.88
N GLU G 130 -57.28 -4.79 24.59
CA GLU G 130 -57.96 -5.83 23.81
C GLU G 130 -59.19 -6.40 24.52
N PHE G 131 -59.02 -7.36 25.42
CA PHE G 131 -60.04 -7.69 26.43
C PHE G 131 -59.50 -8.54 27.59
N ARG G 132 -58.64 -9.53 27.32
CA ARG G 132 -58.34 -10.62 28.25
C ARG G 132 -57.36 -10.22 29.37
N VAL G 133 -56.16 -9.77 29.00
CA VAL G 133 -55.05 -9.44 29.92
C VAL G 133 -54.19 -8.27 29.40
N TYR G 134 -53.74 -8.32 28.13
CA TYR G 134 -52.96 -7.30 27.38
C TYR G 134 -51.55 -6.96 27.92
N SER G 135 -51.37 -6.81 29.23
CA SER G 135 -50.06 -6.52 29.84
C SER G 135 -49.91 -7.08 31.25
N SER G 136 -48.67 -7.28 31.66
CA SER G 136 -48.28 -7.74 33.02
C SER G 136 -47.01 -7.08 33.58
N ALA G 137 -46.37 -6.17 32.84
CA ALA G 137 -45.14 -5.47 33.25
C ALA G 137 -44.98 -4.15 32.48
N ASN G 138 -44.01 -3.33 32.91
CA ASN G 138 -43.67 -2.05 32.27
C ASN G 138 -42.44 -2.22 31.35
N ASN G 139 -41.27 -1.70 31.74
CA ASN G 139 -40.11 -1.52 30.87
C ASN G 139 -40.47 -1.00 29.46
N CYS G 140 -41.28 0.06 29.40
CA CYS G 140 -41.67 0.74 28.17
C CYS G 140 -40.53 1.63 27.62
N THR G 141 -39.45 1.03 27.14
CA THR G 141 -38.17 1.71 26.78
C THR G 141 -38.26 2.71 25.60
N PHE G 142 -39.45 2.92 25.05
CA PHE G 142 -39.78 3.93 24.06
C PHE G 142 -41.29 4.16 24.02
N GLU G 143 -41.72 5.31 23.54
CA GLU G 143 -43.09 5.61 23.11
C GLU G 143 -43.03 6.70 22.04
N TYR G 144 -43.96 6.71 21.08
CA TYR G 144 -44.03 7.73 20.04
C TYR G 144 -45.46 7.89 19.51
N VAL G 145 -45.77 9.04 18.92
CA VAL G 145 -47.01 9.27 18.17
C VAL G 145 -46.71 10.07 16.91
N SER G 146 -47.29 9.71 15.76
CA SER G 146 -47.29 10.60 14.60
C SER G 146 -48.37 11.66 14.74
N PHE G 160 -63.44 -1.28 0.62
CA PHE G 160 -62.07 -1.82 0.66
C PHE G 160 -61.15 -1.18 -0.40
N LYS G 161 -61.58 -0.04 -0.94
CA LYS G 161 -60.94 0.70 -2.04
C LYS G 161 -59.46 1.00 -1.81
N ASN G 162 -59.02 1.23 -0.57
CA ASN G 162 -57.59 1.38 -0.28
C ASN G 162 -56.95 0.01 -0.04
N LEU G 163 -56.09 -0.41 -0.96
CA LEU G 163 -55.01 -1.33 -0.59
C LEU G 163 -54.06 -0.55 0.32
N ARG G 164 -53.71 -1.13 1.47
CA ARG G 164 -52.80 -0.53 2.43
C ARG G 164 -51.58 -1.42 2.62
N GLU G 165 -50.56 -1.21 1.81
CA GLU G 165 -49.29 -1.92 1.97
C GLU G 165 -48.47 -1.35 3.12
N PHE G 166 -47.72 -2.21 3.81
CA PHE G 166 -46.71 -1.82 4.78
C PHE G 166 -45.53 -2.78 4.69
N VAL G 167 -44.32 -2.32 4.98
CA VAL G 167 -43.10 -3.14 5.01
C VAL G 167 -42.37 -2.86 6.30
N PHE G 168 -41.80 -3.88 6.92
CA PHE G 168 -41.19 -3.79 8.23
C PHE G 168 -39.85 -4.48 8.20
N LYS G 169 -38.79 -3.87 8.71
CA LYS G 169 -37.48 -4.53 8.85
C LYS G 169 -36.73 -4.01 10.07
N ASN G 170 -35.80 -4.80 10.59
CA ASN G 170 -35.15 -4.58 11.89
C ASN G 170 -33.63 -4.59 11.81
N ILE G 171 -33.07 -4.14 10.70
CA ILE G 171 -31.61 -4.11 10.46
C ILE G 171 -30.92 -3.27 11.53
N ASP G 172 -29.86 -3.78 12.15
CA ASP G 172 -28.99 -3.06 13.08
C ASP G 172 -29.72 -2.31 14.21
N GLY G 173 -30.85 -2.85 14.66
CA GLY G 173 -31.69 -2.24 15.69
C GLY G 173 -32.50 -1.02 15.24
N TYR G 174 -32.32 -0.54 14.01
CA TYR G 174 -33.26 0.37 13.36
C TYR G 174 -34.50 -0.43 12.94
N PHE G 175 -35.59 -0.34 13.69
CA PHE G 175 -36.88 -0.78 13.20
C PHE G 175 -37.38 0.25 12.19
N LYS G 176 -37.46 -0.13 10.92
CA LYS G 176 -37.83 0.72 9.80
C LYS G 176 -39.16 0.28 9.23
N ILE G 177 -40.04 1.24 8.95
CA ILE G 177 -41.40 0.97 8.48
C ILE G 177 -41.68 1.85 7.28
N TYR G 178 -42.34 1.27 6.30
CA TYR G 178 -42.67 1.93 5.06
C TYR G 178 -44.13 1.65 4.73
N SER G 179 -44.75 2.42 3.85
CA SER G 179 -46.17 2.22 3.55
C SER G 179 -46.58 2.61 2.14
N LYS G 180 -47.77 2.18 1.72
CA LYS G 180 -48.50 2.76 0.59
C LYS G 180 -50.00 2.54 0.72
N HIS G 181 -50.76 3.58 1.00
CA HIS G 181 -52.21 3.58 0.80
C HIS G 181 -52.47 3.85 -0.68
N THR G 182 -53.24 3.03 -1.38
CA THR G 182 -53.46 3.19 -2.83
C THR G 182 -54.83 2.68 -3.29
N PRO G 183 -55.51 3.34 -4.25
CA PRO G 183 -56.81 2.94 -4.77
C PRO G 183 -56.74 1.69 -5.66
N ILE G 184 -57.58 0.70 -5.37
CA ILE G 184 -57.73 -0.57 -6.09
C ILE G 184 -59.20 -0.92 -6.40
N ASN G 185 -59.40 -1.88 -7.30
CA ASN G 185 -60.70 -2.51 -7.55
C ASN G 185 -60.63 -4.05 -7.64
N LEU G 186 -59.44 -4.64 -7.83
CA LEU G 186 -59.19 -6.10 -7.78
C LEU G 186 -59.12 -6.59 -6.33
N VAL G 187 -60.21 -6.40 -5.60
CA VAL G 187 -60.23 -6.40 -4.12
C VAL G 187 -59.72 -7.71 -3.50
N ARG G 188 -59.94 -8.86 -4.14
CA ARG G 188 -59.60 -10.19 -3.59
C ARG G 188 -58.10 -10.50 -3.50
N ASP G 189 -57.22 -9.73 -4.15
CA ASP G 189 -55.79 -10.04 -4.31
C ASP G 189 -54.91 -8.78 -4.30
N LEU G 190 -53.60 -8.98 -4.10
CA LEU G 190 -52.61 -7.96 -4.43
C LEU G 190 -52.63 -7.66 -5.94
N PRO G 191 -52.43 -6.40 -6.36
CA PRO G 191 -52.53 -5.99 -7.75
C PRO G 191 -51.22 -6.17 -8.50
N GLN G 192 -51.29 -6.36 -9.82
CA GLN G 192 -50.14 -6.23 -10.71
C GLN G 192 -49.79 -4.76 -10.94
N GLY G 193 -48.83 -4.47 -11.81
CA GLY G 193 -48.26 -3.13 -11.93
C GLY G 193 -47.38 -2.77 -10.72
N PHE G 194 -46.95 -1.51 -10.64
CA PHE G 194 -45.83 -1.11 -9.77
C PHE G 194 -46.18 -0.04 -8.74
N SER G 195 -45.61 -0.14 -7.54
CA SER G 195 -45.56 0.95 -6.58
C SER G 195 -44.34 0.85 -5.66
N ALA G 196 -43.81 2.01 -5.26
CA ALA G 196 -42.83 2.11 -4.17
C ALA G 196 -43.50 2.08 -2.78
N LEU G 197 -42.71 2.30 -1.73
CA LEU G 197 -43.21 2.66 -0.39
C LEU G 197 -42.27 3.69 0.25
N GLU G 198 -42.77 4.83 0.71
CA GLU G 198 -41.97 5.78 1.51
C GLU G 198 -41.71 5.27 2.92
N PRO G 199 -40.59 5.65 3.57
CA PRO G 199 -40.44 5.44 5.00
C PRO G 199 -41.45 6.29 5.77
N LEU G 200 -42.18 5.67 6.68
CA LEU G 200 -42.96 6.39 7.69
C LEU G 200 -42.12 6.65 8.95
N VAL G 201 -41.45 5.62 9.45
CA VAL G 201 -40.93 5.55 10.81
C VAL G 201 -39.59 4.81 10.79
N ASP G 202 -38.65 5.24 11.61
CA ASP G 202 -37.30 4.67 11.64
C ASP G 202 -36.71 4.90 13.04
N LEU G 203 -36.61 3.82 13.81
CA LEU G 203 -36.41 3.86 15.25
C LEU G 203 -35.24 2.96 15.67
N PRO G 204 -34.14 3.47 16.23
CA PRO G 204 -33.00 2.68 16.70
C PRO G 204 -33.25 1.98 18.05
N ILE G 205 -34.44 1.39 18.22
CA ILE G 205 -34.96 0.83 19.47
C ILE G 205 -34.45 -0.59 19.80
N GLY G 206 -33.82 -1.30 18.85
CA GLY G 206 -32.96 -2.46 19.18
C GLY G 206 -33.62 -3.75 19.67
N ILE G 207 -34.94 -3.79 19.84
CA ILE G 207 -35.66 -5.03 20.21
C ILE G 207 -35.49 -6.07 19.10
N ASN G 208 -35.18 -7.31 19.48
CA ASN G 208 -35.05 -8.40 18.53
C ASN G 208 -36.46 -8.88 18.10
N ILE G 209 -36.68 -9.14 16.82
CA ILE G 209 -38.00 -9.40 16.24
C ILE G 209 -37.94 -10.65 15.36
N THR G 210 -38.71 -11.66 15.75
CA THR G 210 -38.84 -12.96 15.05
C THR G 210 -40.29 -13.46 14.93
N ARG G 211 -41.22 -12.92 15.72
CA ARG G 211 -42.67 -13.19 15.68
C ARG G 211 -43.42 -11.89 15.46
N PHE G 212 -44.57 -11.96 14.79
CA PHE G 212 -45.46 -10.81 14.66
C PHE G 212 -46.94 -11.21 14.49
N GLN G 213 -47.87 -10.29 14.76
CA GLN G 213 -49.31 -10.57 14.70
C GLN G 213 -50.09 -9.27 14.53
N THR G 214 -50.97 -9.18 13.54
CA THR G 214 -51.84 -8.00 13.38
C THR G 214 -52.94 -7.93 14.44
N LEU G 215 -53.43 -6.73 14.75
CA LEU G 215 -54.56 -6.46 15.64
C LEU G 215 -55.78 -6.01 14.85
N LEU G 216 -56.96 -6.54 15.17
CA LEU G 216 -58.22 -6.11 14.57
C LEU G 216 -59.18 -5.64 15.66
N ALA G 217 -60.12 -4.77 15.31
CA ALA G 217 -61.32 -4.51 16.11
C ALA G 217 -62.45 -5.49 15.74
N LEU G 218 -63.04 -6.21 16.70
CA LEU G 218 -64.16 -7.14 16.41
C LEU G 218 -65.48 -6.39 16.09
N HIS G 219 -65.62 -5.85 14.89
CA HIS G 219 -66.86 -5.22 14.41
C HIS G 219 -67.08 -5.41 12.90
N ALA G 237 -62.74 -9.14 7.55
CA ALA G 237 -61.63 -8.57 6.79
C ALA G 237 -60.49 -9.58 6.53
N ALA G 238 -59.54 -9.23 5.68
CA ALA G 238 -58.51 -10.14 5.17
C ALA G 238 -57.16 -9.43 4.95
N TYR G 239 -56.04 -10.15 5.10
CA TYR G 239 -54.69 -9.59 4.96
C TYR G 239 -53.69 -10.59 4.35
N TYR G 240 -52.59 -10.09 3.81
CA TYR G 240 -51.60 -10.84 3.06
C TYR G 240 -50.24 -10.69 3.72
N VAL G 241 -49.38 -11.69 3.66
CA VAL G 241 -48.02 -11.65 4.24
C VAL G 241 -47.01 -12.19 3.24
N GLY G 242 -45.84 -11.59 3.18
CA GLY G 242 -44.68 -12.09 2.44
C GLY G 242 -43.40 -11.85 3.23
N TYR G 243 -42.27 -12.36 2.75
CA TYR G 243 -40.99 -12.16 3.42
C TYR G 243 -39.94 -11.56 2.51
N LEU G 244 -39.20 -10.60 3.05
CA LEU G 244 -38.04 -10.02 2.41
C LEU G 244 -36.89 -11.02 2.36
N GLN G 245 -35.98 -10.85 1.41
CA GLN G 245 -34.74 -11.62 1.28
C GLN G 245 -33.63 -10.69 0.82
N PRO G 246 -32.35 -10.96 1.13
CA PRO G 246 -31.25 -10.17 0.61
C PRO G 246 -31.17 -10.29 -0.92
N ARG G 247 -31.60 -9.26 -1.63
CA ARG G 247 -31.60 -9.20 -3.10
C ARG G 247 -30.87 -7.96 -3.55
N THR G 248 -30.03 -8.08 -4.58
CA THR G 248 -29.65 -6.90 -5.35
C THR G 248 -30.83 -6.50 -6.22
N PHE G 249 -31.24 -5.24 -6.18
CA PHE G 249 -32.24 -4.68 -7.10
C PHE G 249 -31.64 -3.62 -8.00
N LEU G 250 -32.11 -3.52 -9.24
CA LEU G 250 -31.90 -2.35 -10.11
C LEU G 250 -33.16 -1.50 -10.03
N LEU G 251 -33.08 -0.24 -9.61
CA LEU G 251 -34.22 0.65 -9.34
C LEU G 251 -34.29 1.76 -10.36
N LYS G 252 -35.41 1.85 -11.07
CA LYS G 252 -35.68 2.94 -12.02
C LYS G 252 -36.23 4.15 -11.28
N TYR G 253 -35.38 5.13 -11.02
CA TYR G 253 -35.83 6.44 -10.56
C TYR G 253 -36.19 7.32 -11.75
N ASN G 254 -37.41 7.84 -11.79
CA ASN G 254 -37.85 8.84 -12.77
C ASN G 254 -37.31 10.24 -12.45
N GLU G 255 -37.71 11.22 -13.25
CA GLU G 255 -37.37 12.65 -13.10
C GLU G 255 -37.75 13.20 -11.72
N ASN G 256 -38.89 12.76 -11.18
CA ASN G 256 -39.50 13.28 -9.96
C ASN G 256 -39.08 12.48 -8.71
N GLY G 257 -37.82 12.03 -8.69
CA GLY G 257 -37.21 11.38 -7.53
C GLY G 257 -37.78 10.03 -7.13
N THR G 258 -38.59 9.42 -8.00
CA THR G 258 -39.54 8.35 -7.64
C THR G 258 -39.22 7.02 -8.31
N ILE G 259 -39.25 5.92 -7.56
CA ILE G 259 -39.07 4.57 -8.11
C ILE G 259 -40.33 4.21 -8.91
N THR G 260 -40.23 4.05 -10.22
CA THR G 260 -41.36 3.66 -11.10
C THR G 260 -41.28 2.22 -11.57
N ASP G 261 -40.12 1.57 -11.47
CA ASP G 261 -39.92 0.18 -11.84
C ASP G 261 -38.70 -0.39 -11.10
N ALA G 262 -38.59 -1.71 -10.99
CA ALA G 262 -37.42 -2.36 -10.41
C ALA G 262 -37.13 -3.72 -11.06
N VAL G 263 -35.91 -4.22 -10.93
CA VAL G 263 -35.55 -5.61 -11.23
C VAL G 263 -35.02 -6.26 -9.97
N ASP G 264 -35.62 -7.37 -9.55
CA ASP G 264 -35.05 -8.34 -8.62
C ASP G 264 -34.03 -9.18 -9.37
N CYS G 265 -32.72 -8.90 -9.22
CA CYS G 265 -31.70 -9.53 -10.07
C CYS G 265 -31.72 -11.06 -10.00
N ALA G 266 -31.96 -11.61 -8.81
CA ALA G 266 -31.90 -13.04 -8.56
C ALA G 266 -33.14 -13.81 -9.03
N LEU G 267 -34.20 -13.15 -9.50
CA LEU G 267 -35.42 -13.80 -9.99
C LEU G 267 -35.18 -14.80 -11.12
N ASP G 268 -34.42 -14.42 -12.16
CA ASP G 268 -34.21 -15.25 -13.34
C ASP G 268 -33.01 -14.77 -14.17
N PRO G 269 -32.52 -15.54 -15.15
CA PRO G 269 -31.38 -15.12 -15.94
C PRO G 269 -31.56 -13.82 -16.73
N LEU G 270 -32.77 -13.49 -17.20
CA LEU G 270 -33.01 -12.18 -17.80
C LEU G 270 -32.82 -11.07 -16.77
N SER G 271 -33.36 -11.22 -15.57
CA SER G 271 -33.14 -10.29 -14.49
C SER G 271 -31.67 -10.14 -14.11
N GLU G 272 -30.88 -11.21 -14.07
CA GLU G 272 -29.43 -11.04 -13.90
C GLU G 272 -28.81 -10.26 -15.06
N THR G 273 -29.29 -10.45 -16.28
CA THR G 273 -28.80 -9.73 -17.45
C THR G 273 -29.14 -8.25 -17.37
N LYS G 274 -30.37 -7.89 -17.00
CA LYS G 274 -30.78 -6.50 -16.77
C LYS G 274 -29.87 -5.84 -15.74
N CYS G 275 -29.64 -6.49 -14.61
CA CYS G 275 -28.77 -5.95 -13.57
C CYS G 275 -27.32 -5.80 -14.01
N THR G 276 -26.78 -6.78 -14.74
CA THR G 276 -25.39 -6.77 -15.23
C THR G 276 -25.14 -5.60 -16.18
N LEU G 277 -26.05 -5.40 -17.12
CA LEU G 277 -26.02 -4.31 -18.09
C LEU G 277 -26.52 -2.98 -17.53
N LYS G 278 -26.94 -2.94 -16.26
CA LYS G 278 -27.54 -1.79 -15.58
C LYS G 278 -28.65 -1.12 -16.42
N SER G 279 -29.51 -1.91 -17.07
CA SER G 279 -30.56 -1.41 -17.96
C SER G 279 -31.80 -2.30 -17.95
N PHE G 280 -32.99 -1.71 -18.07
CA PHE G 280 -34.24 -2.47 -18.22
C PHE G 280 -34.41 -2.99 -19.64
N THR G 281 -33.99 -2.25 -20.65
CA THR G 281 -33.94 -2.76 -22.03
C THR G 281 -32.63 -3.50 -22.26
N VAL G 282 -32.69 -4.66 -22.90
CA VAL G 282 -31.54 -5.49 -23.26
C VAL G 282 -31.68 -5.91 -24.72
N GLU G 283 -30.63 -5.79 -25.52
CA GLU G 283 -30.65 -6.05 -26.95
C GLU G 283 -30.47 -7.55 -27.29
N LYS G 284 -30.86 -7.97 -28.50
CA LYS G 284 -30.58 -9.30 -29.06
C LYS G 284 -29.08 -9.63 -28.94
N GLY G 285 -28.73 -10.62 -28.13
CA GLY G 285 -27.33 -10.92 -27.83
C GLY G 285 -27.13 -11.99 -26.76
N ILE G 286 -25.86 -12.21 -26.43
CA ILE G 286 -25.40 -13.10 -25.36
C ILE G 286 -24.60 -12.28 -24.35
N TYR G 287 -24.93 -12.40 -23.07
CA TYR G 287 -24.31 -11.60 -22.01
C TYR G 287 -23.85 -12.47 -20.87
N GLN G 288 -22.61 -12.35 -20.41
CA GLN G 288 -22.11 -13.13 -19.28
C GLN G 288 -22.56 -12.52 -17.96
N THR G 289 -23.45 -13.18 -17.24
CA THR G 289 -23.99 -12.67 -15.96
C THR G 289 -23.28 -13.20 -14.72
N SER G 290 -22.63 -14.36 -14.80
CA SER G 290 -22.06 -15.02 -13.63
C SER G 290 -20.93 -15.98 -14.02
N ASN G 291 -20.21 -16.49 -13.03
CA ASN G 291 -19.41 -17.70 -13.16
C ASN G 291 -20.06 -18.77 -12.26
N PHE G 292 -20.49 -19.89 -12.85
CA PHE G 292 -21.03 -21.03 -12.13
C PHE G 292 -19.89 -21.90 -11.63
N ARG G 293 -19.90 -22.28 -10.36
CA ARG G 293 -18.96 -23.24 -9.78
C ARG G 293 -19.70 -24.25 -8.92
N VAL G 294 -19.45 -25.54 -9.12
CA VAL G 294 -20.04 -26.59 -8.28
C VAL G 294 -19.55 -26.44 -6.85
N GLN G 295 -20.48 -26.42 -5.89
CA GLN G 295 -20.15 -26.18 -4.49
C GLN G 295 -19.60 -27.44 -3.81
N PRO G 296 -18.72 -27.32 -2.79
CA PRO G 296 -18.21 -28.46 -2.04
C PRO G 296 -19.31 -29.22 -1.32
N THR G 297 -19.46 -30.51 -1.61
CA THR G 297 -20.56 -31.33 -1.09
C THR G 297 -20.50 -31.55 0.41
N GLU G 298 -19.28 -31.73 0.92
CA GLU G 298 -18.96 -32.07 2.31
C GLU G 298 -17.50 -31.74 2.56
N SER G 299 -17.09 -31.74 3.83
CA SER G 299 -15.70 -31.52 4.23
C SER G 299 -15.01 -32.83 4.62
N ILE G 300 -13.82 -33.06 4.05
CA ILE G 300 -12.97 -34.22 4.27
C ILE G 300 -11.75 -33.84 5.10
N VAL G 301 -11.55 -34.53 6.21
CA VAL G 301 -10.41 -34.28 7.10
C VAL G 301 -9.50 -35.49 7.14
N ARG G 302 -8.24 -35.29 6.83
CA ARG G 302 -7.23 -36.34 6.70
C ARG G 302 -5.96 -35.84 7.39
N PHE G 303 -5.87 -36.09 8.69
CA PHE G 303 -4.65 -35.90 9.48
C PHE G 303 -3.95 -37.26 9.65
N PRO G 304 -2.70 -37.36 10.12
CA PRO G 304 -2.05 -38.65 10.32
C PRO G 304 -2.73 -39.42 11.45
N ASN G 305 -2.78 -40.75 11.37
CA ASN G 305 -3.28 -41.60 12.46
C ASN G 305 -2.22 -41.77 13.54
N ILE G 306 -2.08 -40.76 14.40
CA ILE G 306 -1.26 -40.79 15.61
C ILE G 306 -2.01 -40.10 16.76
N THR G 307 -1.79 -40.55 18.00
CA THR G 307 -2.67 -40.25 19.15
C THR G 307 -1.93 -39.88 20.45
N ASN G 308 -0.61 -39.72 20.43
CA ASN G 308 0.16 -39.30 21.62
C ASN G 308 -0.15 -37.84 21.96
N LEU G 309 -0.39 -37.49 23.21
CA LEU G 309 -0.45 -36.07 23.62
C LEU G 309 0.96 -35.46 23.67
N CYS G 310 1.08 -34.20 23.28
CA CYS G 310 2.35 -33.49 23.28
C CYS G 310 2.81 -33.09 24.70
N PRO G 311 4.12 -32.80 24.88
CA PRO G 311 4.71 -32.58 26.19
C PRO G 311 4.59 -31.14 26.70
N PHE G 312 3.63 -30.33 26.25
CA PHE G 312 3.47 -28.96 26.73
C PHE G 312 3.28 -28.89 28.25
N GLY G 313 2.63 -29.88 28.84
CA GLY G 313 2.55 -30.02 30.29
C GLY G 313 3.90 -30.11 31.00
N GLU G 314 4.93 -30.67 30.35
CA GLU G 314 6.32 -30.61 30.82
C GLU G 314 6.91 -29.22 30.57
N VAL G 315 6.86 -28.75 29.32
CA VAL G 315 7.54 -27.53 28.86
C VAL G 315 7.15 -26.33 29.72
N PHE G 316 5.86 -26.09 29.88
CA PHE G 316 5.32 -24.97 30.65
C PHE G 316 5.39 -25.15 32.18
N ASN G 317 5.88 -26.29 32.68
CA ASN G 317 6.07 -26.55 34.11
C ASN G 317 7.52 -26.96 34.49
N ALA G 318 8.45 -26.98 33.54
CA ALA G 318 9.80 -27.52 33.73
C ALA G 318 10.56 -26.80 34.85
N THR G 319 11.29 -27.53 35.69
CA THR G 319 11.78 -27.01 36.99
C THR G 319 12.57 -25.70 36.87
N ARG G 320 13.60 -25.64 36.02
CA ARG G 320 14.29 -24.38 35.67
C ARG G 320 14.24 -24.12 34.18
N PHE G 321 13.59 -23.00 33.83
CA PHE G 321 13.81 -22.31 32.58
C PHE G 321 15.23 -21.72 32.59
N ALA G 322 15.94 -21.85 31.48
CA ALA G 322 17.33 -21.43 31.38
C ALA G 322 17.51 -19.91 31.45
N SER G 323 18.73 -19.53 31.83
CA SER G 323 19.26 -18.18 31.73
C SER G 323 19.37 -17.79 30.27
N VAL G 324 18.87 -16.61 29.91
CA VAL G 324 18.68 -16.23 28.51
C VAL G 324 19.98 -16.19 27.68
N TYR G 325 21.18 -16.15 28.28
CA TYR G 325 22.41 -16.34 27.51
C TYR G 325 22.53 -17.71 26.81
N ALA G 326 21.84 -18.72 27.35
CA ALA G 326 21.90 -20.12 26.96
C ALA G 326 20.52 -20.81 27.17
N TRP G 327 19.48 -20.23 26.56
CA TRP G 327 18.09 -20.71 26.55
C TRP G 327 17.94 -22.19 26.15
N ASN G 328 16.94 -22.85 26.73
CA ASN G 328 16.62 -24.24 26.39
C ASN G 328 15.91 -24.29 25.05
N ARG G 329 16.05 -25.41 24.34
CA ARG G 329 15.27 -25.71 23.12
C ARG G 329 14.81 -27.15 23.14
N LYS G 330 13.53 -27.41 23.35
CA LYS G 330 12.92 -28.73 23.17
C LYS G 330 12.22 -28.80 21.83
N ARG G 331 12.64 -29.75 20.99
CA ARG G 331 11.88 -30.14 19.80
C ARG G 331 10.68 -30.97 20.24
N ILE G 332 9.55 -30.70 19.63
CA ILE G 332 8.29 -31.43 19.83
C ILE G 332 7.87 -32.05 18.49
N SER G 333 7.46 -33.31 18.55
CA SER G 333 7.14 -34.13 17.38
C SER G 333 6.24 -35.31 17.73
N ASN G 334 5.67 -35.94 16.70
CA ASN G 334 4.96 -37.22 16.78
C ASN G 334 3.80 -37.26 17.80
N CYS G 335 3.02 -36.16 17.88
CA CYS G 335 2.00 -35.97 18.91
C CYS G 335 0.86 -35.00 18.47
N VAL G 336 -0.18 -34.91 19.31
CA VAL G 336 -1.35 -34.04 19.17
C VAL G 336 -1.33 -32.93 20.24
N ALA G 337 -1.58 -31.69 19.84
CA ALA G 337 -1.38 -30.46 20.62
C ALA G 337 -2.69 -29.67 20.84
N ASP G 338 -3.13 -29.46 22.08
CA ASP G 338 -4.31 -28.64 22.36
C ASP G 338 -3.94 -27.15 22.51
N TYR G 339 -3.68 -26.47 21.38
CA TYR G 339 -3.30 -25.06 21.41
C TYR G 339 -4.39 -24.19 22.01
N SER G 340 -5.64 -24.60 21.85
CA SER G 340 -6.79 -24.00 22.51
C SER G 340 -6.64 -24.00 24.02
N VAL G 341 -6.32 -25.13 24.66
CA VAL G 341 -6.11 -25.15 26.11
C VAL G 341 -4.95 -24.23 26.53
N LEU G 342 -3.88 -24.17 25.74
CA LEU G 342 -2.78 -23.24 26.02
C LEU G 342 -3.25 -21.79 25.93
N TYR G 343 -3.90 -21.42 24.83
CA TYR G 343 -4.41 -20.07 24.61
C TYR G 343 -5.47 -19.65 25.65
N ASN G 344 -6.38 -20.57 26.02
CA ASN G 344 -7.40 -20.34 27.03
C ASN G 344 -6.85 -20.38 28.47
N SER G 345 -5.60 -20.81 28.68
CA SER G 345 -4.99 -20.94 30.01
C SER G 345 -4.85 -19.59 30.70
N ALA G 346 -5.35 -19.51 31.94
CA ALA G 346 -5.27 -18.33 32.79
C ALA G 346 -3.82 -17.88 33.13
N SER G 347 -2.86 -18.78 32.98
CA SER G 347 -1.45 -18.59 33.33
C SER G 347 -0.79 -17.42 32.62
N PHE G 348 -1.14 -17.12 31.36
CA PHE G 348 -0.23 -16.38 30.49
C PHE G 348 -0.52 -14.87 30.44
N SER G 349 0.49 -14.07 30.78
CA SER G 349 0.44 -12.60 30.74
C SER G 349 0.45 -12.09 29.31
N THR G 350 1.06 -12.83 28.38
CA THR G 350 1.02 -12.58 26.94
C THR G 350 1.03 -13.90 26.17
N PHE G 351 0.45 -13.86 24.97
CA PHE G 351 0.29 -14.97 24.04
C PHE G 351 0.39 -14.42 22.60
N LYS G 352 1.27 -13.45 22.37
CA LYS G 352 1.41 -12.74 21.09
C LYS G 352 1.83 -13.73 19.98
N CYS G 353 1.14 -13.71 18.85
CA CYS G 353 1.40 -14.59 17.72
C CYS G 353 1.62 -13.80 16.43
N TYR G 354 2.38 -14.36 15.50
CA TYR G 354 3.00 -13.63 14.39
C TYR G 354 2.66 -14.17 12.99
N GLY G 355 2.94 -15.44 12.73
CA GLY G 355 2.63 -16.08 11.43
C GLY G 355 1.24 -16.71 11.38
N VAL G 356 0.57 -16.80 12.51
CA VAL G 356 -0.69 -17.51 12.73
C VAL G 356 -1.45 -16.83 13.86
N SER G 357 -2.77 -16.90 13.85
CA SER G 357 -3.61 -16.45 14.95
C SER G 357 -3.81 -17.61 15.92
N PRO G 358 -3.73 -17.42 17.26
CA PRO G 358 -3.76 -18.54 18.21
C PRO G 358 -5.06 -19.35 18.15
N THR G 359 -6.14 -18.69 17.76
CA THR G 359 -7.44 -19.26 17.40
C THR G 359 -7.38 -20.28 16.26
N LYS G 360 -6.65 -19.96 15.18
CA LYS G 360 -6.58 -20.76 13.94
C LYS G 360 -5.79 -22.05 14.10
N LEU G 361 -4.90 -22.14 15.11
CA LEU G 361 -3.87 -23.17 15.21
C LEU G 361 -4.37 -24.61 15.10
N ASN G 362 -5.49 -24.96 15.71
CA ASN G 362 -6.02 -26.32 15.71
C ASN G 362 -6.35 -26.87 14.32
N ASP G 363 -6.58 -26.02 13.32
CA ASP G 363 -6.97 -26.39 11.96
C ASP G 363 -5.79 -26.73 11.05
N LEU G 364 -4.57 -26.50 11.53
CA LEU G 364 -3.33 -26.43 10.75
C LEU G 364 -2.28 -27.34 11.42
N CYS G 365 -1.40 -28.00 10.67
CA CYS G 365 -0.35 -28.77 11.32
C CYS G 365 1.02 -28.87 10.62
N PHE G 366 1.99 -29.27 11.44
CA PHE G 366 3.38 -28.92 11.31
C PHE G 366 4.29 -30.13 11.32
N THR G 367 5.39 -30.02 10.59
CA THR G 367 6.43 -31.04 10.58
C THR G 367 7.08 -31.14 11.96
N ASN G 368 7.39 -30.01 12.61
CA ASN G 368 7.87 -29.93 14.01
C ASN G 368 7.49 -28.60 14.67
N VAL G 369 7.55 -28.56 16.00
CA VAL G 369 7.48 -27.32 16.78
C VAL G 369 8.65 -27.30 17.74
N TYR G 370 9.30 -26.15 17.86
CA TYR G 370 10.43 -25.94 18.76
C TYR G 370 10.02 -24.97 19.85
N ALA G 371 10.13 -25.41 21.10
CA ALA G 371 9.83 -24.59 22.27
C ALA G 371 11.14 -24.05 22.88
N ASP G 372 11.43 -22.78 22.62
CA ASP G 372 12.57 -22.09 23.22
C ASP G 372 12.19 -21.49 24.58
N SER G 373 12.72 -22.05 25.67
CA SER G 373 12.31 -21.78 27.06
C SER G 373 13.41 -21.05 27.84
N PHE G 374 13.08 -19.91 28.43
CA PHE G 374 14.02 -19.12 29.23
C PHE G 374 13.33 -18.12 30.17
N VAL G 375 14.07 -17.63 31.17
CA VAL G 375 13.63 -16.56 32.06
C VAL G 375 14.28 -15.26 31.64
N ILE G 376 13.50 -14.19 31.65
CA ILE G 376 13.90 -12.80 31.39
C ILE G 376 13.47 -11.93 32.55
N ARG G 377 14.06 -10.75 32.67
CA ARG G 377 13.42 -9.67 33.45
C ARG G 377 12.13 -9.26 32.74
N GLY G 378 11.03 -9.02 33.46
CA GLY G 378 9.73 -8.67 32.87
C GLY G 378 9.69 -7.45 31.95
N ASP G 379 10.62 -6.51 32.10
CA ASP G 379 10.84 -5.40 31.17
C ASP G 379 11.33 -5.83 29.77
N GLU G 380 11.94 -7.02 29.64
CA GLU G 380 12.57 -7.45 28.38
C GLU G 380 11.61 -7.94 27.31
N VAL G 381 10.34 -8.18 27.63
CA VAL G 381 9.36 -8.86 26.75
C VAL G 381 9.32 -8.25 25.34
N ARG G 382 9.55 -6.94 25.24
CA ARG G 382 9.80 -6.19 24.00
C ARG G 382 10.76 -6.90 23.04
N GLN G 383 11.91 -7.36 23.52
CA GLN G 383 12.94 -8.00 22.69
C GLN G 383 12.45 -9.26 21.95
N ILE G 384 11.45 -9.99 22.47
CA ILE G 384 11.05 -11.29 21.95
C ILE G 384 9.97 -11.11 20.88
N ALA G 385 10.38 -10.43 19.80
CA ALA G 385 9.57 -10.10 18.65
C ALA G 385 10.47 -9.92 17.41
N PRO G 386 9.96 -10.15 16.19
CA PRO G 386 10.61 -9.68 14.97
C PRO G 386 10.80 -8.16 15.01
N GLY G 387 11.93 -7.66 14.52
CA GLY G 387 12.20 -6.21 14.45
C GLY G 387 12.45 -5.49 15.78
N GLN G 388 12.80 -6.22 16.84
CA GLN G 388 13.13 -5.66 18.14
C GLN G 388 14.59 -5.95 18.54
N THR G 389 15.15 -5.08 19.39
CA THR G 389 16.60 -4.84 19.55
C THR G 389 17.05 -4.78 21.02
N GLY G 390 18.34 -5.02 21.26
CA GLY G 390 18.97 -5.04 22.60
C GLY G 390 20.14 -6.00 22.65
N LYS G 391 21.08 -5.83 23.59
CA LYS G 391 22.30 -6.66 23.61
C LYS G 391 22.02 -8.16 23.82
N ILE G 392 21.01 -8.46 24.64
CA ILE G 392 20.51 -9.82 24.83
C ILE G 392 20.01 -10.34 23.49
N ALA G 393 19.10 -9.59 22.86
CA ALA G 393 18.61 -9.75 21.50
C ALA G 393 19.62 -9.45 20.37
N ASP G 394 20.92 -9.59 20.62
CA ASP G 394 21.98 -9.49 19.63
C ASP G 394 22.97 -10.62 19.83
N TYR G 395 23.60 -10.65 21.01
CA TYR G 395 24.62 -11.63 21.34
C TYR G 395 24.04 -13.02 21.54
N ASN G 396 22.88 -13.15 22.20
CA ASN G 396 22.44 -14.43 22.74
C ASN G 396 20.96 -14.76 22.47
N TYR G 397 20.22 -13.88 21.82
CA TYR G 397 18.90 -14.17 21.29
C TYR G 397 18.64 -13.39 20.01
N LYS G 398 17.71 -13.87 19.18
CA LYS G 398 17.08 -13.13 18.08
C LYS G 398 15.97 -13.99 17.51
N LEU G 399 14.73 -13.48 17.48
CA LEU G 399 13.72 -14.00 16.55
C LEU G 399 14.00 -13.42 15.16
N PRO G 400 13.98 -14.21 14.07
CA PRO G 400 14.11 -13.66 12.73
C PRO G 400 12.99 -12.67 12.45
N ASP G 401 13.27 -11.68 11.60
CA ASP G 401 12.32 -10.59 11.30
C ASP G 401 11.13 -11.01 10.42
N ASP G 402 11.00 -12.31 10.16
CA ASP G 402 9.84 -12.99 9.57
C ASP G 402 9.47 -14.28 10.34
N PHE G 403 9.69 -14.30 11.66
CA PHE G 403 9.35 -15.40 12.56
C PHE G 403 7.90 -15.88 12.42
N THR G 404 7.72 -17.18 12.16
CA THR G 404 6.42 -17.86 12.17
C THR G 404 6.18 -18.59 13.50
N GLY G 405 5.49 -17.94 14.42
CA GLY G 405 5.07 -18.61 15.65
C GLY G 405 4.40 -17.74 16.67
N CYS G 406 4.52 -18.14 17.93
CA CYS G 406 3.91 -17.48 19.08
C CYS G 406 4.91 -17.32 20.23
N VAL G 407 4.71 -16.28 21.02
CA VAL G 407 5.51 -15.93 22.18
C VAL G 407 4.61 -15.86 23.40
N ILE G 408 4.86 -16.75 24.34
CA ILE G 408 4.01 -16.97 25.51
C ILE G 408 4.83 -16.67 26.75
N ALA G 409 4.42 -15.71 27.58
CA ALA G 409 5.21 -15.32 28.75
C ALA G 409 4.34 -14.95 29.96
N TRP G 410 4.92 -15.13 31.14
CA TRP G 410 4.27 -14.83 32.42
C TRP G 410 5.28 -14.63 33.55
N ASN G 411 4.82 -13.98 34.62
CA ASN G 411 5.62 -13.69 35.79
C ASN G 411 6.07 -14.98 36.50
N SER G 412 7.35 -15.09 36.87
CA SER G 412 7.86 -16.24 37.62
C SER G 412 8.58 -15.86 38.91
N ASN G 413 8.30 -14.68 39.49
CA ASN G 413 8.88 -14.25 40.77
C ASN G 413 8.66 -15.26 41.92
N ASN G 414 7.53 -15.96 41.90
CA ASN G 414 7.18 -17.05 42.81
C ASN G 414 8.03 -18.33 42.60
N LEU G 415 8.57 -18.54 41.40
CA LEU G 415 9.40 -19.71 41.07
C LEU G 415 10.91 -19.41 41.15
N ASP G 416 11.34 -18.35 40.47
CA ASP G 416 12.73 -18.16 40.06
C ASP G 416 13.52 -17.14 40.87
N SER G 417 12.87 -16.24 41.61
CA SER G 417 13.57 -15.46 42.62
C SER G 417 14.02 -16.32 43.82
N LYS G 418 15.10 -15.91 44.49
CA LYS G 418 15.62 -16.57 45.71
C LYS G 418 15.95 -15.56 46.83
N GLY G 421 20.04 -13.60 46.24
CA GLY G 421 19.25 -13.63 45.03
C GLY G 421 19.61 -14.78 44.09
N ASN G 422 18.82 -14.96 43.04
CA ASN G 422 19.11 -15.93 42.00
C ASN G 422 20.05 -15.37 40.92
N TYR G 423 21.35 -15.36 41.20
CA TYR G 423 22.37 -14.81 40.30
C TYR G 423 22.71 -15.70 39.10
N ASN G 424 22.06 -16.87 38.96
CA ASN G 424 22.27 -17.78 37.84
C ASN G 424 21.82 -17.19 36.49
N TYR G 425 20.93 -16.20 36.50
CA TYR G 425 20.30 -15.61 35.32
C TYR G 425 21.19 -14.63 34.55
N LEU G 426 22.25 -15.20 33.97
CA LEU G 426 23.24 -14.57 33.09
C LEU G 426 22.64 -14.25 31.70
N TYR G 427 23.01 -13.09 31.14
CA TYR G 427 22.70 -12.59 29.80
C TYR G 427 23.92 -11.87 29.23
N ARG G 428 23.97 -11.61 27.91
CA ARG G 428 25.22 -11.19 27.24
C ARG G 428 25.09 -9.81 26.60
N LYS G 436 22.36 -13.02 15.64
CA LYS G 436 21.66 -13.60 14.49
C LYS G 436 20.53 -14.56 14.91
N PRO G 437 19.52 -14.84 14.06
CA PRO G 437 18.34 -15.63 14.44
C PRO G 437 18.66 -16.98 15.08
N PHE G 438 18.14 -17.22 16.29
CA PHE G 438 18.37 -18.44 17.08
C PHE G 438 19.86 -18.78 17.31
N GLU G 439 20.75 -17.79 17.34
CA GLU G 439 22.17 -17.93 17.71
C GLU G 439 22.35 -18.14 19.22
N ARG G 440 23.39 -18.89 19.61
CA ARG G 440 23.81 -19.10 21.02
C ARG G 440 25.32 -18.86 21.15
N ASP G 441 25.77 -18.23 22.24
CA ASP G 441 27.17 -17.83 22.44
C ASP G 441 27.65 -18.15 23.86
N ILE G 442 28.81 -18.81 23.95
CA ILE G 442 29.33 -19.44 25.18
C ILE G 442 30.80 -19.05 25.38
N TYR G 463 38.24 -8.53 27.55
CA TYR G 463 36.87 -8.06 27.73
C TYR G 463 35.85 -9.21 27.66
N PHE G 464 34.81 -9.13 28.47
CA PHE G 464 33.73 -10.11 28.59
C PHE G 464 32.33 -9.44 28.42
N PRO G 465 31.60 -9.68 27.30
CA PRO G 465 30.26 -9.16 27.01
C PRO G 465 29.09 -9.60 27.94
N LEU G 466 29.38 -10.11 29.13
CA LEU G 466 28.51 -10.88 30.01
C LEU G 466 27.99 -10.05 31.20
N GLN G 467 26.74 -10.30 31.61
CA GLN G 467 26.02 -9.67 32.71
C GLN G 467 25.13 -10.72 33.39
N SER G 468 24.58 -10.44 34.58
CA SER G 468 23.49 -11.24 35.14
C SER G 468 22.49 -10.42 35.94
N TYR G 469 21.26 -10.94 36.01
CA TYR G 469 20.32 -10.60 37.07
C TYR G 469 20.73 -11.24 38.40
N GLY G 470 19.90 -11.04 39.42
CA GLY G 470 20.07 -11.52 40.79
C GLY G 470 18.73 -11.66 41.50
N PHE G 471 17.76 -12.29 40.85
CA PHE G 471 16.33 -12.12 41.18
C PHE G 471 15.99 -12.47 42.64
N GLN G 472 15.33 -11.56 43.35
CA GLN G 472 14.86 -11.68 44.73
C GLN G 472 13.34 -11.54 44.79
N PRO G 473 12.65 -12.18 45.75
CA PRO G 473 11.18 -12.13 45.81
C PRO G 473 10.65 -10.70 46.00
N THR G 474 11.49 -9.83 46.55
CA THR G 474 11.31 -8.37 46.70
C THR G 474 11.36 -7.56 45.40
N ASN G 475 11.78 -8.13 44.26
CA ASN G 475 11.89 -7.38 43.00
C ASN G 475 10.58 -6.68 42.62
N VAL G 477 7.48 -3.70 39.19
CA VAL G 477 7.22 -5.13 39.09
C VAL G 477 7.89 -5.74 37.86
N GLY G 478 8.07 -4.98 36.78
CA GLY G 478 8.75 -5.46 35.56
C GLY G 478 10.24 -5.79 35.75
N TYR G 479 10.84 -5.42 36.88
CA TYR G 479 12.15 -5.87 37.29
C TYR G 479 12.17 -7.29 37.92
N GLN G 480 11.03 -7.97 38.07
CA GLN G 480 10.93 -9.38 38.46
C GLN G 480 11.35 -10.36 37.34
N PRO G 481 11.64 -11.64 37.64
CA PRO G 481 11.81 -12.66 36.63
C PRO G 481 10.46 -13.08 36.02
N TYR G 482 10.47 -13.32 34.72
CA TYR G 482 9.37 -13.82 33.91
C TYR G 482 9.84 -15.01 33.09
N ARG G 483 9.06 -16.09 33.04
CA ARG G 483 9.24 -17.18 32.09
C ARG G 483 8.66 -16.81 30.73
N VAL G 484 9.34 -17.23 29.68
CA VAL G 484 8.86 -17.18 28.31
C VAL G 484 9.12 -18.51 27.61
N VAL G 485 8.15 -18.91 26.80
CA VAL G 485 8.32 -19.93 25.78
C VAL G 485 8.08 -19.26 24.44
N VAL G 486 8.97 -19.48 23.48
CA VAL G 486 8.67 -19.20 22.08
C VAL G 486 8.40 -20.51 21.38
N LEU G 487 7.22 -20.64 20.78
CA LEU G 487 6.89 -21.76 19.90
C LEU G 487 7.19 -21.34 18.48
N SER G 488 8.19 -21.97 17.86
CA SER G 488 8.53 -21.75 16.46
C SER G 488 8.12 -22.96 15.63
N PHE G 489 7.34 -22.72 14.59
CA PHE G 489 6.58 -23.75 13.89
C PHE G 489 7.17 -24.05 12.53
N GLU G 490 7.23 -25.32 12.18
CA GLU G 490 7.92 -25.81 11.00
C GLU G 490 6.96 -26.33 9.93
N LEU G 491 7.10 -25.81 8.71
CA LEU G 491 6.19 -26.02 7.59
C LEU G 491 6.91 -26.56 6.35
N LEU G 492 7.82 -27.51 6.56
CA LEU G 492 8.47 -28.23 5.47
C LEU G 492 7.50 -29.20 4.79
N HIS G 493 7.89 -29.74 3.62
CA HIS G 493 7.03 -30.63 2.81
C HIS G 493 6.96 -32.07 3.32
N ALA G 494 7.70 -32.40 4.38
CA ALA G 494 7.57 -33.72 5.01
C ALA G 494 6.17 -33.92 5.61
N PRO G 495 5.76 -35.16 5.90
CA PRO G 495 4.54 -35.43 6.65
C PRO G 495 4.55 -34.72 8.01
N ALA G 496 3.41 -34.15 8.42
CA ALA G 496 3.29 -33.47 9.71
C ALA G 496 3.52 -34.46 10.86
N THR G 497 4.06 -33.98 11.99
CA THR G 497 4.21 -34.80 13.20
C THR G 497 3.56 -34.18 14.44
N VAL G 498 3.43 -32.85 14.51
CA VAL G 498 2.69 -32.14 15.56
C VAL G 498 1.43 -31.60 14.93
N CYS G 499 0.24 -31.99 15.40
CA CYS G 499 -1.05 -31.48 14.88
C CYS G 499 -2.03 -31.11 15.99
N GLY G 500 -2.94 -30.17 15.73
CA GLY G 500 -4.06 -29.89 16.64
C GLY G 500 -5.02 -31.08 16.78
N PRO G 501 -5.99 -31.03 17.70
CA PRO G 501 -6.88 -32.15 18.01
C PRO G 501 -8.01 -32.31 16.97
N LYS G 502 -7.72 -32.06 15.69
CA LYS G 502 -8.62 -32.23 14.55
C LYS G 502 -8.93 -33.73 14.35
N LYS G 503 -10.17 -34.07 14.00
CA LYS G 503 -10.63 -35.47 13.87
C LYS G 503 -10.86 -35.83 12.41
N SER G 504 -10.18 -36.85 11.90
CA SER G 504 -10.29 -37.27 10.51
C SER G 504 -11.65 -37.85 10.17
N THR G 505 -12.20 -37.51 9.01
CA THR G 505 -13.31 -38.24 8.39
C THR G 505 -12.79 -39.47 7.65
N ASN G 506 -13.70 -40.26 7.11
CA ASN G 506 -13.38 -41.14 5.99
C ASN G 506 -12.99 -40.32 4.75
N LEU G 507 -12.30 -40.92 3.78
CA LEU G 507 -12.01 -40.30 2.48
C LEU G 507 -13.20 -40.43 1.52
N VAL G 508 -13.36 -39.48 0.60
CA VAL G 508 -14.41 -39.45 -0.43
C VAL G 508 -13.78 -39.15 -1.77
N LYS G 509 -14.21 -39.79 -2.85
CA LYS G 509 -13.56 -39.75 -4.17
C LYS G 509 -14.55 -39.47 -5.29
N ASN G 510 -14.05 -38.94 -6.40
CA ASN G 510 -14.81 -38.60 -7.62
C ASN G 510 -15.90 -37.53 -7.44
N LYS G 511 -15.94 -36.83 -6.31
CA LYS G 511 -16.98 -35.86 -5.95
C LYS G 511 -16.36 -34.54 -5.50
N CYS G 512 -16.93 -33.40 -5.90
CA CYS G 512 -16.44 -32.08 -5.50
C CYS G 512 -16.66 -31.90 -3.99
N VAL G 513 -15.57 -31.74 -3.24
CA VAL G 513 -15.57 -31.70 -1.79
C VAL G 513 -14.59 -30.66 -1.28
N ASN G 514 -14.87 -30.16 -0.09
CA ASN G 514 -13.93 -29.43 0.72
C ASN G 514 -12.99 -30.44 1.37
N PHE G 515 -11.72 -30.09 1.56
CA PHE G 515 -10.75 -30.97 2.18
C PHE G 515 -9.70 -30.22 3.01
N ASN G 516 -9.06 -30.97 3.89
CA ASN G 516 -7.88 -30.59 4.63
C ASN G 516 -6.97 -31.82 4.82
N PHE G 517 -5.76 -31.79 4.28
CA PHE G 517 -4.75 -32.84 4.51
C PHE G 517 -3.58 -32.29 5.33
N ASN G 518 -3.42 -32.73 6.58
CA ASN G 518 -2.35 -32.26 7.50
C ASN G 518 -2.25 -30.71 7.68
N GLY G 519 -3.28 -29.95 7.32
CA GLY G 519 -3.25 -28.48 7.26
C GLY G 519 -3.31 -27.89 5.86
N LEU G 520 -3.04 -28.65 4.79
CA LEU G 520 -3.31 -28.25 3.42
C LEU G 520 -4.82 -28.14 3.20
N THR G 521 -5.37 -26.94 3.40
CA THR G 521 -6.77 -26.64 3.12
C THR G 521 -7.02 -26.39 1.63
N GLY G 522 -8.17 -26.81 1.11
CA GLY G 522 -8.56 -26.57 -0.27
C GLY G 522 -9.97 -27.06 -0.60
N THR G 523 -10.32 -27.10 -1.88
CA THR G 523 -11.56 -27.71 -2.40
C THR G 523 -11.36 -28.22 -3.81
N GLY G 524 -11.90 -29.39 -4.12
CA GLY G 524 -11.66 -30.05 -5.40
C GLY G 524 -12.24 -31.46 -5.46
N VAL G 525 -11.99 -32.14 -6.57
CA VAL G 525 -12.42 -33.51 -6.86
C VAL G 525 -11.27 -34.46 -6.57
N LEU G 526 -11.24 -35.01 -5.35
CA LEU G 526 -10.24 -35.99 -4.96
C LEU G 526 -10.42 -37.26 -5.80
N THR G 527 -9.42 -37.74 -6.51
CA THR G 527 -9.47 -39.06 -7.18
C THR G 527 -8.17 -39.80 -7.03
N GLU G 528 -8.22 -41.11 -6.79
CA GLU G 528 -7.00 -41.93 -6.80
C GLU G 528 -6.38 -41.99 -8.20
N SER G 529 -5.05 -42.09 -8.25
CA SER G 529 -4.26 -41.69 -9.42
C SER G 529 -3.06 -42.59 -9.72
N ASN G 530 -2.53 -42.47 -10.93
CA ASN G 530 -1.36 -43.17 -11.43
C ASN G 530 -0.07 -42.33 -11.40
N LYS G 531 -0.10 -41.12 -10.82
CA LYS G 531 1.11 -40.32 -10.58
C LYS G 531 1.93 -40.97 -9.49
N LYS G 532 3.01 -41.65 -9.88
CA LYS G 532 3.81 -42.49 -9.00
C LYS G 532 4.77 -41.66 -8.15
N PHE G 533 4.33 -41.26 -6.96
CA PHE G 533 5.22 -40.62 -6.00
C PHE G 533 6.40 -41.54 -5.68
N LEU G 534 7.59 -40.96 -5.61
CA LEU G 534 8.73 -41.65 -5.01
C LEU G 534 8.52 -41.69 -3.49
N PRO G 535 8.98 -42.73 -2.78
CA PRO G 535 8.53 -43.03 -1.41
C PRO G 535 8.64 -41.91 -0.37
N PHE G 536 9.54 -40.94 -0.57
CA PHE G 536 9.74 -39.80 0.32
C PHE G 536 8.78 -38.62 0.07
N GLN G 537 8.18 -38.51 -1.12
CA GLN G 537 7.39 -37.34 -1.54
C GLN G 537 5.99 -37.34 -0.90
N GLN G 538 5.47 -36.17 -0.55
CA GLN G 538 4.21 -36.06 0.20
C GLN G 538 3.17 -35.10 -0.41
N PHE G 539 3.54 -34.31 -1.41
CA PHE G 539 2.64 -33.49 -2.22
C PHE G 539 3.10 -33.59 -3.67
N GLY G 540 2.25 -33.21 -4.61
CA GLY G 540 2.60 -33.06 -6.00
C GLY G 540 2.09 -31.73 -6.53
N ARG G 541 2.83 -31.13 -7.47
CA ARG G 541 2.57 -29.74 -7.89
C ARG G 541 2.68 -29.54 -9.40
N ASP G 542 2.19 -28.39 -9.86
CA ASP G 542 2.24 -27.94 -11.25
C ASP G 542 2.52 -26.43 -11.32
N ILE G 543 2.67 -25.86 -12.52
CA ILE G 543 3.20 -24.51 -12.83
C ILE G 543 2.81 -23.43 -11.81
N ALA G 544 1.54 -23.36 -11.43
CA ALA G 544 1.00 -22.36 -10.52
C ALA G 544 1.50 -22.42 -9.06
N ASP G 545 2.25 -23.46 -8.68
CA ASP G 545 2.51 -23.85 -7.27
C ASP G 545 1.25 -24.30 -6.53
N THR G 546 0.27 -24.82 -7.28
CA THR G 546 -0.95 -25.48 -6.82
C THR G 546 -0.69 -26.95 -6.55
N THR G 547 -1.27 -27.47 -5.46
CA THR G 547 -1.16 -28.88 -5.08
C THR G 547 -2.01 -29.77 -5.98
N ASP G 548 -1.47 -30.15 -7.13
CA ASP G 548 -2.10 -31.00 -8.12
C ASP G 548 -2.28 -32.45 -7.65
N ALA G 549 -1.56 -32.90 -6.63
CA ALA G 549 -1.74 -34.23 -6.05
C ALA G 549 -1.35 -34.27 -4.57
N VAL G 550 -1.85 -35.24 -3.82
CA VAL G 550 -1.43 -35.52 -2.44
C VAL G 550 -1.32 -37.01 -2.22
N ARG G 551 -0.66 -37.40 -1.14
CA ARG G 551 -0.68 -38.76 -0.63
C ARG G 551 -1.44 -38.76 0.69
N ASP G 552 -2.46 -39.59 0.82
CA ASP G 552 -3.28 -39.59 2.04
C ASP G 552 -2.42 -39.96 3.27
N PRO G 553 -2.55 -39.25 4.41
CA PRO G 553 -1.66 -39.43 5.56
C PRO G 553 -1.91 -40.66 6.43
N GLN G 554 -2.97 -41.43 6.19
CA GLN G 554 -3.28 -42.66 6.92
C GLN G 554 -3.16 -43.89 6.03
N THR G 555 -3.66 -43.80 4.80
CA THR G 555 -3.50 -44.83 3.78
C THR G 555 -2.79 -44.22 2.58
N LEU G 556 -1.61 -44.73 2.26
CA LEU G 556 -0.60 -43.96 1.53
C LEU G 556 -0.80 -43.98 0.00
N GLU G 557 -2.05 -43.94 -0.46
CA GLU G 557 -2.42 -43.84 -1.87
C GLU G 557 -2.35 -42.41 -2.41
N ILE G 558 -2.10 -42.27 -3.71
CA ILE G 558 -1.88 -40.97 -4.34
C ILE G 558 -3.17 -40.47 -4.97
N LEU G 559 -3.60 -39.28 -4.58
CA LEU G 559 -4.80 -38.63 -5.09
C LEU G 559 -4.42 -37.47 -6.00
N ASP G 560 -4.97 -37.43 -7.22
CA ASP G 560 -5.15 -36.19 -7.96
C ASP G 560 -6.09 -35.25 -7.20
N ILE G 561 -6.02 -33.96 -7.46
CA ILE G 561 -6.99 -32.96 -6.97
C ILE G 561 -7.45 -32.11 -8.17
N THR G 562 -8.29 -32.69 -9.02
CA THR G 562 -8.87 -32.02 -10.19
C THR G 562 -9.85 -30.91 -9.73
N PRO G 563 -10.01 -29.78 -10.43
CA PRO G 563 -10.88 -28.68 -9.97
C PRO G 563 -12.36 -29.07 -9.88
N CYS G 564 -13.13 -28.47 -8.97
CA CYS G 564 -14.59 -28.54 -9.05
C CYS G 564 -15.10 -27.91 -10.35
N SER G 565 -16.14 -28.45 -10.94
CA SER G 565 -16.62 -28.05 -12.28
C SER G 565 -17.05 -26.57 -12.28
N PHE G 566 -16.48 -25.75 -13.16
CA PHE G 566 -16.70 -24.31 -13.20
C PHE G 566 -16.73 -23.76 -14.62
N GLY G 567 -17.41 -22.64 -14.82
CA GLY G 567 -17.43 -21.92 -16.09
C GLY G 567 -18.42 -20.76 -16.13
N GLY G 568 -18.20 -19.80 -17.02
CA GLY G 568 -19.08 -18.65 -17.18
C GLY G 568 -20.53 -19.04 -17.50
N VAL G 569 -21.46 -18.25 -17.00
CA VAL G 569 -22.88 -18.36 -17.29
C VAL G 569 -23.23 -17.25 -18.25
N SER G 570 -23.68 -17.59 -19.44
CA SER G 570 -24.05 -16.60 -20.44
C SER G 570 -25.52 -16.73 -20.79
N VAL G 571 -26.24 -15.62 -20.78
CA VAL G 571 -27.68 -15.60 -21.05
C VAL G 571 -27.91 -15.17 -22.49
N ILE G 572 -28.45 -16.07 -23.29
CA ILE G 572 -28.86 -15.81 -24.65
C ILE G 572 -30.24 -15.19 -24.57
N THR G 573 -30.41 -14.02 -25.15
CA THR G 573 -31.69 -13.33 -25.15
C THR G 573 -31.96 -12.68 -26.49
N PRO G 574 -33.18 -12.77 -27.05
CA PRO G 574 -33.63 -11.81 -28.03
C PRO G 574 -33.75 -10.44 -27.36
N GLY G 575 -34.07 -9.39 -28.10
CA GLY G 575 -34.36 -8.11 -27.44
C GLY G 575 -35.48 -8.21 -26.41
N THR G 576 -35.40 -7.50 -25.29
CA THR G 576 -36.56 -7.32 -24.38
C THR G 576 -37.73 -6.70 -25.12
N ASN G 577 -37.42 -5.87 -26.11
CA ASN G 577 -38.32 -5.32 -27.12
C ASN G 577 -38.71 -6.37 -28.20
N THR G 578 -38.88 -7.62 -27.79
CA THR G 578 -39.28 -8.78 -28.62
C THR G 578 -39.80 -9.92 -27.74
N SER G 579 -39.05 -10.35 -26.72
CA SER G 579 -39.54 -11.35 -25.76
C SER G 579 -38.80 -11.29 -24.44
N ASN G 580 -39.43 -11.77 -23.37
CA ASN G 580 -38.80 -11.94 -22.07
C ASN G 580 -38.28 -13.38 -21.82
N GLN G 581 -38.30 -14.25 -22.84
CA GLN G 581 -37.78 -15.61 -22.75
C GLN G 581 -36.25 -15.65 -22.99
N VAL G 582 -35.51 -16.45 -22.21
CA VAL G 582 -34.04 -16.56 -22.29
C VAL G 582 -33.57 -18.01 -22.19
N ALA G 583 -32.39 -18.28 -22.74
CA ALA G 583 -31.69 -19.56 -22.65
C ALA G 583 -30.29 -19.36 -22.03
N VAL G 584 -29.78 -20.31 -21.27
CA VAL G 584 -28.52 -20.16 -20.55
C VAL G 584 -27.46 -21.15 -21.03
N LEU G 585 -26.32 -20.65 -21.49
CA LEU G 585 -25.13 -21.44 -21.76
C LEU G 585 -24.25 -21.49 -20.51
N TYR G 586 -24.12 -22.65 -19.90
CA TYR G 586 -23.10 -22.91 -18.89
C TYR G 586 -21.80 -23.33 -19.58
N GLN G 587 -20.82 -22.44 -19.66
CA GLN G 587 -19.62 -22.64 -20.47
C GLN G 587 -18.83 -23.87 -20.01
N ASP G 588 -18.45 -24.72 -20.95
CA ASP G 588 -17.60 -25.92 -20.81
C ASP G 588 -18.02 -27.02 -19.83
N VAL G 589 -18.81 -26.75 -18.78
CA VAL G 589 -19.29 -27.79 -17.87
C VAL G 589 -20.22 -28.78 -18.58
N ASN G 590 -20.41 -29.94 -17.96
CA ASN G 590 -21.24 -31.01 -18.49
C ASN G 590 -22.61 -30.95 -17.81
N CYS G 591 -23.68 -31.13 -18.57
CA CYS G 591 -25.06 -30.98 -18.05
C CYS G 591 -25.33 -31.82 -16.80
N THR G 592 -24.60 -32.93 -16.64
CA THR G 592 -24.54 -33.77 -15.45
C THR G 592 -24.27 -33.02 -14.13
N GLU G 593 -23.53 -31.91 -14.14
CA GLU G 593 -23.31 -31.06 -12.96
C GLU G 593 -24.40 -30.01 -12.70
N VAL G 594 -25.17 -29.63 -13.71
CA VAL G 594 -25.85 -28.33 -13.70
C VAL G 594 -27.08 -28.32 -12.79
N ASN G 615 -35.90 -27.25 -22.25
CA ASN G 615 -35.09 -28.38 -22.67
C ASN G 615 -33.61 -28.22 -22.28
N VAL G 616 -32.78 -29.23 -22.53
CA VAL G 616 -31.33 -29.23 -22.25
C VAL G 616 -30.55 -29.89 -23.39
N PHE G 617 -29.38 -29.35 -23.75
CA PHE G 617 -28.55 -29.78 -24.87
C PHE G 617 -27.06 -29.52 -24.59
N GLN G 618 -26.22 -30.54 -24.60
CA GLN G 618 -24.77 -30.36 -24.47
C GLN G 618 -24.13 -29.98 -25.81
N THR G 619 -23.40 -28.87 -25.84
CA THR G 619 -22.50 -28.49 -26.95
C THR G 619 -21.04 -28.53 -26.50
N ARG G 620 -20.09 -28.45 -27.45
CA ARG G 620 -18.66 -28.34 -27.12
C ARG G 620 -18.30 -27.03 -26.42
N ALA G 621 -19.12 -25.98 -26.59
CA ALA G 621 -19.00 -24.72 -25.87
C ALA G 621 -19.56 -24.79 -24.44
N GLY G 622 -20.40 -25.77 -24.13
CA GLY G 622 -20.99 -25.96 -22.81
C GLY G 622 -22.41 -26.50 -22.82
N CYS G 623 -22.93 -26.79 -21.63
CA CYS G 623 -24.30 -27.23 -21.47
C CYS G 623 -25.27 -26.08 -21.67
N LEU G 624 -26.22 -26.21 -22.58
CA LEU G 624 -27.17 -25.16 -22.91
C LEU G 624 -28.57 -25.56 -22.45
N ILE G 625 -29.22 -24.67 -21.73
CA ILE G 625 -30.48 -24.90 -21.03
C ILE G 625 -31.52 -23.89 -21.50
N GLY G 626 -32.75 -24.33 -21.73
CA GLY G 626 -33.84 -23.46 -22.16
C GLY G 626 -33.79 -23.06 -23.63
N ALA G 627 -32.85 -23.59 -24.41
CA ALA G 627 -32.92 -23.56 -25.86
C ALA G 627 -33.21 -24.95 -26.43
N GLU G 628 -34.11 -24.98 -27.40
CA GLU G 628 -34.49 -26.17 -28.16
C GLU G 628 -33.42 -26.48 -29.22
N HIS G 629 -32.77 -27.64 -29.14
CA HIS G 629 -31.89 -28.09 -30.21
C HIS G 629 -32.67 -28.26 -31.52
N VAL G 630 -32.04 -27.88 -32.63
CA VAL G 630 -32.61 -27.92 -33.97
C VAL G 630 -31.64 -28.52 -34.99
N ASN G 631 -32.15 -29.33 -35.91
CA ASN G 631 -31.38 -29.94 -37.00
C ASN G 631 -31.29 -29.09 -38.27
N ASN G 632 -32.17 -28.09 -38.45
CA ASN G 632 -32.01 -27.09 -39.51
C ASN G 632 -30.72 -26.28 -39.31
N SER G 633 -30.23 -25.65 -40.38
CA SER G 633 -29.05 -24.78 -40.35
C SER G 633 -29.37 -23.40 -40.93
N TYR G 634 -29.77 -22.45 -40.09
CA TYR G 634 -29.98 -21.05 -40.49
C TYR G 634 -28.67 -20.27 -40.56
N GLU G 635 -28.69 -19.06 -41.11
CA GLU G 635 -27.63 -18.08 -40.85
C GLU G 635 -27.46 -17.84 -39.34
N CYS G 636 -26.29 -17.42 -38.89
CA CYS G 636 -26.04 -17.24 -37.48
C CYS G 636 -26.77 -16.00 -36.94
N ASP G 637 -27.60 -16.21 -35.91
CA ASP G 637 -28.13 -15.14 -35.08
C ASP G 637 -27.19 -14.87 -33.88
N ILE G 638 -27.62 -15.12 -32.64
CA ILE G 638 -26.76 -14.90 -31.46
C ILE G 638 -25.68 -15.99 -31.47
N PRO G 639 -24.38 -15.67 -31.48
CA PRO G 639 -23.36 -16.71 -31.60
C PRO G 639 -23.00 -17.31 -30.24
N ILE G 640 -23.19 -18.62 -30.06
CA ILE G 640 -22.88 -19.36 -28.83
C ILE G 640 -21.43 -19.84 -28.79
N GLY G 641 -20.91 -20.33 -29.90
CA GLY G 641 -19.56 -20.90 -29.94
C GLY G 641 -19.52 -22.33 -30.45
N ALA G 642 -18.35 -22.81 -30.84
CA ALA G 642 -18.14 -24.13 -31.41
C ALA G 642 -19.14 -24.48 -32.53
N GLY G 643 -19.46 -23.50 -33.38
CA GLY G 643 -20.39 -23.64 -34.49
C GLY G 643 -21.87 -23.50 -34.16
N ILE G 644 -22.24 -23.17 -32.92
CA ILE G 644 -23.63 -23.06 -32.51
C ILE G 644 -24.08 -21.60 -32.51
N CYS G 645 -25.25 -21.31 -33.06
CA CYS G 645 -25.94 -20.04 -32.91
C CYS G 645 -27.37 -20.26 -32.43
N ALA G 646 -27.99 -19.24 -31.85
CA ALA G 646 -29.33 -19.33 -31.29
C ALA G 646 -30.18 -18.13 -31.68
N SER G 647 -31.50 -18.31 -31.74
CA SER G 647 -32.46 -17.21 -31.89
C SER G 647 -33.88 -17.59 -31.53
N TYR G 648 -34.69 -16.58 -31.24
CA TYR G 648 -36.11 -16.68 -30.96
C TYR G 648 -36.90 -16.86 -32.25
N GLN G 649 -37.48 -18.04 -32.48
CA GLN G 649 -38.12 -18.44 -33.74
C GLN G 649 -39.28 -19.40 -33.49
N THR G 650 -40.15 -19.62 -34.49
CA THR G 650 -41.28 -20.56 -34.40
C THR G 650 -40.81 -22.03 -34.31
N SER G 663 -46.15 -18.89 -30.35
CA SER G 663 -45.58 -20.20 -30.68
C SER G 663 -44.04 -20.22 -30.71
N GLN G 664 -43.40 -19.07 -30.58
CA GLN G 664 -41.95 -18.89 -30.71
C GLN G 664 -41.19 -19.31 -29.45
N SER G 665 -39.98 -19.84 -29.62
CA SER G 665 -39.04 -20.15 -28.54
C SER G 665 -37.60 -20.02 -29.01
N ILE G 666 -36.64 -19.93 -28.07
CA ILE G 666 -35.22 -19.92 -28.45
C ILE G 666 -34.81 -21.30 -28.96
N ILE G 667 -34.43 -21.38 -30.24
CA ILE G 667 -33.72 -22.52 -30.80
C ILE G 667 -32.22 -22.37 -30.60
N ALA G 668 -31.44 -23.45 -30.71
CA ALA G 668 -29.99 -23.44 -30.90
C ALA G 668 -29.56 -24.49 -31.92
N TYR G 669 -28.67 -24.16 -32.84
CA TYR G 669 -28.45 -24.94 -34.06
C TYR G 669 -27.03 -24.80 -34.58
N THR G 670 -26.55 -25.79 -35.34
CA THR G 670 -25.30 -25.67 -36.09
C THR G 670 -25.47 -24.63 -37.19
N MET G 671 -24.67 -23.57 -37.15
CA MET G 671 -24.82 -22.42 -38.04
C MET G 671 -24.55 -22.79 -39.49
N SER G 672 -25.35 -22.25 -40.39
CA SER G 672 -24.99 -22.24 -41.80
C SER G 672 -23.86 -21.25 -41.99
N LEU G 673 -22.77 -21.70 -42.61
CA LEU G 673 -21.71 -20.79 -43.05
C LEU G 673 -22.10 -20.05 -44.34
N GLY G 674 -23.20 -20.45 -44.95
CA GLY G 674 -23.75 -19.89 -46.18
C GLY G 674 -24.47 -20.97 -46.98
N ALA G 675 -25.23 -20.57 -47.99
CA ALA G 675 -25.87 -21.52 -48.90
C ALA G 675 -24.80 -22.32 -49.65
N GLU G 676 -24.76 -23.64 -49.49
CA GLU G 676 -23.81 -24.44 -50.25
C GLU G 676 -24.13 -24.40 -51.74
N ASN G 677 -23.11 -24.20 -52.56
CA ASN G 677 -23.27 -24.02 -54.00
C ASN G 677 -22.24 -24.86 -54.75
N SER G 678 -22.68 -25.83 -55.54
CA SER G 678 -21.85 -26.48 -56.54
C SER G 678 -21.70 -25.56 -57.76
N VAL G 679 -20.57 -24.87 -57.91
CA VAL G 679 -20.32 -24.03 -59.08
C VAL G 679 -20.29 -24.91 -60.32
N ALA G 680 -20.92 -24.55 -61.42
CA ALA G 680 -21.09 -25.40 -62.59
C ALA G 680 -19.85 -25.50 -63.50
N TYR G 681 -18.67 -25.70 -62.92
CA TYR G 681 -17.39 -25.65 -63.63
C TYR G 681 -17.27 -26.65 -64.78
N SER G 682 -16.53 -26.28 -65.81
CA SER G 682 -15.87 -27.20 -66.72
C SER G 682 -14.72 -26.49 -67.42
N ASN G 683 -13.84 -27.25 -68.06
CA ASN G 683 -12.82 -26.76 -68.98
C ASN G 683 -13.30 -25.90 -70.17
N ASN G 684 -14.60 -25.74 -70.40
CA ASN G 684 -15.12 -24.94 -71.51
C ASN G 684 -16.41 -24.18 -71.18
N SER G 685 -16.83 -24.08 -69.92
CA SER G 685 -18.03 -23.35 -69.53
C SER G 685 -17.68 -22.02 -68.85
N ILE G 686 -18.30 -20.93 -69.29
CA ILE G 686 -18.18 -19.61 -68.65
C ILE G 686 -19.54 -19.01 -68.35
N ALA G 687 -19.70 -18.34 -67.21
CA ALA G 687 -20.90 -17.55 -66.94
C ALA G 687 -20.59 -16.06 -67.09
N ILE G 688 -21.19 -15.37 -68.05
CA ILE G 688 -21.02 -13.92 -68.22
C ILE G 688 -22.30 -13.20 -67.81
N PRO G 689 -22.26 -12.20 -66.92
CA PRO G 689 -23.41 -11.41 -66.55
C PRO G 689 -23.85 -10.55 -67.71
N THR G 690 -25.14 -10.54 -68.01
CA THR G 690 -25.80 -9.69 -69.01
C THR G 690 -26.27 -8.35 -68.46
N ASN G 691 -26.21 -8.15 -67.13
CA ASN G 691 -26.78 -6.98 -66.47
C ASN G 691 -26.12 -6.78 -65.11
N PHE G 692 -26.30 -5.59 -64.56
CA PHE G 692 -25.68 -5.07 -63.35
C PHE G 692 -26.71 -4.53 -62.37
N THR G 693 -26.27 -4.32 -61.15
CA THR G 693 -26.93 -3.47 -60.18
C THR G 693 -25.88 -2.51 -59.66
N ILE G 694 -26.20 -1.22 -59.62
CA ILE G 694 -25.28 -0.17 -59.19
C ILE G 694 -25.49 0.10 -57.71
N SER G 695 -25.17 -0.90 -56.90
CA SER G 695 -25.37 -0.90 -55.46
C SER G 695 -24.66 0.27 -54.77
N VAL G 696 -25.22 0.81 -53.68
CA VAL G 696 -24.62 1.91 -52.91
C VAL G 696 -24.29 1.44 -51.50
N THR G 697 -23.38 0.48 -51.39
CA THR G 697 -23.03 -0.07 -50.08
C THR G 697 -22.52 1.02 -49.15
N THR G 698 -22.93 1.01 -47.90
CA THR G 698 -22.62 2.09 -46.95
C THR G 698 -21.60 1.62 -45.94
N GLU G 699 -20.42 2.23 -45.91
CA GLU G 699 -19.39 1.88 -44.93
C GLU G 699 -19.23 2.98 -43.90
N ILE G 700 -19.36 2.64 -42.64
CA ILE G 700 -19.25 3.56 -41.53
C ILE G 700 -17.90 3.35 -40.86
N LEU G 701 -17.15 4.40 -40.53
CA LEU G 701 -15.84 4.34 -39.87
C LEU G 701 -15.73 5.38 -38.76
N PRO G 702 -15.21 5.05 -37.58
CA PRO G 702 -14.78 6.06 -36.62
C PRO G 702 -13.67 6.94 -37.23
N VAL G 703 -13.46 8.15 -36.72
CA VAL G 703 -12.40 9.05 -37.20
C VAL G 703 -11.75 9.69 -36.01
N SER G 704 -12.33 10.73 -35.46
CA SER G 704 -11.97 11.14 -34.11
C SER G 704 -12.70 10.24 -33.13
N MET G 705 -12.40 10.44 -31.86
CA MET G 705 -13.28 10.12 -30.77
C MET G 705 -13.36 11.35 -29.89
N THR G 706 -14.28 11.38 -28.94
CA THR G 706 -14.48 12.52 -28.03
C THR G 706 -13.14 13.01 -27.47
N LYS G 707 -12.74 14.26 -27.72
CA LYS G 707 -11.52 14.87 -27.14
C LYS G 707 -11.68 15.07 -25.64
N THR G 708 -11.51 14.02 -24.87
CA THR G 708 -11.52 14.17 -23.42
C THR G 708 -10.26 14.85 -22.96
N SER G 709 -10.33 15.54 -21.84
CA SER G 709 -9.15 15.90 -21.06
C SER G 709 -9.51 15.81 -19.58
N VAL G 710 -8.56 15.42 -18.75
CA VAL G 710 -8.83 15.08 -17.36
C VAL G 710 -7.75 15.70 -16.51
N ASP G 711 -8.06 16.79 -15.82
CA ASP G 711 -7.14 17.39 -14.85
C ASP G 711 -6.92 16.40 -13.71
N CYS G 712 -5.80 15.70 -13.71
CA CYS G 712 -5.51 14.70 -12.69
C CYS G 712 -5.29 15.26 -11.31
N THR G 713 -4.96 16.53 -11.12
CA THR G 713 -5.02 17.10 -9.76
C THR G 713 -6.46 17.24 -9.32
N MET G 714 -7.35 17.70 -10.19
CA MET G 714 -8.76 17.85 -9.83
C MET G 714 -9.47 16.50 -9.71
N TYR G 715 -9.19 15.53 -10.57
CA TYR G 715 -9.73 14.16 -10.48
C TYR G 715 -9.27 13.46 -9.19
N ILE G 716 -7.97 13.47 -8.91
CA ILE G 716 -7.42 12.73 -7.76
C ILE G 716 -7.74 13.47 -6.46
N CYS G 717 -7.51 14.78 -6.42
CA CYS G 717 -7.47 15.57 -5.19
C CYS G 717 -8.56 16.63 -5.02
N GLY G 718 -9.28 17.04 -6.07
CA GLY G 718 -10.45 17.93 -5.98
C GLY G 718 -10.30 19.14 -5.04
N ASP G 719 -9.20 19.88 -5.14
CA ASP G 719 -8.86 21.04 -4.30
C ASP G 719 -8.59 20.77 -2.80
N SER G 720 -8.30 19.55 -2.38
CA SER G 720 -7.55 19.31 -1.14
C SER G 720 -6.08 19.69 -1.35
N THR G 721 -5.59 20.66 -0.59
CA THR G 721 -4.15 20.98 -0.58
C THR G 721 -3.33 19.82 -0.03
N GLU G 722 -3.86 19.11 0.96
CA GLU G 722 -3.24 17.95 1.58
C GLU G 722 -2.97 16.86 0.55
N CYS G 723 -3.99 16.52 -0.24
CA CYS G 723 -3.84 15.60 -1.35
C CYS G 723 -2.93 16.15 -2.43
N SER G 724 -3.07 17.41 -2.82
CA SER G 724 -2.24 17.97 -3.90
C SER G 724 -0.75 17.98 -3.53
N ASN G 725 -0.41 18.16 -2.26
CA ASN G 725 0.95 17.95 -1.78
C ASN G 725 1.36 16.48 -1.87
N LEU G 726 0.57 15.54 -1.32
CA LEU G 726 0.90 14.11 -1.38
C LEU G 726 1.09 13.62 -2.82
N LEU G 727 0.32 14.13 -3.77
CA LEU G 727 0.48 13.77 -5.17
C LEU G 727 1.83 14.22 -5.76
N LEU G 728 2.54 15.20 -5.20
CA LEU G 728 3.92 15.53 -5.63
C LEU G 728 4.93 14.44 -5.23
N GLN G 729 4.68 13.65 -4.19
CA GLN G 729 5.56 12.55 -3.84
C GLN G 729 5.59 11.49 -4.92
N TYR G 730 4.47 11.24 -5.59
CA TYR G 730 4.37 10.39 -6.79
C TYR G 730 4.99 11.04 -8.02
N GLY G 731 5.54 12.23 -7.90
CA GLY G 731 6.29 12.89 -8.95
C GLY G 731 5.45 13.26 -10.17
N SER G 732 6.05 13.09 -11.34
CA SER G 732 5.52 13.50 -12.63
C SER G 732 4.39 12.64 -13.17
N PHE G 733 3.75 11.77 -12.39
CA PHE G 733 2.63 10.98 -12.91
C PHE G 733 1.52 11.87 -13.45
N CYS G 734 1.03 12.84 -12.70
CA CYS G 734 -0.04 13.69 -13.22
C CYS G 734 0.39 14.47 -14.46
N THR G 735 1.57 15.08 -14.50
CA THR G 735 2.01 15.79 -15.71
C THR G 735 2.22 14.86 -16.91
N GLN G 736 2.70 13.63 -16.73
CA GLN G 736 2.84 12.71 -17.86
C GLN G 736 1.50 12.10 -18.30
N LEU G 737 0.50 12.01 -17.43
CA LEU G 737 -0.88 11.66 -17.80
C LEU G 737 -1.53 12.80 -18.60
N ASN G 738 -1.44 14.05 -18.13
CA ASN G 738 -1.90 15.22 -18.88
C ASN G 738 -1.22 15.31 -20.24
N ARG G 739 0.07 15.01 -20.33
CA ARG G 739 0.79 14.94 -21.61
C ARG G 739 0.17 13.91 -22.53
N ALA G 740 -0.10 12.71 -22.02
CA ALA G 740 -0.59 11.60 -22.82
C ALA G 740 -2.01 11.82 -23.33
N LEU G 741 -2.93 12.27 -22.48
CA LEU G 741 -4.27 12.68 -22.88
C LEU G 741 -4.24 13.88 -23.81
N THR G 742 -3.31 14.81 -23.66
CA THR G 742 -3.16 15.89 -24.65
C THR G 742 -2.69 15.33 -25.98
N GLY G 743 -1.77 14.37 -26.01
CA GLY G 743 -1.38 13.66 -27.23
C GLY G 743 -2.57 12.99 -27.90
N ILE G 744 -3.42 12.31 -27.14
CA ILE G 744 -4.68 11.74 -27.62
C ILE G 744 -5.58 12.85 -28.16
N ALA G 745 -5.76 13.94 -27.43
CA ALA G 745 -6.66 15.00 -27.80
C ALA G 745 -6.20 15.67 -29.10
N VAL G 746 -4.95 16.08 -29.19
CA VAL G 746 -4.36 16.66 -30.40
C VAL G 746 -4.52 15.71 -31.57
N GLU G 747 -4.25 14.42 -31.40
CA GLU G 747 -4.38 13.52 -32.53
C GLU G 747 -5.84 13.31 -32.96
N GLN G 748 -6.86 13.66 -32.18
CA GLN G 748 -8.24 13.66 -32.69
C GLN G 748 -8.43 14.75 -33.73
N ASP G 749 -7.90 15.94 -33.49
CA ASP G 749 -7.87 16.98 -34.49
C ASP G 749 -6.99 16.59 -35.67
N LYS G 750 -5.87 15.91 -35.45
CA LYS G 750 -5.05 15.36 -36.54
C LYS G 750 -5.81 14.34 -37.37
N ASN G 751 -6.49 13.39 -36.75
CA ASN G 751 -7.30 12.38 -37.42
C ASN G 751 -8.32 13.07 -38.32
N THR G 752 -9.02 14.05 -37.76
CA THR G 752 -10.10 14.74 -38.44
C THR G 752 -9.58 15.55 -39.62
N GLN G 753 -8.45 16.23 -39.43
CA GLN G 753 -7.77 17.02 -40.45
C GLN G 753 -7.28 16.14 -41.60
N GLU G 754 -6.67 14.99 -41.31
CA GLU G 754 -6.13 14.08 -42.31
C GLU G 754 -7.23 13.34 -43.08
N VAL G 755 -8.37 13.09 -42.44
CA VAL G 755 -9.52 12.49 -43.09
C VAL G 755 -10.24 13.48 -43.98
N PHE G 756 -10.69 14.62 -43.45
CA PHE G 756 -11.55 15.56 -44.19
C PHE G 756 -10.78 16.64 -44.93
N ALA G 757 -9.75 17.22 -44.35
CA ALA G 757 -9.04 18.37 -44.93
C ALA G 757 -8.05 17.95 -46.03
N GLN G 758 -8.33 16.86 -46.73
CA GLN G 758 -7.57 16.42 -47.90
C GLN G 758 -7.72 17.38 -49.09
N VAL G 759 -8.65 18.32 -49.01
CA VAL G 759 -8.89 19.33 -50.02
C VAL G 759 -8.49 20.72 -49.50
N LYS G 760 -7.63 21.42 -50.24
CA LYS G 760 -7.05 22.72 -49.79
C LYS G 760 -7.95 23.92 -50.01
N GLN G 761 -9.02 23.76 -50.78
CA GLN G 761 -10.04 24.76 -51.07
C GLN G 761 -11.42 24.24 -50.65
N ILE G 762 -12.30 25.11 -50.16
CA ILE G 762 -13.70 24.73 -50.01
C ILE G 762 -14.37 24.91 -51.35
N TYR G 763 -14.37 23.85 -52.15
CA TYR G 763 -15.19 23.80 -53.34
C TYR G 763 -16.68 23.90 -53.00
N LYS G 764 -17.45 24.58 -53.84
CA LYS G 764 -18.91 24.59 -53.73
C LYS G 764 -19.56 24.23 -55.06
N THR G 765 -20.73 23.64 -54.96
CA THR G 765 -21.49 23.15 -56.11
C THR G 765 -21.97 24.28 -57.02
N PRO G 766 -22.29 23.99 -58.28
CA PRO G 766 -23.04 24.91 -59.13
C PRO G 766 -24.45 25.19 -58.57
N PRO G 767 -25.14 26.23 -59.06
CA PRO G 767 -26.52 26.50 -58.70
C PRO G 767 -27.47 25.45 -59.29
N ILE G 768 -27.43 25.24 -60.62
CA ILE G 768 -28.21 24.22 -61.33
C ILE G 768 -27.54 22.86 -61.12
N LYS G 769 -28.31 21.83 -60.75
CA LYS G 769 -27.83 20.48 -60.43
C LYS G 769 -28.01 19.53 -61.62
N ASP G 770 -27.63 19.96 -62.82
CA ASP G 770 -27.90 19.27 -64.09
C ASP G 770 -26.95 18.09 -64.36
N PHE G 771 -26.85 17.20 -63.40
CA PHE G 771 -25.93 16.04 -63.34
C PHE G 771 -26.42 14.80 -64.11
N GLY G 772 -26.87 14.98 -65.35
CA GLY G 772 -27.16 13.85 -66.26
C GLY G 772 -28.17 12.82 -65.76
N GLY G 773 -29.06 13.19 -64.86
CA GLY G 773 -30.09 12.33 -64.26
C GLY G 773 -29.79 11.84 -62.84
N PHE G 774 -28.54 11.85 -62.40
CA PHE G 774 -28.20 11.49 -61.03
C PHE G 774 -28.79 12.51 -60.07
N ASN G 775 -29.14 12.10 -58.86
CA ASN G 775 -29.82 12.98 -57.90
C ASN G 775 -29.13 12.94 -56.54
N PHE G 776 -28.24 13.89 -56.30
CA PHE G 776 -27.48 14.04 -55.06
C PHE G 776 -28.19 14.88 -53.99
N SER G 777 -29.43 15.32 -54.19
CA SER G 777 -30.11 16.29 -53.30
C SER G 777 -30.14 15.89 -51.83
N GLN G 778 -30.09 14.59 -51.54
CA GLN G 778 -30.10 14.07 -50.18
C GLN G 778 -28.74 14.15 -49.50
N ILE G 779 -27.64 14.17 -50.27
CA ILE G 779 -26.23 14.17 -49.80
C ILE G 779 -25.48 15.50 -49.91
N LEU G 780 -25.92 16.43 -50.76
CA LEU G 780 -25.43 17.80 -50.76
C LEU G 780 -25.96 18.55 -49.52
N PRO G 781 -25.33 19.64 -49.06
CA PRO G 781 -25.90 20.50 -48.02
C PRO G 781 -27.27 21.02 -48.37
N ASP G 782 -28.13 21.16 -47.36
CA ASP G 782 -29.41 21.85 -47.51
C ASP G 782 -29.34 23.24 -46.83
N PRO G 783 -29.50 24.35 -47.58
CA PRO G 783 -29.49 25.71 -47.04
C PRO G 783 -30.58 25.98 -46.00
N SER G 784 -31.64 25.18 -45.98
CA SER G 784 -32.71 25.24 -44.97
C SER G 784 -32.22 24.85 -43.58
N LYS G 785 -31.14 24.06 -43.50
CA LYS G 785 -30.68 23.49 -42.23
C LYS G 785 -29.97 24.57 -41.38
N PRO G 786 -30.05 24.49 -40.04
CA PRO G 786 -29.45 25.50 -39.16
C PRO G 786 -27.92 25.43 -39.17
N SER G 787 -27.39 24.21 -39.15
CA SER G 787 -26.05 23.85 -39.62
C SER G 787 -26.21 23.17 -40.97
N LYS G 788 -25.50 23.58 -42.01
CA LYS G 788 -25.74 23.15 -43.41
C LYS G 788 -25.18 21.77 -43.72
N ARG G 789 -25.61 20.78 -42.94
CA ARG G 789 -25.48 19.35 -43.23
C ARG G 789 -26.30 18.96 -44.44
N SER G 790 -26.02 17.82 -45.04
CA SER G 790 -26.93 17.18 -45.98
C SER G 790 -28.09 16.49 -45.26
N PHE G 791 -29.16 16.12 -45.96
CA PHE G 791 -30.26 15.39 -45.33
C PHE G 791 -29.75 14.07 -44.74
N ILE G 792 -28.97 13.29 -45.50
CA ILE G 792 -28.41 12.02 -44.99
C ILE G 792 -27.48 12.27 -43.82
N GLU G 793 -26.61 13.29 -43.84
CA GLU G 793 -25.83 13.65 -42.67
C GLU G 793 -26.74 14.01 -41.49
N ASP G 794 -27.92 14.57 -41.72
CA ASP G 794 -28.89 14.85 -40.65
C ASP G 794 -29.50 13.58 -40.05
N LEU G 795 -29.83 12.56 -40.86
CA LEU G 795 -30.21 11.24 -40.35
C LEU G 795 -29.08 10.65 -39.51
N LEU G 796 -27.85 10.66 -40.05
CA LEU G 796 -26.66 10.14 -39.39
C LEU G 796 -26.39 10.87 -38.07
N PHE G 797 -26.62 12.17 -38.00
CA PHE G 797 -26.54 12.92 -36.76
C PHE G 797 -27.63 12.52 -35.77
N ASN G 798 -28.85 12.29 -36.22
CA ASN G 798 -29.94 11.90 -35.34
C ASN G 798 -29.77 10.48 -34.77
N LYS G 799 -29.23 9.54 -35.54
CA LYS G 799 -29.14 8.11 -35.18
C LYS G 799 -28.09 7.76 -34.13
N VAL G 800 -27.20 8.70 -33.77
CA VAL G 800 -26.17 8.52 -32.73
C VAL G 800 -26.51 9.38 -31.52
N THR G 801 -26.42 8.85 -30.29
CA THR G 801 -26.81 9.57 -29.05
C THR G 801 -25.96 10.82 -28.83
N LYS G 828 -18.12 14.65 -14.95
CA LYS G 828 -18.30 15.81 -15.84
C LYS G 828 -17.90 17.13 -15.18
N PHE G 829 -17.71 17.08 -13.87
CA PHE G 829 -17.32 18.23 -13.05
C PHE G 829 -16.13 17.91 -12.12
N ASN G 830 -15.56 16.71 -12.23
CA ASN G 830 -14.44 16.21 -11.43
C ASN G 830 -13.09 16.34 -12.14
N GLY G 831 -12.85 17.48 -12.79
CA GLY G 831 -11.72 17.64 -13.69
C GLY G 831 -11.90 16.96 -15.05
N LEU G 832 -12.86 16.05 -15.21
CA LEU G 832 -13.22 15.52 -16.53
C LEU G 832 -13.86 16.64 -17.35
N THR G 833 -13.47 16.74 -18.61
CA THR G 833 -13.93 17.73 -19.58
C THR G 833 -13.96 17.14 -20.97
N VAL G 834 -14.78 17.69 -21.85
CA VAL G 834 -14.70 17.45 -23.29
C VAL G 834 -14.28 18.75 -23.95
N LEU G 835 -13.04 18.81 -24.41
CA LEU G 835 -12.59 19.93 -25.23
C LEU G 835 -13.33 19.85 -26.56
N PRO G 836 -13.71 20.96 -27.17
CA PRO G 836 -14.38 20.90 -28.46
C PRO G 836 -13.44 20.35 -29.54
N PRO G 837 -13.96 19.71 -30.60
CA PRO G 837 -13.16 19.46 -31.80
C PRO G 837 -12.65 20.79 -32.37
N LEU G 838 -11.49 20.80 -33.02
CA LEU G 838 -11.00 22.02 -33.65
C LEU G 838 -11.93 22.44 -34.78
N LEU G 839 -12.14 21.57 -35.75
CA LEU G 839 -13.12 21.84 -36.78
C LEU G 839 -14.49 21.71 -36.13
N THR G 840 -15.37 22.70 -36.22
CA THR G 840 -16.75 22.52 -35.71
C THR G 840 -17.49 21.51 -36.56
N ASP G 841 -18.56 20.88 -36.06
CA ASP G 841 -19.37 19.96 -36.86
C ASP G 841 -19.94 20.59 -38.14
N GLU G 842 -20.11 21.91 -38.16
CA GLU G 842 -20.44 22.67 -39.37
C GLU G 842 -19.24 22.80 -40.30
N MET G 843 -18.04 23.08 -39.79
CA MET G 843 -16.83 23.09 -40.62
C MET G 843 -16.59 21.73 -41.25
N ILE G 844 -16.75 20.65 -40.48
CA ILE G 844 -16.72 19.28 -40.99
C ILE G 844 -17.72 19.16 -42.15
N ALA G 845 -18.95 19.62 -41.96
CA ALA G 845 -19.95 19.61 -43.00
C ALA G 845 -19.57 20.48 -44.20
N GLN G 846 -18.79 21.54 -44.04
CA GLN G 846 -18.22 22.26 -45.19
C GLN G 846 -17.17 21.43 -45.89
N TYR G 847 -16.30 20.71 -45.18
CA TYR G 847 -15.35 19.84 -45.84
C TYR G 847 -16.01 18.66 -46.54
N THR G 848 -16.92 17.93 -45.91
CA THR G 848 -17.60 16.84 -46.61
C THR G 848 -18.36 17.39 -47.79
N SER G 849 -18.99 18.56 -47.67
CA SER G 849 -19.54 19.27 -48.82
C SER G 849 -18.51 19.59 -49.88
N ALA G 850 -17.34 20.08 -49.52
CA ALA G 850 -16.30 20.44 -50.49
C ALA G 850 -15.77 19.20 -51.21
N LEU G 851 -15.39 18.18 -50.46
CA LEU G 851 -14.97 16.88 -50.99
C LEU G 851 -16.01 16.38 -51.94
N LEU G 852 -17.26 16.34 -51.52
CA LEU G 852 -18.36 15.89 -52.34
C LEU G 852 -18.60 16.76 -53.57
N ALA G 853 -18.58 18.07 -53.44
CA ALA G 853 -18.80 19.00 -54.54
C ALA G 853 -17.69 18.92 -55.57
N GLY G 854 -16.46 18.71 -55.13
CA GLY G 854 -15.35 18.39 -56.01
C GLY G 854 -15.61 17.04 -56.67
N THR G 855 -15.88 16.00 -55.88
CA THR G 855 -16.10 14.64 -56.37
C THR G 855 -17.15 14.59 -57.45
N ILE G 856 -18.24 15.32 -57.31
CA ILE G 856 -19.29 15.42 -58.32
C ILE G 856 -18.79 16.14 -59.55
N THR G 857 -18.21 17.31 -59.38
CA THR G 857 -17.94 18.20 -60.50
C THR G 857 -16.64 17.92 -61.23
N SER G 858 -15.71 17.18 -60.63
CA SER G 858 -14.32 17.06 -61.08
C SER G 858 -13.70 15.69 -60.90
N GLY G 859 -14.35 14.81 -60.17
CA GLY G 859 -13.96 13.41 -60.04
C GLY G 859 -12.72 13.23 -59.19
N TRP G 860 -11.77 12.45 -59.69
CA TRP G 860 -10.48 12.26 -59.02
C TRP G 860 -9.55 13.47 -59.16
N THR G 861 -9.74 14.30 -60.19
CA THR G 861 -8.75 15.30 -60.59
C THR G 861 -8.45 16.35 -59.52
N PHE G 862 -9.37 16.63 -58.60
CA PHE G 862 -9.10 17.55 -57.50
C PHE G 862 -8.15 17.00 -56.44
N GLY G 863 -7.88 15.68 -56.43
CA GLY G 863 -6.82 15.10 -55.60
C GLY G 863 -5.43 15.45 -56.12
N ALA G 864 -5.21 15.36 -57.43
CA ALA G 864 -3.97 15.71 -58.12
C ALA G 864 -3.70 17.22 -58.15
N GLY G 865 -4.13 17.91 -59.20
CA GLY G 865 -3.97 19.36 -59.36
C GLY G 865 -5.01 20.18 -58.58
N ALA G 866 -5.41 21.31 -59.14
CA ALA G 866 -6.69 21.91 -58.77
C ALA G 866 -7.85 21.15 -59.41
N ALA G 867 -9.06 21.25 -58.84
CA ALA G 867 -10.25 20.63 -59.42
C ALA G 867 -10.48 21.09 -60.86
N LEU G 868 -10.79 20.16 -61.74
CA LEU G 868 -11.15 20.43 -63.13
C LEU G 868 -12.64 20.16 -63.31
N GLN G 869 -13.47 21.06 -63.82
CA GLN G 869 -14.83 20.61 -64.13
C GLN G 869 -14.84 19.50 -65.18
N ILE G 870 -15.81 18.59 -65.06
CA ILE G 870 -16.16 17.52 -66.01
C ILE G 870 -17.63 17.11 -65.78
N PRO G 871 -18.46 16.91 -66.82
CA PRO G 871 -19.86 16.58 -66.64
C PRO G 871 -20.04 15.27 -65.89
N PHE G 872 -20.98 15.13 -64.95
CA PHE G 872 -21.00 13.93 -64.10
C PHE G 872 -21.24 12.64 -64.88
N ALA G 873 -22.06 12.64 -65.93
CA ALA G 873 -22.19 11.48 -66.77
C ALA G 873 -20.85 11.08 -67.37
N MET G 874 -20.05 12.03 -67.84
CA MET G 874 -18.71 11.77 -68.37
C MET G 874 -17.73 11.32 -67.32
N GLN G 875 -17.80 11.84 -66.10
CA GLN G 875 -17.05 11.26 -65.01
C GLN G 875 -17.43 9.80 -64.85
N MET G 876 -18.70 9.45 -64.91
CA MET G 876 -19.11 8.08 -64.66
C MET G 876 -18.66 7.12 -65.75
N ALA G 877 -18.65 7.52 -67.01
CA ALA G 877 -18.03 6.73 -68.07
C ALA G 877 -16.57 6.43 -67.77
N TYR G 878 -15.85 7.33 -67.11
CA TYR G 878 -14.46 7.14 -66.71
C TYR G 878 -14.30 6.57 -65.30
N ARG G 879 -15.38 6.26 -64.59
CA ARG G 879 -15.35 5.25 -63.53
C ARG G 879 -15.60 3.87 -64.15
N PHE G 880 -16.52 3.71 -65.10
CA PHE G 880 -16.80 2.43 -65.75
C PHE G 880 -15.55 1.91 -66.46
N ASN G 881 -14.88 2.74 -67.25
CA ASN G 881 -13.66 2.34 -67.90
C ASN G 881 -12.58 1.90 -66.90
N GLY G 882 -12.63 2.38 -65.66
CA GLY G 882 -11.70 2.04 -64.58
C GLY G 882 -12.01 0.75 -63.81
N ILE G 883 -13.09 0.04 -64.14
CA ILE G 883 -13.36 -1.36 -63.75
C ILE G 883 -13.44 -2.28 -64.95
N GLY G 884 -12.81 -1.88 -66.06
CA GLY G 884 -12.78 -2.63 -67.30
C GLY G 884 -14.11 -2.78 -68.02
N VAL G 885 -15.19 -2.15 -67.56
CA VAL G 885 -16.47 -2.13 -68.28
C VAL G 885 -16.40 -1.08 -69.37
N THR G 886 -16.49 -1.49 -70.62
CA THR G 886 -16.38 -0.56 -71.74
C THR G 886 -17.49 0.46 -71.66
N GLN G 887 -17.17 1.75 -71.62
CA GLN G 887 -18.08 2.79 -71.16
C GLN G 887 -19.33 3.07 -72.03
N ASN G 888 -19.51 2.47 -73.20
CA ASN G 888 -20.81 2.58 -73.85
C ASN G 888 -21.89 1.91 -73.02
N VAL G 889 -21.53 0.89 -72.25
CA VAL G 889 -22.40 0.30 -71.25
C VAL G 889 -22.94 1.32 -70.26
N LEU G 890 -22.28 2.47 -70.06
CA LEU G 890 -22.88 3.52 -69.24
C LEU G 890 -23.87 4.38 -70.00
N TYR G 891 -23.48 5.16 -71.02
CA TYR G 891 -24.45 6.11 -71.59
C TYR G 891 -25.63 5.42 -72.26
N GLU G 892 -25.44 4.23 -72.84
CA GLU G 892 -26.53 3.44 -73.36
C GLU G 892 -27.46 2.90 -72.25
N ASN G 893 -27.14 3.14 -71.00
CA ASN G 893 -27.97 2.87 -69.83
C ASN G 893 -28.04 4.07 -68.89
N GLN G 894 -27.86 5.30 -69.38
CA GLN G 894 -27.66 6.45 -68.49
C GLN G 894 -28.84 6.64 -67.56
N LYS G 895 -30.06 6.63 -68.10
CA LYS G 895 -31.30 6.79 -67.33
C LYS G 895 -31.44 5.67 -66.31
N LEU G 896 -31.22 4.44 -66.74
CA LEU G 896 -31.35 3.26 -65.92
C LEU G 896 -30.36 3.25 -64.75
N ILE G 897 -29.12 3.66 -65.00
CA ILE G 897 -28.08 3.74 -63.98
C ILE G 897 -28.37 4.90 -63.03
N ALA G 898 -28.86 6.03 -63.55
CA ALA G 898 -29.30 7.13 -62.72
C ALA G 898 -30.40 6.66 -61.77
N ASN G 899 -31.45 6.03 -62.31
CA ASN G 899 -32.58 5.57 -61.51
C ASN G 899 -32.13 4.55 -60.46
N GLN G 900 -31.23 3.63 -60.82
CA GLN G 900 -30.65 2.69 -59.85
C GLN G 900 -29.85 3.39 -58.77
N PHE G 901 -29.04 4.38 -59.11
CA PHE G 901 -28.27 5.13 -58.14
C PHE G 901 -29.19 5.90 -57.19
N ASN G 902 -30.11 6.67 -57.75
CA ASN G 902 -31.11 7.46 -57.02
C ASN G 902 -31.92 6.53 -56.10
N SER G 903 -32.39 5.40 -56.62
CA SER G 903 -33.14 4.41 -55.83
C SER G 903 -32.28 3.84 -54.71
N ALA G 904 -31.03 3.50 -54.96
CA ALA G 904 -30.16 2.97 -53.94
C ALA G 904 -29.94 4.01 -52.83
N ILE G 905 -29.73 5.28 -53.18
CA ILE G 905 -29.73 6.40 -52.22
C ILE G 905 -31.02 6.42 -51.41
N GLY G 906 -32.17 6.26 -52.07
CA GLY G 906 -33.48 6.15 -51.41
C GLY G 906 -33.53 5.02 -50.40
N LYS G 907 -33.02 3.84 -50.78
CA LYS G 907 -32.85 2.71 -49.86
C LYS G 907 -31.95 3.06 -48.68
N ILE G 908 -30.87 3.82 -48.87
CA ILE G 908 -30.02 4.23 -47.74
C ILE G 908 -30.81 5.05 -46.74
N GLN G 909 -31.63 5.98 -47.20
CA GLN G 909 -32.46 6.78 -46.30
C GLN G 909 -33.45 5.93 -45.51
N ASP G 910 -34.07 4.93 -46.14
CA ASP G 910 -34.92 3.98 -45.44
C ASP G 910 -34.13 3.13 -44.44
N SER G 911 -32.95 2.65 -44.83
CA SER G 911 -32.05 1.89 -43.97
C SER G 911 -31.70 2.69 -42.72
N LEU G 912 -31.29 3.95 -42.89
CA LEU G 912 -30.95 4.84 -41.78
C LEU G 912 -32.17 5.27 -40.96
N SER G 913 -33.34 5.45 -41.57
CA SER G 913 -34.58 5.79 -40.86
C SER G 913 -35.10 4.65 -39.98
N SER G 914 -34.94 3.41 -40.45
CA SER G 914 -35.47 2.22 -39.78
C SER G 914 -34.47 1.51 -38.84
N THR G 915 -33.19 1.45 -39.22
CA THR G 915 -32.21 0.49 -38.66
C THR G 915 -31.19 1.22 -37.80
N ALA G 916 -31.53 1.49 -36.53
CA ALA G 916 -30.63 2.20 -35.61
C ALA G 916 -29.30 1.45 -35.36
N SER G 917 -29.29 0.13 -35.57
CA SER G 917 -28.10 -0.74 -35.52
C SER G 917 -27.15 -0.57 -36.73
N ALA G 918 -27.49 0.21 -37.76
CA ALA G 918 -26.60 0.48 -38.89
C ALA G 918 -25.33 1.25 -38.45
N LEU G 919 -25.50 2.23 -37.56
CA LEU G 919 -24.47 3.08 -36.97
C LEU G 919 -23.74 2.41 -35.80
N GLY G 920 -23.84 1.09 -35.69
CA GLY G 920 -23.32 0.30 -34.57
C GLY G 920 -21.87 0.59 -34.23
N LYS G 921 -21.00 0.76 -35.23
CA LYS G 921 -19.60 1.16 -35.06
C LYS G 921 -19.45 2.45 -34.25
N LEU G 922 -20.06 3.54 -34.71
CA LEU G 922 -19.96 4.86 -34.08
C LEU G 922 -20.69 4.88 -32.76
N GLN G 923 -21.89 4.34 -32.70
CA GLN G 923 -22.64 4.32 -31.46
C GLN G 923 -21.90 3.48 -30.42
N ASP G 924 -21.23 2.40 -30.82
CA ASP G 924 -20.38 1.65 -29.90
C ASP G 924 -19.12 2.41 -29.53
N VAL G 925 -18.50 3.17 -30.42
CA VAL G 925 -17.36 4.02 -30.05
C VAL G 925 -17.76 5.08 -29.03
N VAL G 926 -18.90 5.72 -29.23
CA VAL G 926 -19.47 6.67 -28.27
C VAL G 926 -19.79 5.95 -26.98
N ASN G 927 -20.46 4.80 -27.03
CA ASN G 927 -20.70 3.99 -25.84
C ASN G 927 -19.40 3.59 -25.14
N GLN G 928 -18.34 3.23 -25.85
CA GLN G 928 -17.08 2.81 -25.24
C GLN G 928 -16.44 3.96 -24.46
N ASN G 929 -16.34 5.13 -25.08
CA ASN G 929 -15.82 6.32 -24.40
C ASN G 929 -16.70 6.71 -23.22
N ALA G 930 -18.01 6.76 -23.39
CA ALA G 930 -18.92 7.05 -22.30
C ALA G 930 -18.81 5.99 -21.20
N GLN G 931 -18.67 4.72 -21.53
CA GLN G 931 -18.49 3.64 -20.56
C GLN G 931 -17.19 3.81 -19.80
N ALA G 932 -16.09 4.11 -20.49
CA ALA G 932 -14.80 4.38 -19.87
C ALA G 932 -14.88 5.57 -18.91
N LEU G 933 -15.50 6.67 -19.34
CA LEU G 933 -15.69 7.86 -18.51
C LEU G 933 -16.60 7.56 -17.32
N ASN G 934 -17.77 6.96 -17.52
CA ASN G 934 -18.66 6.58 -16.41
C ASN G 934 -17.98 5.62 -15.44
N THR G 935 -17.16 4.71 -15.95
CA THR G 935 -16.36 3.80 -15.13
C THR G 935 -15.32 4.57 -14.34
N LEU G 936 -14.62 5.51 -14.96
CA LEU G 936 -13.65 6.38 -14.30
C LEU G 936 -14.30 7.24 -13.24
N VAL G 937 -15.47 7.82 -13.51
CA VAL G 937 -16.24 8.59 -12.53
C VAL G 937 -16.63 7.68 -11.38
N LYS G 938 -17.24 6.51 -11.65
CA LYS G 938 -17.67 5.61 -10.58
C LYS G 938 -16.52 5.18 -9.70
N GLN G 939 -15.31 5.04 -10.23
CA GLN G 939 -14.16 4.69 -9.40
C GLN G 939 -13.87 5.73 -8.31
N LEU G 940 -14.26 6.99 -8.48
CA LEU G 940 -14.16 7.98 -7.39
C LEU G 940 -14.97 7.58 -6.16
N SER G 941 -16.01 6.78 -6.32
CA SER G 941 -16.84 6.30 -5.22
C SER G 941 -16.28 5.04 -4.55
N SER G 942 -15.22 4.42 -5.08
CA SER G 942 -14.61 3.21 -4.53
C SER G 942 -13.65 3.54 -3.41
N ASN G 943 -13.61 2.70 -2.37
CA ASN G 943 -12.78 2.99 -1.21
C ASN G 943 -11.30 2.75 -1.43
N PHE G 944 -10.90 1.81 -2.28
CA PHE G 944 -9.52 1.34 -2.39
C PHE G 944 -8.89 0.99 -1.03
N GLY G 945 -9.68 0.58 -0.05
CA GLY G 945 -9.24 0.30 1.32
C GLY G 945 -9.17 1.51 2.24
N ALA G 946 -9.53 2.71 1.77
CA ALA G 946 -9.66 3.90 2.61
C ALA G 946 -10.98 3.90 3.40
N ILE G 947 -11.02 4.54 4.57
CA ILE G 947 -12.23 4.60 5.42
C ILE G 947 -13.42 5.34 4.81
N SER G 948 -13.22 6.13 3.76
CA SER G 948 -14.28 6.62 2.87
C SER G 948 -13.69 6.81 1.48
N SER G 949 -14.51 6.70 0.45
CA SER G 949 -14.10 7.05 -0.90
C SER G 949 -14.25 8.52 -1.23
N VAL G 950 -14.82 9.34 -0.35
CA VAL G 950 -14.97 10.79 -0.58
C VAL G 950 -13.95 11.53 0.26
N LEU G 951 -13.09 12.27 -0.43
CA LEU G 951 -11.88 12.84 0.13
C LEU G 951 -12.15 13.83 1.26
N ASN G 952 -13.19 14.64 1.09
CA ASN G 952 -13.62 15.61 2.11
C ASN G 952 -14.15 14.95 3.38
N ASP G 953 -14.69 13.73 3.33
CA ASP G 953 -14.96 12.96 4.55
C ASP G 953 -13.68 12.70 5.33
N ILE G 954 -12.62 12.27 4.65
CA ILE G 954 -11.37 11.91 5.32
C ILE G 954 -10.82 13.15 6.01
N LEU G 955 -10.77 14.27 5.31
CA LEU G 955 -10.18 15.50 5.81
C LEU G 955 -11.00 16.15 6.92
N SER G 956 -12.33 15.99 6.89
CA SER G 956 -13.21 16.47 7.97
C SER G 956 -13.21 15.52 9.17
N ARG G 957 -12.91 14.24 8.99
CA ARG G 957 -12.71 13.27 10.09
C ARG G 957 -11.33 13.36 10.73
N LEU G 958 -10.27 13.50 9.94
CA LEU G 958 -8.91 13.11 10.33
C LEU G 958 -7.88 14.23 10.25
N ASP G 959 -7.01 14.27 11.25
CA ASP G 959 -5.78 15.05 11.22
C ASP G 959 -4.67 14.36 10.40
N PRO G 960 -3.76 15.13 9.76
CA PRO G 960 -2.83 14.59 8.76
C PRO G 960 -2.01 13.37 9.13
N PRO G 961 -1.51 13.18 10.37
CA PRO G 961 -0.78 11.96 10.72
C PRO G 961 -1.57 10.67 10.51
N GLU G 962 -2.90 10.74 10.64
CA GLU G 962 -3.80 9.63 10.29
C GLU G 962 -4.26 9.76 8.83
N ALA G 963 -4.69 10.96 8.44
CA ALA G 963 -5.31 11.21 7.15
C ALA G 963 -4.37 10.90 5.98
N GLU G 964 -3.06 11.06 6.13
CA GLU G 964 -2.10 10.82 5.05
C GLU G 964 -2.19 9.40 4.51
N VAL G 965 -2.31 8.40 5.38
CA VAL G 965 -2.41 6.99 5.00
C VAL G 965 -3.67 6.73 4.20
N GLN G 966 -4.80 7.23 4.70
CA GLN G 966 -6.08 7.09 4.04
C GLN G 966 -6.06 7.77 2.68
N ILE G 967 -5.54 9.00 2.60
CA ILE G 967 -5.47 9.73 1.34
C ILE G 967 -4.53 9.02 0.40
N ASP G 968 -3.42 8.46 0.88
CA ASP G 968 -2.51 7.70 0.03
C ASP G 968 -3.20 6.50 -0.61
N ARG G 969 -4.12 5.82 0.10
CA ARG G 969 -4.91 4.75 -0.50
C ARG G 969 -5.77 5.28 -1.61
N LEU G 970 -6.47 6.39 -1.41
CA LEU G 970 -7.26 6.99 -2.49
C LEU G 970 -6.41 7.50 -3.62
N ILE G 971 -5.24 8.10 -3.37
CA ILE G 971 -4.35 8.52 -4.44
C ILE G 971 -3.92 7.29 -5.22
N THR G 972 -3.43 6.25 -4.54
CA THR G 972 -2.97 5.03 -5.20
C THR G 972 -4.07 4.47 -6.08
N GLY G 973 -5.27 4.32 -5.54
CA GLY G 973 -6.42 3.83 -6.26
C GLY G 973 -6.80 4.70 -7.44
N ARG G 974 -7.07 5.99 -7.20
CA ARG G 974 -7.51 6.94 -8.23
C ARG G 974 -6.46 7.09 -9.31
N LEU G 975 -5.20 7.11 -8.94
CA LEU G 975 -4.08 7.19 -9.85
C LEU G 975 -3.94 5.92 -10.68
N GLN G 976 -4.00 4.75 -10.05
CA GLN G 976 -4.01 3.46 -10.76
C GLN G 976 -5.21 3.39 -11.71
N SER G 977 -6.34 3.95 -11.31
CA SER G 977 -7.53 4.03 -12.14
C SER G 977 -7.41 5.02 -13.28
N LEU G 978 -6.70 6.12 -13.08
CA LEU G 978 -6.42 7.08 -14.13
C LEU G 978 -5.42 6.50 -15.12
N GLN G 979 -4.36 5.86 -14.63
CA GLN G 979 -3.39 5.13 -15.45
C GLN G 979 -4.10 4.07 -16.28
N THR G 980 -5.08 3.39 -15.72
CA THR G 980 -5.90 2.43 -16.46
C THR G 980 -6.69 3.13 -17.54
N TYR G 981 -7.45 4.18 -17.22
CA TYR G 981 -8.17 4.95 -18.22
C TYR G 981 -7.27 5.46 -19.34
N VAL G 982 -6.12 6.04 -19.00
CA VAL G 982 -5.19 6.56 -19.99
C VAL G 982 -4.62 5.43 -20.84
N THR G 983 -4.29 4.28 -20.26
CA THR G 983 -3.77 3.15 -21.01
C THR G 983 -4.80 2.65 -22.00
N GLN G 984 -6.04 2.48 -21.54
CA GLN G 984 -7.15 2.09 -22.40
C GLN G 984 -7.33 3.09 -23.52
N GLN G 985 -7.32 4.38 -23.22
CA GLN G 985 -7.49 5.41 -24.22
C GLN G 985 -6.34 5.48 -25.19
N LEU G 986 -5.09 5.23 -24.79
CA LEU G 986 -3.98 5.19 -25.74
C LEU G 986 -4.17 4.05 -26.73
N ILE G 987 -4.57 2.89 -26.24
CA ILE G 987 -4.83 1.72 -27.08
C ILE G 987 -6.03 1.98 -27.98
N ARG G 988 -7.10 2.55 -27.44
CA ARG G 988 -8.30 2.88 -28.19
C ARG G 988 -8.00 3.97 -29.21
N ALA G 989 -7.22 4.98 -28.86
CA ALA G 989 -6.74 5.99 -29.77
C ALA G 989 -5.89 5.38 -30.87
N ALA G 990 -5.14 4.31 -30.59
CA ALA G 990 -4.42 3.60 -31.63
C ALA G 990 -5.37 2.86 -32.57
N GLU G 991 -6.39 2.18 -32.03
CA GLU G 991 -7.44 1.57 -32.85
C GLU G 991 -8.16 2.62 -33.71
N ILE G 992 -8.60 3.71 -33.09
CA ILE G 992 -9.23 4.85 -33.76
C ILE G 992 -8.28 5.44 -34.80
N ARG G 993 -6.99 5.67 -34.50
CA ARG G 993 -6.03 6.22 -35.46
C ARG G 993 -5.83 5.27 -36.63
N ALA G 994 -5.74 3.97 -36.41
CA ALA G 994 -5.67 3.01 -37.51
C ALA G 994 -6.93 3.10 -38.38
N SER G 995 -8.09 3.24 -37.75
CA SER G 995 -9.37 3.47 -38.42
C SER G 995 -9.41 4.83 -39.14
N ALA G 996 -8.82 5.88 -38.59
CA ALA G 996 -8.71 7.18 -39.21
C ALA G 996 -7.71 7.20 -40.38
N ASN G 997 -6.57 6.52 -40.27
CA ASN G 997 -5.63 6.36 -41.37
C ASN G 997 -6.27 5.55 -42.49
N LEU G 998 -7.03 4.51 -42.16
CA LEU G 998 -7.82 3.77 -43.11
C LEU G 998 -8.90 4.64 -43.76
N ALA G 999 -9.67 5.40 -42.98
CA ALA G 999 -10.67 6.31 -43.50
C ALA G 999 -10.03 7.34 -44.43
N ALA G 1000 -8.92 7.94 -44.03
CA ALA G 1000 -8.16 8.85 -44.86
C ALA G 1000 -7.72 8.16 -46.16
N THR G 1001 -7.37 6.89 -46.11
CA THR G 1001 -7.04 6.11 -47.30
C THR G 1001 -8.25 5.92 -48.19
N LYS G 1002 -9.42 5.61 -47.64
CA LYS G 1002 -10.68 5.44 -48.40
C LYS G 1002 -11.12 6.76 -49.01
N MET G 1003 -10.89 7.86 -48.30
CA MET G 1003 -11.07 9.21 -48.81
C MET G 1003 -10.12 9.46 -49.99
N SER G 1004 -8.83 9.20 -49.84
CA SER G 1004 -7.87 9.43 -50.91
C SER G 1004 -8.08 8.52 -52.13
N GLU G 1005 -8.31 7.24 -51.93
CA GLU G 1005 -8.34 6.25 -53.01
C GLU G 1005 -9.71 6.07 -53.63
N CYS G 1006 -10.76 6.40 -52.90
CA CYS G 1006 -12.14 6.05 -53.20
C CYS G 1006 -13.13 7.21 -53.20
N VAL G 1007 -12.78 8.38 -52.67
CA VAL G 1007 -13.50 9.64 -52.95
C VAL G 1007 -12.70 10.41 -54.00
N LEU G 1008 -11.48 10.83 -53.65
CA LEU G 1008 -10.50 11.52 -54.51
C LEU G 1008 -9.98 10.65 -55.67
N GLY G 1009 -10.44 9.43 -55.82
CA GLY G 1009 -9.94 8.45 -56.79
C GLY G 1009 -10.91 7.31 -56.96
N GLN G 1010 -10.57 6.35 -57.81
CA GLN G 1010 -11.24 5.06 -57.92
C GLN G 1010 -10.30 3.95 -57.52
N SER G 1011 -10.71 3.06 -56.64
CA SER G 1011 -9.78 2.09 -56.10
C SER G 1011 -9.83 0.77 -56.86
N LYS G 1012 -8.70 0.34 -57.42
CA LYS G 1012 -8.55 -1.00 -58.02
C LYS G 1012 -8.53 -2.13 -56.99
N ARG G 1013 -8.43 -1.81 -55.70
CA ARG G 1013 -8.22 -2.76 -54.61
C ARG G 1013 -9.50 -3.52 -54.30
N VAL G 1014 -9.57 -4.78 -54.73
CA VAL G 1014 -10.82 -5.54 -54.71
C VAL G 1014 -11.39 -5.68 -53.29
N ASP G 1015 -12.68 -5.37 -53.15
CA ASP G 1015 -13.43 -5.30 -51.88
C ASP G 1015 -12.86 -4.35 -50.81
N PHE G 1016 -12.04 -3.37 -51.17
CA PHE G 1016 -11.64 -2.29 -50.27
C PHE G 1016 -12.72 -1.24 -50.06
N CYS G 1017 -13.51 -0.96 -51.09
CA CYS G 1017 -14.55 0.06 -51.11
C CYS G 1017 -15.94 -0.55 -51.30
N GLY G 1018 -16.32 -1.42 -50.37
CA GLY G 1018 -17.56 -2.19 -50.40
C GLY G 1018 -17.58 -3.29 -51.45
N LYS G 1019 -18.28 -4.39 -51.18
CA LYS G 1019 -18.30 -5.55 -52.09
C LYS G 1019 -18.78 -5.16 -53.48
N GLY G 1020 -17.95 -5.38 -54.49
CA GLY G 1020 -18.25 -5.05 -55.89
C GLY G 1020 -17.08 -4.39 -56.60
N TYR G 1021 -17.16 -4.25 -57.91
CA TYR G 1021 -16.19 -3.45 -58.65
C TYR G 1021 -16.43 -1.96 -58.35
N HIS G 1022 -15.52 -1.27 -57.68
CA HIS G 1022 -15.77 0.06 -57.14
C HIS G 1022 -15.87 1.16 -58.20
N LEU G 1023 -16.81 2.11 -58.04
CA LEU G 1023 -16.97 3.25 -58.94
C LEU G 1023 -16.52 4.56 -58.34
N MET G 1024 -17.11 4.99 -57.23
CA MET G 1024 -16.85 6.27 -56.57
C MET G 1024 -17.42 6.25 -55.18
N SER G 1025 -17.14 7.25 -54.37
CA SER G 1025 -17.72 7.32 -53.04
C SER G 1025 -18.03 8.73 -52.68
N PHE G 1026 -19.08 8.88 -51.90
CA PHE G 1026 -19.46 10.16 -51.34
C PHE G 1026 -19.24 10.08 -49.85
N PRO G 1027 -18.45 10.95 -49.24
CA PRO G 1027 -18.33 11.00 -47.80
C PRO G 1027 -19.52 11.74 -47.25
N GLN G 1028 -20.02 11.31 -46.12
CA GLN G 1028 -21.00 12.02 -45.32
C GLN G 1028 -20.48 12.00 -43.90
N SER G 1029 -20.47 13.14 -43.24
CA SER G 1029 -20.01 13.22 -41.85
C SER G 1029 -20.95 12.49 -40.92
N ALA G 1030 -20.47 12.08 -39.76
CA ALA G 1030 -21.29 11.49 -38.72
C ALA G 1030 -20.63 11.73 -37.36
N PRO G 1031 -21.35 11.73 -36.23
CA PRO G 1031 -20.77 12.14 -34.95
C PRO G 1031 -19.54 11.31 -34.57
N HIS G 1032 -18.37 11.94 -34.49
CA HIS G 1032 -17.08 11.27 -34.30
C HIS G 1032 -16.76 10.18 -35.33
N GLY G 1033 -17.11 10.37 -36.59
CA GLY G 1033 -16.85 9.39 -37.62
C GLY G 1033 -16.98 9.93 -39.03
N VAL G 1034 -16.95 9.04 -40.01
CA VAL G 1034 -17.32 9.29 -41.39
C VAL G 1034 -18.13 8.12 -41.92
N VAL G 1035 -18.98 8.38 -42.90
CA VAL G 1035 -19.74 7.38 -43.62
C VAL G 1035 -19.44 7.53 -45.09
N PHE G 1036 -19.12 6.46 -45.80
CA PHE G 1036 -18.88 6.48 -47.22
C PHE G 1036 -20.01 5.74 -47.90
N LEU G 1037 -20.62 6.35 -48.89
CA LEU G 1037 -21.62 5.71 -49.73
C LEU G 1037 -20.91 5.15 -50.97
N HIS G 1038 -20.35 3.95 -50.86
CA HIS G 1038 -19.50 3.39 -51.90
C HIS G 1038 -20.32 2.90 -53.07
N VAL G 1039 -20.51 3.71 -54.08
CA VAL G 1039 -21.15 3.25 -55.32
C VAL G 1039 -20.27 2.18 -55.96
N THR G 1040 -20.80 1.00 -56.16
CA THR G 1040 -20.10 -0.16 -56.69
C THR G 1040 -20.91 -0.78 -57.79
N TYR G 1041 -20.30 -1.14 -58.92
CA TYR G 1041 -20.93 -1.99 -59.90
C TYR G 1041 -20.94 -3.40 -59.37
N VAL G 1042 -22.09 -4.08 -59.35
CA VAL G 1042 -22.20 -5.51 -59.03
C VAL G 1042 -22.94 -6.17 -60.18
N PRO G 1043 -22.38 -7.14 -60.91
CA PRO G 1043 -23.10 -7.87 -61.95
C PRO G 1043 -24.14 -8.82 -61.34
N ALA G 1044 -25.24 -9.12 -62.04
CA ALA G 1044 -26.35 -9.82 -61.39
C ALA G 1044 -27.29 -10.68 -62.27
N GLN G 1045 -27.08 -10.85 -63.57
CA GLN G 1045 -27.89 -11.75 -64.41
C GLN G 1045 -27.00 -12.54 -65.38
N GLU G 1046 -26.43 -13.64 -64.90
CA GLU G 1046 -25.55 -14.55 -65.64
C GLU G 1046 -26.23 -15.24 -66.82
N LYS G 1047 -25.47 -15.51 -67.87
CA LYS G 1047 -25.80 -16.54 -68.86
C LYS G 1047 -24.61 -17.48 -69.01
N ASN G 1048 -24.85 -18.79 -69.09
CA ASN G 1048 -23.81 -19.78 -69.37
C ASN G 1048 -23.44 -19.75 -70.86
N PHE G 1049 -22.18 -19.93 -71.20
CA PHE G 1049 -21.72 -20.02 -72.58
C PHE G 1049 -20.59 -21.04 -72.73
N THR G 1050 -20.50 -21.62 -73.93
CA THR G 1050 -19.33 -22.38 -74.35
C THR G 1050 -18.21 -21.39 -74.63
N THR G 1051 -17.00 -21.65 -74.15
CA THR G 1051 -15.86 -20.71 -74.20
C THR G 1051 -14.57 -21.41 -74.60
N ALA G 1052 -13.55 -20.67 -74.97
CA ALA G 1052 -12.27 -21.24 -75.34
C ALA G 1052 -11.10 -20.32 -74.96
N PRO G 1053 -9.91 -20.82 -74.63
CA PRO G 1053 -8.72 -20.01 -74.45
C PRO G 1053 -8.40 -19.16 -75.67
N ALA G 1054 -8.54 -19.67 -76.87
CA ALA G 1054 -8.10 -19.05 -78.10
C ALA G 1054 -8.92 -19.55 -79.26
N ILE G 1055 -8.83 -18.96 -80.44
CA ILE G 1055 -9.53 -19.42 -81.64
C ILE G 1055 -8.56 -19.67 -82.79
N CYS G 1056 -8.49 -20.89 -83.31
CA CYS G 1056 -7.80 -21.13 -84.59
C CYS G 1056 -8.55 -20.47 -85.73
N HIS G 1057 -7.85 -19.68 -86.55
CA HIS G 1057 -8.28 -19.35 -87.91
C HIS G 1057 -7.34 -20.08 -88.87
N ASP G 1058 -6.82 -19.44 -89.92
CA ASP G 1058 -5.79 -19.98 -90.81
C ASP G 1058 -4.46 -20.23 -90.08
N GLY G 1059 -4.36 -21.35 -89.37
CA GLY G 1059 -3.19 -21.84 -88.63
C GLY G 1059 -2.89 -21.11 -87.32
N LYS G 1060 -3.09 -19.79 -87.30
CA LYS G 1060 -2.85 -18.90 -86.18
C LYS G 1060 -3.84 -19.11 -85.05
N ALA G 1061 -3.40 -19.14 -83.81
CA ALA G 1061 -4.30 -19.00 -82.69
C ALA G 1061 -4.58 -17.52 -82.44
N HIS G 1062 -5.75 -17.00 -82.76
CA HIS G 1062 -6.19 -15.68 -82.33
C HIS G 1062 -6.62 -15.71 -80.88
N PHE G 1063 -6.35 -14.68 -80.13
CA PHE G 1063 -6.75 -14.51 -78.75
C PHE G 1063 -7.55 -13.20 -78.64
N PRO G 1064 -8.45 -13.03 -77.67
CA PRO G 1064 -9.09 -11.75 -77.45
C PRO G 1064 -8.11 -10.71 -76.90
N ARG G 1065 -8.11 -9.47 -77.40
CA ARG G 1065 -7.28 -8.38 -76.81
C ARG G 1065 -7.75 -8.05 -75.41
N GLU G 1066 -8.99 -7.64 -75.28
CA GLU G 1066 -9.69 -7.55 -73.99
C GLU G 1066 -11.03 -8.28 -74.10
N GLY G 1067 -11.46 -8.91 -73.02
CA GLY G 1067 -12.61 -9.81 -73.03
C GLY G 1067 -12.26 -11.29 -73.20
N VAL G 1068 -13.26 -12.10 -73.52
CA VAL G 1068 -13.23 -13.58 -73.62
C VAL G 1068 -13.93 -14.02 -74.87
N PHE G 1069 -13.54 -15.17 -75.44
CA PHE G 1069 -14.35 -15.78 -76.49
C PHE G 1069 -15.47 -16.59 -75.88
N VAL G 1070 -16.67 -16.47 -76.44
CA VAL G 1070 -17.84 -17.22 -76.04
C VAL G 1070 -18.67 -17.60 -77.24
N SER G 1071 -19.58 -18.54 -77.06
CA SER G 1071 -20.66 -18.78 -77.98
C SER G 1071 -21.93 -19.10 -77.22
N ASN G 1072 -23.06 -18.55 -77.70
CA ASN G 1072 -24.41 -18.93 -77.28
C ASN G 1072 -24.63 -20.44 -77.48
N GLY G 1073 -24.16 -20.98 -78.59
CA GLY G 1073 -24.11 -22.37 -78.94
C GLY G 1073 -23.49 -22.54 -80.32
N THR G 1074 -24.07 -21.89 -81.32
CA THR G 1074 -23.67 -22.08 -82.73
C THR G 1074 -22.78 -20.97 -83.31
N HIS G 1075 -22.83 -19.74 -82.77
CA HIS G 1075 -22.05 -18.59 -83.25
C HIS G 1075 -21.03 -18.13 -82.20
N TRP G 1076 -19.78 -17.90 -82.56
CA TRP G 1076 -18.73 -17.41 -81.66
C TRP G 1076 -18.58 -15.89 -81.68
N PHE G 1077 -18.36 -15.32 -80.51
CA PHE G 1077 -18.27 -13.89 -80.23
C PHE G 1077 -17.13 -13.62 -79.28
N VAL G 1078 -16.56 -12.42 -79.31
CA VAL G 1078 -15.78 -11.90 -78.19
C VAL G 1078 -16.61 -10.91 -77.43
N THR G 1079 -16.53 -10.93 -76.12
CA THR G 1079 -17.25 -9.98 -75.28
C THR G 1079 -16.34 -9.50 -74.20
N GLN G 1080 -16.44 -8.23 -73.83
CA GLN G 1080 -15.84 -7.73 -72.61
C GLN G 1080 -16.22 -8.61 -71.40
N ARG G 1081 -15.40 -8.62 -70.37
CA ARG G 1081 -15.45 -9.69 -69.35
C ARG G 1081 -16.67 -9.56 -68.44
N ASN G 1082 -17.09 -8.35 -68.11
CA ASN G 1082 -17.98 -8.05 -67.00
C ASN G 1082 -19.40 -7.61 -67.40
N PHE G 1083 -19.74 -7.70 -68.67
CA PHE G 1083 -21.06 -7.38 -69.20
C PHE G 1083 -21.18 -8.02 -70.57
N TYR G 1084 -22.02 -9.02 -70.72
CA TYR G 1084 -22.17 -9.75 -71.97
C TYR G 1084 -22.60 -8.81 -73.07
N GLU G 1085 -21.72 -8.58 -74.02
CA GLU G 1085 -21.93 -7.71 -75.16
C GLU G 1085 -21.26 -8.41 -76.33
N PRO G 1086 -21.99 -9.21 -77.11
CA PRO G 1086 -21.40 -10.03 -78.13
C PRO G 1086 -20.90 -9.14 -79.25
N GLN G 1087 -19.63 -9.27 -79.58
CA GLN G 1087 -18.99 -8.63 -80.71
C GLN G 1087 -18.54 -9.70 -81.70
N ILE G 1088 -18.84 -9.53 -82.97
CA ILE G 1088 -18.36 -10.42 -84.04
C ILE G 1088 -16.84 -10.41 -84.02
N ILE G 1089 -16.19 -11.55 -84.18
CA ILE G 1089 -14.73 -11.65 -83.99
C ILE G 1089 -14.01 -11.23 -85.27
N THR G 1090 -13.12 -10.26 -85.15
CA THR G 1090 -12.29 -9.76 -86.25
C THR G 1090 -10.84 -9.63 -85.82
N THR G 1091 -9.96 -9.44 -86.79
CA THR G 1091 -8.56 -9.07 -86.58
C THR G 1091 -8.36 -7.93 -85.57
N ASP G 1092 -9.34 -7.06 -85.37
CA ASP G 1092 -9.22 -5.84 -84.58
C ASP G 1092 -9.57 -6.07 -83.10
N ASN G 1093 -10.36 -7.08 -82.77
CA ASN G 1093 -10.70 -7.46 -81.39
C ASN G 1093 -9.64 -8.40 -80.80
N THR G 1094 -8.69 -8.83 -81.62
CA THR G 1094 -7.90 -10.04 -81.40
C THR G 1094 -6.41 -9.83 -81.64
N PHE G 1095 -5.57 -10.67 -81.06
CA PHE G 1095 -4.17 -10.74 -81.44
C PHE G 1095 -3.78 -12.18 -81.76
N VAL G 1096 -2.97 -12.34 -82.79
CA VAL G 1096 -2.36 -13.59 -83.18
C VAL G 1096 -1.32 -14.02 -82.15
N SER G 1097 -1.13 -15.31 -81.96
CA SER G 1097 0.16 -15.83 -81.52
C SER G 1097 0.46 -17.22 -82.07
N GLY G 1098 1.70 -17.49 -82.43
CA GLY G 1098 2.15 -18.84 -82.78
C GLY G 1098 1.32 -19.52 -83.87
N ASN G 1099 1.00 -20.78 -83.63
CA ASN G 1099 0.04 -21.60 -84.36
C ASN G 1099 -0.68 -22.57 -83.42
N CYS G 1100 -1.72 -23.25 -83.91
CA CYS G 1100 -2.71 -23.97 -83.11
C CYS G 1100 -2.12 -24.97 -82.11
N ASP G 1101 -1.19 -25.82 -82.55
CA ASP G 1101 -0.87 -27.12 -81.92
C ASP G 1101 -0.55 -27.07 -80.43
N VAL G 1102 0.11 -26.01 -79.97
CA VAL G 1102 0.56 -25.90 -78.58
C VAL G 1102 -0.60 -25.66 -77.63
N VAL G 1103 -1.71 -25.11 -78.10
CA VAL G 1103 -2.76 -24.61 -77.23
C VAL G 1103 -3.75 -25.71 -76.86
N ILE G 1104 -3.74 -26.10 -75.59
CA ILE G 1104 -4.78 -26.95 -75.01
C ILE G 1104 -6.13 -26.23 -75.09
N GLY G 1105 -7.17 -26.92 -75.53
CA GLY G 1105 -8.54 -26.38 -75.48
C GLY G 1105 -8.85 -25.31 -76.52
N ILE G 1106 -7.99 -25.06 -77.50
CA ILE G 1106 -8.34 -24.20 -78.62
C ILE G 1106 -9.56 -24.74 -79.37
N VAL G 1107 -10.30 -23.88 -80.03
CA VAL G 1107 -11.45 -24.22 -80.86
C VAL G 1107 -11.32 -23.59 -82.22
N ASN G 1108 -11.92 -24.16 -83.24
CA ASN G 1108 -11.89 -23.55 -84.57
C ASN G 1108 -12.94 -22.45 -84.71
N ASN G 1109 -12.78 -21.59 -85.70
CA ASN G 1109 -13.81 -20.66 -86.17
C ASN G 1109 -13.40 -20.07 -87.52
N THR G 1110 -14.08 -19.02 -87.96
CA THR G 1110 -13.49 -17.99 -88.83
C THR G 1110 -13.21 -16.77 -87.98
N VAL G 1111 -12.38 -15.86 -88.47
CA VAL G 1111 -12.20 -14.52 -87.89
C VAL G 1111 -12.24 -13.52 -89.02
N TYR G 1112 -13.05 -12.49 -88.89
CA TYR G 1112 -13.36 -11.58 -89.99
C TYR G 1112 -12.20 -10.61 -90.25
N ASP G 1113 -11.98 -10.28 -91.52
CA ASP G 1113 -11.05 -9.28 -92.01
C ASP G 1113 -11.80 -8.00 -92.42
N PRO G 1114 -11.74 -6.93 -91.62
CA PRO G 1114 -12.46 -5.68 -91.90
C PRO G 1114 -11.90 -4.90 -93.09
N LEU G 1115 -10.73 -5.26 -93.60
CA LEU G 1115 -10.18 -4.66 -94.82
C LEU G 1115 -10.69 -5.40 -96.05
N GLN G 1116 -10.83 -6.73 -96.00
CA GLN G 1116 -11.13 -7.53 -97.18
C GLN G 1116 -12.32 -7.03 -98.04
N PRO G 1117 -13.50 -6.71 -97.49
CA PRO G 1117 -14.61 -6.24 -98.32
C PRO G 1117 -14.36 -4.83 -98.88
N GLU G 1118 -13.55 -4.02 -98.22
CA GLU G 1118 -13.19 -2.67 -98.69
C GLU G 1118 -12.17 -2.75 -99.83
N LEU G 1119 -11.20 -3.63 -99.68
CA LEU G 1119 -10.21 -3.99 -100.69
C LEU G 1119 -10.85 -4.61 -101.94
N ASP G 1120 -11.84 -5.49 -101.77
CA ASP G 1120 -12.63 -6.00 -102.91
C ASP G 1120 -13.50 -4.90 -103.53
N SER G 1121 -14.08 -4.03 -102.70
CA SER G 1121 -14.81 -2.82 -103.12
C SER G 1121 -13.86 -1.68 -103.48
N GLN H 1 -73.91 -14.40 25.25
CA GLN H 1 -74.57 -13.10 25.54
C GLN H 1 -74.12 -12.53 26.89
N VAL H 2 -74.13 -11.20 27.02
CA VAL H 2 -73.80 -10.48 28.27
C VAL H 2 -74.74 -10.90 29.41
N GLN H 3 -74.22 -10.90 30.64
CA GLN H 3 -74.99 -11.26 31.85
C GLN H 3 -75.27 -10.01 32.67
N LEU H 4 -76.51 -9.85 33.11
CA LEU H 4 -76.90 -8.84 34.11
C LEU H 4 -77.06 -9.50 35.50
N VAL H 5 -76.58 -8.84 36.55
CA VAL H 5 -76.53 -9.38 37.91
C VAL H 5 -77.06 -8.37 38.94
N GLN H 6 -78.10 -8.76 39.66
CA GLN H 6 -78.62 -8.12 40.86
C GLN H 6 -77.54 -8.02 41.95
N SER H 7 -77.40 -6.85 42.60
CA SER H 7 -76.41 -6.65 43.68
C SER H 7 -76.96 -7.08 45.05
N GLY H 8 -77.51 -8.29 45.14
CA GLY H 8 -78.07 -8.87 46.36
C GLY H 8 -79.47 -8.36 46.73
N ALA H 9 -79.68 -8.13 48.03
CA ALA H 9 -80.98 -7.78 48.62
C ALA H 9 -80.86 -6.77 49.77
N GLU H 10 -81.93 -6.04 50.07
CA GLU H 10 -82.00 -5.05 51.16
C GLU H 10 -83.32 -5.15 51.95
N VAL H 11 -83.29 -4.69 53.20
CA VAL H 11 -84.51 -4.43 53.98
C VAL H 11 -84.54 -2.96 54.38
N LYS H 12 -85.64 -2.27 54.04
CA LYS H 12 -85.82 -0.81 54.09
C LYS H 12 -87.16 -0.46 54.74
N LYS H 13 -87.38 0.83 54.99
CA LYS H 13 -88.61 1.36 55.62
C LYS H 13 -89.41 2.17 54.59
N PRO H 14 -90.75 2.14 54.61
CA PRO H 14 -91.54 3.12 53.86
C PRO H 14 -91.20 4.56 54.32
N GLY H 15 -91.37 5.54 53.44
CA GLY H 15 -90.99 6.94 53.65
C GLY H 15 -89.49 7.25 53.46
N ALA H 16 -88.62 6.23 53.54
CA ALA H 16 -87.18 6.36 53.30
C ALA H 16 -86.82 6.33 51.81
N SER H 17 -85.53 6.15 51.52
CA SER H 17 -84.96 5.98 50.18
C SER H 17 -83.96 4.83 50.16
N VAL H 18 -83.66 4.27 48.99
CA VAL H 18 -82.63 3.23 48.81
C VAL H 18 -81.87 3.38 47.51
N LYS H 19 -80.58 3.05 47.50
CA LYS H 19 -79.78 2.88 46.29
C LYS H 19 -79.60 1.40 45.95
N VAL H 20 -79.90 1.09 44.71
CA VAL H 20 -79.98 -0.22 44.05
C VAL H 20 -78.85 -0.30 43.03
N SER H 21 -78.31 -1.49 42.75
CA SER H 21 -77.24 -1.62 41.76
C SER H 21 -77.33 -2.91 40.92
N CYS H 22 -76.94 -2.82 39.65
CA CYS H 22 -76.75 -3.96 38.76
C CYS H 22 -75.29 -4.04 38.33
N LYS H 23 -74.64 -5.19 38.57
CA LYS H 23 -73.32 -5.54 38.01
C LYS H 23 -73.55 -6.18 36.64
N VAL H 24 -72.60 -6.06 35.71
CA VAL H 24 -72.67 -6.79 34.43
C VAL H 24 -71.34 -7.47 34.10
N SER H 25 -71.41 -8.62 33.43
CA SER H 25 -70.25 -9.46 33.06
C SER H 25 -70.40 -10.06 31.66
N GLY H 26 -69.30 -10.57 31.12
CA GLY H 26 -69.15 -10.96 29.72
C GLY H 26 -68.60 -9.80 28.89
N TYR H 27 -69.33 -8.68 28.90
CA TYR H 27 -68.88 -7.39 28.38
C TYR H 27 -69.33 -6.23 29.27
N THR H 28 -68.70 -5.08 29.08
CA THR H 28 -68.77 -3.86 29.89
C THR H 28 -70.15 -3.17 29.92
N LEU H 29 -70.38 -2.36 30.96
CA LEU H 29 -71.62 -1.62 31.17
C LEU H 29 -71.88 -0.43 30.24
N PRO H 30 -70.92 0.47 29.93
CA PRO H 30 -71.28 1.79 29.38
C PRO H 30 -71.98 1.77 28.02
N GLU H 31 -71.89 0.66 27.30
CA GLU H 31 -72.54 0.39 26.02
C GLU H 31 -74.01 -0.03 26.18
N LEU H 32 -74.41 -0.40 27.38
CA LEU H 32 -75.76 -0.82 27.71
C LEU H 32 -76.65 0.40 27.99
N SER H 33 -77.84 0.47 27.41
CA SER H 33 -78.82 1.53 27.67
C SER H 33 -79.84 1.09 28.73
N MET H 34 -79.55 1.40 29.99
CA MET H 34 -80.22 0.83 31.17
C MET H 34 -81.66 1.28 31.37
N HIS H 35 -82.55 0.38 31.79
CA HIS H 35 -83.90 0.67 32.30
C HIS H 35 -84.19 -0.25 33.49
N TRP H 36 -85.18 0.07 34.32
CA TRP H 36 -85.53 -0.74 35.49
C TRP H 36 -87.05 -0.87 35.64
N VAL H 37 -87.51 -1.84 36.42
CA VAL H 37 -88.95 -2.07 36.64
C VAL H 37 -89.29 -2.34 38.10
N ARG H 38 -90.37 -1.73 38.59
CA ARG H 38 -90.97 -1.98 39.92
C ARG H 38 -91.74 -3.28 39.90
N GLN H 39 -91.61 -4.13 40.92
CA GLN H 39 -92.62 -5.14 41.23
C GLN H 39 -92.49 -5.74 42.65
N ALA H 40 -93.45 -5.53 43.55
CA ALA H 40 -93.69 -6.52 44.62
C ALA H 40 -94.27 -7.79 43.96
N PRO H 41 -93.66 -8.98 44.13
CA PRO H 41 -93.87 -10.14 43.27
C PRO H 41 -95.35 -10.49 43.04
N GLY H 42 -95.74 -10.57 41.77
CA GLY H 42 -97.11 -10.84 41.33
C GLY H 42 -98.03 -9.60 41.23
N LYS H 43 -97.63 -8.44 41.76
CA LYS H 43 -98.34 -7.15 41.53
C LYS H 43 -97.87 -6.48 40.24
N GLY H 44 -98.67 -5.53 39.74
CA GLY H 44 -98.43 -4.85 38.46
C GLY H 44 -97.05 -4.20 38.35
N LEU H 45 -96.39 -4.37 37.19
CA LEU H 45 -95.09 -3.73 36.91
C LEU H 45 -95.27 -2.25 36.55
N GLU H 46 -94.23 -1.43 36.80
CA GLU H 46 -94.07 -0.14 36.11
C GLU H 46 -92.60 0.25 35.92
N TRP H 47 -92.28 0.97 34.84
CA TRP H 47 -90.96 1.52 34.53
C TRP H 47 -90.44 2.44 35.64
N MET H 48 -89.19 2.22 36.03
CA MET H 48 -88.40 3.02 36.96
C MET H 48 -86.95 3.14 36.45
N GLY H 49 -86.13 3.99 37.07
CA GLY H 49 -84.74 4.22 36.64
C GLY H 49 -84.69 4.77 35.21
N GLY H 50 -83.66 4.44 34.42
CA GLY H 50 -83.68 4.66 32.97
C GLY H 50 -82.40 5.22 32.35
N PHE H 51 -82.38 5.19 31.01
CA PHE H 51 -81.36 5.73 30.13
C PHE H 51 -81.93 5.84 28.72
N HIS H 52 -81.76 6.99 28.08
CA HIS H 52 -82.04 7.19 26.66
C HIS H 52 -80.75 7.53 25.92
N PRO H 53 -80.43 6.89 24.78
CA PRO H 53 -79.39 7.37 23.86
C PRO H 53 -79.73 8.73 23.21
N GLU H 54 -81.02 9.03 23.02
CA GLU H 54 -81.54 10.41 22.87
C GLU H 54 -81.30 11.16 24.19
N ASP H 55 -80.78 12.38 24.16
CA ASP H 55 -80.22 13.11 25.32
C ASP H 55 -78.96 12.42 25.95
N GLY H 56 -78.76 11.13 25.70
CA GLY H 56 -77.49 10.41 25.85
C GLY H 56 -77.10 10.10 27.29
N GLU H 57 -78.07 9.85 28.15
CA GLU H 57 -77.87 9.79 29.60
C GLU H 57 -78.91 8.93 30.33
N THR H 58 -78.61 8.64 31.61
CA THR H 58 -79.41 7.85 32.56
C THR H 58 -80.70 8.53 33.03
N ILE H 59 -81.46 9.09 32.09
CA ILE H 59 -82.72 9.83 32.28
C ILE H 59 -83.83 8.96 32.90
N TYR H 60 -84.55 9.54 33.86
CA TYR H 60 -85.44 8.83 34.78
C TYR H 60 -86.83 8.55 34.19
N ALA H 61 -87.51 7.55 34.75
CA ALA H 61 -88.86 7.14 34.36
C ALA H 61 -89.88 8.27 34.50
N GLN H 62 -90.55 8.64 33.42
CA GLN H 62 -91.28 9.91 33.32
C GLN H 62 -92.46 10.02 34.30
N LYS H 63 -93.12 8.91 34.62
CA LYS H 63 -94.23 8.88 35.58
C LYS H 63 -93.77 9.09 37.04
N PHE H 64 -92.50 8.82 37.34
CA PHE H 64 -91.88 8.87 38.66
C PHE H 64 -90.62 9.76 38.71
N GLN H 65 -90.49 10.73 37.80
CA GLN H 65 -89.25 11.48 37.59
C GLN H 65 -88.87 12.28 38.86
N GLY H 66 -87.66 12.07 39.37
CA GLY H 66 -87.19 12.65 40.63
C GLY H 66 -87.47 11.76 41.85
N ARG H 67 -88.66 11.15 41.93
CA ARG H 67 -88.96 10.08 42.91
C ARG H 67 -87.98 8.92 42.72
N VAL H 68 -87.73 8.53 41.47
CA VAL H 68 -86.65 7.62 41.07
C VAL H 68 -85.59 8.36 40.27
N THR H 69 -84.34 7.93 40.42
CA THR H 69 -83.16 8.46 39.74
C THR H 69 -82.24 7.33 39.29
N MET H 70 -81.34 7.58 38.34
CA MET H 70 -80.44 6.57 37.78
C MET H 70 -79.09 7.14 37.35
N THR H 71 -78.02 6.35 37.46
CA THR H 71 -76.63 6.71 37.16
C THR H 71 -75.77 5.44 36.99
N GLU H 72 -74.50 5.54 36.60
CA GLU H 72 -73.61 4.40 36.34
C GLU H 72 -72.14 4.67 36.72
N ASP H 73 -71.37 3.64 37.05
CA ASP H 73 -69.92 3.69 37.16
C ASP H 73 -69.23 2.88 36.05
N THR H 74 -68.40 3.55 35.23
CA THR H 74 -67.58 2.92 34.19
C THR H 74 -66.51 2.00 34.76
N SER H 75 -66.05 2.23 35.99
CA SER H 75 -64.87 1.58 36.56
C SER H 75 -65.14 0.11 36.91
N THR H 76 -66.21 -0.13 37.64
CA THR H 76 -66.66 -1.45 38.13
C THR H 76 -67.69 -2.16 37.23
N ASP H 77 -68.13 -1.53 36.13
CA ASP H 77 -69.31 -1.98 35.35
C ASP H 77 -70.58 -2.12 36.21
N THR H 78 -70.83 -1.16 37.11
CA THR H 78 -72.05 -1.14 37.95
C THR H 78 -72.99 0.00 37.61
N ALA H 79 -74.27 -0.32 37.35
CA ALA H 79 -75.35 0.67 37.25
C ALA H 79 -75.86 0.96 38.66
N TYR H 80 -76.43 2.15 38.86
CA TYR H 80 -77.08 2.55 40.11
C TYR H 80 -78.43 3.21 39.85
N MET H 81 -79.38 2.93 40.71
CA MET H 81 -80.69 3.57 40.74
C MET H 81 -80.98 3.97 42.18
N GLU H 82 -81.48 5.18 42.44
CA GLU H 82 -81.99 5.53 43.77
C GLU H 82 -83.47 5.91 43.72
N LEU H 83 -84.27 5.21 44.53
CA LEU H 83 -85.71 5.42 44.70
C LEU H 83 -85.96 6.06 46.07
N SER H 84 -86.78 7.10 46.12
CA SER H 84 -87.03 7.95 47.31
C SER H 84 -88.53 8.08 47.61
N SER H 85 -88.87 8.36 48.87
CA SER H 85 -90.24 8.34 49.41
C SER H 85 -90.92 6.96 49.25
N LEU H 86 -90.27 5.90 49.73
CA LEU H 86 -90.67 4.50 49.48
C LEU H 86 -92.08 4.15 49.98
N ARG H 87 -92.91 3.52 49.16
CA ARG H 87 -94.33 3.19 49.44
C ARG H 87 -94.58 1.70 49.26
N SER H 88 -95.27 1.06 50.19
CA SER H 88 -96.00 -0.23 49.98
C SER H 88 -95.35 -1.22 48.99
N GLU H 89 -95.83 -1.28 47.75
CA GLU H 89 -95.37 -2.19 46.68
C GLU H 89 -93.92 -1.99 46.21
N ASP H 90 -93.20 -0.99 46.74
CA ASP H 90 -91.74 -0.86 46.64
C ASP H 90 -90.97 -1.95 47.42
N THR H 91 -91.67 -2.82 48.17
CA THR H 91 -91.19 -4.12 48.69
C THR H 91 -90.90 -5.13 47.57
N ALA H 92 -90.18 -4.66 46.56
CA ALA H 92 -90.12 -5.19 45.22
C ALA H 92 -88.86 -5.99 44.89
N VAL H 93 -88.98 -6.88 43.92
CA VAL H 93 -87.86 -7.33 43.11
C VAL H 93 -87.66 -6.31 41.97
N TYR H 94 -86.78 -5.32 42.17
CA TYR H 94 -86.50 -4.32 41.12
C TYR H 94 -85.72 -4.97 39.98
N TYR H 95 -86.29 -5.03 38.79
CA TYR H 95 -85.68 -5.73 37.64
C TYR H 95 -84.67 -4.85 36.89
N CYS H 96 -83.39 -5.25 36.91
CA CYS H 96 -82.34 -4.69 36.06
C CYS H 96 -82.59 -5.09 34.60
N ALA H 97 -82.66 -4.10 33.72
CA ALA H 97 -83.01 -4.25 32.30
C ALA H 97 -82.16 -3.32 31.43
N THR H 98 -82.06 -3.62 30.14
CA THR H 98 -81.42 -2.75 29.15
C THR H 98 -81.64 -3.29 27.74
N GLY H 99 -82.34 -2.54 26.87
CA GLY H 99 -82.45 -2.87 25.46
C GLY H 99 -81.12 -2.65 24.73
N SER H 100 -80.16 -3.57 24.90
CA SER H 100 -78.79 -3.47 24.41
C SER H 100 -78.09 -4.84 24.30
N PRO H 101 -77.29 -5.23 25.30
CA PRO H 101 -76.14 -6.12 25.12
C PRO H 101 -75.24 -5.81 23.93
N PHE H 102 -74.00 -6.30 23.97
CA PHE H 102 -73.01 -6.11 22.91
C PHE H 102 -71.82 -7.08 23.10
N GLY H 103 -70.92 -7.16 22.12
CA GLY H 103 -69.68 -7.93 22.21
C GLY H 103 -68.64 -7.42 21.22
N VAL H 104 -68.22 -6.17 21.40
CA VAL H 104 -67.56 -5.27 20.42
C VAL H 104 -68.42 -4.96 19.18
N VAL H 105 -69.08 -5.99 18.61
CA VAL H 105 -70.30 -5.90 17.81
C VAL H 105 -71.48 -5.34 18.65
N THR H 106 -72.46 -4.69 18.03
CA THR H 106 -73.70 -4.21 18.70
C THR H 106 -74.80 -5.28 18.73
N ASP H 107 -75.61 -5.30 19.80
CA ASP H 107 -76.93 -5.95 19.88
C ASP H 107 -77.92 -4.96 20.53
N TRP H 108 -79.23 -5.26 20.55
CA TRP H 108 -80.22 -4.32 21.11
C TRP H 108 -81.37 -4.95 21.91
N PHE H 109 -81.39 -6.27 22.10
CA PHE H 109 -82.41 -6.98 22.91
C PHE H 109 -82.30 -6.69 24.42
N ASP H 110 -83.30 -7.12 25.22
CA ASP H 110 -83.43 -6.75 26.63
C ASP H 110 -83.42 -7.95 27.62
N PRO H 111 -82.26 -8.54 27.93
CA PRO H 111 -82.18 -9.54 29.01
C PRO H 111 -82.40 -8.87 30.37
N TRP H 112 -82.95 -9.60 31.33
CA TRP H 112 -83.15 -9.11 32.70
C TRP H 112 -82.26 -9.83 33.73
N GLY H 113 -81.66 -9.05 34.62
CA GLY H 113 -80.67 -9.48 35.60
C GLY H 113 -81.24 -10.03 36.90
N ARG H 114 -82.35 -10.78 36.84
CA ARG H 114 -83.15 -11.36 37.95
C ARG H 114 -83.80 -10.36 38.90
N GLY H 115 -83.16 -9.22 39.14
CA GLY H 115 -83.61 -8.13 39.99
C GLY H 115 -83.31 -8.25 41.49
N THR H 116 -83.06 -7.12 42.14
CA THR H 116 -82.79 -7.03 43.58
C THR H 116 -84.11 -7.07 44.33
N LEU H 117 -84.37 -8.12 45.11
CA LEU H 117 -85.42 -8.05 46.13
C LEU H 117 -85.01 -7.02 47.19
N VAL H 118 -85.87 -6.03 47.41
CA VAL H 118 -85.88 -5.27 48.66
C VAL H 118 -87.20 -5.49 49.38
N THR H 119 -87.18 -5.68 50.70
CA THR H 119 -88.40 -5.57 51.51
C THR H 119 -88.55 -4.14 51.96
N VAL H 120 -89.76 -3.58 51.91
CA VAL H 120 -90.09 -2.37 52.69
C VAL H 120 -91.18 -2.68 53.71
N SER H 121 -90.90 -2.42 54.98
CA SER H 121 -91.89 -2.44 56.08
C SER H 121 -91.40 -1.59 57.24
N SER H 122 -92.31 -1.12 58.08
CA SER H 122 -92.00 -0.43 59.33
C SER H 122 -91.39 -1.35 60.41
N ALA H 123 -91.38 -2.67 60.17
CA ALA H 123 -90.86 -3.70 61.06
C ALA H 123 -89.33 -3.68 61.29
N SER H 124 -88.91 -4.50 62.25
CA SER H 124 -87.53 -4.94 62.45
C SER H 124 -87.52 -6.40 62.94
N THR H 125 -86.40 -7.09 62.78
CA THR H 125 -86.27 -8.50 63.18
C THR H 125 -86.37 -8.68 64.71
N LYS H 126 -86.91 -9.82 65.15
CA LYS H 126 -87.52 -9.98 66.49
C LYS H 126 -87.12 -11.29 67.17
N GLY H 127 -87.36 -11.39 68.47
CA GLY H 127 -87.02 -12.51 69.35
C GLY H 127 -87.92 -13.76 69.23
N PRO H 128 -88.03 -14.60 70.27
CA PRO H 128 -88.71 -15.90 70.22
C PRO H 128 -90.20 -15.82 69.85
N SER H 129 -90.64 -16.60 68.86
CA SER H 129 -92.05 -16.68 68.40
C SER H 129 -92.40 -18.01 67.70
N VAL H 130 -91.55 -19.04 67.84
CA VAL H 130 -91.72 -20.35 67.22
C VAL H 130 -92.64 -21.25 68.04
N PHE H 131 -93.58 -21.92 67.38
CA PHE H 131 -94.45 -22.93 67.99
C PHE H 131 -94.50 -24.20 67.12
N PRO H 132 -94.39 -25.42 67.68
CA PRO H 132 -94.46 -26.64 66.89
C PRO H 132 -95.90 -27.00 66.55
N LEU H 133 -96.16 -27.31 65.29
CA LEU H 133 -97.46 -27.74 64.78
C LEU H 133 -97.62 -29.23 65.10
N ALA H 134 -97.92 -29.52 66.36
CA ALA H 134 -98.17 -30.87 66.84
C ALA H 134 -99.32 -31.52 66.06
N PRO H 135 -99.22 -32.78 65.60
CA PRO H 135 -100.16 -33.38 64.66
C PRO H 135 -101.55 -33.67 65.25
N SER H 136 -102.59 -33.62 64.41
CA SER H 136 -103.95 -34.12 64.75
C SER H 136 -103.98 -35.66 64.87
N SER H 137 -105.03 -36.21 65.47
CA SER H 137 -105.33 -37.66 65.49
C SER H 137 -105.45 -38.26 64.08
N LYS H 138 -105.92 -37.47 63.09
CA LYS H 138 -105.95 -37.81 61.66
C LYS H 138 -104.57 -37.70 60.95
N SER H 139 -103.54 -37.18 61.63
CA SER H 139 -102.18 -37.01 61.11
C SER H 139 -101.22 -38.05 61.68
N THR H 140 -101.10 -38.19 63.00
CA THR H 140 -100.25 -39.23 63.62
C THR H 140 -100.76 -40.63 63.26
N SER H 141 -99.93 -41.38 62.53
CA SER H 141 -100.27 -42.67 61.89
C SER H 141 -101.49 -42.63 60.93
N GLY H 142 -101.97 -41.44 60.56
CA GLY H 142 -103.24 -41.23 59.84
C GLY H 142 -103.10 -40.81 58.38
N GLY H 143 -104.24 -40.65 57.71
CA GLY H 143 -104.32 -40.38 56.27
C GLY H 143 -103.89 -38.97 55.83
N THR H 144 -103.86 -37.98 56.73
CA THR H 144 -103.33 -36.62 56.50
C THR H 144 -102.07 -36.38 57.34
N ALA H 145 -101.16 -37.36 57.35
CA ALA H 145 -99.88 -37.26 58.05
C ALA H 145 -99.07 -36.02 57.60
N ALA H 146 -98.73 -35.18 58.57
CA ALA H 146 -98.03 -33.92 58.43
C ALA H 146 -97.43 -33.46 59.77
N LEU H 147 -96.30 -32.76 59.71
CA LEU H 147 -95.57 -32.23 60.86
C LEU H 147 -94.87 -30.91 60.50
N GLY H 148 -94.60 -30.02 61.45
CA GLY H 148 -93.85 -28.79 61.17
C GLY H 148 -93.90 -27.78 62.31
N CYS H 149 -93.61 -26.52 61.99
CA CYS H 149 -93.61 -25.41 62.94
C CYS H 149 -94.17 -24.12 62.32
N LEU H 150 -94.62 -23.21 63.18
CA LEU H 150 -95.10 -21.88 62.81
C LEU H 150 -94.29 -20.81 63.54
N VAL H 151 -94.11 -19.67 62.89
CA VAL H 151 -93.66 -18.41 63.50
C VAL H 151 -94.75 -17.37 63.46
N LYS H 152 -95.07 -16.82 64.63
CA LYS H 152 -95.77 -15.52 64.72
C LYS H 152 -94.74 -14.39 64.56
N ASP H 153 -95.22 -13.15 64.39
CA ASP H 153 -94.49 -11.88 64.49
C ASP H 153 -92.96 -11.96 64.32
N TYR H 154 -92.49 -12.18 63.09
CA TYR H 154 -91.06 -12.36 62.75
C TYR H 154 -90.71 -11.59 61.46
N PHE H 155 -89.42 -11.37 61.18
CA PHE H 155 -88.98 -10.57 60.03
C PHE H 155 -87.53 -10.88 59.52
N PRO H 156 -87.01 -12.11 59.52
CA PRO H 156 -85.62 -12.40 59.12
C PRO H 156 -85.36 -12.43 57.61
N GLU H 157 -86.38 -12.26 56.77
CA GLU H 157 -86.42 -12.72 55.37
C GLU H 157 -86.44 -14.26 55.25
N PRO H 158 -85.42 -15.01 54.78
CA PRO H 158 -85.55 -16.46 54.61
C PRO H 158 -85.54 -17.20 55.96
N VAL H 159 -86.04 -18.44 55.97
CA VAL H 159 -86.01 -19.33 57.15
C VAL H 159 -85.89 -20.80 56.74
N THR H 160 -85.35 -21.62 57.63
CA THR H 160 -84.69 -22.91 57.36
C THR H 160 -85.59 -24.13 57.04
N VAL H 161 -86.77 -23.94 56.44
CA VAL H 161 -87.84 -24.95 56.33
C VAL H 161 -87.33 -26.32 55.83
N SER H 162 -87.51 -27.37 56.65
CA SER H 162 -87.38 -28.79 56.28
C SER H 162 -87.78 -29.73 57.43
N TRP H 163 -87.46 -29.38 58.67
CA TRP H 163 -88.00 -29.96 59.92
C TRP H 163 -87.91 -31.50 60.02
N ASN H 164 -86.82 -32.10 59.55
CA ASN H 164 -86.57 -33.54 59.61
C ASN H 164 -85.08 -33.89 59.84
N SER H 165 -84.83 -35.05 60.46
CA SER H 165 -83.49 -35.59 60.78
C SER H 165 -82.79 -36.30 59.59
N GLY H 166 -82.98 -35.78 58.37
CA GLY H 166 -82.32 -36.22 57.13
C GLY H 166 -82.90 -37.47 56.44
N ALA H 167 -83.95 -38.08 56.99
CA ALA H 167 -84.63 -39.24 56.42
C ALA H 167 -85.62 -38.89 55.29
N LEU H 168 -86.04 -37.62 55.17
CA LEU H 168 -87.07 -37.12 54.25
C LEU H 168 -86.60 -35.84 53.52
N THR H 169 -87.09 -35.62 52.30
CA THR H 169 -86.77 -34.46 51.45
C THR H 169 -87.90 -34.15 50.44
N SER H 170 -89.16 -34.30 50.85
CA SER H 170 -90.35 -34.19 49.99
C SER H 170 -91.59 -33.67 50.75
N GLY H 171 -92.58 -33.16 50.03
CA GLY H 171 -93.89 -32.80 50.59
C GLY H 171 -93.94 -31.51 51.43
N VAL H 172 -92.98 -30.59 51.29
CA VAL H 172 -92.98 -29.28 51.96
C VAL H 172 -94.08 -28.35 51.41
N HIS H 173 -94.72 -27.55 52.25
CA HIS H 173 -95.58 -26.43 51.86
C HIS H 173 -95.24 -25.15 52.63
N THR H 174 -95.20 -24.04 51.90
CA THR H 174 -94.71 -22.73 52.36
C THR H 174 -95.60 -21.61 51.78
N PHE H 175 -95.51 -20.43 52.39
CA PHE H 175 -96.36 -19.28 52.10
C PHE H 175 -95.51 -17.99 52.07
N PRO H 176 -95.96 -16.91 51.41
CA PRO H 176 -95.15 -15.70 51.16
C PRO H 176 -95.00 -14.78 52.39
N ALA H 177 -94.75 -15.37 53.57
CA ALA H 177 -94.53 -14.70 54.86
C ALA H 177 -95.59 -13.62 55.20
N VAL H 178 -96.85 -14.05 55.37
CA VAL H 178 -98.03 -13.16 55.48
C VAL H 178 -97.94 -12.13 56.62
N LEU H 179 -98.24 -10.88 56.30
CA LEU H 179 -98.14 -9.73 57.21
C LEU H 179 -99.21 -9.76 58.31
N GLN H 180 -98.78 -9.64 59.56
CA GLN H 180 -99.65 -9.23 60.66
C GLN H 180 -99.98 -7.73 60.55
N SER H 181 -101.03 -7.27 61.24
CA SER H 181 -101.43 -5.85 61.27
C SER H 181 -100.36 -4.93 61.89
N SER H 182 -99.42 -5.49 62.65
CA SER H 182 -98.24 -4.81 63.22
C SER H 182 -97.08 -4.60 62.22
N GLY H 183 -97.20 -5.12 60.99
CA GLY H 183 -96.21 -5.04 59.91
C GLY H 183 -95.10 -6.11 59.94
N LEU H 184 -95.04 -6.93 60.99
CA LEU H 184 -94.23 -8.16 61.08
C LEU H 184 -94.81 -9.24 60.15
N TYR H 185 -93.99 -10.15 59.64
CA TYR H 185 -94.46 -11.36 58.98
C TYR H 185 -95.00 -12.39 59.99
N SER H 186 -95.62 -13.46 59.48
CA SER H 186 -95.91 -14.73 60.14
C SER H 186 -95.94 -15.85 59.08
N LEU H 187 -95.77 -17.11 59.48
CA LEU H 187 -95.72 -18.24 58.55
C LEU H 187 -96.02 -19.57 59.23
N SER H 188 -97.03 -20.29 58.76
CA SER H 188 -97.11 -21.75 58.94
C SER H 188 -96.18 -22.45 57.95
N SER H 189 -95.30 -23.33 58.42
CA SER H 189 -94.42 -24.15 57.56
C SER H 189 -94.56 -25.63 57.91
N VAL H 190 -95.00 -26.43 56.94
CA VAL H 190 -95.44 -27.83 57.13
C VAL H 190 -94.78 -28.75 56.13
N VAL H 191 -94.39 -29.94 56.60
CA VAL H 191 -93.97 -31.05 55.76
C VAL H 191 -94.98 -32.18 55.90
N THR H 192 -95.50 -32.64 54.78
CA THR H 192 -96.49 -33.74 54.71
C THR H 192 -95.78 -35.10 54.77
N VAL H 193 -95.14 -35.33 55.92
CA VAL H 193 -94.30 -36.51 56.21
C VAL H 193 -95.10 -37.84 56.18
N PRO H 194 -94.45 -39.00 55.94
CA PRO H 194 -95.12 -40.29 55.90
C PRO H 194 -95.81 -40.69 57.22
N SER H 195 -96.98 -41.34 57.13
CA SER H 195 -97.71 -41.89 58.29
C SER H 195 -96.86 -42.86 59.11
N SER H 196 -96.04 -43.69 58.45
CA SER H 196 -95.16 -44.68 59.07
C SER H 196 -93.99 -44.07 59.84
N SER H 197 -93.51 -42.86 59.49
CA SER H 197 -92.48 -42.14 60.26
C SER H 197 -93.12 -41.35 61.42
N LEU H 198 -94.19 -40.63 61.14
CA LEU H 198 -94.91 -39.79 62.10
C LEU H 198 -95.63 -40.60 63.21
N GLY H 199 -95.78 -41.91 63.04
CA GLY H 199 -96.26 -42.81 64.10
C GLY H 199 -95.34 -42.86 65.34
N THR H 200 -94.03 -42.61 65.20
CA THR H 200 -93.06 -42.74 66.32
C THR H 200 -91.93 -41.70 66.35
N GLN H 201 -91.43 -41.22 65.20
CA GLN H 201 -90.20 -40.42 65.12
C GLN H 201 -90.38 -38.98 65.61
N THR H 202 -89.31 -38.35 66.10
CA THR H 202 -89.28 -36.96 66.55
C THR H 202 -88.05 -36.21 66.02
N TYR H 203 -88.22 -34.93 65.68
CA TYR H 203 -87.21 -34.07 65.05
C TYR H 203 -87.14 -32.70 65.76
N ILE H 204 -86.27 -31.81 65.30
CA ILE H 204 -86.20 -30.41 65.75
C ILE H 204 -86.43 -29.46 64.55
N CYS H 205 -87.27 -28.44 64.69
CA CYS H 205 -87.50 -27.44 63.64
C CYS H 205 -86.59 -26.22 63.86
N ASN H 206 -85.63 -26.01 62.97
CA ASN H 206 -84.59 -24.98 63.09
C ASN H 206 -85.05 -23.60 62.55
N VAL H 207 -86.17 -23.08 63.04
CA VAL H 207 -86.89 -21.89 62.51
C VAL H 207 -86.22 -20.54 62.83
N ASN H 208 -84.88 -20.51 62.79
CA ASN H 208 -84.04 -19.48 63.39
C ASN H 208 -84.05 -18.11 62.67
N HIS H 209 -84.03 -17.03 63.45
CA HIS H 209 -84.11 -15.63 62.98
C HIS H 209 -82.71 -15.07 62.72
N LYS H 210 -82.11 -15.40 61.58
CA LYS H 210 -80.69 -15.12 61.24
C LYS H 210 -80.19 -13.68 61.55
N PRO H 211 -80.86 -12.59 61.14
CA PRO H 211 -80.43 -11.23 61.50
C PRO H 211 -80.68 -10.83 62.97
N SER H 212 -81.56 -11.51 63.72
CA SER H 212 -81.66 -11.34 65.19
C SER H 212 -80.53 -12.03 65.95
N ASN H 213 -79.76 -12.93 65.30
CA ASN H 213 -78.75 -13.84 65.86
C ASN H 213 -79.26 -14.89 66.88
N THR H 214 -80.39 -14.65 67.56
CA THR H 214 -80.99 -15.54 68.56
C THR H 214 -81.46 -16.85 67.93
N LYS H 215 -81.01 -17.98 68.46
CA LYS H 215 -81.59 -19.30 68.18
C LYS H 215 -82.95 -19.46 68.86
N VAL H 216 -83.89 -20.12 68.19
CA VAL H 216 -85.31 -20.20 68.59
C VAL H 216 -85.96 -21.55 68.25
N ASP H 217 -85.17 -22.59 67.98
CA ASP H 217 -85.63 -23.93 67.58
C ASP H 217 -86.62 -24.58 68.58
N LYS H 218 -87.54 -25.44 68.10
CA LYS H 218 -88.38 -26.30 68.95
C LYS H 218 -88.47 -27.75 68.44
N LYS H 219 -88.68 -28.69 69.36
CA LYS H 219 -88.92 -30.11 69.05
C LYS H 219 -90.28 -30.33 68.38
N VAL H 220 -90.37 -31.32 67.50
CA VAL H 220 -91.60 -31.74 66.79
C VAL H 220 -91.79 -33.26 66.93
N GLU H 221 -93.00 -33.76 67.20
CA GLU H 221 -93.22 -35.14 67.64
C GLU H 221 -94.65 -35.65 67.38
N PRO H 222 -94.93 -36.96 67.50
CA PRO H 222 -96.27 -37.52 67.27
C PRO H 222 -97.35 -37.06 68.27
N LYS H 223 -96.94 -36.54 69.44
CA LYS H 223 -97.77 -36.25 70.62
C LYS H 223 -97.35 -34.95 71.31
N GLN I 1 -96.51 10.37 27.17
CA GLN I 1 -96.06 9.00 26.79
C GLN I 1 -97.23 8.03 26.68
N SER I 2 -97.03 6.85 26.10
CA SER I 2 -98.07 5.81 26.01
C SER I 2 -98.51 5.29 27.39
N ALA I 3 -99.75 4.78 27.46
CA ALA I 3 -100.27 3.96 28.57
C ALA I 3 -100.82 2.62 28.04
N LEU I 4 -100.79 1.54 28.82
CA LEU I 4 -101.31 0.23 28.40
C LEU I 4 -101.91 -0.61 29.55
N THR I 5 -102.77 -1.57 29.20
CA THR I 5 -103.47 -2.50 30.12
C THR I 5 -103.63 -3.90 29.48
N GLN I 6 -103.88 -4.94 30.27
CA GLN I 6 -104.05 -6.33 29.79
C GLN I 6 -105.02 -7.17 30.67
N PRO I 7 -105.78 -8.13 30.09
CA PRO I 7 -106.55 -9.10 30.87
C PRO I 7 -106.01 -10.01 32.02
N PRO I 8 -106.83 -10.33 33.02
CA PRO I 8 -106.35 -10.84 34.31
C PRO I 8 -105.56 -12.16 34.27
N SER I 9 -105.94 -13.12 33.41
CA SER I 9 -105.35 -14.48 33.47
C SER I 9 -105.10 -15.19 32.14
N ALA I 10 -106.02 -15.20 31.17
CA ALA I 10 -105.83 -15.80 29.82
C ALA I 10 -105.31 -17.27 29.81
N SER I 11 -105.84 -18.08 30.72
CA SER I 11 -105.41 -19.47 31.01
C SER I 11 -106.00 -20.54 30.07
N GLY I 12 -105.63 -21.80 30.26
CA GLY I 12 -106.18 -22.92 29.47
C GLY I 12 -105.85 -24.32 29.99
N SER I 13 -106.45 -25.35 29.40
CA SER I 13 -106.08 -26.75 29.60
C SER I 13 -104.63 -27.03 29.13
N PRO I 14 -103.96 -28.05 29.69
CA PRO I 14 -102.61 -28.38 29.25
C PRO I 14 -102.59 -28.76 27.76
N GLY I 15 -101.59 -28.27 27.03
CA GLY I 15 -101.47 -28.38 25.57
C GLY I 15 -102.12 -27.25 24.76
N GLN I 16 -102.89 -26.34 25.39
CA GLN I 16 -103.55 -25.23 24.67
C GLN I 16 -102.55 -24.26 24.03
N SER I 17 -102.93 -23.69 22.88
CA SER I 17 -102.21 -22.59 22.21
C SER I 17 -102.68 -21.22 22.73
N VAL I 18 -102.61 -20.99 24.04
CA VAL I 18 -103.17 -19.76 24.65
C VAL I 18 -102.49 -18.50 24.11
N THR I 19 -103.29 -17.51 23.76
CA THR I 19 -102.82 -16.23 23.22
C THR I 19 -103.10 -15.12 24.24
N ILE I 20 -102.04 -14.45 24.68
CA ILE I 20 -102.00 -13.55 25.82
C ILE I 20 -102.01 -12.12 25.29
N SER I 21 -103.08 -11.36 25.54
CA SER I 21 -103.31 -10.06 24.92
C SER I 21 -103.01 -8.89 25.86
N CYS I 22 -102.73 -7.74 25.26
CA CYS I 22 -102.54 -6.45 25.90
C CYS I 22 -103.03 -5.36 24.93
N THR I 23 -103.40 -4.18 25.42
CA THR I 23 -103.68 -3.04 24.53
C THR I 23 -103.15 -1.72 25.06
N GLY I 24 -102.59 -0.91 24.16
CA GLY I 24 -102.23 0.47 24.42
C GLY I 24 -103.37 1.45 24.12
N THR I 25 -103.27 2.64 24.69
CA THR I 25 -104.09 3.79 24.27
C THR I 25 -103.77 4.25 22.83
N SER I 26 -102.62 3.81 22.30
CA SER I 26 -102.17 3.93 20.91
C SER I 26 -101.18 2.79 20.61
N SER I 27 -100.77 2.64 19.35
CA SER I 27 -99.47 2.03 19.05
C SER I 27 -98.34 2.83 19.74
N ASP I 28 -97.24 2.20 20.11
CA ASP I 28 -96.19 2.77 20.98
C ASP I 28 -95.58 4.09 20.48
N VAL I 29 -94.99 4.85 21.41
CA VAL I 29 -94.10 5.97 21.07
C VAL I 29 -92.99 5.53 20.09
N GLY I 30 -92.78 6.33 19.04
CA GLY I 30 -91.90 6.01 17.92
C GLY I 30 -92.56 5.23 16.76
N GLY I 31 -93.89 5.15 16.74
CA GLY I 31 -94.69 4.62 15.61
C GLY I 31 -95.19 3.19 15.84
N TYR I 32 -94.38 2.20 15.48
CA TYR I 32 -94.79 0.79 15.51
C TYR I 32 -95.02 0.24 16.93
N ASN I 33 -95.76 -0.88 17.04
CA ASN I 33 -96.17 -1.47 18.30
C ASN I 33 -95.02 -2.25 18.96
N TYR I 34 -94.03 -1.54 19.46
CA TYR I 34 -92.84 -2.09 20.11
C TYR I 34 -93.07 -2.71 21.51
N VAL I 35 -94.20 -3.38 21.73
CA VAL I 35 -94.49 -4.01 23.02
C VAL I 35 -93.66 -5.28 23.23
N SER I 36 -92.71 -5.23 24.14
CA SER I 36 -92.06 -6.42 24.65
C SER I 36 -92.92 -7.12 25.72
N TRP I 37 -92.81 -8.44 25.77
CA TRP I 37 -93.53 -9.32 26.67
C TRP I 37 -92.56 -10.07 27.60
N TYR I 38 -92.76 -9.92 28.91
CA TYR I 38 -91.93 -10.56 29.94
C TYR I 38 -92.75 -11.58 30.71
N GLN I 39 -92.28 -12.82 30.69
CA GLN I 39 -92.75 -13.89 31.55
C GLN I 39 -92.15 -13.68 32.94
N GLN I 40 -92.92 -13.14 33.89
CA GLN I 40 -92.58 -13.19 35.31
C GLN I 40 -92.98 -14.55 35.88
N HIS I 41 -92.01 -15.46 36.01
CA HIS I 41 -92.19 -16.78 36.62
C HIS I 41 -92.85 -16.72 38.00
N PRO I 42 -93.68 -17.70 38.38
CA PRO I 42 -94.47 -17.66 39.62
C PRO I 42 -93.56 -17.69 40.86
N GLY I 43 -93.49 -16.55 41.56
CA GLY I 43 -92.57 -16.33 42.69
C GLY I 43 -91.08 -16.29 42.34
N LYS I 44 -90.71 -16.15 41.05
CA LYS I 44 -89.35 -16.38 40.53
C LYS I 44 -88.92 -15.35 39.48
N ALA I 45 -87.60 -15.26 39.25
CA ALA I 45 -86.96 -14.28 38.36
C ALA I 45 -87.54 -14.30 36.91
N PRO I 46 -88.00 -13.17 36.34
CA PRO I 46 -88.58 -13.12 34.99
C PRO I 46 -87.59 -13.39 33.85
N LYS I 47 -88.13 -13.78 32.68
CA LYS I 47 -87.46 -13.71 31.38
C LYS I 47 -88.24 -12.83 30.40
N LEU I 48 -87.53 -12.09 29.56
CA LEU I 48 -88.07 -11.62 28.30
C LEU I 48 -88.48 -12.82 27.43
N MET I 49 -89.70 -12.80 26.90
CA MET I 49 -90.14 -13.74 25.86
C MET I 49 -90.06 -13.08 24.48
N ILE I 50 -90.99 -12.21 24.12
CA ILE I 50 -91.03 -11.57 22.78
C ILE I 50 -90.61 -10.11 22.92
N TYR I 51 -89.70 -9.65 22.06
CA TYR I 51 -89.20 -8.29 22.08
C TYR I 51 -89.91 -7.46 21.01
N GLU I 52 -90.40 -6.27 21.36
CA GLU I 52 -90.98 -5.31 20.42
C GLU I 52 -92.15 -5.84 19.56
N VAL I 53 -92.87 -6.87 20.05
CA VAL I 53 -93.84 -7.78 19.39
C VAL I 53 -93.26 -8.61 18.24
N SER I 54 -92.52 -7.97 17.34
CA SER I 54 -92.08 -8.57 16.09
C SER I 54 -90.88 -9.49 16.22
N LYS I 55 -90.11 -9.44 17.32
CA LYS I 55 -88.79 -10.06 17.41
C LYS I 55 -88.76 -11.21 18.42
N ARG I 56 -88.23 -12.36 17.99
CA ARG I 56 -87.76 -13.43 18.87
C ARG I 56 -86.32 -13.12 19.34
N PRO I 57 -86.11 -12.72 20.60
CA PRO I 57 -84.78 -12.47 21.15
C PRO I 57 -84.03 -13.78 21.44
N SER I 58 -82.78 -13.66 21.89
CA SER I 58 -81.94 -14.80 22.25
C SER I 58 -82.54 -15.66 23.37
N GLY I 59 -82.31 -16.97 23.29
CA GLY I 59 -82.65 -17.95 24.32
C GLY I 59 -84.12 -18.41 24.39
N VAL I 60 -85.04 -17.87 23.58
CA VAL I 60 -86.46 -18.27 23.58
C VAL I 60 -86.62 -19.75 23.21
N PRO I 61 -87.41 -20.57 23.96
CA PRO I 61 -87.46 -22.02 23.80
C PRO I 61 -88.38 -22.52 22.66
N ASP I 62 -88.49 -21.78 21.55
CA ASP I 62 -89.33 -22.03 20.35
C ASP I 62 -90.86 -22.07 20.55
N ARG I 63 -91.36 -22.53 21.71
CA ARG I 63 -92.81 -22.61 22.01
C ARG I 63 -93.48 -21.26 22.33
N PHE I 64 -92.85 -20.16 21.97
CA PHE I 64 -93.32 -18.79 22.18
C PHE I 64 -93.10 -17.94 20.93
N SER I 65 -94.10 -17.14 20.55
CA SER I 65 -94.09 -16.31 19.34
C SER I 65 -94.99 -15.07 19.51
N GLY I 66 -94.82 -14.03 18.70
CA GLY I 66 -95.69 -12.84 18.77
C GLY I 66 -97.13 -13.10 18.32
N SER I 67 -98.03 -12.15 18.56
CA SER I 67 -99.43 -12.16 18.13
C SER I 67 -100.01 -10.73 18.06
N LYS I 68 -101.12 -10.58 17.33
CA LYS I 68 -101.89 -9.33 17.13
C LYS I 68 -101.10 -8.19 16.47
N SER I 69 -101.76 -7.05 16.33
CA SER I 69 -101.33 -5.88 15.56
C SER I 69 -102.03 -4.61 16.05
N GLY I 70 -101.54 -3.43 15.66
CA GLY I 70 -102.09 -2.15 16.08
C GLY I 70 -101.77 -1.82 17.54
N ASN I 71 -102.67 -1.15 18.26
CA ASN I 71 -102.53 -0.90 19.70
C ASN I 71 -102.65 -2.19 20.56
N THR I 72 -103.44 -3.17 20.11
CA THR I 72 -103.51 -4.50 20.72
C THR I 72 -102.26 -5.32 20.41
N ALA I 73 -101.32 -5.40 21.36
CA ALA I 73 -100.18 -6.30 21.32
C ALA I 73 -100.55 -7.71 21.85
N SER I 74 -99.80 -8.74 21.49
CA SER I 74 -99.96 -10.06 22.11
C SER I 74 -98.73 -10.96 22.03
N LEU I 75 -98.63 -11.88 22.99
CA LEU I 75 -97.72 -13.03 23.00
C LEU I 75 -98.53 -14.32 22.81
N THR I 76 -98.03 -15.23 22.00
CA THR I 76 -98.55 -16.59 21.87
C THR I 76 -97.71 -17.55 22.72
N VAL I 77 -98.39 -18.45 23.44
CA VAL I 77 -97.79 -19.58 24.15
C VAL I 77 -98.25 -20.87 23.48
N SER I 78 -97.35 -21.70 22.97
CA SER I 78 -97.68 -22.90 22.17
C SER I 78 -97.50 -24.18 22.98
N GLY I 79 -98.56 -24.98 23.10
CA GLY I 79 -98.52 -26.20 23.93
C GLY I 79 -98.40 -25.90 25.43
N LEU I 80 -99.27 -25.05 25.98
CA LEU I 80 -99.21 -24.56 27.37
C LEU I 80 -99.01 -25.69 28.39
N GLN I 81 -98.01 -25.56 29.24
CA GLN I 81 -97.73 -26.48 30.34
C GLN I 81 -97.17 -25.75 31.58
N ALA I 82 -96.59 -26.51 32.51
CA ALA I 82 -95.88 -25.96 33.65
C ALA I 82 -94.71 -25.05 33.20
N GLU I 83 -94.35 -24.09 34.05
CA GLU I 83 -93.42 -22.97 33.83
C GLU I 83 -93.92 -21.94 32.80
N ASP I 84 -94.56 -22.38 31.72
CA ASP I 84 -95.35 -21.50 30.88
C ASP I 84 -96.49 -20.85 31.70
N GLU I 85 -97.02 -21.56 32.71
CA GLU I 85 -97.78 -20.98 33.81
C GLU I 85 -96.94 -19.97 34.59
N ALA I 86 -97.18 -18.70 34.34
CA ALA I 86 -96.46 -17.55 34.86
C ALA I 86 -97.31 -16.30 34.68
N ASP I 87 -96.95 -15.20 35.34
CA ASP I 87 -97.55 -13.91 35.09
C ASP I 87 -96.83 -13.20 33.93
N TYR I 88 -97.55 -12.88 32.86
CA TYR I 88 -96.94 -12.26 31.68
C TYR I 88 -97.30 -10.78 31.67
N TYR I 89 -96.28 -9.95 31.61
CA TYR I 89 -96.41 -8.50 31.56
C TYR I 89 -96.12 -8.00 30.17
N CYS I 90 -97.06 -7.29 29.57
CA CYS I 90 -96.76 -6.46 28.44
C CYS I 90 -96.08 -5.16 28.89
N SER I 91 -95.20 -4.64 28.04
CA SER I 91 -94.58 -3.34 28.21
C SER I 91 -94.23 -2.74 26.87
N SER I 92 -94.37 -1.43 26.70
CA SER I 92 -94.03 -0.71 25.46
C SER I 92 -92.51 -0.54 25.25
N TYR I 93 -91.73 -1.58 25.52
CA TYR I 93 -90.27 -1.55 25.56
C TYR I 93 -89.68 -1.59 24.14
N ALA I 94 -89.71 -0.42 23.48
CA ALA I 94 -88.96 -0.13 22.26
C ALA I 94 -87.44 -0.07 22.49
N GLY I 95 -86.69 0.50 21.54
CA GLY I 95 -85.36 1.00 21.79
C GLY I 95 -85.32 1.95 22.98
N SER I 96 -84.24 1.89 23.76
CA SER I 96 -84.11 2.59 25.05
C SER I 96 -84.16 4.11 24.98
N ASN I 97 -84.11 4.70 23.77
CA ASN I 97 -84.30 6.12 23.50
C ASN I 97 -85.73 6.63 23.79
N ASN I 98 -86.66 5.74 24.18
CA ASN I 98 -88.07 6.05 24.38
C ASN I 98 -88.51 5.81 25.84
N PRO I 99 -89.46 6.62 26.37
CA PRO I 99 -90.16 6.28 27.60
C PRO I 99 -91.06 5.05 27.42
N TYR I 100 -91.33 4.31 28.51
CA TYR I 100 -92.09 3.05 28.47
C TYR I 100 -93.21 3.01 29.51
N VAL I 101 -94.11 2.04 29.37
CA VAL I 101 -95.17 1.71 30.34
C VAL I 101 -95.34 0.18 30.43
N PHE I 102 -95.58 -0.35 31.63
CA PHE I 102 -95.87 -1.77 31.87
C PHE I 102 -97.35 -2.01 32.25
N GLY I 103 -97.84 -3.22 31.97
CA GLY I 103 -99.23 -3.60 32.14
C GLY I 103 -99.65 -4.12 33.51
N THR I 104 -100.95 -4.34 33.63
CA THR I 104 -101.66 -4.94 34.78
C THR I 104 -101.29 -6.41 35.05
N GLY I 105 -100.52 -7.06 34.19
CA GLY I 105 -100.18 -8.47 34.27
C GLY I 105 -101.30 -9.41 33.80
N THR I 106 -100.91 -10.64 33.49
CA THR I 106 -101.80 -11.71 33.04
C THR I 106 -101.26 -13.03 33.59
N LYS I 107 -101.82 -13.51 34.71
CA LYS I 107 -101.40 -14.73 35.41
C LYS I 107 -101.98 -15.98 34.74
N VAL I 108 -101.32 -16.44 33.66
CA VAL I 108 -101.69 -17.67 32.96
C VAL I 108 -101.38 -18.87 33.85
N THR I 109 -102.21 -19.90 33.75
CA THR I 109 -102.07 -21.13 34.49
C THR I 109 -102.65 -22.28 33.68
N VAL I 110 -102.09 -23.47 33.89
CA VAL I 110 -102.67 -24.72 33.37
C VAL I 110 -103.89 -25.09 34.21
N LEU I 111 -104.91 -25.68 33.59
CA LEU I 111 -106.03 -26.29 34.33
C LEU I 111 -105.59 -27.52 35.16
N GLY I 112 -105.07 -27.26 36.36
CA GLY I 112 -104.85 -28.25 37.41
C GLY I 112 -106.16 -28.77 37.98
N GLN I 113 -106.10 -29.92 38.66
CA GLN I 113 -107.25 -30.76 38.98
C GLN I 113 -107.08 -31.47 40.33
N PRO I 114 -108.16 -31.93 40.98
CA PRO I 114 -109.57 -31.81 40.59
C PRO I 114 -110.21 -30.49 41.09
N LYS I 115 -111.42 -30.18 40.61
CA LYS I 115 -112.36 -29.24 41.27
C LYS I 115 -113.16 -29.87 42.43
N ALA I 116 -113.13 -31.20 42.56
CA ALA I 116 -113.55 -31.94 43.75
C ALA I 116 -112.70 -31.60 45.00
N ASN I 117 -112.99 -32.17 46.16
CA ASN I 117 -112.33 -31.81 47.43
C ASN I 117 -110.77 -31.89 47.36
N PRO I 118 -110.03 -30.85 47.81
CA PRO I 118 -108.55 -30.86 47.83
C PRO I 118 -107.93 -31.94 48.73
N THR I 119 -106.59 -32.00 48.75
CA THR I 119 -105.89 -32.49 49.95
C THR I 119 -106.04 -31.42 51.03
N VAL I 120 -106.89 -31.67 52.03
CA VAL I 120 -107.10 -30.78 53.19
C VAL I 120 -106.34 -31.35 54.39
N THR I 121 -105.69 -30.49 55.17
CA THR I 121 -104.86 -30.86 56.34
C THR I 121 -105.06 -29.85 57.50
N LEU I 122 -105.01 -30.32 58.75
CA LEU I 122 -105.35 -29.52 59.94
C LEU I 122 -104.46 -29.93 61.13
N PHE I 123 -104.19 -29.00 62.05
CA PHE I 123 -103.39 -29.23 63.27
C PHE I 123 -104.04 -28.64 64.53
N PRO I 124 -103.94 -29.30 65.70
CA PRO I 124 -104.23 -28.71 67.01
C PRO I 124 -103.14 -27.72 67.48
N PRO I 125 -103.37 -26.98 68.59
CA PRO I 125 -102.28 -26.41 69.37
C PRO I 125 -101.38 -27.48 69.99
N SER I 126 -100.12 -27.15 70.21
CA SER I 126 -99.11 -27.97 70.91
C SER I 126 -99.23 -27.84 72.44
N SER I 127 -98.71 -28.83 73.17
CA SER I 127 -98.65 -28.77 74.64
C SER I 127 -97.80 -27.59 75.14
N GLU I 128 -96.60 -27.43 74.60
CA GLU I 128 -95.60 -26.43 74.96
C GLU I 128 -95.95 -25.03 74.41
N GLU I 129 -96.64 -24.97 73.28
CA GLU I 129 -97.30 -23.75 72.78
C GLU I 129 -98.38 -23.26 73.73
N LEU I 130 -99.22 -24.15 74.27
CA LEU I 130 -100.20 -23.81 75.31
C LEU I 130 -99.52 -23.41 76.64
N GLN I 131 -98.38 -24.02 77.01
CA GLN I 131 -97.60 -23.61 78.20
C GLN I 131 -96.95 -22.22 78.04
N ALA I 132 -96.54 -21.86 76.83
CA ALA I 132 -96.12 -20.51 76.46
C ALA I 132 -97.27 -19.48 76.47
N ASN I 133 -98.52 -19.92 76.70
CA ASN I 133 -99.71 -19.10 76.94
C ASN I 133 -100.14 -18.19 75.77
N LYS I 134 -99.84 -18.59 74.54
CA LYS I 134 -100.45 -18.08 73.29
C LYS I 134 -100.29 -19.14 72.20
N ALA I 135 -101.36 -19.44 71.47
CA ALA I 135 -101.40 -20.56 70.53
C ALA I 135 -102.04 -20.18 69.19
N THR I 136 -101.93 -21.04 68.18
CA THR I 136 -102.75 -20.98 66.97
C THR I 136 -103.12 -22.36 66.41
N LEU I 137 -104.23 -22.40 65.68
CA LEU I 137 -104.70 -23.54 64.87
C LEU I 137 -104.34 -23.21 63.42
N VAL I 138 -103.82 -24.17 62.67
CA VAL I 138 -103.47 -23.96 61.25
C VAL I 138 -104.13 -24.99 60.36
N CYS I 139 -104.54 -24.56 59.16
CA CYS I 139 -105.23 -25.39 58.18
C CYS I 139 -104.65 -25.13 56.80
N LEU I 140 -104.46 -26.19 56.02
CA LEU I 140 -103.61 -26.25 54.83
C LEU I 140 -104.35 -26.92 53.68
N ILE I 141 -104.25 -26.35 52.49
CA ILE I 141 -104.83 -26.86 51.24
C ILE I 141 -103.71 -27.14 50.24
N SER I 142 -103.76 -28.28 49.55
CA SER I 142 -102.88 -28.58 48.42
C SER I 142 -103.50 -29.60 47.45
N ASP I 143 -102.89 -29.80 46.29
CA ASP I 143 -103.32 -30.73 45.25
C ASP I 143 -104.74 -30.47 44.72
N PHE I 144 -104.94 -29.30 44.09
CA PHE I 144 -106.26 -28.79 43.68
C PHE I 144 -106.18 -27.83 42.48
N TYR I 145 -107.33 -27.55 41.87
CA TYR I 145 -107.57 -26.54 40.83
C TYR I 145 -106.96 -25.14 41.14
N PRO I 146 -106.47 -24.39 40.14
CA PRO I 146 -105.78 -23.11 40.36
C PRO I 146 -106.59 -22.03 41.09
N GLY I 147 -105.95 -21.41 42.10
CA GLY I 147 -106.27 -20.07 42.63
C GLY I 147 -107.51 -19.95 43.52
N ALA I 148 -108.65 -20.49 43.12
CA ALA I 148 -109.94 -20.34 43.79
C ALA I 148 -110.08 -21.24 45.05
N VAL I 149 -109.40 -20.86 46.14
CA VAL I 149 -109.37 -21.56 47.43
C VAL I 149 -109.50 -20.60 48.63
N THR I 150 -110.12 -21.06 49.72
CA THR I 150 -110.40 -20.26 50.94
C THR I 150 -110.28 -21.14 52.18
N VAL I 151 -109.75 -20.59 53.29
CA VAL I 151 -109.57 -21.29 54.58
C VAL I 151 -109.98 -20.38 55.74
N ALA I 152 -110.99 -20.77 56.52
CA ALA I 152 -111.59 -19.99 57.61
C ALA I 152 -111.84 -20.85 58.87
N TRP I 153 -112.38 -20.27 59.94
CA TRP I 153 -112.48 -20.94 61.25
C TRP I 153 -113.83 -20.86 61.95
N LYS I 154 -114.20 -21.97 62.60
CA LYS I 154 -115.37 -22.12 63.46
C LYS I 154 -114.99 -22.95 64.68
N ALA I 155 -115.23 -22.48 65.90
CA ALA I 155 -114.94 -23.18 67.13
C ALA I 155 -116.17 -23.21 68.04
N ASP I 156 -116.42 -24.37 68.66
CA ASP I 156 -117.62 -24.66 69.47
C ASP I 156 -118.91 -24.18 68.78
N SER I 157 -119.02 -24.49 67.48
CA SER I 157 -120.12 -24.10 66.58
C SER I 157 -120.37 -22.59 66.42
N SER I 158 -119.35 -21.76 66.64
CA SER I 158 -119.37 -20.31 66.38
C SER I 158 -118.24 -19.91 65.42
N PRO I 159 -118.48 -19.03 64.41
CA PRO I 159 -117.42 -18.46 63.58
C PRO I 159 -116.40 -17.69 64.44
N VAL I 160 -115.11 -17.87 64.17
CA VAL I 160 -114.01 -17.28 64.96
C VAL I 160 -112.90 -16.75 64.05
N LYS I 161 -112.14 -15.77 64.53
CA LYS I 161 -111.27 -14.94 63.69
C LYS I 161 -110.03 -15.67 63.12
N ALA I 162 -109.96 -15.80 61.79
CA ALA I 162 -108.67 -15.97 61.11
C ALA I 162 -107.85 -14.68 61.33
N GLY I 163 -106.67 -14.80 61.95
CA GLY I 163 -105.78 -13.65 62.12
C GLY I 163 -105.17 -13.22 60.78
N VAL I 164 -104.79 -14.22 59.98
CA VAL I 164 -104.26 -14.09 58.62
C VAL I 164 -104.77 -15.25 57.75
N GLU I 165 -104.80 -15.03 56.44
CA GLU I 165 -105.15 -16.00 55.40
C GLU I 165 -104.23 -15.82 54.18
N THR I 166 -103.86 -16.91 53.52
CA THR I 166 -102.73 -16.98 52.57
C THR I 166 -103.03 -17.86 51.36
N THR I 167 -102.35 -17.58 50.25
CA THR I 167 -102.20 -18.43 49.06
C THR I 167 -100.73 -18.40 48.62
N THR I 168 -100.26 -19.38 47.82
CA THR I 168 -98.82 -19.51 47.49
C THR I 168 -98.56 -19.66 45.97
N PRO I 169 -97.43 -19.17 45.43
CA PRO I 169 -97.07 -19.34 44.01
C PRO I 169 -97.02 -20.81 43.60
N SER I 170 -97.75 -21.16 42.54
CA SER I 170 -98.03 -22.55 42.17
C SER I 170 -96.79 -23.37 41.78
N LYS I 171 -96.79 -24.64 42.21
CA LYS I 171 -95.69 -25.59 42.00
C LYS I 171 -95.67 -26.07 40.56
N GLN I 172 -94.56 -25.85 39.86
CA GLN I 172 -94.39 -26.24 38.45
C GLN I 172 -93.96 -27.73 38.25
N SER I 173 -94.02 -28.54 39.30
CA SER I 173 -93.92 -30.00 39.25
C SER I 173 -95.22 -30.66 38.73
N ASN I 174 -96.35 -30.34 39.36
CA ASN I 174 -97.68 -30.91 39.09
C ASN I 174 -98.78 -29.82 38.96
N ASN I 175 -98.41 -28.57 38.68
CA ASN I 175 -99.27 -27.39 38.64
C ASN I 175 -100.10 -27.15 39.92
N LYS I 176 -99.65 -27.65 41.08
CA LYS I 176 -100.39 -27.55 42.35
C LYS I 176 -100.49 -26.11 42.83
N TYR I 177 -101.62 -25.75 43.41
CA TYR I 177 -101.85 -24.52 44.16
C TYR I 177 -102.11 -24.88 45.63
N ALA I 178 -101.71 -24.00 46.55
CA ALA I 178 -101.89 -24.22 47.99
C ALA I 178 -102.31 -22.93 48.74
N ALA I 179 -103.01 -23.10 49.85
CA ALA I 179 -103.51 -22.02 50.71
C ALA I 179 -103.49 -22.41 52.19
N SER I 180 -103.35 -21.43 53.09
CA SER I 180 -103.47 -21.68 54.54
C SER I 180 -103.94 -20.45 55.32
N SER I 181 -104.53 -20.65 56.51
CA SER I 181 -104.94 -19.58 57.43
C SER I 181 -104.73 -19.99 58.88
N TYR I 182 -104.51 -19.02 59.77
CA TYR I 182 -104.14 -19.28 61.17
C TYR I 182 -105.17 -18.64 62.11
N LEU I 183 -105.73 -19.43 63.04
CA LEU I 183 -106.78 -19.01 63.98
C LEU I 183 -106.21 -18.16 65.12
N SER I 184 -106.78 -16.97 65.38
CA SER I 184 -106.34 -16.06 66.44
C SER I 184 -107.35 -15.96 67.58
N LEU I 185 -106.88 -16.18 68.81
CA LEU I 185 -107.66 -16.20 70.05
C LEU I 185 -106.77 -15.83 71.25
N THR I 186 -107.40 -15.41 72.35
CA THR I 186 -106.77 -15.25 73.67
C THR I 186 -106.44 -16.61 74.33
N PRO I 187 -105.48 -16.69 75.27
CA PRO I 187 -105.17 -17.94 75.99
C PRO I 187 -106.37 -18.56 76.74
N GLU I 188 -107.28 -17.74 77.26
CA GLU I 188 -108.48 -18.23 77.91
C GLU I 188 -109.43 -18.93 76.92
N GLN I 189 -109.56 -18.41 75.71
CA GLN I 189 -110.29 -19.06 74.62
C GLN I 189 -109.64 -20.37 74.16
N TRP I 190 -108.31 -20.49 74.11
CA TRP I 190 -107.63 -21.76 73.77
C TRP I 190 -107.88 -22.90 74.77
N LYS I 191 -108.22 -22.56 76.02
CA LYS I 191 -108.63 -23.51 77.07
C LYS I 191 -110.16 -23.74 77.12
N SER I 192 -110.96 -22.84 76.55
CA SER I 192 -112.43 -22.79 76.70
C SER I 192 -113.18 -23.30 75.45
N HIS I 193 -112.76 -22.88 74.26
CA HIS I 193 -113.08 -23.63 73.03
C HIS I 193 -112.32 -24.96 73.05
N ARG I 194 -112.97 -26.06 72.65
CA ARG I 194 -112.37 -27.41 72.65
C ARG I 194 -112.80 -28.27 71.45
N SER I 195 -113.89 -27.93 70.78
CA SER I 195 -114.35 -28.54 69.52
C SER I 195 -114.11 -27.53 68.40
N TYR I 196 -112.87 -27.46 67.91
CA TYR I 196 -112.50 -26.55 66.84
C TYR I 196 -112.78 -27.17 65.48
N SER I 197 -112.89 -26.33 64.46
CA SER I 197 -112.92 -26.77 63.07
C SER I 197 -112.39 -25.71 62.11
N CYS I 198 -111.62 -26.16 61.12
CA CYS I 198 -111.32 -25.42 59.91
C CYS I 198 -112.50 -25.56 58.92
N GLN I 199 -112.86 -24.48 58.24
CA GLN I 199 -113.94 -24.42 57.26
C GLN I 199 -113.38 -23.90 55.94
N VAL I 200 -113.55 -24.63 54.84
CA VAL I 200 -112.81 -24.34 53.60
C VAL I 200 -113.75 -24.27 52.40
N THR I 201 -113.50 -23.33 51.48
CA THR I 201 -114.40 -23.01 50.36
C THR I 201 -113.64 -22.66 49.11
N HIS I 202 -113.94 -23.38 48.03
CA HIS I 202 -113.17 -23.41 46.79
C HIS I 202 -114.12 -23.39 45.58
N GLU I 203 -113.60 -23.19 44.37
CA GLU I 203 -114.40 -23.46 43.16
C GLU I 203 -114.83 -24.94 43.12
N GLY I 204 -116.15 -25.20 43.23
CA GLY I 204 -116.74 -26.54 43.15
C GLY I 204 -116.63 -27.41 44.41
N SER I 205 -116.06 -26.93 45.52
CA SER I 205 -115.93 -27.70 46.77
C SER I 205 -115.96 -26.83 48.03
N THR I 206 -116.56 -27.32 49.11
CA THR I 206 -116.49 -26.71 50.45
C THR I 206 -116.79 -27.75 51.52
N VAL I 207 -115.98 -27.80 52.58
CA VAL I 207 -116.02 -28.81 53.65
C VAL I 207 -115.54 -28.24 54.98
N GLU I 208 -115.77 -28.96 56.07
CA GLU I 208 -115.34 -28.58 57.41
C GLU I 208 -114.62 -29.74 58.12
N LYS I 209 -113.41 -29.49 58.65
CA LYS I 209 -112.57 -30.49 59.35
C LYS I 209 -112.43 -30.14 60.82
N THR I 210 -112.73 -31.08 61.72
CA THR I 210 -112.70 -30.90 63.19
C THR I 210 -111.35 -31.29 63.83
N VAL I 211 -110.98 -30.63 64.94
CA VAL I 211 -109.84 -30.99 65.81
C VAL I 211 -110.05 -30.53 67.27
N ALA I 212 -109.39 -31.17 68.23
CA ALA I 212 -109.40 -30.84 69.67
C ALA I 212 -108.00 -30.43 70.19
N PRO I 213 -107.84 -29.73 71.33
CA PRO I 213 -106.55 -29.21 71.77
C PRO I 213 -105.56 -30.32 72.12
N THR I 214 -104.38 -30.27 71.49
CA THR I 214 -103.26 -31.23 71.59
C THR I 214 -103.69 -32.70 71.52
N GLU I 215 -104.31 -33.09 70.40
CA GLU I 215 -104.69 -34.50 70.15
C GLU I 215 -103.46 -35.44 70.15
N CYS I 216 -103.68 -36.71 70.49
CA CYS I 216 -102.68 -37.79 70.51
C CYS I 216 -103.20 -39.03 69.76
#